data_8IE2
#
_entry.id   8IE2
#
_cell.length_a   155.140
_cell.length_b   163.170
_cell.length_c   155.280
_cell.angle_alpha   90.00
_cell.angle_beta   119.81
_cell.angle_gamma   90.00
#
_symmetry.space_group_name_H-M   'P 1 21 1'
#
loop_
_entity.id
_entity.type
_entity.pdbx_description
1 polymer 'Glycine--tRNA ligase alpha subunit'
2 polymer 'Glycine--tRNA ligase beta subunit'
#
loop_
_entity_poly.entity_id
_entity_poly.type
_entity_poly.pdbx_seq_one_letter_code
_entity_poly.pdbx_strand_id
1 'polypeptide(L)'
;GPMSKKLSVQEIILTLQKFWSDQGCMLMQSYDTEKGAGTMSPYTFLRAIGPEPWNAAYVEPSRRPADGRYGENPNRLYQH
HQFQVVMKPSPENVQDLYLQSLEKLGINPLEHDIRFVEDNWENPSMGCAGVGWEVWLDGMEISQFTYFQQVGGLEVDPVT
SEITYGLERLSSYIQDVNSVFDLEWGDGVKYGDIFLEPEFENSKYAFEDSNEELLLMLFDEYEKEAKRQIKNGLVHPAYD
YCLKCSHTFNLMDARGMVSVTERAGYLDRIRNMAKSIAKEFVAQREKRGFPLLKHAQEETK
;
B,A,D,C
2 'polypeptide(L)'
;MAKTYLLEIGLEEMPAHVVTPSVLQLKERMIKFLKDARLDFEDVKTFSTPRRLTVQVLGLADKQADVKKEVRGPAKKIAQ
DADGNWTKAAIGFSKGQGASTDDIVFKDVKGTPYVFVQTFTAGKTAAEVLTGGIKDVITKMNFPTMMKWSTYSFKYIRPI
RWIVSLLDDEVVPVQILDVAAGRVSRGHRFLGHDVEIATAADYEADLASVQVVADAAKRKATIREQIAALANERDWQIKV
NEDLLEEVNNLVEYPTAFAGDFDTKYLTIPDEVLITSMRDHQRFFYVTDAEDNLLPHFVSVRNGNTDHLENVALGNQKVL
TARLEDAAFFYHEDQQHSIQEYVERLKKVSFHDKIGTMYEKMQRVMIISDFLADRFGLTETEKNQLHRAAQIYKFDLVTG
MVGEFPELQGVMGDKYAVLKGEDPAVGQAIREHYMPISADGDLPKSKVGAVLAIADKVDSITSFFAVGLTPSGSNDPFAL
RRQAFGIVRIVREQGWDFPIRQLEADIQKELVAHDATYNLDFEKQTAPVADFLTDRVKQWFNNRKIRYDIVDTVIKGSRQ
DIREMFKAADVLNAHQDDPQFKDTIEAFTRLLRITAKAKLAADDLTVDPSLFENEAEQHLYDAVLELQKQFTPAMSMEDR
FKALAALRPLIVDYFEQTMVMSKDEKVRDNHLKQLLTIAQMINVMGDLNQLIVK
;
H,F,E,G
#
# COMPACT_ATOMS: atom_id res chain seq x y z
N MET A 3 36.30 -6.89 30.20
CA MET A 3 36.31 -8.16 29.50
C MET A 3 37.00 -8.04 28.14
N SER A 4 37.51 -9.17 27.64
CA SER A 4 38.21 -9.18 26.36
C SER A 4 37.22 -9.03 25.22
N LYS A 5 37.71 -8.52 24.09
CA LYS A 5 36.86 -8.28 22.92
C LYS A 5 36.67 -9.54 22.06
N LYS A 6 35.42 -9.85 21.74
CA LYS A 6 35.11 -10.83 20.72
C LYS A 6 35.38 -10.26 19.33
N LEU A 7 35.75 -11.12 18.41
CA LEU A 7 36.20 -10.70 17.08
C LEU A 7 35.01 -10.44 16.16
N SER A 8 35.03 -9.31 15.46
CA SER A 8 34.00 -9.08 14.47
C SER A 8 34.25 -9.98 13.26
N VAL A 9 33.20 -10.18 12.47
CA VAL A 9 33.28 -11.01 11.27
C VAL A 9 34.47 -10.57 10.42
N GLN A 10 34.58 -9.26 10.26
CA GLN A 10 35.70 -8.63 9.57
C GLN A 10 37.03 -9.18 10.06
N GLU A 11 37.24 -9.08 11.36
CA GLU A 11 38.49 -9.48 11.99
C GLU A 11 38.72 -10.98 11.86
N ILE A 12 37.64 -11.78 11.95
CA ILE A 12 37.76 -13.22 11.77
C ILE A 12 38.33 -13.54 10.41
N ILE A 13 37.75 -12.92 9.37
CA ILE A 13 38.22 -13.16 8.01
C ILE A 13 39.67 -12.73 7.86
N LEU A 14 40.01 -11.55 8.39
CA LEU A 14 41.39 -11.07 8.27
C LEU A 14 42.39 -11.98 8.98
N THR A 15 42.07 -12.42 10.19
CA THR A 15 42.99 -13.25 10.95
C THR A 15 43.21 -14.59 10.24
N LEU A 16 42.12 -15.22 9.78
CA LEU A 16 42.28 -16.48 9.07
C LEU A 16 43.13 -16.30 7.81
N GLN A 17 42.83 -15.25 7.03
CA GLN A 17 43.56 -15.05 5.78
C GLN A 17 45.04 -14.82 6.05
N LYS A 18 45.36 -13.99 7.03
CA LYS A 18 46.75 -13.71 7.34
C LYS A 18 47.49 -14.97 7.80
N PHE A 19 46.87 -15.77 8.69
CA PHE A 19 47.55 -16.97 9.17
C PHE A 19 47.82 -17.95 8.03
N TRP A 20 46.81 -18.20 7.19
CA TRP A 20 47.04 -19.18 6.14
C TRP A 20 48.02 -18.64 5.11
N SER A 21 48.03 -17.32 4.89
CA SER A 21 49.10 -16.72 4.11
C SER A 21 50.46 -17.01 4.74
N ASP A 22 50.53 -17.00 6.07
CA ASP A 22 51.77 -17.41 6.73
C ASP A 22 52.09 -18.87 6.44
N GLN A 23 51.11 -19.65 5.99
CA GLN A 23 51.40 -21.02 5.55
C GLN A 23 51.47 -21.17 4.02
N GLY A 24 51.67 -20.09 3.29
CA GLY A 24 51.82 -20.20 1.85
C GLY A 24 50.54 -20.44 1.06
N CYS A 25 49.37 -20.09 1.61
CA CYS A 25 48.14 -20.19 0.86
C CYS A 25 47.90 -18.92 0.06
N MET A 26 47.13 -19.04 -1.00
CA MET A 26 46.82 -17.91 -1.86
C MET A 26 45.43 -17.38 -1.54
N LEU A 27 45.32 -16.05 -1.45
CA LEU A 27 44.07 -15.42 -1.05
C LEU A 27 43.28 -15.04 -2.30
N MET A 28 42.50 -15.98 -2.81
CA MET A 28 41.60 -15.71 -3.91
C MET A 28 40.32 -15.06 -3.38
N GLN A 29 39.51 -14.57 -4.32
CA GLN A 29 38.25 -13.94 -3.99
C GLN A 29 37.11 -14.89 -4.34
N SER A 30 35.96 -14.66 -3.71
CA SER A 30 34.80 -15.53 -3.93
C SER A 30 34.42 -15.53 -5.41
N TYR A 31 34.12 -16.72 -5.92
CA TYR A 31 33.75 -16.83 -7.33
C TYR A 31 32.41 -16.18 -7.58
N ASP A 32 32.31 -15.50 -8.73
CA ASP A 32 31.17 -14.65 -9.05
C ASP A 32 30.05 -15.47 -9.70
N THR A 33 29.47 -16.37 -8.91
CA THR A 33 28.30 -17.12 -9.35
C THR A 33 27.55 -17.60 -8.10
N GLU A 34 26.24 -17.80 -8.26
CA GLU A 34 25.40 -18.25 -7.16
C GLU A 34 25.63 -19.74 -6.91
N LYS A 35 25.96 -20.07 -5.66
CA LYS A 35 26.28 -21.44 -5.30
C LYS A 35 25.58 -21.85 -4.01
N GLY A 36 25.93 -23.02 -3.48
CA GLY A 36 25.38 -23.47 -2.22
C GLY A 36 26.48 -23.79 -1.22
N ALA A 37 27.71 -23.82 -1.72
CA ALA A 37 28.88 -24.02 -0.87
C ALA A 37 30.11 -23.56 -1.64
N GLY A 38 31.17 -23.25 -0.88
CA GLY A 38 32.41 -22.83 -1.48
C GLY A 38 33.23 -23.93 -2.11
N THR A 39 32.85 -25.19 -1.86
CA THR A 39 33.55 -26.32 -2.49
C THR A 39 33.39 -26.27 -4.01
N MET A 40 32.28 -25.73 -4.50
CA MET A 40 32.00 -25.71 -5.92
C MET A 40 32.65 -24.53 -6.64
N SER A 41 33.34 -23.65 -5.92
CA SER A 41 34.12 -22.62 -6.59
C SER A 41 35.30 -23.25 -7.32
N PRO A 42 35.64 -22.76 -8.51
CA PRO A 42 36.73 -23.37 -9.28
C PRO A 42 38.08 -23.40 -8.58
N TYR A 43 38.33 -22.46 -7.66
CA TYR A 43 39.58 -22.49 -6.92
C TYR A 43 39.67 -23.70 -6.00
N THR A 44 38.53 -24.25 -5.61
CA THR A 44 38.50 -25.52 -4.89
C THR A 44 38.34 -26.69 -5.86
N PHE A 45 37.27 -26.69 -6.65
CA PHE A 45 36.91 -27.83 -7.48
C PHE A 45 37.91 -28.07 -8.59
N LEU A 46 38.00 -27.12 -9.54
CA LEU A 46 38.83 -27.35 -10.73
C LEU A 46 40.31 -27.40 -10.36
N ARG A 47 40.74 -26.60 -9.39
CA ARG A 47 42.16 -26.53 -9.09
C ARG A 47 42.66 -27.72 -8.28
N ALA A 48 41.77 -28.47 -7.63
CA ALA A 48 42.18 -29.60 -6.80
C ALA A 48 42.48 -30.84 -7.61
N ILE A 49 42.10 -30.89 -8.88
CA ILE A 49 42.33 -32.04 -9.72
C ILE A 49 43.55 -31.77 -10.60
N GLY A 50 44.08 -32.83 -11.20
CA GLY A 50 45.35 -32.73 -11.88
C GLY A 50 46.51 -32.76 -10.90
N PRO A 51 47.73 -32.90 -11.41
CA PRO A 51 48.91 -32.94 -10.53
C PRO A 51 49.49 -31.59 -10.13
N GLU A 52 48.82 -30.49 -10.47
CA GLU A 52 49.35 -29.16 -10.23
C GLU A 52 49.09 -28.72 -8.79
N PRO A 53 50.12 -28.32 -8.05
CA PRO A 53 49.90 -27.85 -6.68
C PRO A 53 49.05 -26.59 -6.65
N TRP A 54 48.37 -26.38 -5.53
CA TRP A 54 47.42 -25.28 -5.39
C TRP A 54 47.14 -25.06 -3.92
N ASN A 55 47.46 -23.88 -3.39
CA ASN A 55 47.25 -23.56 -1.99
C ASN A 55 46.49 -22.25 -1.94
N ALA A 56 45.20 -22.32 -1.61
CA ALA A 56 44.34 -21.14 -1.61
C ALA A 56 43.49 -21.09 -0.36
N ALA A 57 42.98 -19.89 -0.07
CA ALA A 57 42.03 -19.65 0.99
C ALA A 57 41.21 -18.43 0.60
N TYR A 58 39.89 -18.57 0.61
CA TYR A 58 39.01 -17.52 0.15
C TYR A 58 37.66 -17.62 0.83
N VAL A 59 37.01 -16.49 0.98
CA VAL A 59 35.65 -16.45 1.52
C VAL A 59 34.67 -16.72 0.38
N GLU A 60 33.50 -17.27 0.71
CA GLU A 60 32.52 -17.57 -0.31
C GLU A 60 31.10 -17.47 0.23
N PRO A 61 30.27 -16.62 -0.39
CA PRO A 61 28.83 -16.63 -0.06
C PRO A 61 28.17 -17.85 -0.66
N SER A 62 27.44 -18.59 0.17
CA SER A 62 26.71 -19.79 -0.19
C SER A 62 25.22 -19.52 -0.03
N ARG A 63 24.48 -19.57 -1.14
CA ARG A 63 23.02 -19.43 -1.12
C ARG A 63 22.39 -20.83 -1.11
N ARG A 64 21.74 -21.18 0.00
CA ARG A 64 20.98 -22.42 0.07
C ARG A 64 19.50 -22.10 0.18
N PRO A 65 18.73 -22.18 -0.92
CA PRO A 65 17.31 -21.80 -0.85
C PRO A 65 16.49 -22.62 0.13
N ALA A 66 16.80 -23.91 0.28
CA ALA A 66 16.03 -24.75 1.17
C ALA A 66 16.18 -24.33 2.62
N ASP A 67 17.23 -23.56 2.93
CA ASP A 67 17.50 -23.07 4.27
C ASP A 67 16.89 -21.69 4.52
N GLY A 68 16.09 -21.18 3.58
CA GLY A 68 15.48 -19.87 3.79
C GLY A 68 14.39 -19.97 4.83
N ARG A 69 14.38 -19.04 5.78
CA ARG A 69 13.48 -19.12 6.93
C ARG A 69 12.73 -17.82 7.15
N TYR A 70 12.68 -16.94 6.14
CA TYR A 70 11.99 -15.66 6.22
C TYR A 70 12.58 -14.76 7.31
N GLY A 71 13.79 -15.06 7.77
CA GLY A 71 14.48 -14.24 8.75
C GLY A 71 14.04 -14.35 10.20
N GLU A 72 13.39 -15.44 10.59
CA GLU A 72 13.08 -15.64 12.01
C GLU A 72 14.02 -16.64 12.69
N ASN A 73 14.30 -17.77 12.06
CA ASN A 73 15.22 -18.76 12.60
C ASN A 73 16.67 -18.25 12.55
N PRO A 74 17.31 -17.96 13.69
CA PRO A 74 18.64 -17.37 13.65
C PRO A 74 19.80 -18.37 13.60
N ASN A 75 19.67 -19.45 12.83
CA ASN A 75 20.83 -20.19 12.36
C ASN A 75 20.69 -20.73 10.95
N ARG A 76 19.50 -20.76 10.39
CA ARG A 76 19.23 -21.25 9.05
C ARG A 76 18.91 -20.05 8.17
N LEU A 77 19.71 -19.86 7.12
CA LEU A 77 19.61 -18.66 6.30
C LEU A 77 19.56 -19.06 4.84
N TYR A 78 18.95 -18.19 4.02
CA TYR A 78 18.97 -18.40 2.59
C TYR A 78 20.41 -18.41 2.08
N GLN A 79 21.24 -17.53 2.60
CA GLN A 79 22.65 -17.51 2.28
C GLN A 79 23.46 -17.30 3.54
N HIS A 80 24.43 -18.19 3.75
CA HIS A 80 25.45 -18.08 4.77
C HIS A 80 26.79 -18.01 4.07
N HIS A 81 27.86 -17.75 4.80
CA HIS A 81 29.17 -17.59 4.17
C HIS A 81 30.17 -18.55 4.80
N GLN A 82 30.92 -19.23 3.94
CA GLN A 82 31.97 -20.12 4.39
C GLN A 82 33.34 -19.49 4.11
N PHE A 83 34.34 -19.95 4.85
CA PHE A 83 35.73 -19.61 4.59
C PHE A 83 36.42 -20.90 4.17
N GLN A 84 36.84 -20.98 2.92
CA GLN A 84 37.44 -22.18 2.34
C GLN A 84 38.95 -22.09 2.41
N VAL A 85 39.57 -23.13 2.97
CA VAL A 85 41.00 -23.36 2.89
C VAL A 85 41.19 -24.63 2.09
N VAL A 86 42.00 -24.56 1.04
CA VAL A 86 42.19 -25.68 0.11
C VAL A 86 43.68 -25.78 -0.18
N MET A 87 44.31 -26.86 0.27
CA MET A 87 45.76 -27.01 0.12
C MET A 87 46.09 -28.35 -0.54
N LYS A 88 46.90 -28.30 -1.59
CA LYS A 88 47.19 -29.46 -2.41
C LYS A 88 48.63 -29.37 -2.90
N PRO A 89 49.49 -30.35 -2.57
CA PRO A 89 49.18 -31.55 -1.78
C PRO A 89 49.00 -31.26 -0.29
N SER A 90 48.29 -32.15 0.40
CA SER A 90 48.03 -31.91 1.81
C SER A 90 49.31 -32.08 2.62
N PRO A 91 49.67 -31.10 3.46
CA PRO A 91 50.79 -31.27 4.37
C PRO A 91 50.41 -32.04 5.63
N GLU A 92 51.37 -32.79 6.16
CA GLU A 92 51.12 -33.64 7.32
C GLU A 92 50.78 -32.85 8.58
N ASN A 93 51.03 -31.55 8.60
CA ASN A 93 50.73 -30.72 9.76
C ASN A 93 49.37 -30.04 9.64
N VAL A 94 48.50 -30.55 8.77
CA VAL A 94 47.25 -29.84 8.47
C VAL A 94 46.42 -29.67 9.73
N GLN A 95 46.43 -30.69 10.60
CA GLN A 95 45.72 -30.56 11.87
C GLN A 95 46.42 -29.58 12.80
N ASP A 96 47.76 -29.56 12.79
CA ASP A 96 48.50 -28.58 13.57
C ASP A 96 48.19 -27.17 13.11
N LEU A 97 48.18 -26.93 11.80
CA LEU A 97 47.86 -25.60 11.29
C LEU A 97 46.43 -25.22 11.61
N TYR A 98 45.51 -26.20 11.56
CA TYR A 98 44.13 -25.91 11.95
C TYR A 98 44.03 -25.50 13.42
N LEU A 99 44.75 -26.21 14.29
CA LEU A 99 44.78 -25.83 15.70
C LEU A 99 45.38 -24.44 15.88
N GLN A 100 46.47 -24.15 15.17
CA GLN A 100 47.09 -22.83 15.26
C GLN A 100 46.14 -21.74 14.77
N SER A 101 45.35 -22.01 13.73
CA SER A 101 44.37 -21.05 13.25
C SER A 101 43.33 -20.77 14.32
N LEU A 102 42.84 -21.83 14.98
CA LEU A 102 41.88 -21.62 16.05
C LEU A 102 42.50 -20.82 17.20
N GLU A 103 43.80 -21.04 17.46
CA GLU A 103 44.49 -20.26 18.48
C GLU A 103 44.57 -18.78 18.10
N LYS A 104 44.82 -18.50 16.82
CA LYS A 104 44.85 -17.12 16.35
C LYS A 104 43.47 -16.45 16.39
N LEU A 105 42.41 -17.24 16.32
CA LEU A 105 41.04 -16.71 16.42
C LEU A 105 40.64 -16.34 17.84
N GLY A 106 41.57 -16.34 18.79
CA GLY A 106 41.23 -16.05 20.16
C GLY A 106 40.60 -17.23 20.86
N ILE A 107 40.90 -18.45 20.42
CA ILE A 107 40.34 -19.67 20.97
C ILE A 107 41.49 -20.47 21.55
N ASN A 108 41.53 -20.59 22.88
CA ASN A 108 42.55 -21.38 23.54
C ASN A 108 42.10 -22.84 23.58
N PRO A 109 42.80 -23.77 22.94
CA PRO A 109 42.41 -25.17 23.02
C PRO A 109 42.41 -25.70 24.45
N LEU A 110 43.24 -25.12 25.32
CA LEU A 110 43.28 -25.52 26.72
C LEU A 110 42.00 -25.16 27.44
N GLU A 111 41.26 -24.17 26.95
CA GLU A 111 40.04 -23.68 27.58
C GLU A 111 38.78 -24.24 26.95
N HIS A 112 38.90 -25.16 25.98
CA HIS A 112 37.72 -25.58 25.25
C HIS A 112 37.82 -27.05 24.83
N ASP A 113 36.65 -27.59 24.48
CA ASP A 113 36.47 -28.97 24.05
C ASP A 113 36.21 -28.97 22.55
N ILE A 114 37.04 -29.70 21.80
CA ILE A 114 36.94 -29.77 20.34
C ILE A 114 36.84 -31.23 19.94
N ARG A 115 35.91 -31.55 19.05
CA ARG A 115 35.74 -32.92 18.59
C ARG A 115 35.90 -32.97 17.08
N PHE A 116 36.63 -34.00 16.62
CA PHE A 116 36.69 -34.35 15.21
C PHE A 116 35.78 -35.54 15.05
N VAL A 117 34.52 -35.31 14.65
CA VAL A 117 33.54 -36.37 14.54
C VAL A 117 33.45 -36.74 13.07
N GLU A 118 33.82 -37.97 12.70
CA GLU A 118 33.96 -38.26 11.28
C GLU A 118 32.65 -38.06 10.52
N ASP A 119 32.76 -37.37 9.40
CA ASP A 119 31.68 -37.20 8.44
C ASP A 119 32.30 -37.43 7.07
N ASN A 120 31.92 -38.53 6.43
CA ASN A 120 32.38 -38.81 5.06
C ASN A 120 31.60 -37.89 4.15
N TRP A 121 32.20 -36.73 3.89
CA TRP A 121 31.53 -35.68 3.14
C TRP A 121 31.23 -36.14 1.72
N GLU A 122 30.01 -35.87 1.27
CA GLU A 122 29.61 -36.21 -0.09
C GLU A 122 28.77 -35.08 -0.68
N ASN A 123 29.00 -34.80 -1.96
CA ASN A 123 28.15 -33.92 -2.75
C ASN A 123 27.87 -34.64 -4.07
N PRO A 124 26.69 -35.21 -4.21
CA PRO A 124 26.44 -36.07 -5.38
C PRO A 124 26.33 -35.32 -6.70
N SER A 125 25.84 -34.07 -6.69
CA SER A 125 25.58 -33.36 -7.93
C SER A 125 26.83 -33.19 -8.78
N MET A 126 27.92 -32.75 -8.18
CA MET A 126 29.19 -32.58 -8.89
C MET A 126 30.07 -33.83 -8.81
N GLY A 127 29.60 -34.91 -8.21
CA GLY A 127 30.42 -36.09 -8.05
C GLY A 127 31.57 -35.93 -7.08
N CYS A 128 31.42 -35.10 -6.06
CA CYS A 128 32.48 -34.82 -5.11
C CYS A 128 32.38 -35.77 -3.92
N ALA A 129 33.49 -36.44 -3.61
CA ALA A 129 33.56 -37.35 -2.47
C ALA A 129 34.75 -37.00 -1.59
N GLY A 130 34.55 -37.11 -0.29
CA GLY A 130 35.60 -36.76 0.64
C GLY A 130 35.39 -37.42 1.99
N VAL A 131 36.49 -37.53 2.73
CA VAL A 131 36.51 -38.20 4.02
C VAL A 131 37.12 -37.25 5.04
N GLY A 132 36.49 -37.14 6.20
CA GLY A 132 36.94 -36.15 7.16
C GLY A 132 35.97 -36.03 8.31
N TRP A 133 36.09 -34.91 9.03
CA TRP A 133 35.41 -34.70 10.29
C TRP A 133 34.54 -33.46 10.21
N GLU A 134 33.56 -33.41 11.09
CA GLU A 134 32.90 -32.18 11.45
C GLU A 134 33.52 -31.78 12.78
N VAL A 135 34.15 -30.62 12.78
CA VAL A 135 34.77 -30.10 13.97
C VAL A 135 33.68 -29.43 14.80
N TRP A 136 33.45 -29.97 15.99
CA TRP A 136 32.42 -29.52 16.92
C TRP A 136 33.13 -28.76 18.03
N LEU A 137 32.66 -27.55 18.32
CA LEU A 137 33.24 -26.72 19.36
C LEU A 137 32.25 -26.51 20.50
N ASP A 138 32.60 -27.01 21.68
CA ASP A 138 31.73 -26.92 22.86
C ASP A 138 30.33 -27.41 22.52
N GLY A 139 30.28 -28.52 21.79
CA GLY A 139 29.03 -29.10 21.34
C GLY A 139 28.50 -28.52 20.06
N MET A 140 29.13 -27.47 19.53
CA MET A 140 28.64 -26.77 18.35
C MET A 140 29.53 -27.08 17.16
N GLU A 141 28.92 -27.56 16.07
CA GLU A 141 29.68 -27.82 14.85
C GLU A 141 30.13 -26.51 14.23
N ILE A 142 31.44 -26.33 14.13
CA ILE A 142 31.98 -25.11 13.53
C ILE A 142 32.78 -25.36 12.27
N SER A 143 33.21 -26.58 11.96
CA SER A 143 34.06 -26.73 10.78
C SER A 143 33.80 -28.04 10.04
N GLN A 144 34.26 -28.05 8.79
CA GLN A 144 34.23 -29.22 7.91
C GLN A 144 35.64 -29.46 7.41
N PHE A 145 36.30 -30.52 7.90
CA PHE A 145 37.72 -30.73 7.64
C PHE A 145 37.90 -32.07 6.93
N THR A 146 38.31 -32.03 5.66
CA THR A 146 38.13 -33.17 4.78
C THR A 146 39.30 -33.35 3.81
N TYR A 147 39.75 -34.59 3.66
CA TYR A 147 40.63 -34.98 2.57
C TYR A 147 39.73 -35.39 1.40
N PHE A 148 39.93 -34.76 0.25
CA PHE A 148 39.14 -35.09 -0.93
C PHE A 148 39.66 -36.36 -1.58
N GLN A 149 38.75 -37.21 -2.03
CA GLN A 149 39.14 -38.47 -2.64
C GLN A 149 38.67 -38.61 -4.07
N GLN A 150 37.45 -38.17 -4.37
CA GLN A 150 36.89 -38.34 -5.71
C GLN A 150 36.03 -37.12 -6.00
N VAL A 151 36.60 -36.19 -6.76
CA VAL A 151 35.94 -34.95 -7.16
C VAL A 151 35.64 -35.06 -8.65
N GLY A 152 34.37 -34.94 -9.00
CA GLY A 152 33.97 -35.11 -10.39
C GLY A 152 34.23 -36.50 -10.92
N GLY A 153 34.08 -37.53 -10.08
CA GLY A 153 34.29 -38.88 -10.53
C GLY A 153 35.72 -39.29 -10.72
N LEU A 154 36.67 -38.39 -10.50
CA LEU A 154 38.06 -38.62 -10.84
C LEU A 154 38.91 -38.94 -9.62
N GLU A 155 39.90 -39.81 -9.82
CA GLU A 155 40.85 -40.12 -8.76
C GLU A 155 41.73 -38.88 -8.56
N VAL A 156 41.79 -38.38 -7.32
CA VAL A 156 42.41 -37.10 -7.04
C VAL A 156 43.90 -37.28 -6.71
N ASP A 157 44.75 -36.69 -7.54
CA ASP A 157 46.18 -36.83 -7.33
C ASP A 157 46.87 -35.54 -7.77
N PRO A 158 47.47 -34.76 -6.84
CA PRO A 158 47.61 -35.10 -5.42
C PRO A 158 46.34 -34.93 -4.62
N VAL A 159 46.38 -35.32 -3.36
CA VAL A 159 45.22 -35.21 -2.49
C VAL A 159 45.10 -33.78 -2.02
N THR A 160 43.88 -33.28 -1.99
CA THR A 160 43.60 -31.91 -1.62
C THR A 160 42.93 -31.91 -0.25
N SER A 161 43.49 -31.15 0.68
CA SER A 161 42.86 -30.93 1.97
C SER A 161 41.95 -29.72 1.89
N GLU A 162 40.83 -29.79 2.60
CA GLU A 162 39.87 -28.69 2.67
C GLU A 162 39.47 -28.46 4.12
N ILE A 163 39.41 -27.19 4.51
CA ILE A 163 38.80 -26.76 5.75
C ILE A 163 37.74 -25.73 5.41
N THR A 164 36.52 -25.98 5.83
CA THR A 164 35.41 -25.07 5.66
C THR A 164 35.04 -24.52 7.04
N TYR A 165 35.30 -23.24 7.26
CA TYR A 165 34.81 -22.56 8.46
C TYR A 165 33.41 -22.03 8.16
N GLY A 166 32.46 -22.35 9.03
CA GLY A 166 31.13 -21.79 8.93
C GLY A 166 31.05 -20.43 9.58
N LEU A 167 31.10 -19.38 8.76
CA LEU A 167 31.27 -18.02 9.29
C LEU A 167 30.09 -17.59 10.15
N GLU A 168 28.87 -18.01 9.81
CA GLU A 168 27.72 -17.58 10.61
C GLU A 168 27.76 -18.19 11.99
N ARG A 169 27.85 -19.52 12.08
CA ARG A 169 27.91 -20.17 13.37
C ARG A 169 29.20 -19.86 14.11
N LEU A 170 30.33 -19.81 13.38
CA LEU A 170 31.60 -19.47 14.02
C LEU A 170 31.56 -18.08 14.62
N SER A 171 31.03 -17.12 13.87
CA SER A 171 30.91 -15.75 14.38
C SER A 171 29.94 -15.69 15.55
N SER A 172 28.81 -16.39 15.45
CA SER A 172 27.83 -16.37 16.53
C SER A 172 28.41 -16.94 17.81
N TYR A 173 29.24 -17.97 17.70
CA TYR A 173 29.91 -18.49 18.88
C TYR A 173 30.95 -17.50 19.41
N ILE A 174 31.84 -17.02 18.53
CA ILE A 174 32.95 -16.18 18.97
C ILE A 174 32.44 -14.86 19.54
N GLN A 175 31.44 -14.27 18.89
CA GLN A 175 30.84 -13.02 19.37
C GLN A 175 29.80 -13.24 20.45
N ASP A 176 29.55 -14.50 20.83
CA ASP A 176 28.71 -14.82 21.98
C ASP A 176 27.31 -14.22 21.86
N VAL A 177 26.77 -14.26 20.65
CA VAL A 177 25.41 -13.78 20.40
C VAL A 177 24.50 -14.98 20.23
N ASN A 178 23.22 -14.78 20.53
CA ASN A 178 22.24 -15.84 20.44
C ASN A 178 21.50 -15.84 19.11
N SER A 179 21.76 -14.87 18.24
CA SER A 179 21.15 -14.78 16.93
C SER A 179 22.22 -14.40 15.91
N VAL A 180 22.13 -14.97 14.70
CA VAL A 180 23.08 -14.63 13.66
C VAL A 180 22.92 -13.19 13.17
N PHE A 181 21.75 -12.59 13.37
CA PHE A 181 21.51 -11.21 12.98
C PHE A 181 21.95 -10.22 14.05
N ASP A 182 22.39 -10.70 15.21
CA ASP A 182 22.95 -9.88 16.27
C ASP A 182 24.47 -9.78 16.20
N LEU A 183 25.05 -10.17 15.06
CA LEU A 183 26.49 -10.25 14.89
C LEU A 183 27.12 -8.90 14.64
N GLU A 184 28.23 -8.62 15.31
CA GLU A 184 29.02 -7.44 14.99
C GLU A 184 29.80 -7.83 13.75
N TRP A 185 29.31 -7.37 12.59
CA TRP A 185 29.92 -7.76 11.31
C TRP A 185 31.25 -7.06 11.10
N GLY A 186 31.23 -5.73 11.09
CA GLY A 186 32.42 -4.94 10.90
C GLY A 186 32.14 -3.49 11.25
N ASP A 187 33.01 -2.89 12.05
CA ASP A 187 32.82 -1.54 12.57
C ASP A 187 31.52 -1.42 13.36
N GLY A 188 31.15 -2.49 14.06
CA GLY A 188 30.02 -2.46 14.97
C GLY A 188 28.66 -2.58 14.33
N VAL A 189 28.58 -2.92 13.04
CA VAL A 189 27.32 -2.97 12.30
C VAL A 189 26.79 -4.39 12.34
N LYS A 190 25.50 -4.54 12.63
CA LYS A 190 24.91 -5.85 12.84
C LYS A 190 24.62 -6.54 11.51
N TYR A 191 24.77 -7.87 11.51
CA TYR A 191 24.51 -8.65 10.29
C TYR A 191 23.07 -8.45 9.83
N GLY A 192 22.14 -8.35 10.79
CA GLY A 192 20.76 -8.10 10.44
C GLY A 192 20.60 -6.80 9.68
N ASP A 193 21.26 -5.74 10.17
CA ASP A 193 21.14 -4.40 9.60
C ASP A 193 21.37 -4.39 8.09
N ILE A 194 22.11 -5.37 7.59
CA ILE A 194 22.40 -5.50 6.17
C ILE A 194 21.51 -6.54 5.51
N PHE A 195 21.50 -7.76 6.07
CA PHE A 195 20.97 -8.93 5.39
C PHE A 195 19.52 -9.26 5.76
N LEU A 196 18.85 -8.42 6.54
CA LEU A 196 17.47 -8.73 6.92
C LEU A 196 16.56 -8.74 5.69
N GLU A 197 16.69 -7.72 4.83
CA GLU A 197 15.90 -7.69 3.61
C GLU A 197 16.28 -8.80 2.62
N PRO A 198 17.56 -9.06 2.34
CA PRO A 198 17.88 -10.18 1.43
C PRO A 198 17.27 -11.48 1.89
N GLU A 199 17.24 -11.73 3.21
CA GLU A 199 16.70 -12.97 3.72
C GLU A 199 15.23 -13.13 3.33
N PHE A 200 14.40 -12.14 3.67
CA PHE A 200 12.97 -12.21 3.36
C PHE A 200 12.72 -12.23 1.86
N GLU A 201 13.42 -11.36 1.11
CA GLU A 201 13.17 -11.24 -0.31
C GLU A 201 13.54 -12.51 -1.06
N ASN A 202 14.72 -13.06 -0.79
CA ASN A 202 15.11 -14.32 -1.42
C ASN A 202 14.24 -15.47 -0.94
N SER A 203 13.79 -15.46 0.32
CA SER A 203 12.89 -16.50 0.79
C SER A 203 11.62 -16.52 -0.05
N LYS A 204 11.01 -15.35 -0.23
CA LYS A 204 9.81 -15.31 -1.07
C LYS A 204 10.12 -15.68 -2.52
N TYR A 205 11.30 -15.29 -3.00
CA TYR A 205 11.69 -15.65 -4.36
C TYR A 205 11.73 -17.16 -4.53
N ALA A 206 12.39 -17.86 -3.60
CA ALA A 206 12.55 -19.30 -3.73
C ALA A 206 11.26 -20.04 -3.43
N PHE A 207 10.36 -19.45 -2.63
CA PHE A 207 9.19 -20.19 -2.14
C PHE A 207 7.90 -19.87 -2.89
N GLU A 208 7.51 -18.60 -2.94
CA GLU A 208 6.15 -18.24 -3.33
C GLU A 208 6.12 -17.30 -4.54
N ASP A 209 7.24 -17.06 -5.20
CA ASP A 209 7.24 -16.06 -6.27
C ASP A 209 7.99 -16.46 -7.54
N SER A 210 8.85 -17.47 -7.52
CA SER A 210 9.65 -17.78 -8.69
C SER A 210 8.77 -18.29 -9.84
N ASN A 211 9.27 -18.11 -11.07
CA ASN A 211 8.53 -18.49 -12.26
C ASN A 211 8.96 -19.89 -12.69
N GLU A 212 8.01 -20.83 -12.67
CA GLU A 212 8.34 -22.24 -12.80
C GLU A 212 8.80 -22.59 -14.22
N GLU A 213 7.96 -22.32 -15.23
CA GLU A 213 8.36 -22.63 -16.59
C GLU A 213 9.65 -21.91 -16.96
N LEU A 214 9.85 -20.71 -16.41
CA LEU A 214 11.11 -20.02 -16.60
C LEU A 214 12.27 -20.83 -16.08
N LEU A 215 12.13 -21.38 -14.87
CA LEU A 215 13.19 -22.19 -14.29
C LEU A 215 13.47 -23.41 -15.15
N LEU A 216 12.41 -24.05 -15.65
CA LEU A 216 12.57 -25.22 -16.51
C LEU A 216 13.38 -24.86 -17.76
N MET A 217 12.97 -23.80 -18.47
CA MET A 217 13.68 -23.41 -19.69
C MET A 217 15.11 -23.02 -19.38
N LEU A 218 15.32 -22.32 -18.26
CA LEU A 218 16.66 -21.91 -17.88
C LEU A 218 17.57 -23.11 -17.68
N PHE A 219 17.08 -24.12 -16.96
CA PHE A 219 17.91 -25.31 -16.75
C PHE A 219 18.21 -26.01 -18.07
N ASP A 220 17.20 -26.20 -18.91
CA ASP A 220 17.43 -26.93 -20.16
C ASP A 220 18.42 -26.19 -21.06
N GLU A 221 18.25 -24.88 -21.21
CA GLU A 221 19.15 -24.11 -22.06
C GLU A 221 20.56 -24.06 -21.48
N TYR A 222 20.68 -23.93 -20.15
CA TYR A 222 22.01 -23.97 -19.54
C TYR A 222 22.70 -25.29 -19.82
N GLU A 223 21.96 -26.40 -19.74
CA GLU A 223 22.57 -27.70 -20.02
C GLU A 223 22.98 -27.82 -21.48
N LYS A 224 22.12 -27.38 -22.40
CA LYS A 224 22.47 -27.39 -23.82
C LYS A 224 23.76 -26.62 -24.07
N GLU A 225 23.82 -25.40 -23.52
CA GLU A 225 24.97 -24.53 -23.76
C GLU A 225 26.23 -25.06 -23.09
N ALA A 226 26.14 -25.57 -21.87
CA ALA A 226 27.30 -26.11 -21.20
C ALA A 226 27.88 -27.29 -21.96
N LYS A 227 27.02 -28.19 -22.43
CA LYS A 227 27.50 -29.32 -23.22
C LYS A 227 28.14 -28.85 -24.52
N ARG A 228 27.55 -27.84 -25.18
CA ARG A 228 28.13 -27.32 -26.41
C ARG A 228 29.52 -26.72 -26.15
N GLN A 229 29.66 -26.02 -25.02
CA GLN A 229 30.92 -25.37 -24.68
C GLN A 229 31.99 -26.39 -24.34
N ILE A 230 31.62 -27.45 -23.63
CA ILE A 230 32.56 -28.54 -23.40
C ILE A 230 32.96 -29.17 -24.72
N LYS A 231 31.99 -29.34 -25.63
CA LYS A 231 32.26 -29.93 -26.93
C LYS A 231 33.39 -29.21 -27.65
N ASN A 232 33.34 -27.87 -27.70
CA ASN A 232 34.48 -27.19 -28.31
C ASN A 232 35.71 -27.21 -27.41
N GLY A 233 35.52 -27.34 -26.10
CA GLY A 233 36.62 -27.29 -25.16
C GLY A 233 36.84 -25.93 -24.55
N LEU A 234 35.76 -25.34 -24.03
CA LEU A 234 35.79 -24.11 -23.24
C LEU A 234 35.34 -24.50 -21.85
N VAL A 235 36.30 -24.79 -20.97
CA VAL A 235 35.99 -25.42 -19.69
C VAL A 235 35.27 -24.44 -18.77
N HIS A 236 35.89 -23.30 -18.48
CA HIS A 236 35.35 -22.41 -17.44
C HIS A 236 33.97 -21.85 -17.75
N PRO A 237 33.67 -21.34 -18.95
CA PRO A 237 32.27 -20.94 -19.22
C PRO A 237 31.26 -22.08 -19.06
N ALA A 238 31.63 -23.28 -19.50
CA ALA A 238 30.75 -24.42 -19.35
C ALA A 238 30.56 -24.77 -17.87
N TYR A 239 31.62 -24.65 -17.08
CA TYR A 239 31.51 -24.87 -15.64
C TYR A 239 30.60 -23.83 -15.00
N ASP A 240 30.69 -22.58 -15.47
CA ASP A 240 29.77 -21.55 -15.00
C ASP A 240 28.34 -21.92 -15.31
N TYR A 241 28.09 -22.43 -16.52
CA TYR A 241 26.74 -22.88 -16.86
C TYR A 241 26.32 -24.07 -16.02
N CYS A 242 27.27 -24.92 -15.63
CA CYS A 242 26.97 -26.03 -14.73
C CYS A 242 26.59 -25.52 -13.35
N LEU A 243 27.28 -24.49 -12.86
CA LEU A 243 26.90 -23.87 -11.60
C LEU A 243 25.51 -23.26 -11.70
N LYS A 244 25.20 -22.67 -12.86
CA LYS A 244 23.86 -22.13 -13.08
C LYS A 244 22.81 -23.24 -13.06
N CYS A 245 23.12 -24.38 -13.66
CA CYS A 245 22.23 -25.55 -13.59
C CYS A 245 22.02 -26.00 -12.15
N SER A 246 23.09 -26.07 -11.36
CA SER A 246 22.97 -26.50 -9.98
C SER A 246 22.10 -25.55 -9.17
N HIS A 247 22.34 -24.24 -9.30
CA HIS A 247 21.52 -23.28 -8.58
C HIS A 247 20.07 -23.32 -9.07
N THR A 248 19.87 -23.55 -10.37
CA THR A 248 18.52 -23.69 -10.91
C THR A 248 17.81 -24.88 -10.28
N PHE A 249 18.53 -26.00 -10.13
CA PHE A 249 17.95 -27.15 -9.46
C PHE A 249 17.61 -26.83 -8.02
N ASN A 250 18.49 -26.10 -7.34
CA ASN A 250 18.22 -25.71 -5.96
C ASN A 250 16.96 -24.86 -5.87
N LEU A 251 16.81 -23.91 -6.79
CA LEU A 251 15.64 -23.04 -6.80
C LEU A 251 14.36 -23.83 -7.06
N MET A 252 14.40 -24.77 -8.00
CA MET A 252 13.21 -25.57 -8.28
C MET A 252 12.87 -26.50 -7.13
N ASP A 253 13.88 -27.20 -6.59
CA ASP A 253 13.65 -28.14 -5.50
C ASP A 253 13.13 -27.42 -4.26
N ALA A 254 13.58 -26.19 -4.02
CA ALA A 254 13.03 -25.40 -2.92
C ALA A 254 11.66 -24.82 -3.26
N ARG A 255 11.38 -24.60 -4.55
CA ARG A 255 10.07 -24.12 -4.97
C ARG A 255 8.98 -25.16 -4.73
N GLY A 256 9.32 -26.44 -4.82
CA GLY A 256 8.34 -27.50 -4.70
C GLY A 256 7.87 -28.04 -6.03
N MET A 257 8.82 -28.32 -6.93
CA MET A 257 8.53 -28.87 -8.24
C MET A 257 9.15 -30.24 -8.48
N VAL A 258 10.21 -30.58 -7.76
CA VAL A 258 10.99 -31.77 -8.04
C VAL A 258 10.64 -32.86 -7.03
N SER A 259 10.09 -33.97 -7.52
CA SER A 259 9.92 -35.18 -6.75
C SER A 259 11.25 -35.89 -6.59
N VAL A 260 11.26 -36.94 -5.77
CA VAL A 260 12.48 -37.70 -5.56
C VAL A 260 12.98 -38.32 -6.87
N THR A 261 12.06 -38.61 -7.80
CA THR A 261 12.38 -39.27 -9.06
C THR A 261 13.32 -38.42 -9.91
N GLU A 262 12.81 -37.28 -10.34
CA GLU A 262 13.46 -36.26 -11.15
C GLU A 262 14.59 -35.53 -10.46
N ARG A 263 14.66 -35.58 -9.12
CA ARG A 263 15.83 -35.08 -8.42
C ARG A 263 17.07 -35.88 -8.78
N ALA A 264 16.96 -37.21 -8.76
CA ALA A 264 18.09 -38.06 -9.12
C ALA A 264 18.53 -37.84 -10.56
N GLY A 265 17.57 -37.63 -11.47
CA GLY A 265 17.94 -37.37 -12.86
C GLY A 265 18.68 -36.06 -13.00
N TYR A 266 18.24 -35.02 -12.30
CA TYR A 266 18.97 -33.75 -12.32
C TYR A 266 20.39 -33.93 -11.79
N LEU A 267 20.54 -34.66 -10.69
CA LEU A 267 21.87 -34.89 -10.14
C LEU A 267 22.73 -35.71 -11.08
N ASP A 268 22.13 -36.68 -11.78
CA ASP A 268 22.88 -37.45 -12.77
C ASP A 268 23.37 -36.57 -13.90
N ARG A 269 22.50 -35.69 -14.41
CA ARG A 269 22.92 -34.78 -15.47
C ARG A 269 24.03 -33.86 -15.00
N ILE A 270 23.91 -33.32 -13.80
CA ILE A 270 24.96 -32.44 -13.26
C ILE A 270 26.25 -33.24 -13.04
N ARG A 271 26.12 -34.50 -12.63
CA ARG A 271 27.28 -35.35 -12.44
C ARG A 271 28.02 -35.58 -13.75
N ASN A 272 27.28 -35.87 -14.81
CA ASN A 272 27.88 -36.03 -16.12
C ASN A 272 28.54 -34.74 -16.60
N MET A 273 27.86 -33.61 -16.39
CA MET A 273 28.43 -32.32 -16.75
C MET A 273 29.76 -32.08 -16.03
N ALA A 274 29.78 -32.27 -14.70
CA ALA A 274 30.98 -32.00 -13.93
C ALA A 274 32.10 -32.97 -14.29
N LYS A 275 31.77 -34.24 -14.53
CA LYS A 275 32.78 -35.21 -14.92
C LYS A 275 33.41 -34.84 -16.26
N SER A 276 32.58 -34.44 -17.24
CA SER A 276 33.10 -34.03 -18.52
C SER A 276 33.94 -32.75 -18.42
N ILE A 277 33.49 -31.80 -17.58
CA ILE A 277 34.24 -30.56 -17.37
C ILE A 277 35.62 -30.87 -16.79
N ALA A 278 35.66 -31.72 -15.76
CA ALA A 278 36.94 -32.09 -15.16
C ALA A 278 37.83 -32.80 -16.16
N LYS A 279 37.27 -33.71 -16.95
CA LYS A 279 38.05 -34.39 -17.99
C LYS A 279 38.70 -33.38 -18.93
N GLU A 280 37.90 -32.47 -19.48
CA GLU A 280 38.44 -31.51 -20.45
C GLU A 280 39.46 -30.58 -19.80
N PHE A 281 39.23 -30.19 -18.54
CA PHE A 281 40.17 -29.29 -17.86
C PHE A 281 41.51 -29.97 -17.66
N VAL A 282 41.51 -31.22 -17.19
CA VAL A 282 42.77 -31.94 -17.02
C VAL A 282 43.44 -32.15 -18.37
N ALA A 283 42.64 -32.41 -19.41
CA ALA A 283 43.20 -32.56 -20.75
C ALA A 283 43.90 -31.30 -21.20
N GLN A 284 43.30 -30.13 -20.94
CA GLN A 284 43.89 -28.87 -21.37
C GLN A 284 45.10 -28.48 -20.53
N ARG A 285 45.08 -28.80 -19.23
CA ARG A 285 46.25 -28.52 -18.42
C ARG A 285 47.41 -29.41 -18.84
N GLU A 286 47.14 -30.65 -19.23
CA GLU A 286 48.17 -31.48 -19.83
C GLU A 286 48.57 -30.94 -21.20
N LYS A 287 47.65 -30.25 -21.86
CA LYS A 287 47.96 -29.53 -23.09
C LYS A 287 48.86 -28.34 -22.83
N ARG A 288 49.02 -27.91 -21.58
CA ARG A 288 49.85 -26.76 -21.27
C ARG A 288 51.08 -27.12 -20.43
N GLY A 289 51.43 -28.40 -20.34
CA GLY A 289 52.63 -28.75 -19.62
C GLY A 289 52.58 -28.49 -18.13
N PHE A 290 51.38 -28.18 -17.60
CA PHE A 290 51.14 -27.96 -16.19
C PHE A 290 52.03 -26.82 -15.67
N PRO A 291 51.71 -25.58 -16.03
CA PRO A 291 52.57 -24.45 -15.65
C PRO A 291 52.76 -24.30 -14.14
N LEU A 292 51.72 -24.60 -13.36
CA LEU A 292 51.82 -24.43 -11.92
C LEU A 292 52.89 -25.34 -11.34
N LEU A 293 53.03 -26.55 -11.89
CA LEU A 293 54.08 -27.45 -11.44
C LEU A 293 55.47 -26.87 -11.71
N LYS A 294 55.69 -26.39 -12.95
CA LYS A 294 56.98 -25.83 -13.30
C LYS A 294 57.34 -24.66 -12.41
N HIS A 295 56.42 -23.70 -12.25
CA HIS A 295 56.80 -22.52 -11.50
C HIS A 295 56.85 -22.75 -10.00
N ALA A 296 55.99 -23.61 -9.43
CA ALA A 296 56.09 -23.86 -7.99
C ALA A 296 57.37 -24.61 -7.63
N GLN A 297 57.77 -25.60 -8.46
CA GLN A 297 59.05 -26.25 -8.21
C GLN A 297 60.20 -25.26 -8.38
N GLU A 298 60.09 -24.36 -9.36
CA GLU A 298 61.10 -23.31 -9.49
C GLU A 298 61.14 -22.42 -8.26
N GLU A 299 59.98 -22.18 -7.63
CA GLU A 299 59.93 -21.31 -6.46
C GLU A 299 60.55 -21.96 -5.25
N THR A 300 60.46 -23.30 -5.16
CA THR A 300 61.02 -23.97 -3.99
C THR A 300 62.53 -23.83 -3.93
N LYS A 301 63.19 -23.70 -5.08
CA LYS A 301 64.64 -23.53 -5.12
C LYS A 301 65.01 -22.18 -5.72
N MET B 3 68.09 -5.39 -2.57
CA MET B 3 66.96 -4.73 -3.21
C MET B 3 65.65 -5.22 -2.58
N SER B 4 64.63 -4.37 -2.59
CA SER B 4 63.37 -4.69 -1.94
C SER B 4 62.54 -5.68 -2.74
N LYS B 5 61.67 -6.41 -2.04
CA LYS B 5 60.68 -7.27 -2.67
C LYS B 5 59.46 -6.44 -3.02
N LYS B 6 58.99 -6.58 -4.25
CA LYS B 6 57.75 -5.95 -4.66
C LYS B 6 56.55 -6.60 -3.98
N LEU B 7 55.49 -5.82 -3.80
CA LEU B 7 54.34 -6.31 -3.05
C LEU B 7 53.44 -7.13 -3.96
N SER B 8 53.09 -8.34 -3.53
CA SER B 8 52.21 -9.18 -4.31
C SER B 8 50.76 -8.71 -4.23
N VAL B 9 49.96 -9.16 -5.19
CA VAL B 9 48.54 -8.85 -5.23
C VAL B 9 47.93 -9.15 -3.87
N GLN B 10 48.31 -10.29 -3.30
CA GLN B 10 47.91 -10.66 -1.94
C GLN B 10 48.17 -9.53 -0.95
N GLU B 11 49.42 -9.07 -0.90
CA GLU B 11 49.81 -8.04 0.05
C GLU B 11 49.16 -6.69 -0.27
N ILE B 12 49.04 -6.34 -1.56
CA ILE B 12 48.37 -5.10 -1.95
C ILE B 12 46.93 -5.08 -1.44
N ILE B 13 46.19 -6.15 -1.73
CA ILE B 13 44.80 -6.22 -1.31
C ILE B 13 44.70 -6.18 0.21
N LEU B 14 45.58 -6.91 0.89
CA LEU B 14 45.55 -6.89 2.35
C LEU B 14 45.80 -5.49 2.91
N THR B 15 46.78 -4.77 2.33
CA THR B 15 47.08 -3.42 2.82
C THR B 15 45.90 -2.49 2.60
N LEU B 16 45.28 -2.53 1.43
CA LEU B 16 44.12 -1.69 1.19
C LEU B 16 43.00 -2.01 2.18
N GLN B 17 42.73 -3.30 2.37
CA GLN B 17 41.66 -3.70 3.28
C GLN B 17 41.96 -3.27 4.71
N LYS B 18 43.21 -3.42 5.16
CA LYS B 18 43.57 -2.99 6.51
C LYS B 18 43.38 -1.49 6.67
N PHE B 19 43.85 -0.71 5.68
CA PHE B 19 43.73 0.74 5.81
C PHE B 19 42.27 1.16 5.89
N TRP B 20 41.43 0.59 5.02
CA TRP B 20 40.03 1.02 5.02
C TRP B 20 39.28 0.50 6.23
N SER B 21 39.66 -0.67 6.74
CA SER B 21 39.13 -1.10 8.04
C SER B 21 39.50 -0.11 9.13
N ASP B 22 40.72 0.39 9.09
CA ASP B 22 41.14 1.46 10.00
C ASP B 22 40.44 2.78 9.71
N GLN B 23 39.86 2.94 8.52
CA GLN B 23 39.09 4.11 8.17
C GLN B 23 37.59 3.88 8.26
N GLY B 24 37.17 2.90 9.06
CA GLY B 24 35.75 2.66 9.26
C GLY B 24 35.04 2.00 8.11
N CYS B 25 35.76 1.35 7.19
CA CYS B 25 35.11 0.60 6.13
C CYS B 25 34.91 -0.85 6.54
N MET B 26 33.91 -1.49 5.94
CA MET B 26 33.57 -2.87 6.18
C MET B 26 34.05 -3.73 5.02
N LEU B 27 34.59 -4.91 5.35
CA LEU B 27 35.18 -5.78 4.34
C LEU B 27 34.10 -6.74 3.84
N MET B 28 33.33 -6.24 2.89
CA MET B 28 32.31 -7.04 2.23
C MET B 28 32.94 -7.89 1.13
N GLN B 29 32.15 -8.83 0.61
CA GLN B 29 32.65 -9.74 -0.40
C GLN B 29 32.15 -9.34 -1.78
N SER B 30 32.90 -9.72 -2.80
CA SER B 30 32.46 -9.49 -4.17
C SER B 30 31.19 -10.28 -4.41
N TYR B 31 30.21 -9.63 -5.04
CA TYR B 31 28.91 -10.24 -5.25
C TYR B 31 29.02 -11.37 -6.27
N ASP B 32 28.32 -12.47 -6.01
CA ASP B 32 28.49 -13.71 -6.78
C ASP B 32 27.60 -13.68 -8.03
N THR B 33 27.94 -12.75 -8.93
CA THR B 33 27.33 -12.66 -10.25
C THR B 33 28.29 -11.93 -11.17
N GLU B 34 28.18 -12.22 -12.47
CA GLU B 34 29.04 -11.63 -13.48
C GLU B 34 28.61 -10.20 -13.82
N LYS B 35 29.54 -9.26 -13.77
CA LYS B 35 29.28 -7.86 -14.00
C LYS B 35 30.38 -7.31 -14.91
N GLY B 36 30.54 -5.99 -14.93
CA GLY B 36 31.57 -5.37 -15.73
C GLY B 36 32.39 -4.36 -14.95
N ALA B 37 31.93 -4.06 -13.73
CA ALA B 37 32.62 -3.14 -12.84
C ALA B 37 32.10 -3.37 -11.42
N GLY B 38 32.85 -2.87 -10.45
CA GLY B 38 32.43 -2.98 -9.07
C GLY B 38 31.27 -2.09 -8.70
N THR B 39 30.87 -1.19 -9.61
CA THR B 39 29.70 -0.36 -9.38
C THR B 39 28.44 -1.19 -9.27
N MET B 40 28.36 -2.31 -9.98
CA MET B 40 27.11 -3.07 -10.04
C MET B 40 26.89 -4.00 -8.86
N SER B 41 27.82 -4.13 -7.94
CA SER B 41 27.48 -4.84 -6.71
C SER B 41 26.51 -4.00 -5.89
N PRO B 42 25.50 -4.62 -5.26
CA PRO B 42 24.57 -3.84 -4.44
C PRO B 42 25.25 -3.10 -3.31
N TYR B 43 26.43 -3.56 -2.87
CA TYR B 43 27.18 -2.83 -1.86
C TYR B 43 27.62 -1.47 -2.38
N THR B 44 27.76 -1.34 -3.71
CA THR B 44 27.99 -0.06 -4.35
C THR B 44 26.69 0.58 -4.81
N PHE B 45 25.97 -0.14 -5.68
CA PHE B 45 24.81 0.40 -6.39
C PHE B 45 23.63 0.66 -5.47
N LEU B 46 23.07 -0.39 -4.88
CA LEU B 46 21.88 -0.25 -4.07
C LEU B 46 22.15 0.56 -2.80
N ARG B 47 23.34 0.41 -2.24
CA ARG B 47 23.67 1.01 -0.96
C ARG B 47 23.90 2.51 -1.06
N ALA B 48 24.13 3.04 -2.26
CA ALA B 48 24.38 4.47 -2.41
C ALA B 48 23.13 5.33 -2.39
N ILE B 49 21.96 4.73 -2.55
CA ILE B 49 20.70 5.46 -2.53
C ILE B 49 20.02 5.25 -1.18
N GLY B 50 19.01 6.07 -0.90
CA GLY B 50 18.41 6.11 0.41
C GLY B 50 19.27 6.89 1.37
N PRO B 51 18.73 7.23 2.54
CA PRO B 51 19.48 8.01 3.53
C PRO B 51 20.35 7.20 4.49
N GLU B 52 20.49 5.90 4.30
CA GLU B 52 21.23 5.07 5.25
C GLU B 52 22.73 5.15 4.97
N PRO B 53 23.55 5.47 5.97
CA PRO B 53 25.00 5.53 5.77
C PRO B 53 25.58 4.16 5.40
N TRP B 54 26.76 4.19 4.80
CA TRP B 54 27.34 2.96 4.27
C TRP B 54 28.84 3.13 4.05
N ASN B 55 29.66 2.30 4.70
CA ASN B 55 31.11 2.35 4.54
C ASN B 55 31.62 0.96 4.23
N ALA B 56 31.99 0.71 2.97
CA ALA B 56 32.41 -0.62 2.54
C ALA B 56 33.68 -0.54 1.71
N ALA B 57 34.36 -1.69 1.63
CA ALA B 57 35.53 -1.84 0.78
C ALA B 57 35.67 -3.31 0.39
N TYR B 58 35.78 -3.58 -0.90
CA TYR B 58 35.85 -4.96 -1.35
C TYR B 58 36.54 -5.04 -2.71
N VAL B 59 37.17 -6.17 -2.97
CA VAL B 59 37.71 -6.47 -4.28
C VAL B 59 36.58 -7.02 -5.15
N GLU B 60 36.67 -6.79 -6.44
CA GLU B 60 35.60 -7.19 -7.35
C GLU B 60 36.15 -7.58 -8.70
N PRO B 61 35.87 -8.80 -9.16
CA PRO B 61 36.24 -9.16 -10.53
C PRO B 61 35.32 -8.45 -11.51
N SER B 62 35.92 -7.79 -12.49
CA SER B 62 35.20 -7.09 -13.54
C SER B 62 35.46 -7.87 -14.82
N ARG B 63 34.38 -8.46 -15.35
CA ARG B 63 34.41 -9.17 -16.61
C ARG B 63 33.86 -8.23 -17.67
N ARG B 64 34.74 -7.74 -18.54
CA ARG B 64 34.32 -6.91 -19.66
C ARG B 64 34.61 -7.70 -20.93
N PRO B 65 33.59 -8.30 -21.55
CA PRO B 65 33.84 -9.22 -22.68
C PRO B 65 34.62 -8.59 -23.83
N ALA B 66 34.39 -7.30 -24.11
CA ALA B 66 35.07 -6.65 -25.22
C ALA B 66 36.57 -6.47 -24.97
N ASP B 67 37.02 -6.51 -23.72
CA ASP B 67 38.42 -6.29 -23.40
C ASP B 67 39.26 -7.57 -23.38
N GLY B 68 38.69 -8.71 -23.71
CA GLY B 68 39.46 -9.95 -23.70
C GLY B 68 40.40 -10.03 -24.89
N ARG B 69 41.64 -10.45 -24.63
CA ARG B 69 42.67 -10.42 -25.66
C ARG B 69 43.41 -11.75 -25.83
N TYR B 70 42.83 -12.85 -25.33
CA TYR B 70 43.41 -14.19 -25.47
C TYR B 70 44.79 -14.33 -24.83
N GLY B 71 45.15 -13.43 -23.92
CA GLY B 71 46.43 -13.52 -23.26
C GLY B 71 47.64 -13.00 -24.01
N GLU B 72 47.47 -12.07 -24.95
CA GLU B 72 48.62 -11.40 -25.54
C GLU B 72 48.87 -10.02 -24.95
N ASN B 73 47.84 -9.17 -24.90
CA ASN B 73 47.89 -7.83 -24.32
C ASN B 73 47.88 -7.87 -22.80
N PRO B 74 49.01 -7.57 -22.14
CA PRO B 74 49.06 -7.72 -20.68
C PRO B 74 48.66 -6.49 -19.86
N ASN B 75 47.63 -5.75 -20.25
CA ASN B 75 46.94 -4.88 -19.28
C ASN B 75 45.45 -4.80 -19.49
N ARG B 76 44.93 -5.20 -20.65
CA ARG B 76 43.51 -5.19 -20.96
C ARG B 76 43.06 -6.64 -21.04
N LEU B 77 42.17 -7.05 -20.14
CA LEU B 77 41.82 -8.44 -19.99
C LEU B 77 40.32 -8.62 -19.91
N TYR B 78 39.87 -9.83 -20.25
CA TYR B 78 38.45 -10.17 -20.12
C TYR B 78 37.99 -10.02 -18.68
N GLN B 79 38.85 -10.37 -17.73
CA GLN B 79 38.55 -10.20 -16.31
C GLN B 79 39.76 -9.58 -15.63
N HIS B 80 39.54 -8.45 -14.97
CA HIS B 80 40.53 -7.85 -14.10
C HIS B 80 39.93 -7.69 -12.71
N HIS B 81 40.70 -7.16 -11.78
CA HIS B 81 40.25 -6.97 -10.42
C HIS B 81 40.25 -5.49 -10.09
N GLN B 82 39.12 -5.00 -9.62
CA GLN B 82 39.00 -3.64 -9.13
C GLN B 82 38.91 -3.70 -7.62
N PHE B 83 39.29 -2.59 -6.97
CA PHE B 83 39.09 -2.43 -5.54
C PHE B 83 38.10 -1.28 -5.37
N GLN B 84 36.90 -1.59 -4.89
CA GLN B 84 35.87 -0.59 -4.70
C GLN B 84 35.89 -0.18 -3.23
N VAL B 85 36.05 1.10 -2.99
CA VAL B 85 35.84 1.72 -1.68
C VAL B 85 34.65 2.63 -1.82
N VAL B 86 33.66 2.48 -0.95
CA VAL B 86 32.42 3.23 -1.08
C VAL B 86 32.05 3.77 0.29
N MET B 87 32.04 5.10 0.42
CA MET B 87 31.81 5.75 1.70
C MET B 87 30.68 6.77 1.55
N LYS B 88 29.72 6.69 2.46
CA LYS B 88 28.50 7.48 2.40
C LYS B 88 28.06 7.84 3.82
N PRO B 89 28.05 9.13 4.17
CA PRO B 89 28.44 10.25 3.31
C PRO B 89 29.95 10.38 3.14
N SER B 90 30.38 11.04 2.08
CA SER B 90 31.81 11.18 1.83
C SER B 90 32.42 12.11 2.88
N PRO B 91 33.51 11.72 3.53
CA PRO B 91 34.20 12.65 4.43
C PRO B 91 35.02 13.65 3.65
N GLU B 92 35.11 14.86 4.20
CA GLU B 92 35.85 15.92 3.52
C GLU B 92 37.35 15.65 3.48
N ASN B 93 37.85 14.70 4.26
CA ASN B 93 39.26 14.33 4.24
C ASN B 93 39.54 13.12 3.35
N VAL B 94 38.63 12.81 2.42
CA VAL B 94 38.72 11.58 1.64
C VAL B 94 40.01 11.53 0.83
N GLN B 95 40.45 12.67 0.30
CA GLN B 95 41.71 12.70 -0.43
C GLN B 95 42.89 12.46 0.48
N ASP B 96 42.81 12.94 1.73
CA ASP B 96 43.83 12.64 2.71
C ASP B 96 43.92 11.13 2.96
N LEU B 97 42.77 10.47 3.09
CA LEU B 97 42.77 9.02 3.30
C LEU B 97 43.33 8.29 2.09
N TYR B 98 43.00 8.75 0.89
CA TYR B 98 43.54 8.13 -0.32
C TYR B 98 45.05 8.26 -0.37
N LEU B 99 45.58 9.44 -0.03
CA LEU B 99 47.02 9.63 0.05
C LEU B 99 47.65 8.73 1.11
N GLN B 100 47.03 8.62 2.28
CA GLN B 100 47.57 7.75 3.33
C GLN B 100 47.61 6.30 2.84
N SER B 101 46.59 5.87 2.11
CA SER B 101 46.54 4.51 1.60
C SER B 101 47.65 4.26 0.58
N LEU B 102 47.81 5.16 -0.39
CA LEU B 102 48.87 4.95 -1.38
C LEU B 102 50.25 5.00 -0.75
N GLU B 103 50.43 5.83 0.27
CA GLU B 103 51.69 5.81 1.01
C GLU B 103 51.87 4.50 1.78
N LYS B 104 50.78 3.92 2.29
CA LYS B 104 50.85 2.63 2.95
C LYS B 104 51.28 1.52 1.98
N LEU B 105 51.04 1.70 0.69
CA LEU B 105 51.55 0.76 -0.32
C LEU B 105 53.04 0.93 -0.56
N GLY B 106 53.72 1.77 0.23
CA GLY B 106 55.13 2.01 0.04
C GLY B 106 55.47 2.96 -1.09
N ILE B 107 54.55 3.87 -1.44
CA ILE B 107 54.75 4.80 -2.54
C ILE B 107 54.76 6.20 -1.96
N ASN B 108 55.95 6.83 -1.99
CA ASN B 108 56.12 8.19 -1.52
C ASN B 108 55.78 9.16 -2.65
N PRO B 109 54.80 10.05 -2.48
CA PRO B 109 54.52 11.03 -3.54
C PRO B 109 55.72 11.89 -3.88
N LEU B 110 56.67 12.03 -2.96
CA LEU B 110 57.86 12.83 -3.24
C LEU B 110 58.71 12.24 -4.34
N GLU B 111 58.65 10.92 -4.54
CA GLU B 111 59.44 10.24 -5.55
C GLU B 111 58.61 9.89 -6.80
N HIS B 112 57.36 10.35 -6.89
CA HIS B 112 56.47 9.99 -7.99
C HIS B 112 55.55 11.17 -8.30
N ASP B 113 54.92 11.12 -9.48
CA ASP B 113 54.00 12.16 -9.95
C ASP B 113 52.58 11.62 -9.92
N ILE B 114 51.69 12.34 -9.23
CA ILE B 114 50.28 11.93 -9.08
C ILE B 114 49.39 13.08 -9.55
N ARG B 115 48.43 12.78 -10.43
CA ARG B 115 47.55 13.79 -10.99
C ARG B 115 46.09 13.37 -10.90
N PHE B 116 45.22 14.34 -10.60
CA PHE B 116 43.77 14.16 -10.58
C PHE B 116 43.19 14.79 -11.85
N VAL B 117 42.90 13.97 -12.87
CA VAL B 117 42.43 14.46 -14.18
C VAL B 117 40.92 14.33 -14.26
N GLU B 118 40.22 15.44 -14.50
CA GLU B 118 38.76 15.43 -14.46
C GLU B 118 38.21 14.43 -15.47
N ASP B 119 37.29 13.59 -15.03
CA ASP B 119 36.58 12.66 -15.89
C ASP B 119 35.13 12.57 -15.45
N ASN B 120 34.20 12.93 -16.34
CA ASN B 120 32.77 12.85 -16.03
C ASN B 120 32.29 11.41 -16.04
N TRP B 121 32.33 10.75 -14.88
CA TRP B 121 31.98 9.34 -14.80
C TRP B 121 30.50 9.12 -15.08
N GLU B 122 30.19 8.19 -15.98
CA GLU B 122 28.81 7.85 -16.25
C GLU B 122 28.71 6.37 -16.59
N ASN B 123 27.60 5.76 -16.18
CA ASN B 123 27.22 4.43 -16.63
C ASN B 123 25.74 4.56 -17.02
N PRO B 124 25.44 4.70 -18.30
CA PRO B 124 24.06 5.04 -18.69
C PRO B 124 23.08 3.90 -18.48
N SER B 125 23.52 2.65 -18.68
CA SER B 125 22.61 1.52 -18.54
C SER B 125 22.06 1.45 -17.12
N MET B 126 22.94 1.64 -16.13
CA MET B 126 22.51 1.65 -14.74
C MET B 126 21.99 3.00 -14.30
N GLY B 127 21.99 4.00 -15.19
CA GLY B 127 21.55 5.34 -14.84
C GLY B 127 22.42 6.00 -13.80
N CYS B 128 23.68 5.60 -13.70
CA CYS B 128 24.58 6.10 -12.66
C CYS B 128 25.38 7.28 -13.20
N ALA B 129 25.39 8.37 -12.45
CA ALA B 129 26.16 9.56 -12.82
C ALA B 129 27.08 9.95 -11.68
N GLY B 130 28.29 10.39 -12.01
CA GLY B 130 29.24 10.78 -10.99
C GLY B 130 30.29 11.70 -11.56
N VAL B 131 30.88 12.48 -10.67
CA VAL B 131 31.87 13.49 -11.03
C VAL B 131 33.12 13.28 -10.19
N GLY B 132 34.27 13.37 -10.83
CA GLY B 132 35.51 13.08 -10.13
C GLY B 132 36.66 12.99 -11.11
N TRP B 133 37.73 12.34 -10.66
CA TRP B 133 38.96 12.28 -11.42
C TRP B 133 39.31 10.85 -11.76
N GLU B 134 40.17 10.74 -12.75
CA GLU B 134 40.97 9.56 -13.00
C GLU B 134 42.33 9.92 -12.46
N VAL B 135 42.73 9.22 -11.41
CA VAL B 135 44.00 9.46 -10.74
C VAL B 135 45.08 8.72 -11.51
N TRP B 136 46.04 9.49 -12.02
CA TRP B 136 47.15 9.03 -12.84
C TRP B 136 48.43 9.04 -12.01
N LEU B 137 49.16 7.92 -12.06
CA LEU B 137 50.44 7.80 -11.40
C LEU B 137 51.50 7.63 -12.48
N ASP B 138 52.40 8.62 -12.59
CA ASP B 138 53.45 8.62 -13.61
C ASP B 138 52.85 8.46 -15.01
N GLY B 139 51.72 9.13 -15.24
CA GLY B 139 51.03 9.09 -16.52
C GLY B 139 50.08 7.93 -16.72
N MET B 140 50.04 6.97 -15.80
CA MET B 140 49.22 5.77 -15.94
C MET B 140 48.02 5.88 -14.99
N GLU B 141 46.82 5.71 -15.53
CA GLU B 141 45.63 5.75 -14.68
C GLU B 141 45.60 4.55 -13.75
N ILE B 142 45.64 4.82 -12.45
CA ILE B 142 45.55 3.75 -11.45
C ILE B 142 44.30 3.87 -10.60
N SER B 143 43.57 4.99 -10.63
CA SER B 143 42.38 5.07 -9.80
C SER B 143 41.28 5.84 -10.51
N GLN B 144 40.04 5.58 -10.05
CA GLN B 144 38.84 6.26 -10.51
C GLN B 144 38.11 6.75 -9.25
N PHE B 145 38.14 8.05 -8.98
CA PHE B 145 37.68 8.59 -7.71
C PHE B 145 36.52 9.54 -7.96
N THR B 146 35.34 9.20 -7.44
CA THR B 146 34.10 9.78 -7.95
C THR B 146 33.11 10.06 -6.82
N TYR B 147 32.52 11.25 -6.85
CA TYR B 147 31.34 11.57 -6.06
C TYR B 147 30.10 11.23 -6.91
N PHE B 148 29.21 10.40 -6.36
CA PHE B 148 28.01 10.03 -7.08
C PHE B 148 26.99 11.16 -7.00
N GLN B 149 26.26 11.36 -8.10
CA GLN B 149 25.27 12.42 -8.20
C GLN B 149 23.88 11.89 -8.48
N GLN B 150 23.76 10.88 -9.34
CA GLN B 150 22.46 10.35 -9.72
C GLN B 150 22.65 8.85 -10.00
N VAL B 151 22.27 8.03 -9.03
CA VAL B 151 22.45 6.58 -9.11
C VAL B 151 21.10 5.95 -9.38
N GLY B 152 21.00 5.21 -10.48
CA GLY B 152 19.71 4.66 -10.88
C GLY B 152 18.69 5.72 -11.17
N GLY B 153 19.13 6.85 -11.73
CA GLY B 153 18.24 7.96 -12.03
C GLY B 153 17.83 8.82 -10.86
N LEU B 154 18.26 8.50 -9.64
CA LEU B 154 17.82 9.20 -8.45
C LEU B 154 18.91 10.09 -7.88
N GLU B 155 18.49 11.22 -7.33
CA GLU B 155 19.41 12.17 -6.72
C GLU B 155 20.00 11.58 -5.43
N VAL B 156 21.32 11.69 -5.29
CA VAL B 156 22.04 11.02 -4.22
C VAL B 156 22.07 11.92 -2.99
N ASP B 157 21.48 11.44 -1.89
CA ASP B 157 21.37 12.19 -0.66
C ASP B 157 21.53 11.25 0.54
N PRO B 158 22.66 11.29 1.27
CA PRO B 158 23.85 12.16 1.15
C PRO B 158 24.80 11.76 0.04
N VAL B 159 25.89 12.51 -0.14
CA VAL B 159 26.81 12.25 -1.25
C VAL B 159 27.68 11.04 -0.94
N THR B 160 27.89 10.23 -1.96
CA THR B 160 28.67 8.99 -1.85
C THR B 160 29.98 9.13 -2.59
N SER B 161 31.09 8.88 -1.91
CA SER B 161 32.39 8.79 -2.57
C SER B 161 32.71 7.33 -2.88
N GLU B 162 33.36 7.11 -4.03
CA GLU B 162 33.87 5.79 -4.38
C GLU B 162 35.27 5.95 -4.95
N ILE B 163 36.14 5.03 -4.57
CA ILE B 163 37.47 4.94 -5.15
C ILE B 163 37.57 3.55 -5.78
N THR B 164 37.85 3.51 -7.09
CA THR B 164 38.02 2.25 -7.81
C THR B 164 39.48 2.14 -8.21
N TYR B 165 40.21 1.24 -7.57
CA TYR B 165 41.58 0.94 -7.93
C TYR B 165 41.63 -0.16 -8.98
N GLY B 166 42.38 0.08 -10.06
CA GLY B 166 42.63 -0.99 -11.00
C GLY B 166 43.78 -1.83 -10.51
N LEU B 167 43.45 -2.97 -9.88
CA LEU B 167 44.46 -3.76 -9.17
C LEU B 167 45.52 -4.33 -10.12
N GLU B 168 45.13 -4.65 -11.36
CA GLU B 168 46.10 -5.21 -12.29
C GLU B 168 47.16 -4.19 -12.67
N ARG B 169 46.72 -2.98 -13.05
CA ARG B 169 47.68 -1.94 -13.40
C ARG B 169 48.52 -1.54 -12.20
N LEU B 170 47.89 -1.43 -11.03
CA LEU B 170 48.63 -1.08 -9.82
C LEU B 170 49.67 -2.13 -9.48
N SER B 171 49.30 -3.41 -9.56
CA SER B 171 50.26 -4.48 -9.28
C SER B 171 51.39 -4.47 -10.29
N SER B 172 51.08 -4.24 -11.57
CA SER B 172 52.11 -4.20 -12.60
C SER B 172 53.07 -3.03 -12.36
N TYR B 173 52.54 -1.91 -11.88
CA TYR B 173 53.40 -0.77 -11.56
C TYR B 173 54.31 -1.07 -10.38
N ILE B 174 53.72 -1.48 -9.25
CA ILE B 174 54.50 -1.67 -8.03
C ILE B 174 55.52 -2.80 -8.23
N GLN B 175 55.12 -3.85 -8.93
CA GLN B 175 56.05 -4.92 -9.24
C GLN B 175 56.90 -4.59 -10.45
N ASP B 176 56.66 -3.43 -11.08
CA ASP B 176 57.54 -2.90 -12.13
C ASP B 176 57.69 -3.93 -13.25
N VAL B 177 56.60 -4.63 -13.54
CA VAL B 177 56.58 -5.61 -14.60
C VAL B 177 55.84 -5.03 -15.79
N ASN B 178 56.22 -5.49 -16.98
CA ASN B 178 55.61 -5.03 -18.21
C ASN B 178 54.50 -5.95 -18.68
N SER B 179 54.26 -7.05 -17.97
CA SER B 179 53.18 -7.96 -18.28
C SER B 179 52.47 -8.39 -17.00
N VAL B 180 51.14 -8.50 -17.07
CA VAL B 180 50.36 -8.99 -15.93
C VAL B 180 50.55 -10.48 -15.71
N PHE B 181 51.06 -11.21 -16.70
CA PHE B 181 51.26 -12.64 -16.52
C PHE B 181 52.50 -12.97 -15.72
N ASP B 182 53.32 -11.98 -15.41
CA ASP B 182 54.41 -12.12 -14.47
C ASP B 182 54.04 -11.60 -13.10
N LEU B 183 52.74 -11.33 -12.87
CA LEU B 183 52.32 -10.74 -11.62
C LEU B 183 52.33 -11.81 -10.55
N GLU B 184 52.95 -11.50 -9.43
CA GLU B 184 52.95 -12.39 -8.26
C GLU B 184 51.64 -12.18 -7.53
N TRP B 185 50.76 -13.18 -7.60
CA TRP B 185 49.49 -13.05 -6.89
C TRP B 185 49.73 -13.18 -5.39
N GLY B 186 50.27 -14.31 -4.96
CA GLY B 186 50.53 -14.52 -3.55
C GLY B 186 51.42 -15.71 -3.30
N ASP B 187 52.42 -15.52 -2.44
CA ASP B 187 53.43 -16.55 -2.16
C ASP B 187 54.13 -16.98 -3.45
N GLY B 188 54.36 -16.01 -4.33
CA GLY B 188 55.17 -16.17 -5.51
C GLY B 188 54.51 -16.84 -6.69
N VAL B 189 53.20 -17.09 -6.66
CA VAL B 189 52.54 -17.85 -7.71
C VAL B 189 52.11 -16.87 -8.79
N LYS B 190 52.39 -17.21 -10.04
CA LYS B 190 52.23 -16.27 -11.13
C LYS B 190 50.77 -16.13 -11.53
N TYR B 191 50.39 -14.89 -11.83
CA TYR B 191 49.04 -14.61 -12.31
C TYR B 191 48.79 -15.31 -13.63
N GLY B 192 49.81 -15.35 -14.49
CA GLY B 192 49.67 -16.04 -15.77
C GLY B 192 49.39 -17.51 -15.58
N ASP B 193 50.22 -18.20 -14.79
CA ASP B 193 50.03 -19.64 -14.56
C ASP B 193 48.63 -19.99 -14.05
N ILE B 194 47.90 -19.01 -13.51
CA ILE B 194 46.56 -19.28 -13.01
C ILE B 194 45.51 -18.90 -14.05
N PHE B 195 45.52 -17.64 -14.47
CA PHE B 195 44.42 -17.09 -15.25
C PHE B 195 44.69 -17.05 -16.76
N LEU B 196 45.80 -17.60 -17.22
CA LEU B 196 46.10 -17.60 -18.65
C LEU B 196 45.08 -18.44 -19.40
N GLU B 197 44.75 -19.61 -18.86
CA GLU B 197 43.70 -20.43 -19.47
C GLU B 197 42.34 -19.74 -19.42
N PRO B 198 41.88 -19.21 -18.27
CA PRO B 198 40.58 -18.52 -18.29
C PRO B 198 40.49 -17.38 -19.28
N GLU B 199 41.56 -16.59 -19.43
CA GLU B 199 41.54 -15.46 -20.36
C GLU B 199 41.28 -15.94 -21.78
N PHE B 200 42.08 -16.92 -22.24
CA PHE B 200 41.91 -17.43 -23.59
C PHE B 200 40.55 -18.09 -23.78
N GLU B 201 40.12 -18.90 -22.81
CA GLU B 201 38.86 -19.62 -22.96
C GLU B 201 37.68 -18.67 -23.02
N ASN B 202 37.65 -17.68 -22.12
CA ASN B 202 36.58 -16.70 -22.13
C ASN B 202 36.62 -15.85 -23.39
N SER B 203 37.82 -15.51 -23.88
CA SER B 203 37.92 -14.77 -25.13
C SER B 203 37.29 -15.54 -26.28
N LYS B 204 37.66 -16.81 -26.42
CA LYS B 204 37.10 -17.62 -27.50
C LYS B 204 35.59 -17.79 -27.34
N TYR B 205 35.12 -17.95 -26.10
CA TYR B 205 33.67 -18.04 -25.88
C TYR B 205 32.97 -16.77 -26.31
N ALA B 206 33.48 -15.61 -25.86
CA ALA B 206 32.78 -14.35 -26.08
C ALA B 206 32.82 -13.93 -27.53
N PHE B 207 33.84 -14.36 -28.27
CA PHE B 207 34.01 -13.90 -29.64
C PHE B 207 33.56 -14.94 -30.67
N GLU B 208 34.03 -16.17 -30.57
CA GLU B 208 33.89 -17.13 -31.65
C GLU B 208 33.11 -18.40 -31.29
N ASP B 209 32.45 -18.45 -30.13
CA ASP B 209 31.72 -19.68 -29.80
C ASP B 209 30.34 -19.50 -29.16
N SER B 210 30.00 -18.32 -28.61
CA SER B 210 28.73 -18.18 -27.89
C SER B 210 27.54 -18.26 -28.84
N ASN B 211 26.39 -18.65 -28.29
CA ASN B 211 25.16 -18.86 -29.07
C ASN B 211 24.31 -17.59 -29.05
N GLU B 212 24.06 -17.03 -30.24
CA GLU B 212 23.44 -15.71 -30.34
C GLU B 212 22.00 -15.72 -29.85
N GLU B 213 21.16 -16.58 -30.44
CA GLU B 213 19.76 -16.67 -30.02
C GLU B 213 19.65 -17.00 -28.54
N LEU B 214 20.58 -17.79 -28.01
CA LEU B 214 20.60 -18.06 -26.58
C LEU B 214 20.73 -16.77 -25.80
N LEU B 215 21.68 -15.91 -26.19
CA LEU B 215 21.85 -14.64 -25.50
C LEU B 215 20.60 -13.79 -25.60
N LEU B 216 19.98 -13.74 -26.78
CA LEU B 216 18.77 -12.92 -26.94
C LEU B 216 17.65 -13.39 -26.02
N MET B 217 17.32 -14.68 -26.11
CA MET B 217 16.23 -15.23 -25.31
C MET B 217 16.53 -15.14 -23.82
N LEU B 218 17.79 -15.39 -23.44
CA LEU B 218 18.16 -15.31 -22.04
C LEU B 218 17.96 -13.90 -21.50
N PHE B 219 18.39 -12.88 -22.26
CA PHE B 219 18.20 -11.51 -21.80
C PHE B 219 16.71 -11.19 -21.65
N ASP B 220 15.92 -11.53 -22.67
CA ASP B 220 14.51 -11.16 -22.63
C ASP B 220 13.79 -11.85 -21.47
N GLU B 221 14.08 -13.13 -21.24
CA GLU B 221 13.46 -13.84 -20.13
C GLU B 221 13.93 -13.29 -18.79
N TYR B 222 15.22 -12.93 -18.69
CA TYR B 222 15.73 -12.32 -17.47
C TYR B 222 15.00 -11.03 -17.17
N GLU B 223 14.75 -10.22 -18.21
CA GLU B 223 14.04 -8.96 -18.01
C GLU B 223 12.60 -9.19 -17.58
N LYS B 224 11.93 -10.17 -18.19
CA LYS B 224 10.57 -10.52 -17.77
C LYS B 224 10.55 -10.89 -16.29
N GLU B 225 11.51 -11.73 -15.87
CA GLU B 225 11.56 -12.17 -14.48
C GLU B 225 11.88 -11.02 -13.54
N ALA B 226 12.81 -10.15 -13.92
CA ALA B 226 13.12 -8.99 -13.09
C ALA B 226 11.90 -8.11 -12.90
N LYS B 227 11.14 -7.90 -13.99
CA LYS B 227 9.90 -7.13 -13.88
C LYS B 227 8.91 -7.83 -12.96
N ARG B 228 8.81 -9.16 -13.04
CA ARG B 228 7.91 -9.89 -12.16
C ARG B 228 8.29 -9.72 -10.70
N GLN B 229 9.60 -9.74 -10.41
CA GLN B 229 10.06 -9.58 -9.03
C GLN B 229 9.81 -8.17 -8.55
N ILE B 230 9.98 -7.18 -9.43
CA ILE B 230 9.62 -5.81 -9.11
C ILE B 230 8.14 -5.70 -8.79
N LYS B 231 7.31 -6.38 -9.59
CA LYS B 231 5.87 -6.36 -9.34
C LYS B 231 5.55 -6.82 -7.93
N ASN B 232 6.08 -7.97 -7.52
CA ASN B 232 5.90 -8.35 -6.12
C ASN B 232 6.82 -7.61 -5.17
N GLY B 233 7.97 -7.11 -5.63
CA GLY B 233 8.87 -6.42 -4.73
C GLY B 233 9.99 -7.30 -4.20
N LEU B 234 10.70 -7.97 -5.09
CA LEU B 234 11.88 -8.76 -4.73
C LEU B 234 13.09 -8.06 -5.34
N VAL B 235 13.74 -7.22 -4.53
CA VAL B 235 14.75 -6.31 -5.05
C VAL B 235 15.99 -7.07 -5.50
N HIS B 236 16.61 -7.81 -4.59
CA HIS B 236 17.90 -8.45 -4.90
C HIS B 236 17.81 -9.50 -6.00
N PRO B 237 16.83 -10.41 -6.03
CA PRO B 237 16.75 -11.33 -7.19
C PRO B 237 16.57 -10.61 -8.51
N ALA B 238 15.75 -9.56 -8.53
CA ALA B 238 15.54 -8.80 -9.76
C ALA B 238 16.83 -8.09 -10.17
N TYR B 239 17.57 -7.57 -9.20
CA TYR B 239 18.84 -6.91 -9.49
C TYR B 239 19.85 -7.90 -10.04
N ASP B 240 19.88 -9.13 -9.51
CA ASP B 240 20.75 -10.16 -10.07
C ASP B 240 20.38 -10.45 -11.51
N TYR B 241 19.07 -10.54 -11.80
CA TYR B 241 18.65 -10.78 -13.17
C TYR B 241 19.01 -9.61 -14.08
N CYS B 242 18.98 -8.39 -13.55
CA CYS B 242 19.40 -7.22 -14.32
C CYS B 242 20.90 -7.25 -14.62
N LEU B 243 21.72 -7.66 -13.64
CA LEU B 243 23.15 -7.79 -13.88
C LEU B 243 23.43 -8.85 -14.93
N LYS B 244 22.70 -9.97 -14.88
CA LYS B 244 22.84 -11.01 -15.90
C LYS B 244 22.40 -10.49 -17.25
N CYS B 245 21.34 -9.68 -17.30
CA CYS B 245 20.92 -9.05 -18.55
C CYS B 245 22.02 -8.18 -19.13
N SER B 246 22.65 -7.35 -18.28
CA SER B 246 23.71 -6.48 -18.75
C SER B 246 24.89 -7.27 -19.28
N HIS B 247 25.28 -8.33 -18.55
CA HIS B 247 26.40 -9.16 -19.03
C HIS B 247 26.05 -9.85 -20.34
N THR B 248 24.80 -10.30 -20.49
CA THR B 248 24.37 -10.90 -21.74
C THR B 248 24.47 -9.89 -22.88
N PHE B 249 24.07 -8.65 -22.59
CA PHE B 249 24.20 -7.57 -23.57
C PHE B 249 25.66 -7.33 -23.93
N ASN B 250 26.55 -7.38 -22.94
CA ASN B 250 27.98 -7.21 -23.19
C ASN B 250 28.51 -8.31 -24.09
N LEU B 251 28.09 -9.56 -23.83
CA LEU B 251 28.48 -10.67 -24.68
C LEU B 251 27.93 -10.52 -26.09
N MET B 252 26.70 -10.00 -26.21
CA MET B 252 26.14 -9.77 -27.54
C MET B 252 26.97 -8.75 -28.31
N ASP B 253 27.35 -7.65 -27.64
CA ASP B 253 28.17 -6.65 -28.29
C ASP B 253 29.53 -7.23 -28.69
N ALA B 254 30.06 -8.13 -27.86
CA ALA B 254 31.33 -8.79 -28.19
C ALA B 254 31.18 -9.84 -29.28
N ARG B 255 30.02 -10.47 -29.37
CA ARG B 255 29.73 -11.40 -30.45
C ARG B 255 29.59 -10.66 -31.77
N GLY B 256 29.07 -9.44 -31.72
CA GLY B 256 28.75 -8.71 -32.94
C GLY B 256 27.28 -8.92 -33.24
N MET B 257 26.43 -8.74 -32.24
CA MET B 257 25.01 -8.97 -32.39
C MET B 257 24.15 -7.73 -32.23
N VAL B 258 24.61 -6.72 -31.51
CA VAL B 258 23.81 -5.55 -31.20
C VAL B 258 24.22 -4.46 -32.17
N SER B 259 23.28 -4.02 -32.99
CA SER B 259 23.57 -2.84 -33.78
C SER B 259 23.56 -1.61 -32.87
N VAL B 260 24.10 -0.51 -33.38
CA VAL B 260 24.14 0.71 -32.58
C VAL B 260 22.72 1.18 -32.28
N THR B 261 21.78 0.90 -33.18
CA THR B 261 20.38 1.29 -33.03
C THR B 261 19.73 0.68 -31.80
N GLU B 262 19.61 -0.65 -31.78
CA GLU B 262 19.01 -1.34 -30.64
C GLU B 262 19.89 -1.31 -29.40
N ARG B 263 21.15 -0.91 -29.51
CA ARG B 263 21.96 -0.72 -28.31
C ARG B 263 21.28 0.26 -27.37
N ALA B 264 20.78 1.38 -27.91
CA ALA B 264 20.05 2.34 -27.11
C ALA B 264 18.78 1.75 -26.52
N GLY B 265 18.07 0.92 -27.30
CA GLY B 265 16.85 0.31 -26.78
C GLY B 265 17.10 -0.66 -25.64
N TYR B 266 18.13 -1.50 -25.77
CA TYR B 266 18.52 -2.38 -24.68
C TYR B 266 18.92 -1.57 -23.46
N LEU B 267 19.65 -0.46 -23.69
CA LEU B 267 20.01 0.40 -22.57
C LEU B 267 18.77 0.99 -21.91
N ASP B 268 17.75 1.33 -22.71
CA ASP B 268 16.50 1.85 -22.15
C ASP B 268 15.83 0.81 -21.27
N ARG B 269 15.76 -0.42 -21.75
CA ARG B 269 15.14 -1.48 -20.95
C ARG B 269 15.90 -1.71 -19.65
N ILE B 270 17.23 -1.78 -19.72
CA ILE B 270 18.04 -1.99 -18.52
C ILE B 270 17.92 -0.80 -17.57
N ARG B 271 17.86 0.41 -18.13
CA ARG B 271 17.74 1.62 -17.32
C ARG B 271 16.42 1.63 -16.55
N ASN B 272 15.32 1.31 -17.23
CA ASN B 272 14.04 1.21 -16.54
C ASN B 272 14.07 0.11 -15.49
N MET B 273 14.73 -1.01 -15.80
CA MET B 273 14.88 -2.07 -14.80
C MET B 273 15.52 -1.53 -13.53
N ALA B 274 16.66 -0.84 -13.67
CA ALA B 274 17.38 -0.33 -12.51
C ALA B 274 16.56 0.74 -11.78
N LYS B 275 15.87 1.60 -12.53
CA LYS B 275 15.06 2.65 -11.93
C LYS B 275 13.93 2.08 -11.09
N SER B 276 13.21 1.09 -11.63
CA SER B 276 12.13 0.45 -10.89
C SER B 276 12.67 -0.28 -9.66
N ILE B 277 13.83 -0.93 -9.79
CA ILE B 277 14.44 -1.58 -8.63
C ILE B 277 14.74 -0.56 -7.55
N ALA B 278 15.30 0.59 -7.93
CA ALA B 278 15.56 1.65 -6.96
C ALA B 278 14.28 2.09 -6.28
N LYS B 279 13.20 2.23 -7.06
CA LYS B 279 11.91 2.59 -6.51
C LYS B 279 11.49 1.61 -5.42
N GLU B 280 11.49 0.32 -5.74
CA GLU B 280 11.01 -0.69 -4.80
C GLU B 280 11.91 -0.76 -3.56
N PHE B 281 13.22 -0.64 -3.78
CA PHE B 281 14.17 -0.75 -2.69
C PHE B 281 14.03 0.40 -1.69
N VAL B 282 13.97 1.64 -2.20
CA VAL B 282 13.82 2.78 -1.30
C VAL B 282 12.46 2.73 -0.60
N ALA B 283 11.42 2.31 -1.32
CA ALA B 283 10.10 2.21 -0.69
C ALA B 283 10.13 1.24 0.48
N GLN B 284 10.78 0.09 0.30
CA GLN B 284 10.79 -0.90 1.37
C GLN B 284 11.69 -0.47 2.52
N ARG B 285 12.82 0.17 2.22
CA ARG B 285 13.73 0.60 3.27
C ARG B 285 13.13 1.72 4.12
N GLU B 286 12.43 2.67 3.49
CA GLU B 286 11.69 3.66 4.28
C GLU B 286 10.47 3.04 4.94
N LYS B 287 9.96 1.95 4.38
CA LYS B 287 8.91 1.17 5.02
C LYS B 287 9.42 0.42 6.25
N ARG B 288 10.73 0.36 6.47
CA ARG B 288 11.29 -0.33 7.62
C ARG B 288 11.97 0.59 8.63
N GLY B 289 11.71 1.89 8.58
CA GLY B 289 12.23 2.79 9.59
C GLY B 289 13.72 3.05 9.57
N PHE B 290 14.45 2.59 8.54
CA PHE B 290 15.86 2.90 8.35
C PHE B 290 16.78 2.55 9.52
N PRO B 291 17.12 1.28 9.73
CA PRO B 291 17.95 0.91 10.89
C PRO B 291 19.29 1.63 10.95
N LEU B 292 19.90 1.90 9.79
CA LEU B 292 21.23 2.51 9.80
C LEU B 292 21.19 3.92 10.37
N LEU B 293 20.09 4.65 10.20
CA LEU B 293 19.96 5.94 10.86
C LEU B 293 19.96 5.77 12.38
N LYS B 294 19.22 4.78 12.89
CA LYS B 294 19.24 4.49 14.31
C LYS B 294 20.65 4.18 14.78
N HIS B 295 21.40 3.39 14.00
CA HIS B 295 22.75 3.03 14.41
C HIS B 295 23.70 4.21 14.34
N ALA B 296 23.51 5.12 13.38
CA ALA B 296 24.32 6.33 13.35
C ALA B 296 24.04 7.20 14.56
N GLN B 297 22.77 7.27 14.98
CA GLN B 297 22.45 7.99 16.20
C GLN B 297 23.09 7.33 17.42
N GLU B 298 23.11 5.99 17.44
CA GLU B 298 23.77 5.28 18.54
C GLU B 298 25.27 5.52 18.55
N GLU B 299 25.90 5.54 17.37
CA GLU B 299 27.35 5.67 17.30
C GLU B 299 27.81 7.09 17.60
N THR B 300 26.99 8.10 17.28
CA THR B 300 27.34 9.46 17.66
C THR B 300 27.21 9.65 19.17
N LYS B 301 26.35 8.86 19.82
CA LYS B 301 26.09 8.99 21.25
C LYS B 301 26.59 7.76 22.01
N MET C 3 -28.82 12.79 48.52
CA MET C 3 -29.37 13.85 47.68
C MET C 3 -30.34 13.31 46.64
N SER C 4 -31.23 14.18 46.18
CA SER C 4 -32.25 13.80 45.22
C SER C 4 -31.59 13.47 43.89
N LYS C 5 -32.30 12.71 43.06
CA LYS C 5 -31.71 12.29 41.80
C LYS C 5 -31.72 13.42 40.79
N LYS C 6 -30.53 13.76 40.30
CA LYS C 6 -30.40 14.61 39.14
C LYS C 6 -30.79 13.77 37.93
N LEU C 7 -31.29 14.43 36.88
CA LEU C 7 -31.83 13.68 35.77
C LEU C 7 -30.69 13.26 34.84
N SER C 8 -30.64 11.97 34.53
CA SER C 8 -29.64 11.51 33.59
C SER C 8 -30.05 11.93 32.18
N VAL C 9 -29.07 11.94 31.27
CA VAL C 9 -29.29 12.41 29.90
C VAL C 9 -30.52 11.76 29.30
N GLN C 10 -30.59 10.43 29.40
CA GLN C 10 -31.75 9.68 28.91
C GLN C 10 -33.05 10.19 29.52
N GLU C 11 -33.09 10.34 30.85
CA GLU C 11 -34.30 10.81 31.51
C GLU C 11 -34.65 12.23 31.10
N ILE C 12 -33.62 13.07 30.92
CA ILE C 12 -33.85 14.44 30.44
C ILE C 12 -34.55 14.43 29.09
N ILE C 13 -34.03 13.62 28.16
CA ILE C 13 -34.61 13.53 26.82
C ILE C 13 -36.03 13.01 26.89
N LEU C 14 -36.27 11.98 27.72
CA LEU C 14 -37.62 11.45 27.84
C LEU C 14 -38.59 12.52 28.34
N THR C 15 -38.18 13.30 29.35
CA THR C 15 -39.06 14.33 29.89
C THR C 15 -39.36 15.40 28.84
N LEU C 16 -38.34 15.84 28.11
CA LEU C 16 -38.58 16.85 27.07
C LEU C 16 -39.55 16.33 26.02
N GLN C 17 -39.32 15.11 25.55
CA GLN C 17 -40.18 14.55 24.51
C GLN C 17 -41.61 14.40 25.00
N LYS C 18 -41.78 13.93 26.24
CA LYS C 18 -43.12 13.75 26.79
C LYS C 18 -43.85 15.08 26.87
N PHE C 19 -43.18 16.11 27.38
CA PHE C 19 -43.82 17.42 27.52
C PHE C 19 -44.19 17.99 26.16
N TRP C 20 -43.26 17.94 25.20
CA TRP C 20 -43.54 18.59 23.92
C TRP C 20 -44.58 17.82 23.11
N SER C 21 -44.59 16.49 23.20
CA SER C 21 -45.69 15.73 22.63
C SER C 21 -47.01 16.15 23.26
N ASP C 22 -47.00 16.37 24.57
CA ASP C 22 -48.19 16.93 25.22
C ASP C 22 -48.49 18.35 24.76
N GLN C 23 -47.55 19.02 24.10
CA GLN C 23 -47.79 20.33 23.51
C GLN C 23 -48.08 20.26 22.00
N GLY C 24 -48.57 19.13 21.52
CA GLY C 24 -48.92 18.99 20.12
C GLY C 24 -47.74 18.86 19.18
N CYS C 25 -46.58 18.49 19.70
CA CYS C 25 -45.40 18.23 18.89
C CYS C 25 -45.37 16.77 18.47
N MET C 26 -44.60 16.50 17.41
CA MET C 26 -44.41 15.15 16.93
C MET C 26 -43.05 14.64 17.37
N LEU C 27 -43.00 13.39 17.83
CA LEU C 27 -41.74 12.83 18.33
C LEU C 27 -41.07 12.11 17.18
N MET C 28 -40.37 12.90 16.37
CA MET C 28 -39.57 12.41 15.26
C MET C 28 -38.17 12.01 15.73
N GLN C 29 -37.45 11.32 14.84
CA GLN C 29 -36.10 10.83 15.11
C GLN C 29 -35.06 11.65 14.37
N SER C 30 -33.84 11.58 14.88
CA SER C 30 -32.71 12.29 14.27
C SER C 30 -32.47 11.80 12.84
N TYR C 31 -32.23 12.74 11.94
CA TYR C 31 -32.01 12.39 10.54
C TYR C 31 -30.68 11.68 10.35
N ASP C 32 -30.69 10.64 9.52
CA ASP C 32 -29.52 9.76 9.37
C ASP C 32 -28.56 10.35 8.34
N THR C 33 -27.97 11.48 8.70
CA THR C 33 -26.96 12.11 7.87
C THR C 33 -26.07 12.97 8.74
N GLU C 34 -24.82 13.16 8.30
CA GLU C 34 -23.84 13.94 9.02
C GLU C 34 -24.09 15.43 8.74
N LYS C 35 -24.35 16.21 9.79
CA LYS C 35 -24.69 17.61 9.58
C LYS C 35 -23.89 18.60 10.42
N GLY C 36 -24.01 18.48 11.75
CA GLY C 36 -23.36 19.37 12.68
C GLY C 36 -24.31 20.30 13.43
N ALA C 37 -25.58 20.36 13.07
CA ALA C 37 -26.55 21.19 13.79
C ALA C 37 -27.96 20.72 13.48
N GLY C 38 -28.88 21.08 14.39
CA GLY C 38 -30.29 20.71 14.23
C GLY C 38 -31.09 21.51 13.25
N THR C 39 -30.58 22.66 12.78
CA THR C 39 -31.28 23.39 11.73
C THR C 39 -31.28 22.62 10.42
N MET C 40 -30.24 21.83 10.17
CA MET C 40 -30.05 21.17 8.89
C MET C 40 -30.85 19.89 8.75
N SER C 41 -31.57 19.49 9.79
CA SER C 41 -32.46 18.34 9.65
C SER C 41 -33.63 18.70 8.73
N PRO C 42 -34.08 17.77 7.89
CA PRO C 42 -35.25 18.05 7.05
C PRO C 42 -36.48 18.39 7.88
N TYR C 43 -36.53 17.91 9.13
CA TYR C 43 -37.62 18.25 10.03
C TYR C 43 -37.58 19.72 10.44
N THR C 44 -36.41 20.37 10.41
CA THR C 44 -36.34 21.80 10.68
C THR C 44 -36.39 22.61 9.39
N PHE C 45 -35.44 22.38 8.47
CA PHE C 45 -35.29 23.24 7.31
C PHE C 45 -36.45 23.09 6.34
N LEU C 46 -36.61 21.89 5.76
CA LEU C 46 -37.56 21.71 4.66
C LEU C 46 -38.98 21.96 5.13
N ARG C 47 -39.30 21.55 6.36
CA ARG C 47 -40.68 21.64 6.82
C ARG C 47 -41.10 23.04 7.22
N ALA C 48 -40.15 23.95 7.45
CA ALA C 48 -40.47 25.29 7.91
C ALA C 48 -40.95 26.21 6.80
N ILE C 49 -40.77 25.82 5.53
CA ILE C 49 -41.21 26.62 4.41
C ILE C 49 -42.51 26.05 3.87
N GLY C 50 -43.18 26.82 3.02
CA GLY C 50 -44.51 26.49 2.60
C GLY C 50 -45.50 26.85 3.67
N PRO C 51 -46.80 26.81 3.35
CA PRO C 51 -47.83 27.13 4.33
C PRO C 51 -48.22 25.96 5.22
N GLU C 52 -47.49 24.84 5.14
CA GLU C 52 -47.87 23.65 5.87
C GLU C 52 -47.39 23.75 7.31
N PRO C 53 -48.28 23.65 8.30
CA PRO C 53 -47.83 23.65 9.69
C PRO C 53 -47.02 22.40 9.99
N TRP C 54 -46.21 22.49 11.04
CA TRP C 54 -45.23 21.46 11.35
C TRP C 54 -44.85 21.60 12.82
N ASN C 55 -45.12 20.57 13.62
CA ASN C 55 -44.83 20.61 15.04
C ASN C 55 -44.07 19.34 15.41
N ALA C 56 -42.77 19.48 15.67
CA ALA C 56 -41.90 18.35 15.92
C ALA C 56 -41.03 18.60 17.14
N ALA C 57 -40.50 17.52 17.68
CA ALA C 57 -39.52 17.55 18.76
C ALA C 57 -38.66 16.31 18.60
N TYR C 58 -37.35 16.50 18.51
CA TYR C 58 -36.46 15.38 18.21
C TYR C 58 -35.07 15.67 18.76
N VAL C 59 -34.36 14.63 19.10
CA VAL C 59 -32.95 14.75 19.43
C VAL C 59 -32.18 14.68 18.13
N GLU C 60 -31.02 15.34 18.08
CA GLU C 60 -30.21 15.33 16.87
C GLU C 60 -28.75 15.44 17.24
N PRO C 61 -27.93 14.46 16.83
CA PRO C 61 -26.49 14.55 17.03
C PRO C 61 -25.88 15.59 16.11
N SER C 62 -25.07 16.48 16.70
CA SER C 62 -24.37 17.53 15.98
C SER C 62 -22.87 17.25 16.05
N ARG C 63 -22.27 16.94 14.91
CA ARG C 63 -20.83 16.74 14.78
C ARG C 63 -20.21 18.01 14.18
N ARG C 64 -19.41 18.71 14.98
CA ARG C 64 -18.70 19.90 14.51
C ARG C 64 -17.22 19.58 14.44
N PRO C 65 -16.66 19.28 13.27
CA PRO C 65 -15.25 18.86 13.21
C PRO C 65 -14.25 19.88 13.75
N ALA C 66 -14.46 21.18 13.48
CA ALA C 66 -13.46 22.16 13.86
C ALA C 66 -13.37 22.38 15.37
N ASP C 67 -14.46 22.14 16.10
CA ASP C 67 -14.47 22.35 17.54
C ASP C 67 -14.10 21.09 18.31
N GLY C 68 -13.67 20.05 17.61
CA GLY C 68 -13.26 18.82 18.27
C GLY C 68 -11.96 19.01 19.04
N ARG C 69 -11.87 18.35 20.19
CA ARG C 69 -10.76 18.58 21.11
C ARG C 69 -10.05 17.30 21.53
N TYR C 70 -10.16 16.23 20.74
CA TYR C 70 -9.50 14.95 21.01
C TYR C 70 -9.97 14.31 22.31
N GLY C 71 -11.09 14.77 22.85
CA GLY C 71 -11.59 14.22 24.10
C GLY C 71 -10.83 14.69 25.31
N GLU C 72 -10.14 15.83 25.21
CA GLU C 72 -9.46 16.40 26.38
C GLU C 72 -10.18 17.60 26.97
N ASN C 73 -10.62 18.55 26.14
CA ASN C 73 -11.40 19.69 26.65
C ASN C 73 -12.80 19.22 27.02
N PRO C 74 -13.17 19.20 28.31
CA PRO C 74 -14.46 18.58 28.69
C PRO C 74 -15.68 19.49 28.68
N ASN C 75 -15.80 20.40 27.71
CA ASN C 75 -17.11 20.94 27.36
C ASN C 75 -17.19 21.19 25.87
N ARG C 76 -16.04 21.17 25.20
CA ARG C 76 -15.93 21.38 23.76
C ARG C 76 -15.58 20.04 23.12
N LEU C 77 -16.48 19.55 22.27
CA LEU C 77 -16.38 18.19 21.74
C LEU C 77 -16.61 18.17 20.23
N TYR C 78 -16.08 17.11 19.60
CA TYR C 78 -16.35 16.87 18.19
C TYR C 78 -17.84 16.63 17.94
N GLN C 79 -18.51 15.92 18.85
CA GLN C 79 -19.93 15.69 18.69
C GLN C 79 -20.66 15.90 20.01
N HIS C 80 -21.68 16.76 19.97
CA HIS C 80 -22.62 16.94 21.06
C HIS C 80 -23.99 16.57 20.52
N HIS C 81 -24.99 16.53 21.39
CA HIS C 81 -26.34 16.20 20.96
C HIS C 81 -27.29 17.29 21.42
N GLN C 82 -28.10 17.80 20.50
CA GLN C 82 -29.08 18.83 20.82
C GLN C 82 -30.47 18.25 20.83
N PHE C 83 -31.38 18.95 21.51
CA PHE C 83 -32.81 18.64 21.47
C PHE C 83 -33.51 19.79 20.77
N GLN C 84 -34.03 19.52 19.57
CA GLN C 84 -34.69 20.49 18.72
C GLN C 84 -36.21 20.41 18.92
N VAL C 85 -36.82 21.55 19.22
CA VAL C 85 -38.28 21.69 19.17
C VAL C 85 -38.58 22.68 18.05
N VAL C 86 -39.48 22.30 17.14
CA VAL C 86 -39.74 23.10 15.95
C VAL C 86 -41.25 23.21 15.79
N MET C 87 -41.79 24.41 15.94
CA MET C 87 -43.24 24.59 15.88
C MET C 87 -43.58 25.69 14.87
N LYS C 88 -44.46 25.37 13.93
CA LYS C 88 -44.74 26.28 12.82
C LYS C 88 -46.21 26.22 12.42
N PRO C 89 -46.94 27.34 12.51
CA PRO C 89 -46.45 28.63 13.00
C PRO C 89 -46.26 28.62 14.51
N SER C 90 -45.46 29.55 15.01
CA SER C 90 -45.16 29.57 16.42
C SER C 90 -46.42 29.92 17.21
N PRO C 91 -46.75 29.16 18.26
CA PRO C 91 -47.88 29.52 19.11
C PRO C 91 -47.52 30.65 20.05
N GLU C 92 -48.52 31.47 20.36
CA GLU C 92 -48.30 32.69 21.14
C GLU C 92 -47.83 32.42 22.56
N ASN C 93 -47.93 31.18 23.04
CA ASN C 93 -47.46 30.80 24.38
C ASN C 93 -46.10 30.10 24.33
N VAL C 94 -45.30 30.33 23.29
CA VAL C 94 -44.09 29.53 23.11
C VAL C 94 -43.16 29.67 24.30
N GLN C 95 -43.04 30.88 24.85
CA GLN C 95 -42.24 31.06 26.05
C GLN C 95 -42.94 30.48 27.29
N ASP C 96 -44.27 30.51 27.31
CA ASP C 96 -44.98 29.81 28.38
C ASP C 96 -44.58 28.34 28.39
N LEU C 97 -44.57 27.75 27.19
CA LEU C 97 -44.19 26.35 27.06
C LEU C 97 -42.72 26.13 27.42
N TYR C 98 -41.84 27.07 27.07
CA TYR C 98 -40.43 26.93 27.46
C TYR C 98 -40.27 26.95 28.98
N LEU C 99 -40.97 27.86 29.66
CA LEU C 99 -40.91 27.89 31.12
C LEU C 99 -41.44 26.59 31.71
N GLN C 100 -42.57 26.11 31.18
CA GLN C 100 -43.12 24.83 31.64
C GLN C 100 -42.16 23.68 31.37
N SER C 101 -41.44 23.73 30.24
CA SER C 101 -40.48 22.68 29.92
C SER C 101 -39.34 22.64 30.92
N LEU C 102 -38.78 23.81 31.24
CA LEU C 102 -37.70 23.83 32.22
C LEU C 102 -38.19 23.37 33.59
N GLU C 103 -39.41 23.74 33.95
CA GLU C 103 -39.97 23.27 35.21
C GLU C 103 -40.19 21.76 35.18
N LYS C 104 -40.59 21.21 34.03
CA LYS C 104 -40.71 19.76 33.89
C LYS C 104 -39.35 19.06 33.98
N LEU C 105 -38.27 19.74 33.61
CA LEU C 105 -36.93 19.20 33.79
C LEU C 105 -36.42 19.34 35.23
N GLY C 106 -37.27 19.77 36.16
CA GLY C 106 -36.79 19.98 37.51
C GLY C 106 -36.08 21.30 37.72
N ILE C 107 -36.41 22.32 36.94
CA ILE C 107 -35.75 23.62 37.03
C ILE C 107 -36.80 24.61 37.53
N ASN C 108 -36.62 25.08 38.76
CA ASN C 108 -37.49 26.08 39.33
C ASN C 108 -37.02 27.47 38.93
N PRO C 109 -37.83 28.26 38.22
CA PRO C 109 -37.39 29.61 37.87
C PRO C 109 -37.06 30.46 39.10
N LEU C 110 -37.71 30.19 40.24
CA LEU C 110 -37.43 30.94 41.46
C LEU C 110 -36.05 30.63 42.04
N GLU C 111 -35.49 29.46 41.76
CA GLU C 111 -34.20 29.07 42.33
C GLU C 111 -33.05 29.30 41.38
N HIS C 112 -33.28 29.93 40.23
CA HIS C 112 -32.25 30.08 39.22
C HIS C 112 -32.42 31.41 38.51
N ASP C 113 -31.35 31.85 37.87
CA ASP C 113 -31.31 33.09 37.12
C ASP C 113 -31.29 32.73 35.64
N ILE C 114 -32.29 33.20 34.90
CA ILE C 114 -32.40 32.91 33.48
C ILE C 114 -32.47 34.22 32.73
N ARG C 115 -31.62 34.36 31.72
CA ARG C 115 -31.63 35.58 30.91
C ARG C 115 -31.72 35.22 29.43
N PHE C 116 -32.52 35.98 28.71
CA PHE C 116 -32.66 35.85 27.26
C PHE C 116 -31.83 36.96 26.63
N VAL C 117 -30.61 36.64 26.21
CA VAL C 117 -29.70 37.64 25.65
C VAL C 117 -29.80 37.52 24.14
N GLU C 118 -30.25 38.58 23.48
CA GLU C 118 -30.59 38.46 22.06
C GLU C 118 -29.39 38.05 21.23
N ASP C 119 -29.63 37.09 20.35
CA ASP C 119 -28.69 36.62 19.33
C ASP C 119 -29.49 36.52 18.04
N ASN C 120 -29.10 37.33 17.06
CA ASN C 120 -29.69 37.26 15.72
C ASN C 120 -29.09 36.04 15.05
N TRP C 121 -29.81 34.92 15.15
CA TRP C 121 -29.28 33.65 14.69
C TRP C 121 -29.01 33.69 13.19
N GLU C 122 -27.83 33.20 12.80
CA GLU C 122 -27.50 33.16 11.39
C GLU C 122 -26.80 31.86 11.05
N ASN C 123 -27.14 31.32 9.88
CA ASN C 123 -26.43 30.21 9.25
C ASN C 123 -26.26 30.67 7.80
N PRO C 124 -25.11 31.24 7.47
CA PRO C 124 -24.97 31.86 6.14
C PRO C 124 -24.86 30.85 5.02
N SER C 125 -24.22 29.71 5.27
CA SER C 125 -24.01 28.72 4.22
C SER C 125 -25.33 28.18 3.67
N MET C 126 -26.29 27.88 4.54
CA MET C 126 -27.58 27.38 4.12
C MET C 126 -28.58 28.48 3.82
N GLY C 127 -28.17 29.74 3.90
CA GLY C 127 -29.08 30.86 3.73
C GLY C 127 -30.12 30.98 4.82
N CYS C 128 -29.81 30.49 6.01
CA CYS C 128 -30.76 30.48 7.12
C CYS C 128 -30.56 31.72 7.99
N ALA C 129 -31.65 32.46 8.22
CA ALA C 129 -31.62 33.63 9.07
C ALA C 129 -32.72 33.54 10.11
N GLY C 130 -32.40 33.97 11.32
CA GLY C 130 -33.37 33.95 12.41
C GLY C 130 -32.95 34.91 13.49
N VAL C 131 -33.93 35.32 14.27
CA VAL C 131 -33.69 36.27 15.36
C VAL C 131 -34.28 35.69 16.62
N GLY C 132 -33.57 35.84 17.73
CA GLY C 132 -34.01 35.18 18.93
C GLY C 132 -33.00 35.41 20.02
N TRP C 133 -32.99 34.53 21.01
CA TRP C 133 -32.16 34.73 22.18
C TRP C 133 -31.22 33.55 22.33
N GLU C 134 -30.14 33.78 23.06
CA GLU C 134 -29.37 32.72 23.68
C GLU C 134 -29.86 32.71 25.12
N VAL C 135 -30.49 31.61 25.48
CA VAL C 135 -31.02 31.46 26.83
C VAL C 135 -29.90 30.99 27.73
N TRP C 136 -29.58 31.82 28.73
CA TRP C 136 -28.50 31.61 29.67
C TRP C 136 -29.09 31.18 31.02
N LEU C 137 -28.56 30.09 31.56
CA LEU C 137 -28.93 29.59 32.87
C LEU C 137 -27.72 29.69 33.79
N ASP C 138 -27.83 30.52 34.82
CA ASP C 138 -26.76 30.72 35.79
C ASP C 138 -25.43 31.07 35.11
N GLY C 139 -25.51 31.90 34.07
CA GLY C 139 -24.33 32.33 33.34
C GLY C 139 -23.85 31.41 32.24
N MET C 140 -24.43 30.21 32.09
CA MET C 140 -23.99 29.27 31.07
C MET C 140 -25.01 29.26 29.95
N GLU C 141 -24.55 29.45 28.72
CA GLU C 141 -25.46 29.36 27.59
C GLU C 141 -25.95 27.93 27.48
N ILE C 142 -27.25 27.74 27.65
CA ILE C 142 -27.83 26.40 27.56
C ILE C 142 -28.77 26.25 26.39
N SER C 143 -29.28 27.33 25.81
CA SER C 143 -30.20 27.13 24.70
C SER C 143 -30.08 28.24 23.67
N GLN C 144 -30.56 27.93 22.47
CA GLN C 144 -30.69 28.89 21.37
C GLN C 144 -32.14 28.86 20.91
N PHE C 145 -32.89 29.91 21.23
CA PHE C 145 -34.34 29.93 21.05
C PHE C 145 -34.69 31.07 20.11
N THR C 146 -35.14 30.75 18.90
CA THR C 146 -35.13 31.70 17.79
C THR C 146 -36.34 31.54 16.89
N TYR C 147 -36.93 32.67 16.48
CA TYR C 147 -37.93 32.67 15.43
C TYR C 147 -37.24 32.79 14.07
N PHE C 148 -37.61 31.90 13.14
CA PHE C 148 -37.03 31.90 11.81
C PHE C 148 -37.59 33.04 10.96
N GLN C 149 -36.72 33.63 10.15
CA GLN C 149 -37.11 34.70 9.24
C GLN C 149 -36.81 34.37 7.80
N GLN C 150 -35.69 33.69 7.54
CA GLN C 150 -35.24 33.43 6.18
C GLN C 150 -34.57 32.07 6.16
N VAL C 151 -35.30 31.05 5.70
CA VAL C 151 -34.82 29.68 5.65
C VAL C 151 -34.54 29.32 4.20
N GLY C 152 -33.29 28.96 3.92
CA GLY C 152 -32.87 28.67 2.56
C GLY C 152 -33.02 29.82 1.60
N GLY C 153 -32.85 31.05 2.08
CA GLY C 153 -32.95 32.22 1.23
C GLY C 153 -34.36 32.61 0.84
N LEU C 154 -35.38 31.83 1.20
CA LEU C 154 -36.74 32.05 0.76
C LEU C 154 -37.57 32.65 1.88
N GLU C 155 -38.56 33.45 1.48
CA GLU C 155 -39.43 34.08 2.46
C GLU C 155 -40.22 33.03 3.23
N VAL C 156 -40.13 33.09 4.55
CA VAL C 156 -40.73 32.08 5.42
C VAL C 156 -42.12 32.56 5.80
N ASP C 157 -43.13 31.81 5.39
CA ASP C 157 -44.52 32.19 5.64
C ASP C 157 -45.38 30.95 5.87
N PRO C 158 -45.84 30.71 7.10
CA PRO C 158 -45.64 31.47 8.34
C PRO C 158 -44.30 31.22 9.02
N VAL C 159 -44.08 31.93 10.11
CA VAL C 159 -42.82 31.88 10.85
C VAL C 159 -42.77 30.67 11.78
N THR C 160 -41.59 30.06 11.85
CA THR C 160 -41.32 28.84 12.60
C THR C 160 -40.50 29.17 13.83
N SER C 161 -40.92 28.67 14.99
CA SER C 161 -40.11 28.79 16.20
C SER C 161 -39.19 27.58 16.32
N GLU C 162 -38.00 27.85 16.85
CA GLU C 162 -36.95 26.89 17.10
C GLU C 162 -36.52 26.98 18.55
N ILE C 163 -36.37 25.83 19.19
CA ILE C 163 -35.75 25.71 20.49
C ILE C 163 -34.63 24.69 20.36
N THR C 164 -33.40 25.12 20.66
CA THR C 164 -32.25 24.23 20.66
C THR C 164 -31.77 24.10 22.10
N TYR C 165 -32.01 22.94 22.70
CA TYR C 165 -31.44 22.61 24.00
C TYR C 165 -30.10 21.94 23.79
N GLY C 166 -29.08 22.43 24.51
CA GLY C 166 -27.81 21.74 24.52
C GLY C 166 -27.80 20.64 25.55
N LEU C 167 -28.01 19.39 25.11
CA LEU C 167 -28.16 18.30 26.08
C LEU C 167 -26.89 18.11 26.89
N GLU C 168 -25.73 18.32 26.28
CA GLU C 168 -24.47 18.13 27.00
C GLU C 168 -24.28 19.17 28.08
N ARG C 169 -24.42 20.46 27.75
CA ARG C 169 -24.25 21.50 28.76
C ARG C 169 -25.38 21.46 29.79
N LEU C 170 -26.61 21.22 29.34
CA LEU C 170 -27.72 21.11 30.28
C LEU C 170 -27.49 19.97 31.25
N SER C 171 -27.03 18.83 30.74
CA SER C 171 -26.73 17.68 31.58
C SER C 171 -25.58 18.00 32.53
N SER C 172 -24.56 18.71 32.04
CA SER C 172 -23.43 19.05 32.90
C SER C 172 -23.86 19.95 34.06
N TYR C 173 -24.80 20.86 33.80
CA TYR C 173 -25.32 21.67 34.90
C TYR C 173 -26.17 20.84 35.85
N ILE C 174 -27.18 20.15 35.31
CA ILE C 174 -28.15 19.43 36.15
C ILE C 174 -27.48 18.29 36.90
N GLN C 175 -26.57 17.56 36.24
CA GLN C 175 -25.87 16.49 36.93
C GLN C 175 -24.70 16.99 37.76
N ASP C 176 -24.39 18.28 37.68
CA ASP C 176 -23.40 18.92 38.54
C ASP C 176 -22.06 18.20 38.46
N VAL C 177 -21.70 17.79 37.26
CA VAL C 177 -20.41 17.18 37.00
C VAL C 177 -19.55 18.23 36.31
N ASN C 178 -18.25 18.13 36.50
CA ASN C 178 -17.35 19.11 35.91
C ASN C 178 -16.81 18.68 34.56
N SER C 179 -17.13 17.47 34.11
CA SER C 179 -16.69 16.98 32.81
C SER C 179 -17.82 16.26 32.12
N VAL C 180 -17.90 16.40 30.79
CA VAL C 180 -18.89 15.66 30.03
C VAL C 180 -18.59 14.16 30.08
N PHE C 181 -17.36 13.79 30.41
CA PHE C 181 -16.98 12.39 30.56
C PHE C 181 -17.37 11.81 31.91
N ASP C 182 -17.88 12.64 32.82
CA ASP C 182 -18.46 12.19 34.08
C ASP C 182 -19.97 12.09 34.02
N LEU C 183 -20.56 12.18 32.83
CA LEU C 183 -22.01 12.22 32.69
C LEU C 183 -22.61 10.82 32.72
N GLU C 184 -23.63 10.63 33.55
CA GLU C 184 -24.43 9.42 33.54
C GLU C 184 -25.55 9.57 32.53
N TRP C 185 -25.47 8.84 31.41
CA TRP C 185 -26.48 8.97 30.37
C TRP C 185 -27.82 8.39 30.79
N GLY C 186 -27.85 7.10 31.11
CA GLY C 186 -29.09 6.47 31.52
C GLY C 186 -28.90 5.10 32.12
N ASP C 187 -29.57 4.84 33.25
CA ASP C 187 -29.44 3.58 33.98
C ASP C 187 -27.99 3.30 34.39
N GLY C 188 -27.28 4.35 34.81
CA GLY C 188 -25.97 4.19 35.41
C GLY C 188 -24.77 4.09 34.49
N VAL C 189 -24.91 4.39 33.20
CA VAL C 189 -23.81 4.29 32.25
C VAL C 189 -23.21 5.67 32.02
N LYS C 190 -21.89 5.78 32.12
CA LYS C 190 -21.20 7.07 32.01
C LYS C 190 -20.90 7.44 30.56
N TYR C 191 -21.00 8.74 30.27
CA TYR C 191 -20.81 9.25 28.91
C TYR C 191 -19.41 8.96 28.36
N GLY C 192 -18.38 9.10 29.22
CA GLY C 192 -17.03 8.89 28.76
C GLY C 192 -16.80 7.47 28.26
N ASP C 193 -17.20 6.48 29.06
CA ASP C 193 -17.00 5.08 28.70
C ASP C 193 -17.59 4.72 27.34
N ILE C 194 -18.49 5.54 26.81
CA ILE C 194 -19.09 5.32 25.50
C ILE C 194 -18.39 6.16 24.44
N PHE C 195 -18.31 7.48 24.65
CA PHE C 195 -17.92 8.41 23.61
C PHE C 195 -16.43 8.77 23.62
N LEU C 196 -15.64 8.15 24.50
CA LEU C 196 -14.22 8.49 24.58
C LEU C 196 -13.48 8.08 23.33
N GLU C 197 -13.71 6.85 22.84
CA GLU C 197 -13.06 6.41 21.61
C GLU C 197 -13.55 7.21 20.41
N PRO C 198 -14.86 7.41 20.19
CA PRO C 198 -15.27 8.24 19.06
C PRO C 198 -14.66 9.63 19.10
N GLU C 199 -14.57 10.25 20.27
CA GLU C 199 -14.05 11.61 20.35
C GLU C 199 -12.61 11.69 19.85
N PHE C 200 -11.73 10.85 20.40
CA PHE C 200 -10.33 10.87 19.98
C PHE C 200 -10.19 10.50 18.50
N GLU C 201 -10.91 9.47 18.06
CA GLU C 201 -10.77 9.01 16.68
C GLU C 201 -11.24 10.06 15.69
N ASN C 202 -12.41 10.65 15.94
CA ASN C 202 -12.93 11.68 15.04
C ASN C 202 -12.03 12.91 15.05
N SER C 203 -11.50 13.27 16.21
CA SER C 203 -10.58 14.41 16.27
C SER C 203 -9.34 14.15 15.43
N LYS C 204 -8.72 12.99 15.59
CA LYS C 204 -7.51 12.71 14.83
C LYS C 204 -7.79 12.67 13.34
N TYR C 205 -8.94 12.09 12.94
CA TYR C 205 -9.30 12.08 11.53
C TYR C 205 -9.50 13.48 10.99
N ALA C 206 -10.28 14.30 11.71
CA ALA C 206 -10.64 15.62 11.20
C ALA C 206 -9.45 16.56 11.20
N PHE C 207 -8.46 16.34 12.07
CA PHE C 207 -7.38 17.29 12.24
C PHE C 207 -6.09 16.88 11.55
N GLU C 208 -5.57 15.68 11.86
CA GLU C 208 -4.19 15.37 11.53
C GLU C 208 -4.04 14.14 10.63
N ASP C 209 -5.13 13.62 10.06
CA ASP C 209 -5.02 12.40 9.26
C ASP C 209 -5.81 12.41 7.96
N SER C 210 -6.81 13.28 7.77
CA SER C 210 -7.67 13.16 6.59
C SER C 210 -6.90 13.43 5.31
N ASN C 211 -7.37 12.79 4.23
CA ASN C 211 -6.72 12.86 2.92
C ASN C 211 -7.41 13.93 2.08
N GLU C 212 -6.65 14.95 1.69
CA GLU C 212 -7.20 16.17 1.13
C GLU C 212 -7.87 15.93 -0.23
N GLU C 213 -7.13 15.32 -1.18
CA GLU C 213 -7.68 15.09 -2.51
C GLU C 213 -8.97 14.29 -2.48
N LEU C 214 -9.10 13.36 -1.52
CA LEU C 214 -10.35 12.62 -1.38
C LEU C 214 -11.50 13.55 -1.06
N LEU C 215 -11.31 14.47 -0.11
CA LEU C 215 -12.35 15.41 0.24
C LEU C 215 -12.71 16.32 -0.94
N LEU C 216 -11.70 16.77 -1.70
CA LEU C 216 -11.98 17.61 -2.86
C LEU C 216 -12.86 16.89 -3.87
N MET C 217 -12.44 15.69 -4.28
CA MET C 217 -13.22 14.96 -5.27
C MET C 217 -14.61 14.63 -4.74
N LEU C 218 -14.71 14.28 -3.47
CA LEU C 218 -16.02 13.96 -2.89
C LEU C 218 -16.94 15.17 -2.90
N PHE C 219 -16.41 16.35 -2.54
CA PHE C 219 -17.24 17.56 -2.56
C PHE C 219 -17.77 17.85 -3.96
N ASP C 220 -16.87 17.79 -4.96
CA ASP C 220 -17.33 18.08 -6.31
C ASP C 220 -18.37 17.07 -6.78
N GLU C 221 -18.14 15.78 -6.51
CA GLU C 221 -19.09 14.78 -6.96
C GLU C 221 -20.44 14.94 -6.26
N TYR C 222 -20.45 15.22 -4.95
CA TYR C 222 -21.71 15.42 -4.26
C TYR C 222 -22.47 16.62 -4.82
N GLU C 223 -21.78 17.75 -5.07
CA GLU C 223 -22.51 18.89 -5.60
C GLU C 223 -23.04 18.62 -7.01
N LYS C 224 -22.23 17.99 -7.86
CA LYS C 224 -22.68 17.64 -9.20
C LYS C 224 -23.91 16.75 -9.15
N GLU C 225 -23.91 15.77 -8.24
CA GLU C 225 -25.06 14.89 -8.12
C GLU C 225 -26.28 15.66 -7.65
N ALA C 226 -26.09 16.57 -6.69
CA ALA C 226 -27.19 17.40 -6.23
C ALA C 226 -27.75 18.24 -7.37
N LYS C 227 -26.88 18.79 -8.21
CA LYS C 227 -27.32 19.58 -9.35
C LYS C 227 -28.18 18.76 -10.30
N ARG C 228 -27.73 17.53 -10.61
CA ARG C 228 -28.49 16.68 -11.53
C ARG C 228 -29.82 16.27 -10.93
N GLN C 229 -29.84 15.99 -9.61
CA GLN C 229 -31.08 15.57 -8.97
C GLN C 229 -32.09 16.71 -8.87
N ILE C 230 -31.62 17.93 -8.59
CA ILE C 230 -32.50 19.10 -8.67
C ILE C 230 -33.01 19.27 -10.09
N LYS C 231 -32.15 19.01 -11.08
CA LYS C 231 -32.58 19.08 -12.47
C LYS C 231 -33.84 18.25 -12.67
N ASN C 232 -33.84 17.01 -12.15
CA ASN C 232 -35.09 16.27 -12.21
C ASN C 232 -36.12 16.80 -11.21
N GLY C 233 -35.66 17.42 -10.12
CA GLY C 233 -36.59 17.85 -9.10
C GLY C 233 -36.70 16.79 -8.02
N LEU C 234 -35.56 16.38 -7.47
CA LEU C 234 -35.48 15.39 -6.40
C LEU C 234 -35.02 16.10 -5.13
N VAL C 235 -35.98 16.50 -4.29
CA VAL C 235 -35.70 17.41 -3.19
C VAL C 235 -34.84 16.73 -2.13
N HIS C 236 -35.35 15.65 -1.53
CA HIS C 236 -34.65 15.04 -0.41
C HIS C 236 -33.28 14.48 -0.77
N PRO C 237 -33.09 13.75 -1.89
CA PRO C 237 -31.72 13.35 -2.24
C PRO C 237 -30.79 14.53 -2.39
N ALA C 238 -31.26 15.62 -2.99
CA ALA C 238 -30.44 16.81 -3.17
C ALA C 238 -30.10 17.45 -1.83
N TYR C 239 -31.06 17.50 -0.90
CA TYR C 239 -30.76 18.07 0.40
C TYR C 239 -29.76 17.21 1.17
N ASP C 240 -29.88 15.89 1.07
CA ASP C 240 -28.90 15.02 1.71
C ASP C 240 -27.51 15.26 1.15
N TYR C 241 -27.39 15.36 -0.18
CA TYR C 241 -26.09 15.62 -0.78
C TYR C 241 -25.58 17.01 -0.42
N CYS C 242 -26.47 17.98 -0.25
CA CYS C 242 -26.06 19.32 0.19
C CYS C 242 -25.50 19.27 1.61
N LEU C 243 -26.14 18.50 2.49
CA LEU C 243 -25.60 18.32 3.84
C LEU C 243 -24.24 17.64 3.78
N LYS C 244 -24.09 16.68 2.87
CA LYS C 244 -22.80 16.01 2.70
C LYS C 244 -21.73 16.98 2.23
N CYS C 245 -22.08 17.87 1.29
CA CYS C 245 -21.15 18.91 0.85
C CYS C 245 -20.77 19.82 2.02
N SER C 246 -21.75 20.22 2.83
CA SER C 246 -21.46 21.11 3.95
C SER C 246 -20.51 20.45 4.94
N HIS C 247 -20.78 19.19 5.30
CA HIS C 247 -19.91 18.49 6.24
C HIS C 247 -18.53 18.27 5.63
N THR C 248 -18.45 18.00 4.32
CA THR C 248 -17.15 17.85 3.69
C THR C 248 -16.34 19.14 3.78
N PHE C 249 -16.99 20.30 3.56
CA PHE C 249 -16.28 21.56 3.72
C PHE C 249 -15.82 21.74 5.15
N ASN C 250 -16.67 21.36 6.12
CA ASN C 250 -16.27 21.47 7.52
C ASN C 250 -15.04 20.62 7.79
N LEU C 251 -15.00 19.41 7.22
CA LEU C 251 -13.83 18.55 7.36
C LEU C 251 -12.61 19.19 6.74
N MET C 252 -12.78 19.87 5.60
CA MET C 252 -11.65 20.56 4.97
C MET C 252 -11.14 21.68 5.87
N ASP C 253 -12.06 22.48 6.42
CA ASP C 253 -11.70 23.59 7.31
C ASP C 253 -11.01 23.09 8.57
N ALA C 254 -11.45 21.94 9.09
CA ALA C 254 -10.80 21.37 10.27
C ALA C 254 -9.45 20.75 9.90
N ARG C 255 -9.29 20.31 8.66
CA ARG C 255 -7.97 19.85 8.20
C ARG C 255 -7.00 21.03 8.10
N GLY C 256 -7.50 22.20 7.74
CA GLY C 256 -6.62 23.33 7.50
C GLY C 256 -6.31 23.49 6.03
N MET C 257 -7.35 23.46 5.20
CA MET C 257 -7.22 23.52 3.76
C MET C 257 -7.85 24.76 3.14
N VAL C 258 -8.77 25.41 3.85
CA VAL C 258 -9.60 26.47 3.30
C VAL C 258 -9.12 27.83 3.81
N SER C 259 -8.73 28.70 2.90
CA SER C 259 -8.55 30.12 3.22
C SER C 259 -9.91 30.80 3.32
N VAL C 260 -9.93 32.04 3.83
CA VAL C 260 -11.21 32.74 4.01
C VAL C 260 -11.89 33.00 2.67
N THR C 261 -11.10 33.25 1.61
CA THR C 261 -11.65 33.47 0.29
C THR C 261 -12.41 32.24 -0.21
N GLU C 262 -11.70 31.13 -0.34
CA GLU C 262 -12.33 29.91 -0.80
C GLU C 262 -13.34 29.38 0.21
N ARG C 263 -13.24 29.79 1.48
CA ARG C 263 -14.31 29.51 2.44
C ARG C 263 -15.59 30.21 2.00
N ALA C 264 -15.48 31.49 1.64
CA ALA C 264 -16.64 32.23 1.16
C ALA C 264 -17.19 31.60 -0.11
N GLY C 265 -16.30 31.15 -0.99
CA GLY C 265 -16.76 30.50 -2.22
C GLY C 265 -17.52 29.22 -1.95
N TYR C 266 -17.00 28.39 -1.04
CA TYR C 266 -17.67 27.15 -0.65
C TYR C 266 -19.06 27.44 -0.07
N LEU C 267 -19.13 28.40 0.85
CA LEU C 267 -20.41 28.71 1.48
C LEU C 267 -21.40 29.30 0.47
N ASP C 268 -20.91 30.12 -0.47
CA ASP C 268 -21.79 30.66 -1.50
C ASP C 268 -22.35 29.56 -2.39
N ARG C 269 -21.52 28.59 -2.79
CA ARG C 269 -22.03 27.47 -3.58
C ARG C 269 -23.07 26.69 -2.80
N ILE C 270 -22.80 26.42 -1.53
CA ILE C 270 -23.77 25.69 -0.71
C ILE C 270 -25.04 26.49 -0.53
N ARG C 271 -24.94 27.82 -0.45
CA ARG C 271 -26.12 28.67 -0.38
C ARG C 271 -26.95 28.55 -1.64
N ASN C 272 -26.29 28.52 -2.80
CA ASN C 272 -27.02 28.31 -4.04
C ASN C 272 -27.74 26.96 -4.02
N MET C 273 -27.05 25.93 -3.51
CA MET C 273 -27.67 24.63 -3.36
C MET C 273 -28.95 24.72 -2.53
N ALA C 274 -28.84 25.37 -1.36
CA ALA C 274 -29.98 25.47 -0.45
C ALA C 274 -31.11 26.30 -1.06
N LYS C 275 -30.77 27.38 -1.78
CA LYS C 275 -31.80 28.21 -2.40
C LYS C 275 -32.55 27.44 -3.47
N SER C 276 -31.83 26.72 -4.34
CA SER C 276 -32.49 25.94 -5.38
C SER C 276 -33.31 24.80 -4.79
N ILE C 277 -32.79 24.15 -3.74
CA ILE C 277 -33.53 23.09 -3.07
C ILE C 277 -34.83 23.63 -2.50
N ALA C 278 -34.75 24.78 -1.84
CA ALA C 278 -35.96 25.40 -1.28
C ALA C 278 -36.96 25.75 -2.38
N LYS C 279 -36.47 26.30 -3.49
CA LYS C 279 -37.37 26.63 -4.60
C LYS C 279 -38.13 25.39 -5.08
N GLU C 280 -37.41 24.32 -5.41
CA GLU C 280 -38.09 23.12 -5.92
C GLU C 280 -38.96 22.49 -4.85
N PHE C 281 -38.57 22.55 -3.58
CA PHE C 281 -39.37 21.97 -2.51
C PHE C 281 -40.72 22.66 -2.43
N VAL C 282 -40.73 24.00 -2.42
CA VAL C 282 -42.00 24.71 -2.37
C VAL C 282 -42.80 24.43 -3.64
N ALA C 283 -42.12 24.32 -4.78
CA ALA C 283 -42.83 24.02 -6.03
C ALA C 283 -43.55 22.67 -5.96
N GLN C 284 -42.88 21.64 -5.45
CA GLN C 284 -43.52 20.33 -5.42
C GLN C 284 -44.57 20.23 -4.32
N ARG C 285 -44.35 20.90 -3.18
CA ARG C 285 -45.39 20.88 -2.15
C ARG C 285 -46.64 21.59 -2.66
N GLU C 286 -46.46 22.66 -3.43
CA GLU C 286 -47.57 23.29 -4.12
C GLU C 286 -48.13 22.41 -5.24
N LYS C 287 -47.31 21.52 -5.79
CA LYS C 287 -47.79 20.51 -6.73
C LYS C 287 -48.66 19.45 -6.08
N ARG C 288 -48.63 19.32 -4.75
CA ARG C 288 -49.39 18.25 -4.10
C ARG C 288 -50.52 18.74 -3.19
N GLY C 289 -50.95 19.99 -3.33
CA GLY C 289 -52.09 20.44 -2.55
C GLY C 289 -51.86 20.57 -1.07
N PHE C 290 -50.60 20.49 -0.62
CA PHE C 290 -50.21 20.70 0.77
C PHE C 290 -50.91 19.70 1.69
N PRO C 291 -50.50 18.44 1.69
CA PRO C 291 -51.20 17.43 2.51
C PRO C 291 -51.19 17.76 4.00
N LEU C 292 -50.08 18.31 4.51
CA LEU C 292 -50.01 18.63 5.92
C LEU C 292 -50.98 19.75 6.27
N LEU C 293 -51.15 20.70 5.35
CA LEU C 293 -52.13 21.76 5.53
C LEU C 293 -53.55 21.18 5.57
N LYS C 294 -53.86 20.24 4.66
CA LYS C 294 -55.16 19.58 4.68
C LYS C 294 -55.41 18.91 6.02
N HIS C 295 -54.40 18.21 6.53
CA HIS C 295 -54.60 17.47 7.76
C HIS C 295 -54.71 18.41 8.96
N ALA C 296 -54.01 19.54 8.93
CA ALA C 296 -54.20 20.55 9.96
C ALA C 296 -55.58 21.16 9.87
N GLN C 297 -56.12 21.29 8.66
CA GLN C 297 -57.48 21.77 8.47
C GLN C 297 -58.50 20.87 9.15
N GLU C 298 -58.29 19.56 9.06
CA GLU C 298 -59.23 18.63 9.69
C GLU C 298 -59.30 18.81 11.20
N GLU C 299 -58.17 19.09 11.84
CA GLU C 299 -58.07 19.05 13.30
C GLU C 299 -58.71 20.22 14.05
N THR C 300 -58.80 21.42 13.47
CA THR C 300 -59.24 22.56 14.28
C THR C 300 -60.71 22.45 14.72
N LYS C 301 -61.57 21.81 13.92
CA LYS C 301 -62.96 21.67 14.34
C LYS C 301 -63.35 20.19 14.49
N MET D 3 -65.58 3.79 23.06
CA MET D 3 -64.56 2.86 22.58
C MET D 3 -63.15 3.40 22.90
N SER D 4 -62.19 2.49 23.03
CA SER D 4 -60.83 2.87 23.39
C SER D 4 -60.10 3.53 22.22
N LYS D 5 -59.09 4.34 22.57
CA LYS D 5 -58.25 4.98 21.57
C LYS D 5 -57.13 4.04 21.13
N LYS D 6 -56.98 3.88 19.83
CA LYS D 6 -55.84 3.14 19.27
C LYS D 6 -54.54 3.91 19.40
N LEU D 7 -53.43 3.17 19.43
CA LEU D 7 -52.12 3.74 19.70
C LEU D 7 -51.48 4.28 18.43
N SER D 8 -51.03 5.54 18.49
CA SER D 8 -50.25 6.15 17.42
C SER D 8 -48.79 5.72 17.50
N VAL D 9 -48.06 5.92 16.39
CA VAL D 9 -46.65 5.57 16.32
C VAL D 9 -45.86 6.19 17.48
N GLN D 10 -46.12 7.48 17.72
CA GLN D 10 -45.49 8.20 18.83
C GLN D 10 -45.66 7.45 20.15
N GLU D 11 -46.90 7.11 20.48
CA GLU D 11 -47.20 6.44 21.74
C GLU D 11 -46.62 5.03 21.76
N ILE D 12 -46.63 4.35 20.63
CA ILE D 12 -46.01 3.02 20.55
C ILE D 12 -44.55 3.09 20.96
N ILE D 13 -43.82 4.04 20.36
CA ILE D 13 -42.40 4.19 20.67
C ILE D 13 -42.22 4.57 22.13
N LEU D 14 -43.07 5.47 22.64
CA LEU D 14 -42.95 5.87 24.04
C LEU D 14 -43.12 4.69 24.97
N THR D 15 -44.10 3.83 24.70
CA THR D 15 -44.31 2.67 25.56
C THR D 15 -43.11 1.74 25.50
N LEU D 16 -42.60 1.46 24.30
CA LEU D 16 -41.44 0.58 24.17
C LEU D 16 -40.24 1.14 24.93
N GLN D 17 -39.93 2.42 24.70
CA GLN D 17 -38.74 3.02 25.33
C GLN D 17 -38.89 3.07 26.84
N LYS D 18 -40.06 3.47 27.36
CA LYS D 18 -40.23 3.49 28.81
C LYS D 18 -40.09 2.08 29.37
N PHE D 19 -40.69 1.09 28.73
CA PHE D 19 -40.62 -0.27 29.24
C PHE D 19 -39.17 -0.72 29.32
N TRP D 20 -38.40 -0.49 28.26
CA TRP D 20 -37.02 -0.97 28.26
C TRP D 20 -36.14 -0.14 29.20
N SER D 21 -36.41 1.16 29.35
CA SER D 21 -35.72 1.95 30.37
C SER D 21 -35.98 1.40 31.76
N ASP D 22 -37.23 1.00 32.04
CA ASP D 22 -37.54 0.33 33.29
C ASP D 22 -36.88 -1.04 33.38
N GLN D 23 -36.41 -1.60 32.26
CA GLN D 23 -35.65 -2.85 32.23
C GLN D 23 -34.15 -2.61 32.13
N GLY D 24 -33.67 -1.43 32.53
CA GLY D 24 -32.23 -1.18 32.50
C GLY D 24 -31.63 -0.94 31.14
N CYS D 25 -32.42 -0.54 30.16
CA CYS D 25 -31.90 -0.24 28.83
C CYS D 25 -31.46 1.22 28.72
N MET D 26 -30.57 1.48 27.77
CA MET D 26 -30.10 2.83 27.50
C MET D 26 -30.83 3.35 26.26
N LEU D 27 -31.30 4.60 26.34
CA LEU D 27 -32.07 5.19 25.26
C LEU D 27 -31.13 6.03 24.40
N MET D 28 -30.46 5.36 23.47
CA MET D 28 -29.61 6.04 22.51
C MET D 28 -30.44 6.55 21.34
N GLN D 29 -29.81 7.40 20.54
CA GLN D 29 -30.49 7.98 19.40
C GLN D 29 -30.01 7.30 18.12
N SER D 30 -30.85 7.38 17.09
CA SER D 30 -30.51 6.77 15.81
C SER D 30 -29.25 7.38 15.24
N TYR D 31 -28.38 6.52 14.71
CA TYR D 31 -27.10 6.96 14.18
C TYR D 31 -27.31 7.74 12.89
N ASP D 32 -26.58 8.84 12.73
CA ASP D 32 -26.81 9.78 11.64
C ASP D 32 -26.00 9.40 10.39
N THR D 33 -26.36 8.26 9.81
CA THR D 33 -25.78 7.79 8.56
C THR D 33 -26.75 6.86 7.87
N GLU D 34 -26.63 6.76 6.54
CA GLU D 34 -27.47 5.88 5.74
C GLU D 34 -26.98 4.43 5.84
N LYS D 35 -27.90 3.52 6.14
CA LYS D 35 -27.60 2.11 6.37
C LYS D 35 -28.61 1.20 5.68
N GLY D 36 -28.77 -0.02 6.19
CA GLY D 36 -29.72 -0.96 5.64
C GLY D 36 -30.48 -1.75 6.69
N ALA D 37 -30.10 -1.61 7.96
CA ALA D 37 -30.79 -2.28 9.05
C ALA D 37 -30.44 -1.58 10.37
N GLY D 38 -31.29 -1.80 11.38
CA GLY D 38 -31.03 -1.26 12.70
C GLY D 38 -29.93 -1.99 13.45
N THR D 39 -29.52 -3.16 12.96
CA THR D 39 -28.36 -3.85 13.49
C THR D 39 -27.09 -3.06 13.22
N MET D 40 -27.09 -2.26 12.16
CA MET D 40 -25.89 -1.59 11.67
C MET D 40 -25.55 -0.31 12.41
N SER D 41 -26.37 0.13 13.34
CA SER D 41 -25.90 1.19 14.22
C SER D 41 -24.80 0.60 15.11
N PRO D 42 -23.74 1.35 15.37
CA PRO D 42 -22.66 0.81 16.23
C PRO D 42 -23.15 0.38 17.60
N TYR D 43 -24.29 0.89 18.04
CA TYR D 43 -24.86 0.47 19.31
C TYR D 43 -25.21 -1.01 19.30
N THR D 44 -25.45 -1.59 18.13
CA THR D 44 -25.64 -3.03 18.01
C THR D 44 -24.35 -3.74 17.65
N PHE D 45 -23.73 -3.36 16.51
CA PHE D 45 -22.59 -4.10 15.99
C PHE D 45 -21.36 -3.93 16.86
N LEU D 46 -20.85 -2.70 16.98
CA LEU D 46 -19.57 -2.49 17.64
C LEU D 46 -19.65 -2.90 19.11
N ARG D 47 -20.78 -2.66 19.75
CA ARG D 47 -20.93 -2.95 21.16
C ARG D 47 -21.14 -4.43 21.45
N ALA D 48 -21.48 -5.23 20.43
CA ALA D 48 -21.73 -6.65 20.67
C ALA D 48 -20.44 -7.46 20.81
N ILE D 49 -19.30 -6.90 20.40
CA ILE D 49 -18.03 -7.58 20.51
C ILE D 49 -17.23 -7.00 21.67
N GLY D 50 -16.20 -7.73 22.09
CA GLY D 50 -15.51 -7.45 23.33
C GLY D 50 -16.35 -7.98 24.47
N PRO D 51 -15.77 -8.10 25.67
CA PRO D 51 -16.52 -8.58 26.82
C PRO D 51 -17.33 -7.52 27.57
N GLU D 52 -17.44 -6.30 27.05
CA GLU D 52 -18.11 -5.23 27.77
C GLU D 52 -19.62 -5.36 27.63
N PRO D 53 -20.37 -5.44 28.73
CA PRO D 53 -21.83 -5.52 28.63
C PRO D 53 -22.43 -4.24 28.05
N TRP D 54 -23.64 -4.39 27.49
CA TRP D 54 -24.30 -3.27 26.84
C TRP D 54 -25.78 -3.62 26.70
N ASN D 55 -26.65 -2.81 27.29
CA ASN D 55 -28.09 -3.02 27.23
C ASN D 55 -28.74 -1.71 26.80
N ALA D 56 -29.18 -1.65 25.55
CA ALA D 56 -29.71 -0.44 24.94
C ALA D 56 -31.01 -0.72 24.18
N ALA D 57 -31.72 0.36 23.89
CA ALA D 57 -32.92 0.33 23.07
C ALA D 57 -33.05 1.68 22.38
N TYR D 58 -33.21 1.66 21.05
CA TYR D 58 -33.23 2.88 20.27
C TYR D 58 -34.02 2.67 18.99
N VAL D 59 -34.61 3.74 18.48
CA VAL D 59 -35.27 3.70 17.18
C VAL D 59 -34.23 3.91 16.09
N GLU D 60 -34.48 3.33 14.91
CA GLU D 60 -33.50 3.44 13.85
C GLU D 60 -34.13 3.46 12.45
N PRO D 61 -33.85 4.48 11.64
CA PRO D 61 -34.31 4.47 10.25
C PRO D 61 -33.51 3.48 9.41
N SER D 62 -34.23 2.63 8.69
CA SER D 62 -33.65 1.64 7.79
C SER D 62 -34.01 2.04 6.37
N ARG D 63 -33.02 2.41 5.58
CA ARG D 63 -33.19 2.75 4.17
C ARG D 63 -32.75 1.56 3.34
N ARG D 64 -33.72 0.90 2.70
CA ARG D 64 -33.43 -0.21 1.79
C ARG D 64 -33.78 0.20 0.37
N PRO D 65 -32.81 0.54 -0.47
CA PRO D 65 -33.13 1.00 -1.83
C PRO D 65 -33.93 -0.03 -2.62
N ALA D 66 -33.62 -1.31 -2.45
CA ALA D 66 -34.32 -2.36 -3.19
C ALA D 66 -35.77 -2.47 -2.76
N ASP D 67 -36.11 -1.98 -1.57
CA ASP D 67 -37.48 -2.03 -1.06
C ASP D 67 -38.28 -0.80 -1.44
N GLY D 68 -37.73 0.10 -2.26
CA GLY D 68 -38.45 1.29 -2.64
C GLY D 68 -39.55 0.97 -3.63
N ARG D 69 -40.74 1.52 -3.38
CA ARG D 69 -41.93 1.21 -4.18
C ARG D 69 -42.67 2.46 -4.64
N TYR D 70 -42.06 3.65 -4.53
CA TYR D 70 -42.66 4.91 -4.96
C TYR D 70 -43.99 5.21 -4.27
N GLY D 71 -44.30 4.51 -3.18
CA GLY D 71 -45.59 4.75 -2.56
C GLY D 71 -46.77 4.14 -3.29
N GLU D 72 -46.54 3.09 -4.08
CA GLU D 72 -47.63 2.37 -4.71
C GLU D 72 -48.02 1.16 -3.86
N ASN D 73 -47.02 0.39 -3.44
CA ASN D 73 -47.21 -0.67 -2.47
C ASN D 73 -47.39 0.03 -1.13
N PRO D 74 -48.60 0.06 -0.55
CA PRO D 74 -48.77 0.89 0.64
C PRO D 74 -48.44 0.18 1.95
N ASN D 75 -47.42 -0.66 1.97
CA ASN D 75 -46.75 -1.00 3.22
C ASN D 75 -45.25 -1.25 3.06
N ARG D 76 -44.76 -1.39 1.83
CA ARG D 76 -43.34 -1.65 1.57
C ARG D 76 -42.69 -0.37 1.05
N LEU D 77 -41.69 0.10 1.77
CA LEU D 77 -41.10 1.41 1.51
C LEU D 77 -39.58 1.33 1.45
N TYR D 78 -39.00 2.33 0.77
CA TYR D 78 -37.57 2.51 0.75
C TYR D 78 -37.00 2.70 2.15
N GLN D 79 -37.79 3.30 3.04
CA GLN D 79 -37.38 3.50 4.42
C GLN D 79 -38.49 3.05 5.37
N HIS D 80 -38.12 2.19 6.31
CA HIS D 80 -38.97 1.84 7.44
C HIS D 80 -38.21 2.21 8.71
N HIS D 81 -38.87 2.04 9.86
CA HIS D 81 -38.25 2.34 11.14
C HIS D 81 -38.29 1.09 12.00
N GLN D 82 -37.15 0.73 12.55
CA GLN D 82 -37.05 -0.40 13.45
C GLN D 82 -36.88 0.09 14.87
N PHE D 83 -37.24 -0.76 15.82
CA PHE D 83 -36.99 -0.53 17.23
C PHE D 83 -35.97 -1.58 17.66
N GLN D 84 -34.76 -1.15 17.96
CA GLN D 84 -33.67 -2.06 18.28
C GLN D 84 -33.52 -2.17 19.79
N VAL D 85 -33.57 -3.40 20.28
CA VAL D 85 -33.22 -3.76 21.64
C VAL D 85 -31.98 -4.63 21.56
N VAL D 86 -30.95 -4.28 22.32
CA VAL D 86 -29.68 -5.00 22.27
C VAL D 86 -29.24 -5.21 23.72
N MET D 87 -29.22 -6.45 24.18
CA MET D 87 -28.91 -6.74 25.57
C MET D 87 -27.79 -7.76 25.69
N LYS D 88 -26.77 -7.41 26.46
CA LYS D 88 -25.59 -8.26 26.61
C LYS D 88 -25.03 -8.11 28.02
N PRO D 89 -25.04 -9.18 28.83
CA PRO D 89 -25.62 -10.47 28.44
C PRO D 89 -27.15 -10.45 28.51
N SER D 90 -27.78 -11.32 27.72
CA SER D 90 -29.23 -11.39 27.71
C SER D 90 -29.74 -12.00 29.01
N PRO D 91 -30.82 -11.47 29.57
CA PRO D 91 -31.38 -12.11 30.77
C PRO D 91 -32.07 -13.40 30.38
N GLU D 92 -31.98 -14.40 31.26
CA GLU D 92 -32.54 -15.69 30.93
C GLU D 92 -34.07 -15.66 30.87
N ASN D 93 -34.71 -14.61 31.38
CA ASN D 93 -36.15 -14.43 31.27
C ASN D 93 -36.54 -13.46 30.17
N VAL D 94 -35.65 -13.21 29.20
CA VAL D 94 -35.84 -12.15 28.20
C VAL D 94 -37.14 -12.34 27.44
N GLN D 95 -37.53 -13.60 27.20
CA GLN D 95 -38.78 -13.86 26.50
C GLN D 95 -39.98 -13.39 27.29
N ASP D 96 -39.94 -13.53 28.61
CA ASP D 96 -40.98 -12.97 29.46
C ASP D 96 -41.07 -11.46 29.33
N LEU D 97 -39.91 -10.78 29.29
CA LEU D 97 -39.93 -9.33 29.13
C LEU D 97 -40.52 -8.93 27.79
N TYR D 98 -40.23 -9.69 26.74
CA TYR D 98 -40.84 -9.40 25.44
C TYR D 98 -42.36 -9.58 25.49
N LEU D 99 -42.83 -10.63 26.19
CA LEU D 99 -44.27 -10.80 26.38
C LEU D 99 -44.87 -9.61 27.14
N GLN D 100 -44.19 -9.16 28.19
CA GLN D 100 -44.66 -8.00 28.95
C GLN D 100 -44.73 -6.77 28.07
N SER D 101 -43.74 -6.59 27.19
CA SER D 101 -43.74 -5.44 26.31
C SER D 101 -44.92 -5.48 25.36
N LEU D 102 -45.20 -6.64 24.77
CA LEU D 102 -46.35 -6.74 23.88
C LEU D 102 -47.66 -6.51 24.63
N GLU D 103 -47.76 -6.98 25.88
CA GLU D 103 -48.95 -6.70 26.66
C GLU D 103 -49.08 -5.21 26.96
N LYS D 104 -47.97 -4.53 27.22
CA LYS D 104 -48.01 -3.09 27.45
C LYS D 104 -48.46 -2.34 26.21
N LEU D 105 -48.25 -2.93 25.04
CA LEU D 105 -48.76 -2.37 23.78
C LEU D 105 -50.25 -2.60 23.59
N GLY D 106 -50.95 -3.08 24.61
CA GLY D 106 -52.37 -3.35 24.50
C GLY D 106 -52.72 -4.63 23.79
N ILE D 107 -51.84 -5.63 23.83
CA ILE D 107 -52.05 -6.89 23.14
C ILE D 107 -52.14 -7.99 24.17
N ASN D 108 -53.33 -8.60 24.30
CA ASN D 108 -53.49 -9.77 25.15
C ASN D 108 -53.12 -11.00 24.35
N PRO D 109 -52.09 -11.75 24.72
CA PRO D 109 -51.71 -12.94 23.94
C PRO D 109 -52.82 -13.98 23.81
N LEU D 110 -53.75 -14.06 24.76
CA LEU D 110 -54.80 -15.07 24.67
C LEU D 110 -55.74 -14.84 23.49
N GLU D 111 -55.92 -13.59 23.09
CA GLU D 111 -56.89 -13.22 22.07
C GLU D 111 -56.26 -12.97 20.70
N HIS D 112 -54.99 -13.34 20.52
CA HIS D 112 -54.26 -13.07 19.29
C HIS D 112 -53.33 -14.23 19.02
N ASP D 113 -52.79 -14.26 17.80
CA ASP D 113 -51.93 -15.34 17.33
C ASP D 113 -50.47 -14.90 17.38
N ILE D 114 -49.65 -15.63 18.13
CA ILE D 114 -48.23 -15.34 18.33
C ILE D 114 -47.41 -16.59 18.04
N ARG D 115 -46.42 -16.46 17.17
CA ARG D 115 -45.59 -17.55 16.71
C ARG D 115 -44.11 -17.17 16.70
N PHE D 116 -43.25 -18.09 17.15
CA PHE D 116 -41.80 -17.97 17.00
C PHE D 116 -41.43 -18.90 15.85
N VAL D 117 -41.31 -18.33 14.66
CA VAL D 117 -41.05 -19.07 13.45
C VAL D 117 -39.55 -18.95 13.16
N GLU D 118 -38.89 -20.10 13.13
CA GLU D 118 -37.42 -20.11 13.06
C GLU D 118 -36.89 -19.49 11.78
N ASP D 119 -35.95 -18.56 11.94
CA ASP D 119 -35.13 -18.07 10.83
C ASP D 119 -33.74 -17.79 11.38
N ASN D 120 -32.76 -18.56 10.93
CA ASN D 120 -31.37 -18.33 11.33
C ASN D 120 -30.79 -17.11 10.62
N TRP D 121 -30.87 -15.95 11.27
CA TRP D 121 -30.47 -14.70 10.64
C TRP D 121 -28.98 -14.67 10.30
N GLU D 122 -28.67 -14.18 9.11
CA GLU D 122 -27.31 -14.03 8.62
C GLU D 122 -27.19 -12.70 7.87
N ASN D 123 -26.01 -12.09 7.95
CA ASN D 123 -25.68 -10.94 7.13
C ASN D 123 -24.29 -11.13 6.51
N PRO D 124 -24.19 -11.44 5.22
CA PRO D 124 -22.87 -11.75 4.66
C PRO D 124 -21.96 -10.53 4.63
N SER D 125 -22.51 -9.33 4.39
CA SER D 125 -21.68 -8.14 4.32
C SER D 125 -20.97 -7.90 5.65
N MET D 126 -21.69 -8.02 6.76
CA MET D 126 -21.09 -7.89 8.07
C MET D 126 -20.53 -9.21 8.58
N GLY D 127 -20.71 -10.30 7.84
CA GLY D 127 -20.25 -11.59 8.32
C GLY D 127 -20.92 -11.99 9.60
N CYS D 128 -22.12 -11.46 9.86
CA CYS D 128 -22.79 -11.65 11.13
C CYS D 128 -23.73 -12.85 11.07
N ALA D 129 -23.64 -13.70 12.09
CA ALA D 129 -24.47 -14.89 12.20
C ALA D 129 -25.23 -14.86 13.51
N GLY D 130 -26.47 -15.33 13.47
CA GLY D 130 -27.30 -15.33 14.65
C GLY D 130 -28.40 -16.36 14.51
N VAL D 131 -28.92 -16.77 15.65
CA VAL D 131 -29.95 -17.80 15.72
C VAL D 131 -31.14 -17.18 16.44
N GLY D 132 -32.33 -17.41 15.91
CA GLY D 132 -33.49 -16.78 16.49
C GLY D 132 -34.70 -17.02 15.62
N TRP D 133 -35.73 -16.23 15.87
CA TRP D 133 -37.01 -16.47 15.25
C TRP D 133 -37.41 -15.26 14.43
N GLU D 134 -38.64 -15.29 13.98
CA GLU D 134 -39.24 -14.21 13.25
C GLU D 134 -40.67 -14.02 13.76
N VAL D 135 -40.80 -13.65 15.04
CA VAL D 135 -42.07 -13.57 15.76
C VAL D 135 -43.21 -13.03 14.89
N TRP D 136 -44.26 -13.84 14.77
CA TRP D 136 -45.43 -13.54 13.96
C TRP D 136 -46.59 -13.18 14.87
N LEU D 137 -47.30 -12.10 14.56
CA LEU D 137 -48.50 -11.73 15.29
C LEU D 137 -49.69 -11.86 14.35
N ASP D 138 -50.62 -12.74 14.69
CA ASP D 138 -51.80 -13.02 13.87
C ASP D 138 -51.38 -13.41 12.44
N GLY D 139 -50.31 -14.20 12.35
CA GLY D 139 -49.79 -14.63 11.07
C GLY D 139 -48.86 -13.64 10.40
N MET D 140 -48.71 -12.45 10.96
CA MET D 140 -47.94 -11.36 10.38
C MET D 140 -46.65 -11.18 11.16
N GLU D 141 -45.51 -11.15 10.45
CA GLU D 141 -44.22 -10.95 11.09
C GLU D 141 -44.15 -9.56 11.70
N ILE D 142 -43.96 -9.49 13.01
CA ILE D 142 -43.83 -8.22 13.70
C ILE D 142 -42.49 -8.04 14.39
N SER D 143 -41.69 -9.10 14.55
CA SER D 143 -40.43 -8.95 15.26
C SER D 143 -39.34 -9.83 14.67
N GLN D 144 -38.11 -9.44 14.97
CA GLN D 144 -36.91 -10.18 14.62
C GLN D 144 -36.16 -10.40 15.92
N PHE D 145 -36.20 -11.62 16.44
CA PHE D 145 -35.75 -11.90 17.80
C PHE D 145 -34.60 -12.89 17.70
N THR D 146 -33.38 -12.43 17.97
CA THR D 146 -32.20 -13.16 17.54
C THR D 146 -31.06 -13.02 18.54
N TYR D 147 -30.42 -14.14 18.88
CA TYR D 147 -29.16 -14.15 19.60
C TYR D 147 -28.01 -14.13 18.60
N PHE D 148 -27.10 -13.17 18.78
CA PHE D 148 -25.92 -13.05 17.94
C PHE D 148 -24.88 -14.07 18.39
N GLN D 149 -24.19 -14.67 17.42
CA GLN D 149 -23.16 -15.65 17.72
C GLN D 149 -21.81 -15.29 17.15
N GLN D 150 -21.78 -14.66 15.97
CA GLN D 150 -20.52 -14.38 15.26
C GLN D 150 -20.68 -13.04 14.55
N VAL D 151 -20.09 -12.00 15.12
CA VAL D 151 -20.21 -10.62 14.62
C VAL D 151 -18.88 -10.21 13.98
N GLY D 152 -18.95 -9.79 12.72
CA GLY D 152 -17.74 -9.40 11.99
C GLY D 152 -16.74 -10.51 11.84
N GLY D 153 -17.22 -11.75 11.67
CA GLY D 153 -16.36 -12.90 11.59
C GLY D 153 -15.84 -13.36 12.93
N LEU D 154 -16.14 -12.61 13.99
CA LEU D 154 -15.62 -12.87 15.33
C LEU D 154 -16.74 -13.36 16.24
N GLU D 155 -16.39 -14.29 17.14
CA GLU D 155 -17.33 -14.84 18.10
C GLU D 155 -17.75 -13.84 19.16
N VAL D 156 -19.03 -13.86 19.50
CA VAL D 156 -19.63 -12.90 20.44
C VAL D 156 -19.44 -13.46 21.84
N ASP D 157 -18.72 -12.73 22.68
CA ASP D 157 -18.40 -13.19 24.03
C ASP D 157 -18.42 -12.01 25.00
N PRO D 158 -19.43 -11.90 25.87
CA PRO D 158 -20.58 -12.80 26.06
C PRO D 158 -21.65 -12.64 24.98
N VAL D 159 -22.73 -13.43 25.06
CA VAL D 159 -23.73 -13.49 24.00
C VAL D 159 -24.63 -12.26 24.07
N THR D 160 -24.97 -11.73 22.88
CA THR D 160 -25.81 -10.55 22.76
C THR D 160 -27.16 -10.95 22.17
N SER D 161 -28.24 -10.64 22.87
CA SER D 161 -29.58 -10.79 22.33
C SER D 161 -30.03 -9.48 21.69
N GLU D 162 -30.82 -9.60 20.63
CA GLU D 162 -31.39 -8.43 19.98
C GLU D 162 -32.85 -8.67 19.62
N ILE D 163 -33.68 -7.66 19.84
CA ILE D 163 -35.07 -7.64 19.42
C ILE D 163 -35.25 -6.46 18.47
N THR D 164 -35.68 -6.74 17.25
CA THR D 164 -35.94 -5.70 16.26
C THR D 164 -37.45 -5.69 16.02
N TYR D 165 -38.11 -4.63 16.47
CA TYR D 165 -39.51 -4.44 16.16
C TYR D 165 -39.64 -3.75 14.81
N GLY D 166 -40.46 -4.31 13.92
CA GLY D 166 -40.77 -3.61 12.69
C GLY D 166 -41.88 -2.63 13.01
N LEU D 167 -41.50 -1.37 13.22
CA LEU D 167 -42.44 -0.38 13.74
C LEU D 167 -43.59 -0.10 12.80
N GLU D 168 -43.33 -0.12 11.48
CA GLU D 168 -44.36 0.22 10.52
C GLU D 168 -45.46 -0.84 10.45
N ARG D 169 -45.09 -2.10 10.27
CA ARG D 169 -46.10 -3.16 10.21
C ARG D 169 -46.79 -3.34 11.55
N LEU D 170 -46.04 -3.26 12.66
CA LEU D 170 -46.66 -3.34 13.97
C LEU D 170 -47.65 -2.20 14.17
N SER D 171 -47.29 -0.98 13.79
CA SER D 171 -48.18 0.16 13.92
C SER D 171 -49.41 -0.01 13.04
N SER D 172 -49.23 -0.51 11.81
CA SER D 172 -50.38 -0.71 10.92
C SER D 172 -51.35 -1.73 11.48
N TYR D 173 -50.84 -2.78 12.13
CA TYR D 173 -51.75 -3.72 12.78
C TYR D 173 -52.48 -3.05 13.95
N ILE D 174 -51.72 -2.36 14.81
CA ILE D 174 -52.33 -1.78 16.00
C ILE D 174 -53.39 -0.76 15.64
N GLN D 175 -53.15 0.04 14.60
CA GLN D 175 -54.11 1.04 14.16
C GLN D 175 -55.19 0.52 13.22
N ASP D 176 -55.14 -0.76 12.84
CA ASP D 176 -56.24 -1.42 12.13
C ASP D 176 -56.61 -0.69 10.83
N VAL D 177 -55.60 -0.24 10.10
CA VAL D 177 -55.77 0.42 8.81
C VAL D 177 -55.32 -0.50 7.70
N ASN D 178 -55.84 -0.26 6.49
CA ASN D 178 -55.48 -1.06 5.33
C ASN D 178 -54.32 -0.46 4.54
N SER D 179 -53.83 0.72 4.91
CA SER D 179 -52.68 1.35 4.28
C SER D 179 -51.81 1.96 5.37
N VAL D 180 -50.49 1.84 5.23
CA VAL D 180 -49.59 2.45 6.20
C VAL D 180 -49.57 3.97 6.08
N PHE D 181 -49.99 4.51 4.95
CA PHE D 181 -50.07 5.96 4.82
C PHE D 181 -51.32 6.52 5.47
N ASP D 182 -52.15 5.63 6.03
CA ASP D 182 -53.28 6.01 6.85
C ASP D 182 -52.92 5.99 8.33
N LEU D 183 -51.63 5.87 8.65
CA LEU D 183 -51.16 5.72 10.02
C LEU D 183 -51.04 7.07 10.72
N GLU D 184 -51.54 7.14 11.95
CA GLU D 184 -51.37 8.32 12.80
C GLU D 184 -50.03 8.28 13.52
N TRP D 185 -49.12 9.20 13.18
CA TRP D 185 -47.88 9.30 13.94
C TRP D 185 -48.14 9.91 15.32
N GLY D 186 -48.69 11.12 15.34
CA GLY D 186 -48.91 11.85 16.56
C GLY D 186 -49.85 13.03 16.37
N ASP D 187 -50.77 13.22 17.32
CA ASP D 187 -51.83 14.23 17.22
C ASP D 187 -52.70 13.99 15.99
N GLY D 188 -52.90 12.71 15.65
CA GLY D 188 -53.80 12.33 14.60
C GLY D 188 -53.27 12.46 13.20
N VAL D 189 -51.97 12.73 13.02
CA VAL D 189 -51.43 13.10 11.72
C VAL D 189 -51.05 11.86 10.92
N LYS D 190 -51.47 11.83 9.66
CA LYS D 190 -51.35 10.65 8.82
C LYS D 190 -49.94 10.51 8.24
N TYR D 191 -49.52 9.26 8.11
CA TYR D 191 -48.19 8.93 7.60
C TYR D 191 -47.99 9.44 6.18
N GLY D 192 -49.05 9.37 5.35
CA GLY D 192 -48.92 9.77 3.96
C GLY D 192 -48.49 11.22 3.79
N ASP D 193 -49.19 12.13 4.46
CA ASP D 193 -48.87 13.56 4.31
C ASP D 193 -47.42 13.87 4.61
N ILE D 194 -46.72 12.99 5.32
CA ILE D 194 -45.32 13.21 5.65
C ILE D 194 -44.41 12.48 4.68
N PHE D 195 -44.60 11.18 4.53
CA PHE D 195 -43.62 10.35 3.82
C PHE D 195 -43.99 10.04 2.37
N LEU D 196 -45.10 10.59 1.86
CA LEU D 196 -45.50 10.29 0.49
C LEU D 196 -44.48 10.81 -0.52
N GLU D 197 -44.05 12.07 -0.35
CA GLU D 197 -43.04 12.61 -1.26
C GLU D 197 -41.65 12.01 -1.04
N PRO D 198 -41.12 11.92 0.18
CA PRO D 198 -39.76 11.35 0.33
C PRO D 198 -39.64 9.95 -0.26
N GLU D 199 -40.68 9.13 -0.10
CA GLU D 199 -40.67 7.78 -0.64
C GLU D 199 -40.49 7.81 -2.15
N PHE D 200 -41.31 8.62 -2.84
CA PHE D 200 -41.21 8.73 -4.28
C PHE D 200 -39.84 9.27 -4.71
N GLU D 201 -39.35 10.28 -4.00
CA GLU D 201 -38.08 10.90 -4.40
C GLU D 201 -36.95 9.89 -4.33
N ASN D 202 -36.87 9.15 -3.22
CA ASN D 202 -35.82 8.16 -3.06
C ASN D 202 -35.98 7.00 -4.03
N SER D 203 -37.23 6.57 -4.29
CA SER D 203 -37.44 5.49 -5.25
C SER D 203 -36.96 5.88 -6.65
N LYS D 204 -37.38 7.05 -7.12
CA LYS D 204 -36.95 7.50 -8.45
C LYS D 204 -35.44 7.70 -8.48
N TYR D 205 -34.87 8.18 -7.37
CA TYR D 205 -33.42 8.34 -7.30
C TYR D 205 -32.73 6.99 -7.48
N ALA D 206 -33.18 5.98 -6.75
CA ALA D 206 -32.49 4.70 -6.76
C ALA D 206 -32.70 3.96 -8.06
N PHE D 207 -33.80 4.21 -8.76
CA PHE D 207 -34.13 3.42 -9.94
C PHE D 207 -33.81 4.11 -11.25
N GLU D 208 -34.30 5.34 -11.46
CA GLU D 208 -34.32 5.91 -12.79
C GLU D 208 -33.52 7.21 -12.92
N ASP D 209 -32.76 7.60 -11.89
CA ASP D 209 -32.00 8.84 -12.06
C ASP D 209 -30.59 8.83 -11.47
N SER D 210 -30.22 7.88 -10.61
CA SER D 210 -28.92 7.95 -9.96
C SER D 210 -27.80 7.83 -10.97
N ASN D 211 -26.64 8.38 -10.62
CA ASN D 211 -25.51 8.50 -11.54
C ASN D 211 -24.58 7.30 -11.38
N GLU D 212 -24.39 6.56 -12.48
CA GLU D 212 -23.75 5.25 -12.43
C GLU D 212 -22.27 5.35 -12.06
N GLU D 213 -21.51 6.09 -12.88
CA GLU D 213 -20.09 6.29 -12.62
C GLU D 213 -19.85 6.94 -11.27
N LEU D 214 -20.76 7.83 -10.86
CA LEU D 214 -20.65 8.46 -9.56
C LEU D 214 -20.67 7.43 -8.44
N LEU D 215 -21.65 6.53 -8.47
CA LEU D 215 -21.74 5.50 -7.43
C LEU D 215 -20.51 4.60 -7.44
N LEU D 216 -20.03 4.25 -8.64
CA LEU D 216 -18.83 3.40 -8.71
C LEU D 216 -17.66 4.06 -7.99
N MET D 217 -17.36 5.32 -8.36
CA MET D 217 -16.24 6.02 -7.73
C MET D 217 -16.47 6.20 -6.24
N LEU D 218 -17.70 6.48 -5.83
CA LEU D 218 -18.01 6.66 -4.42
C LEU D 218 -17.68 5.40 -3.63
N PHE D 219 -18.07 4.24 -4.15
CA PHE D 219 -17.76 2.98 -3.46
C PHE D 219 -16.26 2.77 -3.36
N ASP D 220 -15.56 2.98 -4.47
CA ASP D 220 -14.12 2.70 -4.48
C ASP D 220 -13.38 3.61 -3.50
N GLU D 221 -13.71 4.90 -3.50
CA GLU D 221 -13.06 5.85 -2.60
C GLU D 221 -13.44 5.58 -1.15
N TYR D 222 -14.70 5.21 -0.89
CA TYR D 222 -15.09 4.87 0.47
C TYR D 222 -14.27 3.70 1.00
N GLU D 223 -14.05 2.68 0.15
CA GLU D 223 -13.24 1.54 0.59
C GLU D 223 -11.79 1.95 0.83
N LYS D 224 -11.23 2.78 -0.06
CA LYS D 224 -9.87 3.26 0.14
C LYS D 224 -9.73 3.97 1.48
N GLU D 225 -10.67 4.86 1.79
CA GLU D 225 -10.59 5.62 3.04
C GLU D 225 -10.78 4.72 4.24
N ALA D 226 -11.69 3.73 4.15
CA ALA D 226 -11.85 2.79 5.24
C ALA D 226 -10.55 2.04 5.49
N LYS D 227 -9.84 1.66 4.42
CA LYS D 227 -8.56 1.01 4.57
C LYS D 227 -7.57 1.90 5.29
N ARG D 228 -7.49 3.17 4.89
CA ARG D 228 -6.53 4.08 5.52
C ARG D 228 -6.85 4.30 7.00
N GLN D 229 -8.13 4.44 7.33
CA GLN D 229 -8.49 4.70 8.73
C GLN D 229 -8.28 3.48 9.61
N ILE D 230 -8.63 2.29 9.10
CA ILE D 230 -8.36 1.06 9.86
C ILE D 230 -6.86 0.89 10.07
N LYS D 231 -6.08 1.11 9.01
CA LYS D 231 -4.63 1.00 9.10
C LYS D 231 -4.08 1.93 10.17
N ASN D 232 -4.50 3.19 10.16
CA ASN D 232 -4.07 4.10 11.21
C ASN D 232 -4.73 3.79 12.55
N GLY D 233 -5.91 3.19 12.53
CA GLY D 233 -6.60 2.84 13.76
C GLY D 233 -7.61 3.86 14.24
N LEU D 234 -8.49 4.31 13.34
CA LEU D 234 -9.61 5.20 13.69
C LEU D 234 -10.87 4.39 13.38
N VAL D 235 -11.42 3.75 14.42
CA VAL D 235 -12.46 2.74 14.21
C VAL D 235 -13.74 3.38 13.68
N HIS D 236 -14.29 4.35 14.40
CA HIS D 236 -15.59 4.89 14.03
C HIS D 236 -15.62 5.54 12.66
N PRO D 237 -14.65 6.36 12.24
CA PRO D 237 -14.65 6.81 10.84
C PRO D 237 -14.63 5.67 9.84
N ALA D 238 -13.88 4.60 10.15
CA ALA D 238 -13.84 3.44 9.26
C ALA D 238 -15.21 2.75 9.20
N TYR D 239 -15.90 2.68 10.34
CA TYR D 239 -17.24 2.12 10.35
C TYR D 239 -18.20 2.98 9.53
N ASP D 240 -18.03 4.29 9.63
CA ASP D 240 -18.84 5.20 8.81
C ASP D 240 -18.61 4.95 7.32
N TYR D 241 -17.35 4.78 6.92
CA TYR D 241 -17.06 4.54 5.51
C TYR D 241 -17.55 3.17 5.05
N CYS D 242 -17.52 2.17 5.92
CA CYS D 242 -18.10 0.88 5.55
C CYS D 242 -19.61 0.98 5.37
N LEU D 243 -20.29 1.75 6.25
CA LEU D 243 -21.71 2.00 6.06
C LEU D 243 -21.97 2.76 4.77
N LYS D 244 -21.09 3.70 4.44
CA LYS D 244 -21.23 4.44 3.18
C LYS D 244 -21.10 3.50 1.99
N CYS D 245 -20.16 2.56 2.06
CA CYS D 245 -20.07 1.52 1.05
C CYS D 245 -21.34 0.69 0.99
N SER D 246 -21.90 0.36 2.15
CA SER D 246 -23.11 -0.44 2.20
C SER D 246 -24.26 0.26 1.47
N HIS D 247 -24.49 1.52 1.78
CA HIS D 247 -25.55 2.26 1.11
C HIS D 247 -25.25 2.47 -0.37
N THR D 248 -23.99 2.74 -0.72
CA THR D 248 -23.66 2.93 -2.13
C THR D 248 -23.90 1.67 -2.94
N PHE D 249 -23.48 0.51 -2.42
CA PHE D 249 -23.76 -0.74 -3.12
C PHE D 249 -25.24 -1.03 -3.19
N ASN D 250 -25.98 -0.75 -2.11
CA ASN D 250 -27.41 -1.00 -2.15
C ASN D 250 -28.06 -0.18 -3.25
N LEU D 251 -27.68 1.09 -3.38
CA LEU D 251 -28.21 1.93 -4.45
C LEU D 251 -27.77 1.42 -5.82
N MET D 252 -26.52 0.96 -5.94
CA MET D 252 -26.05 0.45 -7.22
C MET D 252 -26.82 -0.78 -7.66
N ASP D 253 -27.00 -1.74 -6.75
CA ASP D 253 -27.74 -2.94 -7.06
C ASP D 253 -29.22 -2.63 -7.35
N ALA D 254 -29.77 -1.62 -6.66
CA ALA D 254 -31.15 -1.22 -6.92
C ALA D 254 -31.31 -0.48 -8.24
N ARG D 255 -30.26 0.19 -8.71
CA ARG D 255 -30.31 0.85 -10.02
C ARG D 255 -30.42 -0.15 -11.15
N GLY D 256 -29.81 -1.33 -10.99
CA GLY D 256 -29.74 -2.29 -12.06
C GLY D 256 -28.41 -2.17 -12.78
N MET D 257 -27.33 -2.09 -12.00
CA MET D 257 -25.99 -1.99 -12.52
C MET D 257 -25.10 -3.15 -12.13
N VAL D 258 -25.40 -3.84 -11.05
CA VAL D 258 -24.52 -4.86 -10.48
C VAL D 258 -25.08 -6.23 -10.84
N SER D 259 -24.28 -7.02 -11.55
CA SER D 259 -24.65 -8.42 -11.68
C SER D 259 -24.35 -9.14 -10.37
N VAL D 260 -24.93 -10.35 -10.23
CA VAL D 260 -24.71 -11.14 -9.03
C VAL D 260 -23.25 -11.56 -8.93
N THR D 261 -22.59 -11.69 -10.08
CA THR D 261 -21.20 -12.11 -10.14
C THR D 261 -20.32 -11.18 -9.30
N GLU D 262 -20.26 -9.91 -9.69
CA GLU D 262 -19.50 -8.92 -8.93
C GLU D 262 -20.17 -8.59 -7.60
N ARG D 263 -21.44 -8.95 -7.44
CA ARG D 263 -22.09 -8.85 -6.12
C ARG D 263 -21.31 -9.63 -5.08
N ALA D 264 -20.88 -10.84 -5.44
CA ALA D 264 -20.07 -11.62 -4.51
C ALA D 264 -18.77 -10.90 -4.16
N GLY D 265 -18.12 -10.28 -5.14
CA GLY D 265 -16.88 -9.56 -4.86
C GLY D 265 -17.07 -8.34 -3.97
N TYR D 266 -18.12 -7.57 -4.22
CA TYR D 266 -18.43 -6.43 -3.37
C TYR D 266 -18.69 -6.87 -1.94
N LEU D 267 -19.45 -7.96 -1.77
CA LEU D 267 -19.70 -8.49 -0.44
C LEU D 267 -18.41 -8.96 0.22
N ASP D 268 -17.50 -9.54 -0.56
CA ASP D 268 -16.21 -9.97 -0.01
C ASP D 268 -15.41 -8.78 0.50
N ARG D 269 -15.38 -7.69 -0.26
CA ARG D 269 -14.65 -6.50 0.18
C ARG D 269 -15.28 -5.92 1.44
N ILE D 270 -16.60 -5.83 1.49
CA ILE D 270 -17.26 -5.32 2.69
C ILE D 270 -17.00 -6.25 3.86
N ARG D 271 -16.90 -7.55 3.60
CA ARG D 271 -16.59 -8.53 4.63
C ARG D 271 -15.20 -8.30 5.21
N ASN D 272 -14.20 -8.08 4.36
CA ASN D 272 -12.85 -7.80 4.86
C ASN D 272 -12.83 -6.52 5.67
N MET D 273 -13.50 -5.48 5.18
CA MET D 273 -13.60 -4.22 5.92
C MET D 273 -14.18 -4.45 7.31
N ALA D 274 -15.30 -5.17 7.39
CA ALA D 274 -15.94 -5.39 8.68
C ALA D 274 -15.07 -6.25 9.60
N LYS D 275 -14.39 -7.25 9.05
CA LYS D 275 -13.54 -8.11 9.86
C LYS D 275 -12.39 -7.32 10.49
N SER D 276 -11.71 -6.50 9.68
CA SER D 276 -10.62 -5.69 10.23
C SER D 276 -11.14 -4.64 11.21
N ILE D 277 -12.31 -4.06 10.91
CA ILE D 277 -12.91 -3.10 11.83
C ILE D 277 -13.16 -3.72 13.19
N ALA D 278 -13.76 -4.91 13.20
CA ALA D 278 -14.04 -5.60 14.46
C ALA D 278 -12.76 -5.94 15.22
N LYS D 279 -11.77 -6.47 14.50
CA LYS D 279 -10.50 -6.81 15.15
C LYS D 279 -9.88 -5.59 15.83
N GLU D 280 -9.72 -4.49 15.08
CA GLU D 280 -9.08 -3.30 15.64
C GLU D 280 -9.91 -2.70 16.77
N PHE D 281 -11.25 -2.73 16.65
CA PHE D 281 -12.08 -2.14 17.69
C PHE D 281 -11.90 -2.88 19.02
N VAL D 282 -11.97 -4.22 18.97
CA VAL D 282 -11.76 -4.97 20.22
C VAL D 282 -10.35 -4.77 20.73
N ALA D 283 -9.38 -4.66 19.81
CA ALA D 283 -8.01 -4.42 20.23
C ALA D 283 -7.91 -3.12 21.04
N GLN D 284 -8.58 -2.06 20.57
CA GLN D 284 -8.49 -0.80 21.30
C GLN D 284 -9.28 -0.83 22.60
N ARG D 285 -10.42 -1.53 22.60
CA ARG D 285 -11.21 -1.61 23.83
C ARG D 285 -10.46 -2.38 24.92
N GLU D 286 -9.78 -3.45 24.56
CA GLU D 286 -8.89 -4.11 25.52
C GLU D 286 -7.64 -3.29 25.79
N LYS D 287 -7.24 -2.43 24.86
CA LYS D 287 -6.18 -1.46 25.11
C LYS D 287 -6.59 -0.45 26.16
N ARG D 288 -7.88 -0.37 26.48
CA ARG D 288 -8.36 0.53 27.53
C ARG D 288 -8.96 -0.22 28.72
N GLY D 289 -8.69 -1.52 28.84
CA GLY D 289 -9.12 -2.27 30.00
C GLY D 289 -10.60 -2.55 30.13
N PHE D 290 -11.39 -2.31 29.08
CA PHE D 290 -12.82 -2.63 29.08
C PHE D 290 -13.57 -1.92 30.20
N PRO D 291 -13.84 -0.62 30.06
CA PRO D 291 -14.48 0.13 31.15
C PRO D 291 -15.81 -0.42 31.62
N LEU D 292 -16.62 -0.99 30.72
CA LEU D 292 -17.95 -1.46 31.12
C LEU D 292 -17.88 -2.65 32.08
N LEU D 293 -16.87 -3.51 31.96
CA LEU D 293 -16.71 -4.58 32.96
C LEU D 293 -16.45 -3.99 34.33
N LYS D 294 -15.53 -3.02 34.42
CA LYS D 294 -15.30 -2.31 35.67
C LYS D 294 -16.58 -1.66 36.16
N HIS D 295 -17.39 -1.14 35.25
CA HIS D 295 -18.60 -0.42 35.61
C HIS D 295 -19.64 -1.37 36.20
N ALA D 296 -19.72 -2.58 35.66
CA ALA D 296 -20.59 -3.60 36.23
C ALA D 296 -20.08 -4.05 37.58
N GLN D 297 -18.75 -4.15 37.74
CA GLN D 297 -18.18 -4.47 39.04
C GLN D 297 -18.51 -3.40 40.08
N GLU D 298 -18.47 -2.12 39.68
CA GLU D 298 -18.86 -1.04 40.58
C GLU D 298 -20.33 -1.14 40.93
N GLU D 299 -21.17 -1.51 39.96
CA GLU D 299 -22.60 -1.54 40.20
C GLU D 299 -23.01 -2.73 41.06
N THR D 300 -22.25 -3.83 41.01
CA THR D 300 -22.57 -5.01 41.81
C THR D 300 -22.37 -4.76 43.29
N LYS D 301 -21.49 -3.83 43.66
CA LYS D 301 -21.25 -3.50 45.06
C LYS D 301 -21.72 -2.09 45.37
N MET E 1 -60.95 67.95 31.41
CA MET E 1 -60.39 67.55 32.69
C MET E 1 -58.97 67.04 32.53
N ALA E 2 -58.16 67.19 33.57
CA ALA E 2 -56.78 66.73 33.52
C ALA E 2 -56.77 65.23 33.78
N LYS E 3 -56.49 64.44 32.74
CA LYS E 3 -56.48 63.00 32.84
C LYS E 3 -55.07 62.48 32.56
N THR E 4 -54.86 61.21 32.85
CA THR E 4 -53.58 60.56 32.64
C THR E 4 -53.78 59.35 31.74
N TYR E 5 -53.01 59.30 30.66
CA TYR E 5 -53.09 58.17 29.75
C TYR E 5 -51.96 57.21 30.05
N LEU E 6 -52.19 55.94 29.79
CA LEU E 6 -51.23 54.90 30.10
C LEU E 6 -51.14 53.96 28.92
N LEU E 7 -49.94 53.81 28.36
CA LEU E 7 -49.69 52.91 27.24
C LEU E 7 -48.51 52.03 27.61
N GLU E 8 -48.79 50.78 27.93
CA GLU E 8 -47.78 49.78 28.22
C GLU E 8 -47.90 48.71 27.14
N ILE E 9 -46.83 48.51 26.39
CA ILE E 9 -46.71 47.44 25.43
C ILE E 9 -45.87 46.36 26.05
N GLY E 10 -46.45 45.18 26.26
CA GLY E 10 -45.73 44.03 26.73
C GLY E 10 -45.47 43.12 25.55
N LEU E 11 -44.19 42.85 25.30
CA LEU E 11 -43.73 42.16 24.10
C LEU E 11 -42.81 41.03 24.51
N GLU E 12 -42.12 40.42 23.55
CA GLU E 12 -41.03 39.53 23.90
C GLU E 12 -39.83 40.34 24.39
N GLU E 13 -38.86 39.64 24.96
CA GLU E 13 -37.78 40.32 25.67
C GLU E 13 -36.84 41.01 24.68
N MET E 14 -36.51 42.31 24.97
CA MET E 14 -35.77 43.16 24.05
C MET E 14 -34.30 43.22 24.43
N PRO E 15 -33.42 43.44 23.46
CA PRO E 15 -31.99 43.58 23.77
C PRO E 15 -31.74 44.78 24.67
N ALA E 16 -30.83 44.59 25.64
CA ALA E 16 -30.67 45.57 26.70
C ALA E 16 -30.19 46.92 26.17
N HIS E 17 -29.12 46.91 25.40
CA HIS E 17 -28.64 48.22 24.94
C HIS E 17 -29.59 48.87 23.91
N VAL E 18 -30.76 48.25 23.70
CA VAL E 18 -31.75 48.73 22.75
C VAL E 18 -33.09 49.06 23.40
N VAL E 19 -33.30 48.73 24.66
CA VAL E 19 -34.59 49.01 25.30
C VAL E 19 -34.80 50.52 25.46
N THR E 20 -33.77 51.23 25.94
CA THR E 20 -33.95 52.64 26.29
C THR E 20 -34.25 53.53 25.10
N PRO E 21 -33.50 53.50 24.00
CA PRO E 21 -33.86 54.36 22.86
C PRO E 21 -35.26 54.08 22.35
N SER E 22 -35.73 52.83 22.46
CA SER E 22 -37.08 52.51 22.01
C SER E 22 -38.13 53.26 22.83
N VAL E 23 -38.01 53.23 24.16
CA VAL E 23 -39.00 53.93 24.98
C VAL E 23 -38.85 55.44 24.84
N LEU E 24 -37.63 55.94 24.66
CA LEU E 24 -37.48 57.38 24.44
C LEU E 24 -38.11 57.79 23.11
N GLN E 25 -37.96 56.96 22.08
CA GLN E 25 -38.66 57.20 20.82
C GLN E 25 -40.16 57.17 21.02
N LEU E 26 -40.64 56.26 21.88
CA LEU E 26 -42.08 56.22 22.16
C LEU E 26 -42.55 57.51 22.84
N LYS E 27 -41.74 58.03 23.78
CA LYS E 27 -42.02 59.34 24.35
C LYS E 27 -42.15 60.39 23.25
N GLU E 28 -41.17 60.41 22.33
CA GLU E 28 -41.17 61.38 21.26
C GLU E 28 -42.40 61.21 20.36
N ARG E 29 -42.77 59.97 20.07
CA ARG E 29 -43.92 59.69 19.22
C ARG E 29 -45.23 60.11 19.87
N MET E 30 -45.38 59.85 21.17
CA MET E 30 -46.57 60.33 21.87
C MET E 30 -46.60 61.85 21.84
N ILE E 31 -45.44 62.49 22.04
CA ILE E 31 -45.38 63.95 22.00
C ILE E 31 -45.80 64.46 20.63
N LYS E 32 -45.29 63.83 19.57
CA LYS E 32 -45.65 64.21 18.21
C LYS E 32 -47.14 64.00 17.95
N PHE E 33 -47.71 62.92 18.49
CA PHE E 33 -49.14 62.70 18.37
C PHE E 33 -49.92 63.82 19.03
N LEU E 34 -49.50 64.20 20.24
CA LEU E 34 -50.19 65.25 20.98
C LEU E 34 -50.07 66.59 20.26
N LYS E 35 -48.90 66.88 19.70
CA LYS E 35 -48.71 68.13 18.97
C LYS E 35 -49.54 68.17 17.68
N ASP E 36 -49.42 67.13 16.85
CA ASP E 36 -50.11 67.13 15.56
C ASP E 36 -51.63 67.01 15.74
N ALA E 37 -52.06 66.24 16.73
CA ALA E 37 -53.46 66.25 17.13
C ALA E 37 -53.75 67.32 18.17
N ARG E 38 -52.84 68.28 18.32
CA ARG E 38 -53.06 69.53 19.07
C ARG E 38 -53.72 69.28 20.43
N LEU E 39 -53.14 68.36 21.19
CA LEU E 39 -53.59 68.04 22.53
C LEU E 39 -52.67 68.71 23.54
N ASP E 40 -53.21 68.98 24.72
CA ASP E 40 -52.44 69.60 25.80
C ASP E 40 -52.25 68.62 26.96
N PHE E 41 -51.10 68.75 27.62
CA PHE E 41 -50.73 67.87 28.71
C PHE E 41 -49.71 68.57 29.59
N GLU E 42 -49.42 67.94 30.73
CA GLU E 42 -48.40 68.40 31.65
C GLU E 42 -47.07 67.70 31.38
N ASP E 43 -47.07 66.36 31.42
CA ASP E 43 -45.84 65.60 31.33
C ASP E 43 -46.11 64.28 30.63
N VAL E 44 -45.02 63.63 30.21
CA VAL E 44 -45.05 62.25 29.73
C VAL E 44 -43.86 61.55 30.36
N LYS E 45 -44.11 60.71 31.35
CA LYS E 45 -43.05 59.92 31.97
C LYS E 45 -42.96 58.55 31.33
N THR E 46 -41.74 58.00 31.30
CA THR E 46 -41.48 56.75 30.62
C THR E 46 -40.99 55.68 31.59
N PHE E 47 -41.34 54.43 31.29
CA PHE E 47 -40.92 53.27 32.04
C PHE E 47 -40.51 52.16 31.06
N SER E 48 -39.41 51.49 31.36
CA SER E 48 -38.92 50.45 30.47
C SER E 48 -38.48 49.24 31.29
N THR E 49 -38.94 48.06 30.89
CA THR E 49 -38.41 46.80 31.37
C THR E 49 -38.10 45.98 30.13
N PRO E 50 -37.20 44.98 30.23
CA PRO E 50 -36.85 44.21 29.02
C PRO E 50 -38.03 43.57 28.33
N ARG E 51 -39.21 43.58 28.96
CA ARG E 51 -40.40 42.97 28.38
C ARG E 51 -41.53 43.98 28.14
N ARG E 52 -41.33 45.26 28.44
CA ARG E 52 -42.40 46.22 28.24
C ARG E 52 -41.84 47.63 28.05
N LEU E 53 -42.57 48.41 27.26
CA LEU E 53 -42.32 49.83 27.08
C LEU E 53 -43.59 50.58 27.47
N THR E 54 -43.46 51.56 28.36
CA THR E 54 -44.63 52.22 28.92
C THR E 54 -44.44 53.72 28.92
N VAL E 55 -45.48 54.43 28.54
CA VAL E 55 -45.58 55.87 28.72
C VAL E 55 -46.79 56.16 29.58
N GLN E 56 -46.66 57.18 30.43
CA GLN E 56 -47.71 57.61 31.33
C GLN E 56 -47.80 59.13 31.19
N VAL E 57 -48.90 59.58 30.63
CA VAL E 57 -49.10 60.98 30.24
C VAL E 57 -49.91 61.66 31.33
N LEU E 58 -49.26 62.56 32.07
CA LEU E 58 -49.86 63.28 33.18
C LEU E 58 -50.44 64.62 32.71
N GLY E 59 -51.66 64.90 33.17
CA GLY E 59 -52.30 66.16 32.89
C GLY E 59 -52.88 66.33 31.50
N LEU E 60 -53.21 65.23 30.83
CA LEU E 60 -53.80 65.32 29.51
C LEU E 60 -55.20 65.92 29.60
N ALA E 61 -55.40 67.05 28.94
CA ALA E 61 -56.76 67.58 28.84
C ALA E 61 -57.58 66.65 27.96
N ASP E 62 -58.89 66.72 28.10
CA ASP E 62 -59.76 65.69 27.55
C ASP E 62 -60.31 66.06 26.17
N LYS E 63 -59.85 67.15 25.58
CA LYS E 63 -60.30 67.57 24.27
C LYS E 63 -59.14 68.17 23.49
N GLN E 64 -59.19 68.01 22.17
CA GLN E 64 -58.29 68.72 21.28
C GLN E 64 -58.60 70.21 21.34
N ALA E 65 -57.59 71.04 21.06
CA ALA E 65 -57.75 72.48 21.22
C ALA E 65 -58.93 72.99 20.39
N ASP E 66 -59.99 73.39 21.07
CA ASP E 66 -61.24 73.75 20.42
C ASP E 66 -61.06 74.96 19.50
N VAL E 67 -61.18 74.75 18.20
CA VAL E 67 -60.98 75.79 17.21
C VAL E 67 -62.33 76.38 16.84
N LYS E 68 -62.50 77.68 17.09
CA LYS E 68 -63.69 78.41 16.66
C LYS E 68 -63.31 79.17 15.38
N LYS E 69 -63.36 78.45 14.26
CA LYS E 69 -62.96 78.99 12.96
C LYS E 69 -64.19 79.48 12.22
N GLU E 70 -64.33 80.80 12.07
CA GLU E 70 -65.44 81.34 11.28
C GLU E 70 -65.02 81.39 9.82
N VAL E 71 -65.48 80.42 9.04
CA VAL E 71 -65.10 80.30 7.63
C VAL E 71 -65.98 81.21 6.79
N ARG E 72 -65.38 81.77 5.74
CA ARG E 72 -66.02 82.69 4.81
C ARG E 72 -66.18 82.03 3.45
N GLY E 73 -67.39 82.12 2.88
CA GLY E 73 -67.69 81.52 1.61
C GLY E 73 -68.13 82.52 0.56
N PRO E 74 -69.11 82.15 -0.26
CA PRO E 74 -69.58 83.07 -1.31
C PRO E 74 -70.37 84.25 -0.76
N ALA E 75 -70.85 85.12 -1.65
CA ALA E 75 -71.54 86.33 -1.24
C ALA E 75 -72.99 86.05 -0.88
N LYS E 76 -73.67 87.08 -0.38
CA LYS E 76 -75.08 86.96 -0.03
C LYS E 76 -75.95 86.79 -1.26
N LYS E 77 -75.63 87.51 -2.34
CA LYS E 77 -76.36 87.36 -3.60
C LYS E 77 -76.04 86.05 -4.29
N ILE E 78 -74.89 85.45 -4.00
CA ILE E 78 -74.52 84.17 -4.60
C ILE E 78 -75.11 83.01 -3.80
N ALA E 79 -75.07 83.08 -2.47
CA ALA E 79 -75.56 82.00 -1.63
C ALA E 79 -77.09 81.95 -1.58
N GLN E 80 -77.77 83.05 -1.84
CA GLN E 80 -79.23 83.09 -1.83
C GLN E 80 -79.72 83.70 -3.12
N ASP E 81 -80.89 83.24 -3.58
CA ASP E 81 -81.43 83.61 -4.87
C ASP E 81 -82.42 84.77 -4.72
N ALA E 82 -83.15 85.07 -5.80
CA ALA E 82 -84.14 86.14 -5.76
C ALA E 82 -85.21 85.91 -4.70
N ASP E 83 -85.49 84.64 -4.38
CA ASP E 83 -86.45 84.32 -3.33
C ASP E 83 -85.83 84.32 -1.94
N GLY E 84 -84.51 84.34 -1.83
CA GLY E 84 -83.87 84.21 -0.53
C GLY E 84 -83.67 82.78 -0.07
N ASN E 85 -83.58 81.84 -1.00
CA ASN E 85 -83.34 80.43 -0.69
C ASN E 85 -81.87 80.09 -0.88
N TRP E 86 -81.38 79.18 -0.04
CA TRP E 86 -79.97 78.77 -0.08
C TRP E 86 -79.72 77.96 -1.35
N THR E 87 -79.06 78.58 -2.33
CA THR E 87 -78.73 77.87 -3.56
C THR E 87 -77.65 76.82 -3.28
N LYS E 88 -77.20 76.16 -4.34
CA LYS E 88 -76.17 75.14 -4.18
C LYS E 88 -74.84 75.70 -3.72
N ALA E 89 -74.63 77.02 -3.80
CA ALA E 89 -73.40 77.61 -3.29
C ALA E 89 -73.36 77.57 -1.76
N ALA E 90 -74.44 78.01 -1.11
CA ALA E 90 -74.50 77.97 0.35
C ALA E 90 -74.53 76.53 0.85
N ILE E 91 -75.31 75.67 0.20
CA ILE E 91 -75.35 74.26 0.56
C ILE E 91 -73.98 73.64 0.41
N GLY E 92 -73.30 73.92 -0.71
CA GLY E 92 -71.97 73.37 -0.91
C GLY E 92 -70.98 73.83 0.12
N PHE E 93 -70.98 75.13 0.45
CA PHE E 93 -70.06 75.63 1.46
C PHE E 93 -70.33 74.98 2.82
N SER E 94 -71.59 75.02 3.27
CA SER E 94 -71.90 74.50 4.60
C SER E 94 -71.68 73.00 4.68
N LYS E 95 -72.03 72.25 3.62
CA LYS E 95 -71.76 70.82 3.60
C LYS E 95 -70.27 70.54 3.60
N GLY E 96 -69.48 71.32 2.87
CA GLY E 96 -68.05 71.19 2.91
C GLY E 96 -67.39 71.70 4.16
N GLN E 97 -68.16 72.32 5.06
CA GLN E 97 -67.66 72.70 6.37
C GLN E 97 -68.20 71.79 7.49
N GLY E 98 -68.91 70.73 7.14
CA GLY E 98 -69.46 69.84 8.15
C GLY E 98 -70.64 70.38 8.90
N ALA E 99 -71.32 71.39 8.35
CA ALA E 99 -72.43 72.05 9.03
C ALA E 99 -73.66 72.11 8.13
N SER E 100 -74.66 72.89 8.53
CA SER E 100 -75.87 73.07 7.74
C SER E 100 -76.04 74.54 7.37
N THR E 101 -76.89 74.78 6.38
CA THR E 101 -77.16 76.15 5.94
C THR E 101 -77.90 76.96 7.00
N ASP E 102 -78.48 76.30 8.00
CA ASP E 102 -79.06 77.00 9.13
C ASP E 102 -78.01 77.71 9.98
N ASP E 103 -76.74 77.31 9.86
CA ASP E 103 -75.65 77.90 10.61
C ASP E 103 -75.09 79.15 9.96
N ILE E 104 -75.58 79.54 8.79
CA ILE E 104 -74.97 80.64 8.04
C ILE E 104 -75.39 81.97 8.66
N VAL E 105 -74.41 82.72 9.16
CA VAL E 105 -74.61 84.09 9.58
C VAL E 105 -74.01 84.98 8.50
N PHE E 106 -74.40 86.25 8.50
CA PHE E 106 -74.02 87.19 7.47
C PHE E 106 -73.24 88.34 8.09
N LYS E 107 -72.04 88.59 7.56
CA LYS E 107 -71.23 89.70 8.07
C LYS E 107 -70.75 90.57 6.92
N ASP E 108 -70.94 91.88 7.05
CA ASP E 108 -70.55 92.83 6.00
C ASP E 108 -69.03 92.88 5.90
N VAL E 109 -68.50 92.35 4.80
CA VAL E 109 -67.06 92.37 4.53
C VAL E 109 -66.84 93.50 3.53
N LYS E 110 -66.51 94.69 4.05
CA LYS E 110 -66.26 95.87 3.22
C LYS E 110 -67.48 96.24 2.39
N GLY E 111 -68.62 96.40 3.08
CA GLY E 111 -69.86 96.69 2.39
C GLY E 111 -70.41 95.52 1.60
N THR E 112 -69.98 94.30 1.92
CA THR E 112 -70.46 93.11 1.24
C THR E 112 -70.68 91.99 2.24
N PRO E 113 -71.93 91.58 2.47
CA PRO E 113 -72.19 90.50 3.43
C PRO E 113 -71.73 89.16 2.88
N TYR E 114 -70.96 88.44 3.69
CA TYR E 114 -70.47 87.11 3.35
C TYR E 114 -71.03 86.11 4.35
N VAL E 115 -71.16 84.87 3.88
CA VAL E 115 -71.63 83.75 4.68
C VAL E 115 -70.50 83.28 5.59
N PHE E 116 -70.81 83.09 6.87
CA PHE E 116 -69.79 82.79 7.87
C PHE E 116 -70.23 81.60 8.71
N VAL E 117 -69.63 80.44 8.45
CA VAL E 117 -69.93 79.24 9.25
C VAL E 117 -68.89 79.16 10.36
N GLN E 118 -69.35 79.36 11.60
CA GLN E 118 -68.47 79.24 12.77
C GLN E 118 -68.25 77.76 13.07
N THR E 119 -67.30 77.18 12.35
CA THR E 119 -66.92 75.80 12.61
C THR E 119 -66.19 75.76 13.95
N PHE E 120 -66.96 75.55 15.01
CA PHE E 120 -66.44 75.27 16.33
C PHE E 120 -66.79 73.81 16.61
N THR E 121 -65.92 72.91 16.19
CA THR E 121 -66.05 71.54 16.64
C THR E 121 -65.86 71.49 18.14
N ALA E 122 -66.55 70.57 18.80
CA ALA E 122 -66.45 70.57 20.25
C ALA E 122 -65.09 70.15 20.74
N GLY E 123 -64.13 70.04 19.83
CA GLY E 123 -62.79 69.66 20.18
C GLY E 123 -62.56 68.18 20.28
N LYS E 124 -63.61 67.35 20.10
CA LYS E 124 -63.38 65.92 19.99
C LYS E 124 -62.79 65.31 21.26
N THR E 125 -63.62 64.92 22.22
CA THR E 125 -63.13 64.37 23.49
C THR E 125 -61.94 63.44 23.34
N ALA E 126 -61.16 63.31 24.42
CA ALA E 126 -59.90 62.58 24.35
C ALA E 126 -60.12 61.13 24.00
N ALA E 127 -61.21 60.53 24.52
CA ALA E 127 -61.42 59.11 24.33
C ALA E 127 -61.41 58.75 22.84
N GLU E 128 -62.16 59.50 22.04
CA GLU E 128 -62.24 59.20 20.62
C GLU E 128 -60.95 59.56 19.88
N VAL E 129 -60.29 60.65 20.28
CA VAL E 129 -59.03 61.02 19.66
C VAL E 129 -57.99 59.92 19.87
N LEU E 130 -57.90 59.41 21.10
CA LEU E 130 -57.02 58.29 21.37
C LEU E 130 -57.47 57.04 20.59
N THR E 131 -58.76 56.75 20.56
CA THR E 131 -59.22 55.58 19.81
C THR E 131 -58.70 55.64 18.37
N GLY E 132 -58.87 56.80 17.72
CA GLY E 132 -58.39 56.93 16.35
C GLY E 132 -56.87 56.88 16.23
N GLY E 133 -56.16 57.58 17.12
CA GLY E 133 -54.72 57.73 16.97
C GLY E 133 -53.86 56.60 17.47
N ILE E 134 -54.28 55.90 18.54
CA ILE E 134 -53.42 54.95 19.23
C ILE E 134 -52.94 53.83 18.31
N LYS E 135 -53.80 53.34 17.41
CA LYS E 135 -53.36 52.32 16.46
C LYS E 135 -52.12 52.81 15.73
N ASP E 136 -52.20 54.03 15.19
CA ASP E 136 -51.10 54.62 14.44
C ASP E 136 -49.91 54.84 15.35
N VAL E 137 -50.17 55.24 16.59
CA VAL E 137 -49.12 55.47 17.58
C VAL E 137 -48.30 54.21 17.79
N ILE E 138 -48.96 53.09 18.04
CA ILE E 138 -48.26 51.85 18.35
C ILE E 138 -47.53 51.31 17.12
N THR E 139 -48.17 51.34 15.94
CA THR E 139 -47.58 50.64 14.80
C THR E 139 -46.20 51.20 14.47
N LYS E 140 -46.03 52.53 14.49
CA LYS E 140 -44.82 53.14 13.94
C LYS E 140 -43.67 53.28 14.97
N MET E 141 -43.05 52.16 15.32
CA MET E 141 -41.76 52.24 16.02
C MET E 141 -40.72 51.41 15.28
N ASN E 142 -39.48 51.90 15.33
CA ASN E 142 -38.39 51.38 14.52
C ASN E 142 -37.18 51.07 15.37
N PHE E 143 -36.44 50.05 14.94
CA PHE E 143 -35.34 49.47 15.70
C PHE E 143 -34.27 49.04 14.72
N PRO E 144 -33.02 48.85 15.19
CA PRO E 144 -32.01 48.27 14.28
C PRO E 144 -32.41 46.91 13.77
N THR E 145 -33.08 46.11 14.60
CA THR E 145 -33.53 44.79 14.22
C THR E 145 -35.05 44.74 14.33
N MET E 146 -35.70 44.05 13.40
CA MET E 146 -37.15 43.90 13.43
C MET E 146 -37.46 42.50 12.92
N MET E 147 -38.66 41.95 13.17
CA MET E 147 -38.91 40.55 12.74
C MET E 147 -40.41 40.28 12.50
N LYS E 148 -40.73 39.60 11.39
CA LYS E 148 -42.14 39.20 11.14
C LYS E 148 -42.44 38.03 12.07
N TRP E 149 -43.60 38.01 12.72
CA TRP E 149 -43.86 36.94 13.72
C TRP E 149 -45.12 36.15 13.34
N SER E 150 -45.10 34.83 13.56
CA SER E 150 -46.27 33.96 13.25
C SER E 150 -46.71 34.07 11.79
N THR E 151 -48.01 34.04 11.54
CA THR E 151 -48.53 34.05 10.14
C THR E 151 -48.66 35.48 9.62
N TYR E 152 -47.63 36.33 9.79
CA TYR E 152 -47.86 37.69 9.35
C TYR E 152 -46.56 38.20 8.73
N SER E 153 -46.59 39.44 8.21
CA SER E 153 -45.39 40.07 7.68
C SER E 153 -45.05 41.37 8.41
N PHE E 154 -45.77 41.70 9.49
CA PHE E 154 -45.44 42.91 10.24
C PHE E 154 -44.17 42.70 11.05
N LYS E 155 -43.22 43.61 10.88
CA LYS E 155 -41.90 43.51 11.50
C LYS E 155 -41.80 44.36 12.76
N TYR E 156 -41.21 43.78 13.81
CA TYR E 156 -40.99 44.49 15.07
C TYR E 156 -39.77 43.90 15.75
N ILE E 157 -39.28 44.58 16.79
CA ILE E 157 -38.10 44.10 17.51
C ILE E 157 -38.40 42.81 18.27
N ARG E 158 -39.58 42.72 18.90
CA ARG E 158 -39.92 41.52 19.61
C ARG E 158 -41.43 41.36 19.50
N PRO E 159 -41.93 40.14 19.42
CA PRO E 159 -43.38 39.94 19.29
C PRO E 159 -44.13 40.51 20.49
N ILE E 160 -45.23 41.20 20.20
CA ILE E 160 -46.00 41.95 21.19
C ILE E 160 -47.16 41.11 21.70
N ARG E 161 -47.24 40.96 23.02
CA ARG E 161 -48.18 40.05 23.68
C ARG E 161 -49.38 40.73 24.35
N TRP E 162 -49.20 41.89 24.98
CA TRP E 162 -50.33 42.52 25.66
C TRP E 162 -50.19 44.04 25.58
N ILE E 163 -51.33 44.72 25.69
CA ILE E 163 -51.39 46.17 25.60
C ILE E 163 -52.26 46.69 26.74
N VAL E 164 -51.72 47.64 27.50
CA VAL E 164 -52.46 48.32 28.55
C VAL E 164 -52.62 49.77 28.12
N SER E 165 -53.87 50.20 27.93
CA SER E 165 -54.17 51.53 27.41
C SER E 165 -55.31 52.10 28.25
N LEU E 166 -54.97 52.95 29.21
CA LEU E 166 -55.93 53.45 30.19
C LEU E 166 -56.00 54.96 30.14
N LEU E 167 -57.21 55.50 30.04
CA LEU E 167 -57.39 56.95 30.13
C LEU E 167 -57.99 57.22 31.52
N ASP E 168 -57.10 57.23 32.51
CA ASP E 168 -57.36 57.43 33.93
C ASP E 168 -58.20 56.34 34.57
N ASP E 169 -59.17 55.80 33.84
CA ASP E 169 -59.89 54.63 34.28
C ASP E 169 -60.45 53.86 33.10
N GLU E 170 -60.66 54.57 31.99
CA GLU E 170 -61.23 53.98 30.79
C GLU E 170 -60.14 53.43 29.90
N VAL E 171 -60.42 52.28 29.30
CA VAL E 171 -59.50 51.63 28.39
C VAL E 171 -59.77 52.16 26.99
N VAL E 172 -58.72 52.61 26.31
CA VAL E 172 -58.84 52.96 24.90
C VAL E 172 -58.57 51.69 24.11
N PRO E 173 -59.55 50.95 23.51
CA PRO E 173 -59.21 49.73 22.77
C PRO E 173 -58.78 49.98 21.31
N VAL E 174 -57.84 49.18 20.79
CA VAL E 174 -57.37 49.35 19.38
C VAL E 174 -57.24 47.98 18.70
N GLN E 175 -57.06 46.91 19.47
CA GLN E 175 -56.98 45.52 18.91
C GLN E 175 -55.95 45.45 17.76
N ILE E 176 -54.67 45.62 18.07
CA ILE E 176 -53.61 45.55 17.02
C ILE E 176 -53.41 44.09 16.61
N LEU E 177 -53.70 43.75 15.35
CA LEU E 177 -53.58 42.34 14.86
C LEU E 177 -54.47 41.42 15.72
N ASP E 178 -53.96 40.24 16.07
CA ASP E 178 -54.72 39.29 16.93
C ASP E 178 -54.75 39.83 18.37
N VAL E 179 -53.59 40.15 18.92
CA VAL E 179 -53.47 40.64 20.30
C VAL E 179 -54.43 41.83 20.53
N ALA E 180 -55.39 41.67 21.42
CA ALA E 180 -56.22 42.82 21.74
C ALA E 180 -55.49 43.78 22.69
N ALA E 181 -56.10 44.94 22.93
CA ALA E 181 -55.58 45.92 23.87
C ALA E 181 -56.47 45.92 25.10
N GLY E 182 -55.86 45.71 26.27
CA GLY E 182 -56.62 45.57 27.49
C GLY E 182 -56.06 46.21 28.75
N ARG E 183 -56.65 45.84 29.89
CA ARG E 183 -56.26 46.34 31.20
C ARG E 183 -55.35 45.36 31.92
N VAL E 184 -54.77 44.40 31.20
CA VAL E 184 -54.01 43.31 31.79
C VAL E 184 -52.52 43.57 31.57
N SER E 185 -51.77 43.69 32.66
CA SER E 185 -50.32 43.83 32.62
C SER E 185 -49.68 42.57 33.18
N ARG E 186 -48.41 42.35 32.84
CA ARG E 186 -47.69 41.17 33.31
C ARG E 186 -46.55 41.56 34.24
N GLY E 187 -46.47 40.86 35.38
CA GLY E 187 -45.42 41.08 36.36
C GLY E 187 -44.12 40.40 36.03
N HIS E 188 -43.37 40.07 37.08
CA HIS E 188 -42.05 39.45 36.92
C HIS E 188 -42.17 38.09 36.23
N ARG E 189 -41.26 37.84 35.28
CA ARG E 189 -41.36 36.63 34.46
C ARG E 189 -41.23 35.35 35.27
N PHE E 190 -40.65 35.41 36.47
CA PHE E 190 -40.50 34.24 37.33
C PHE E 190 -41.35 34.36 38.58
N LEU E 191 -41.18 35.47 39.29
CA LEU E 191 -41.84 35.72 40.56
C LEU E 191 -43.20 36.39 40.43
N GLY E 192 -43.48 37.02 39.28
CA GLY E 192 -44.64 37.89 39.17
C GLY E 192 -45.73 37.46 38.20
N HIS E 193 -46.94 37.36 38.72
CA HIS E 193 -48.10 36.96 37.95
C HIS E 193 -48.63 38.14 37.15
N ASP E 194 -49.65 37.89 36.35
CA ASP E 194 -50.35 38.97 35.68
C ASP E 194 -51.08 39.80 36.73
N VAL E 195 -51.49 41.00 36.34
CA VAL E 195 -52.14 41.92 37.27
C VAL E 195 -53.02 42.87 36.48
N GLU E 196 -54.22 43.12 37.03
CA GLU E 196 -55.10 44.14 36.50
C GLU E 196 -54.85 45.47 37.18
N ILE E 197 -55.15 46.54 36.45
CA ILE E 197 -55.07 47.91 36.95
C ILE E 197 -56.48 48.48 36.94
N ALA E 198 -56.89 49.08 38.05
CA ALA E 198 -58.21 49.69 38.10
C ALA E 198 -58.19 51.05 37.41
N THR E 199 -57.26 51.91 37.83
CA THR E 199 -57.10 53.24 37.28
C THR E 199 -55.65 53.44 36.87
N ALA E 200 -55.43 54.28 35.86
CA ALA E 200 -54.10 54.44 35.29
C ALA E 200 -53.07 54.93 36.31
N ALA E 201 -53.51 55.70 37.30
CA ALA E 201 -52.59 56.22 38.30
C ALA E 201 -51.93 55.07 39.06
N ASP E 202 -52.65 53.96 39.25
CA ASP E 202 -52.13 52.84 40.02
C ASP E 202 -50.94 52.16 39.35
N TYR E 203 -50.74 52.39 38.03
CA TYR E 203 -49.83 51.55 37.25
C TYR E 203 -48.52 51.22 37.95
N GLU E 204 -47.69 52.23 38.20
CA GLU E 204 -46.38 52.00 38.81
C GLU E 204 -46.50 51.19 40.09
N ALA E 205 -47.38 51.66 41.00
CA ALA E 205 -47.53 50.99 42.28
C ALA E 205 -47.79 49.50 42.10
N ASP E 206 -48.75 49.16 41.23
CA ASP E 206 -49.14 47.77 41.08
C ASP E 206 -47.98 46.91 40.60
N LEU E 207 -47.14 47.45 39.71
CA LEU E 207 -46.00 46.69 39.23
C LEU E 207 -45.03 46.37 40.36
N ALA E 208 -44.87 47.30 41.31
CA ALA E 208 -44.05 46.99 42.48
C ALA E 208 -44.57 45.77 43.22
N SER E 209 -45.88 45.54 43.18
CA SER E 209 -46.49 44.38 43.82
C SER E 209 -46.06 43.09 43.12
N VAL E 210 -46.11 43.07 41.79
CA VAL E 210 -45.79 41.87 41.01
C VAL E 210 -44.28 41.81 40.82
N GLN E 211 -43.57 42.62 41.60
CA GLN E 211 -42.11 42.58 41.70
C GLN E 211 -41.47 42.96 40.37
N VAL E 212 -41.84 44.15 39.89
CA VAL E 212 -41.22 44.78 38.74
C VAL E 212 -40.97 46.23 39.08
N VAL E 213 -39.77 46.72 38.78
CA VAL E 213 -39.44 48.13 38.95
C VAL E 213 -39.61 48.75 37.56
N ALA E 214 -40.78 49.35 37.32
CA ALA E 214 -41.07 49.87 35.99
C ALA E 214 -40.19 51.07 35.67
N ASP E 215 -39.91 51.91 36.65
CA ASP E 215 -39.06 53.08 36.44
C ASP E 215 -37.62 52.63 36.25
N ALA E 216 -37.09 52.84 35.04
CA ALA E 216 -35.72 52.43 34.75
C ALA E 216 -34.72 53.17 35.61
N ALA E 217 -34.96 54.46 35.87
CA ALA E 217 -34.06 55.22 36.73
C ALA E 217 -34.04 54.63 38.14
N LYS E 218 -35.22 54.30 38.68
CA LYS E 218 -35.29 53.69 40.01
C LYS E 218 -34.61 52.32 40.01
N ARG E 219 -34.80 51.55 38.93
CA ARG E 219 -34.17 50.23 38.82
C ARG E 219 -32.64 50.32 38.80
N LYS E 220 -32.09 51.19 37.95
CA LYS E 220 -30.65 51.33 37.89
C LYS E 220 -30.11 51.87 39.20
N ALA E 221 -30.85 52.79 39.83
CA ALA E 221 -30.46 53.26 41.14
C ALA E 221 -30.40 52.12 42.13
N THR E 222 -31.38 51.21 42.08
CA THR E 222 -31.38 50.07 42.99
C THR E 222 -30.18 49.16 42.76
N ILE E 223 -29.86 48.90 41.49
CA ILE E 223 -28.70 48.06 41.18
C ILE E 223 -27.44 48.69 41.73
N ARG E 224 -27.24 49.98 41.46
CA ARG E 224 -26.05 50.69 41.92
C ARG E 224 -25.98 50.74 43.44
N GLU E 225 -27.13 50.97 44.09
CA GLU E 225 -27.17 51.04 45.54
C GLU E 225 -26.75 49.72 46.16
N GLN E 226 -27.26 48.60 45.64
CA GLN E 226 -26.83 47.32 46.20
C GLN E 226 -25.38 47.02 45.90
N ILE E 227 -24.87 47.42 44.73
CA ILE E 227 -23.46 47.20 44.45
C ILE E 227 -22.61 47.94 45.46
N ALA E 228 -22.95 49.20 45.73
CA ALA E 228 -22.20 49.97 46.73
C ALA E 228 -22.37 49.38 48.13
N ALA E 229 -23.57 48.90 48.46
CA ALA E 229 -23.79 48.29 49.76
C ALA E 229 -22.91 47.07 49.96
N LEU E 230 -22.81 46.21 48.95
CA LEU E 230 -21.97 45.02 49.07
C LEU E 230 -20.48 45.40 49.09
N ALA E 231 -20.08 46.38 48.28
CA ALA E 231 -18.68 46.80 48.29
C ALA E 231 -18.31 47.35 49.66
N ASN E 232 -19.21 48.09 50.29
CA ASN E 232 -18.97 48.61 51.63
C ASN E 232 -19.21 47.57 52.71
N GLU E 233 -19.87 46.47 52.38
CA GLU E 233 -20.16 45.41 53.33
C GLU E 233 -19.01 44.44 53.46
N ARG E 234 -18.29 44.17 52.37
CA ARG E 234 -17.10 43.34 52.41
C ARG E 234 -15.84 44.19 52.30
N ASP E 235 -15.97 45.51 52.42
CA ASP E 235 -14.86 46.46 52.33
C ASP E 235 -14.12 46.33 51.02
N TRP E 236 -14.85 45.98 49.97
CA TRP E 236 -14.32 45.85 48.63
C TRP E 236 -14.47 47.16 47.88
N GLN E 237 -13.66 47.30 46.82
CA GLN E 237 -13.76 48.45 45.92
C GLN E 237 -14.21 47.92 44.57
N ILE E 238 -15.53 47.81 44.40
CA ILE E 238 -16.10 47.42 43.13
C ILE E 238 -15.99 48.57 42.16
N LYS E 239 -15.48 48.30 40.97
CA LYS E 239 -15.40 49.30 39.91
C LYS E 239 -16.45 48.96 38.87
N VAL E 240 -17.45 49.83 38.75
CA VAL E 240 -18.59 49.60 37.89
C VAL E 240 -18.35 50.28 36.55
N ASN E 241 -18.65 49.56 35.47
CA ASN E 241 -18.67 50.15 34.14
C ASN E 241 -20.06 50.71 33.93
N GLU E 242 -20.15 51.85 33.23
CA GLU E 242 -21.45 52.52 33.16
C GLU E 242 -22.33 52.01 32.02
N ASP E 243 -21.74 51.78 30.84
CA ASP E 243 -22.52 51.22 29.75
C ASP E 243 -22.95 49.79 30.04
N LEU E 244 -22.07 49.00 30.68
CA LEU E 244 -22.47 47.68 31.14
C LEU E 244 -23.61 47.78 32.15
N LEU E 245 -23.53 48.76 33.04
CA LEU E 245 -24.60 48.95 34.02
C LEU E 245 -25.91 49.29 33.32
N GLU E 246 -25.85 50.08 32.24
CA GLU E 246 -27.04 50.36 31.45
C GLU E 246 -27.61 49.08 30.83
N GLU E 247 -26.72 48.24 30.27
CA GLU E 247 -27.14 46.95 29.73
C GLU E 247 -27.90 46.15 30.80
N VAL E 248 -27.28 46.01 31.97
CA VAL E 248 -27.89 45.21 33.03
C VAL E 248 -29.22 45.80 33.46
N ASN E 249 -29.28 47.12 33.62
CA ASN E 249 -30.54 47.79 33.93
C ASN E 249 -31.61 47.40 32.93
N ASN E 250 -31.24 47.34 31.65
CA ASN E 250 -32.15 46.93 30.60
C ASN E 250 -32.17 45.41 30.42
N LEU E 251 -31.66 44.66 31.39
CA LEU E 251 -31.77 43.21 31.41
C LEU E 251 -32.69 42.64 32.48
N VAL E 252 -33.10 43.42 33.48
CA VAL E 252 -33.85 42.91 34.62
C VAL E 252 -35.08 43.76 34.88
N GLU E 253 -35.97 43.22 35.73
CA GLU E 253 -37.14 43.94 36.24
C GLU E 253 -37.24 43.97 37.76
N TYR E 254 -36.48 43.14 38.47
CA TYR E 254 -36.51 43.10 39.94
C TYR E 254 -35.13 42.66 40.38
N PRO E 255 -34.28 43.59 40.79
CA PRO E 255 -32.85 43.31 40.95
C PRO E 255 -32.44 42.80 42.32
N THR E 256 -31.37 42.00 42.32
CA THR E 256 -30.64 41.69 43.55
C THR E 256 -29.18 41.42 43.15
N ALA E 257 -28.30 42.36 43.43
CA ALA E 257 -26.89 42.15 43.14
C ALA E 257 -26.31 41.09 44.07
N PHE E 258 -25.32 40.35 43.56
CA PHE E 258 -24.68 39.29 44.32
C PHE E 258 -23.24 39.18 43.87
N ALA E 259 -22.44 38.48 44.67
CA ALA E 259 -21.02 38.30 44.40
C ALA E 259 -20.65 36.83 44.45
N GLY E 260 -19.71 36.46 43.58
CA GLY E 260 -19.12 35.14 43.58
C GLY E 260 -17.60 35.24 43.69
N ASP E 261 -16.98 34.10 43.96
CA ASP E 261 -15.53 34.01 44.10
C ASP E 261 -14.93 33.21 42.96
N PHE E 262 -13.61 33.36 42.80
CA PHE E 262 -12.83 32.46 41.97
C PHE E 262 -11.47 32.29 42.62
N ASP E 263 -10.70 31.33 42.11
CA ASP E 263 -9.50 30.88 42.82
C ASP E 263 -8.36 31.86 42.67
N THR E 264 -7.64 32.07 43.77
CA THR E 264 -6.54 33.03 43.80
C THR E 264 -5.38 32.58 42.91
N LYS E 265 -5.30 31.29 42.58
CA LYS E 265 -4.25 30.85 41.65
C LYS E 265 -4.40 31.53 40.30
N TYR E 266 -5.64 31.84 39.89
CA TYR E 266 -5.85 32.55 38.65
C TYR E 266 -5.34 33.98 38.71
N LEU E 267 -5.07 34.50 39.92
CA LEU E 267 -4.41 35.79 40.02
C LEU E 267 -3.02 35.76 39.42
N THR E 268 -2.49 34.57 39.14
CA THR E 268 -1.23 34.47 38.42
C THR E 268 -1.32 35.06 37.02
N ILE E 269 -2.53 35.14 36.45
CA ILE E 269 -2.65 35.56 35.06
C ILE E 269 -2.97 37.06 35.02
N PRO E 270 -2.72 37.73 33.90
CA PRO E 270 -2.92 39.19 33.86
C PRO E 270 -4.35 39.63 34.15
N ASP E 271 -4.47 40.78 34.82
CA ASP E 271 -5.76 41.29 35.24
C ASP E 271 -6.67 41.69 34.08
N GLU E 272 -6.07 42.16 32.98
CA GLU E 272 -6.88 42.56 31.82
C GLU E 272 -7.68 41.39 31.29
N VAL E 273 -7.07 40.20 31.26
CA VAL E 273 -7.77 39.00 30.81
C VAL E 273 -8.95 38.70 31.72
N LEU E 274 -8.76 38.81 33.03
CA LEU E 274 -9.84 38.55 33.98
C LEU E 274 -10.99 39.52 33.78
N ILE E 275 -10.67 40.81 33.65
CA ILE E 275 -11.70 41.83 33.47
C ILE E 275 -12.42 41.63 32.14
N THR E 276 -11.68 41.32 31.08
CA THR E 276 -12.31 40.98 29.81
C THR E 276 -13.28 39.82 29.99
N SER E 277 -12.82 38.73 30.60
CA SER E 277 -13.68 37.58 30.84
C SER E 277 -14.98 38.01 31.52
N MET E 278 -14.85 38.53 32.74
CA MET E 278 -16.01 38.89 33.55
C MET E 278 -16.90 39.88 32.82
N ARG E 279 -16.41 41.09 32.57
CA ARG E 279 -17.25 42.14 31.98
C ARG E 279 -17.76 41.75 30.59
N ASP E 280 -16.86 41.39 29.67
CA ASP E 280 -17.26 41.28 28.28
C ASP E 280 -18.12 40.05 28.01
N HIS E 281 -17.86 38.94 28.71
CA HIS E 281 -18.54 37.70 28.37
C HIS E 281 -19.56 37.28 29.42
N GLN E 282 -19.16 37.28 30.68
CA GLN E 282 -20.12 37.01 31.74
C GLN E 282 -20.74 38.28 32.31
N ARG E 283 -20.26 39.45 31.89
CA ARG E 283 -20.79 40.73 32.35
C ARG E 283 -20.80 40.80 33.87
N PHE E 284 -19.66 40.42 34.45
CA PHE E 284 -19.46 40.47 35.89
C PHE E 284 -18.61 41.68 36.27
N PHE E 285 -18.78 42.12 37.51
CA PHE E 285 -18.03 43.25 38.05
C PHE E 285 -16.87 42.75 38.89
N TYR E 286 -15.67 42.91 38.36
CA TYR E 286 -14.43 42.62 39.06
C TYR E 286 -14.24 43.53 40.25
N VAL E 287 -13.61 42.99 41.29
CA VAL E 287 -13.47 43.62 42.59
C VAL E 287 -12.00 43.94 42.85
N THR E 288 -11.71 45.20 43.17
CA THR E 288 -10.38 45.59 43.61
C THR E 288 -10.43 45.98 45.08
N ASP E 289 -9.24 46.15 45.67
CA ASP E 289 -9.08 46.49 47.08
C ASP E 289 -8.76 47.97 47.25
N ALA E 290 -8.37 48.34 48.48
CA ALA E 290 -8.02 49.74 48.76
C ALA E 290 -6.84 50.20 47.91
N GLU E 291 -5.78 49.41 47.84
CA GLU E 291 -4.68 49.76 46.94
C GLU E 291 -5.05 49.58 45.48
N ASP E 292 -6.31 49.21 45.22
CA ASP E 292 -6.91 49.04 43.90
C ASP E 292 -6.41 47.75 43.23
N ASN E 293 -5.72 46.90 43.98
CA ASN E 293 -5.32 45.58 43.48
C ASN E 293 -6.53 44.66 43.36
N LEU E 294 -6.54 43.84 42.31
CA LEU E 294 -7.69 43.01 41.99
C LEU E 294 -7.80 41.82 42.94
N LEU E 295 -9.01 41.64 43.55
CA LEU E 295 -9.44 40.58 44.47
C LEU E 295 -10.10 39.45 43.70
N PRO E 296 -9.95 38.19 44.17
CA PRO E 296 -10.51 37.05 43.45
C PRO E 296 -12.01 36.92 43.56
N HIS E 297 -12.74 37.95 43.11
CA HIS E 297 -14.19 37.96 43.21
C HIS E 297 -14.79 38.63 41.98
N PHE E 298 -16.08 38.37 41.77
CA PHE E 298 -16.86 38.96 40.70
C PHE E 298 -18.22 39.33 41.25
N VAL E 299 -18.91 40.20 40.53
CA VAL E 299 -20.23 40.69 40.95
C VAL E 299 -21.16 40.55 39.76
N SER E 300 -22.39 40.12 40.04
CA SER E 300 -23.44 40.01 39.04
C SER E 300 -24.75 40.46 39.67
N VAL E 301 -25.84 40.36 38.91
CA VAL E 301 -27.17 40.70 39.39
C VAL E 301 -28.13 39.57 39.04
N ARG E 302 -28.94 39.15 39.99
CA ARG E 302 -30.03 38.23 39.69
C ARG E 302 -31.31 39.03 39.46
N ASN E 303 -32.11 38.55 38.51
CA ASN E 303 -33.44 39.10 38.33
C ASN E 303 -34.38 38.42 39.32
N GLY E 304 -34.00 38.39 40.58
CA GLY E 304 -34.80 37.70 41.56
C GLY E 304 -34.54 38.24 42.95
N ASN E 305 -35.15 37.57 43.93
CA ASN E 305 -34.97 37.92 45.33
C ASN E 305 -33.82 37.09 45.91
N THR E 306 -33.67 37.09 47.22
CA THR E 306 -32.64 36.27 47.85
C THR E 306 -33.22 34.91 48.24
N ASP E 307 -33.83 34.24 47.27
CA ASP E 307 -34.32 32.89 47.44
C ASP E 307 -33.43 31.98 46.60
N HIS E 308 -32.74 31.06 47.25
CA HIS E 308 -31.79 30.15 46.60
C HIS E 308 -30.74 30.94 45.82
N LEU E 309 -30.39 32.12 46.34
CA LEU E 309 -29.42 33.00 45.67
C LEU E 309 -28.05 32.35 45.58
N GLU E 310 -27.64 31.65 46.63
CA GLU E 310 -26.34 31.00 46.65
C GLU E 310 -26.20 30.03 45.48
N ASN E 311 -27.29 29.37 45.09
CA ASN E 311 -27.24 28.43 43.98
C ASN E 311 -26.94 29.14 42.66
N VAL E 312 -27.56 30.30 42.44
CA VAL E 312 -27.25 31.10 41.26
C VAL E 312 -25.80 31.55 41.29
N ALA E 313 -25.34 32.00 42.46
CA ALA E 313 -23.95 32.42 42.58
C ALA E 313 -22.99 31.28 42.25
N LEU E 314 -23.31 30.08 42.72
CA LEU E 314 -22.46 28.92 42.44
C LEU E 314 -22.51 28.52 40.96
N GLY E 315 -23.67 28.65 40.32
CA GLY E 315 -23.74 28.38 38.89
C GLY E 315 -22.88 29.35 38.08
N ASN E 316 -22.98 30.64 38.39
CA ASN E 316 -22.13 31.62 37.73
C ASN E 316 -20.67 31.35 38.03
N GLN E 317 -20.38 30.91 39.26
CA GLN E 317 -19.02 30.51 39.61
C GLN E 317 -18.54 29.36 38.74
N LYS E 318 -19.40 28.37 38.52
CA LYS E 318 -19.05 27.22 37.69
C LYS E 318 -18.69 27.67 36.29
N VAL E 319 -19.54 28.51 35.69
CA VAL E 319 -19.32 28.94 34.31
C VAL E 319 -18.05 29.78 34.21
N LEU E 320 -17.93 30.81 35.07
CA LEU E 320 -16.79 31.71 34.98
C LEU E 320 -15.50 30.97 35.29
N THR E 321 -15.49 30.12 36.30
CA THR E 321 -14.29 29.36 36.64
C THR E 321 -13.92 28.39 35.53
N ALA E 322 -14.90 27.85 34.81
CA ALA E 322 -14.60 27.04 33.63
C ALA E 322 -13.86 27.88 32.59
N ARG E 323 -14.38 29.07 32.29
CA ARG E 323 -13.67 29.95 31.36
C ARG E 323 -12.27 30.27 31.88
N LEU E 324 -12.13 30.42 33.20
CA LEU E 324 -10.83 30.76 33.78
C LEU E 324 -9.84 29.62 33.62
N GLU E 325 -10.31 28.37 33.76
CA GLU E 325 -9.45 27.23 33.51
C GLU E 325 -9.01 27.18 32.04
N ASP E 326 -9.93 27.46 31.12
CA ASP E 326 -9.53 27.57 29.71
C ASP E 326 -8.48 28.66 29.52
N ALA E 327 -8.67 29.81 30.18
CA ALA E 327 -7.73 30.91 30.05
C ALA E 327 -6.36 30.52 30.60
N ALA E 328 -6.32 29.81 31.73
CA ALA E 328 -5.05 29.34 32.27
C ALA E 328 -4.37 28.38 31.31
N PHE E 329 -5.14 27.48 30.71
CA PHE E 329 -4.59 26.56 29.72
C PHE E 329 -3.96 27.32 28.56
N PHE E 330 -4.70 28.26 27.99
CA PHE E 330 -4.18 29.03 26.85
C PHE E 330 -2.98 29.87 27.23
N TYR E 331 -3.03 30.54 28.38
CA TYR E 331 -1.91 31.38 28.81
C TYR E 331 -0.65 30.56 29.00
N HIS E 332 -0.73 29.48 29.79
CA HIS E 332 0.45 28.73 30.12
C HIS E 332 0.94 27.87 28.96
N GLU E 333 0.13 27.69 27.91
CA GLU E 333 0.65 27.07 26.70
C GLU E 333 1.26 28.09 25.75
N ASP E 334 0.68 29.30 25.68
CA ASP E 334 1.26 30.38 24.87
C ASP E 334 2.62 30.83 25.41
N GLN E 335 2.83 30.69 26.72
CA GLN E 335 4.13 31.06 27.30
C GLN E 335 5.26 30.18 26.80
N GLN E 336 4.95 28.98 26.27
CA GLN E 336 6.00 28.03 25.94
C GLN E 336 6.80 28.48 24.71
N HIS E 337 6.12 28.95 23.68
CA HIS E 337 6.78 29.22 22.40
C HIS E 337 7.47 30.57 22.37
N SER E 338 8.55 30.64 21.59
CA SER E 338 9.24 31.89 21.32
C SER E 338 8.56 32.63 20.17
N ILE E 339 8.97 33.88 19.98
CA ILE E 339 8.31 34.76 19.01
C ILE E 339 8.52 34.25 17.57
N GLN E 340 9.68 33.65 17.29
CA GLN E 340 10.01 33.24 15.93
C GLN E 340 8.94 32.33 15.34
N GLU E 341 8.43 31.37 16.12
CA GLU E 341 7.39 30.48 15.62
C GLU E 341 6.11 31.26 15.30
N TYR E 342 5.71 32.19 16.16
CA TYR E 342 4.51 32.99 15.89
C TYR E 342 4.68 33.82 14.63
N VAL E 343 5.89 34.38 14.43
CA VAL E 343 6.15 35.13 13.21
C VAL E 343 5.97 34.23 12.00
N GLU E 344 6.46 32.99 12.09
CA GLU E 344 6.26 32.05 10.98
C GLU E 344 4.78 31.76 10.76
N ARG E 345 4.05 31.53 11.86
CA ARG E 345 2.62 31.24 11.75
C ARG E 345 1.86 32.40 11.11
N LEU E 346 2.37 33.62 11.24
CA LEU E 346 1.71 34.78 10.62
C LEU E 346 1.66 34.68 9.10
N LYS E 347 2.53 33.88 8.48
CA LYS E 347 2.50 33.72 7.03
C LYS E 347 1.23 33.04 6.54
N LYS E 348 0.64 32.15 7.34
CA LYS E 348 -0.58 31.49 6.89
C LYS E 348 -1.79 32.43 6.94
N VAL E 349 -1.84 33.34 7.91
CA VAL E 349 -3.00 34.21 8.11
C VAL E 349 -3.03 35.26 7.00
N SER E 350 -4.00 35.13 6.08
CA SER E 350 -4.15 36.11 5.01
C SER E 350 -4.66 37.44 5.56
N PHE E 351 -3.97 38.52 5.19
CA PHE E 351 -4.42 39.86 5.55
C PHE E 351 -5.65 40.25 4.74
N HIS E 352 -5.71 39.84 3.48
CA HIS E 352 -6.90 39.93 2.66
C HIS E 352 -6.68 39.09 1.41
N ASP E 353 -7.77 38.86 0.66
CA ASP E 353 -7.70 38.10 -0.58
C ASP E 353 -6.66 38.70 -1.51
N LYS E 354 -6.94 39.93 -1.96
CA LYS E 354 -6.15 40.59 -2.98
C LYS E 354 -4.87 41.22 -2.44
N ILE E 355 -4.70 41.30 -1.13
CA ILE E 355 -3.47 41.85 -0.54
C ILE E 355 -2.47 40.75 -0.24
N GLY E 356 -2.86 39.78 0.60
CA GLY E 356 -1.93 38.73 0.97
C GLY E 356 -1.98 38.44 2.46
N THR E 357 -0.85 38.12 3.05
CA THR E 357 -0.78 37.71 4.45
C THR E 357 -0.49 38.92 5.35
N MET E 358 -0.61 38.68 6.66
CA MET E 358 -0.35 39.74 7.64
C MET E 358 1.14 40.00 7.82
N TYR E 359 1.98 38.99 7.54
CA TYR E 359 3.42 39.17 7.69
C TYR E 359 3.95 40.23 6.73
N GLU E 360 3.46 40.23 5.49
CA GLU E 360 3.85 41.29 4.56
C GLU E 360 3.45 42.65 5.10
N LYS E 361 2.28 42.72 5.73
CA LYS E 361 1.86 43.95 6.37
C LYS E 361 2.85 44.37 7.45
N MET E 362 3.36 43.41 8.20
CA MET E 362 4.33 43.74 9.25
C MET E 362 5.63 44.26 8.66
N GLN E 363 6.12 43.65 7.58
CA GLN E 363 7.36 44.13 6.95
C GLN E 363 7.18 45.54 6.38
N ARG E 364 6.09 45.76 5.64
CA ARG E 364 5.84 47.08 5.07
C ARG E 364 5.70 48.12 6.17
N VAL E 365 4.96 47.79 7.23
CA VAL E 365 4.79 48.71 8.35
C VAL E 365 6.13 48.99 9.03
N MET E 366 7.01 47.99 9.08
CA MET E 366 8.32 48.21 9.67
C MET E 366 9.13 49.23 8.88
N ILE E 367 9.20 49.07 7.56
CA ILE E 367 9.95 50.04 6.75
C ILE E 367 9.30 51.42 6.85
N ILE E 368 7.96 51.45 6.79
CA ILE E 368 7.22 52.71 6.89
C ILE E 368 7.54 53.40 8.21
N SER E 369 7.58 52.63 9.30
CA SER E 369 7.88 53.18 10.61
C SER E 369 9.31 53.69 10.67
N ASP E 370 10.25 53.00 10.03
CA ASP E 370 11.63 53.50 10.01
C ASP E 370 11.68 54.89 9.38
N PHE E 371 11.10 55.03 8.19
CA PHE E 371 11.15 56.33 7.53
C PHE E 371 10.37 57.38 8.32
N LEU E 372 9.23 57.00 8.91
CA LEU E 372 8.42 57.96 9.64
C LEU E 372 9.10 58.42 10.92
N ALA E 373 9.81 57.51 11.60
CA ALA E 373 10.63 57.93 12.74
C ALA E 373 11.70 58.91 12.30
N ASP E 374 12.29 58.67 11.13
CA ASP E 374 13.24 59.64 10.58
C ASP E 374 12.58 61.01 10.40
N ARG E 375 11.45 61.04 9.69
CA ARG E 375 10.84 62.32 9.34
C ARG E 375 10.35 63.06 10.59
N PHE E 376 9.79 62.33 11.55
CA PHE E 376 9.18 62.98 12.71
C PHE E 376 10.19 63.45 13.73
N GLY E 377 11.45 63.03 13.63
CA GLY E 377 12.43 63.49 14.58
C GLY E 377 12.34 62.84 15.93
N LEU E 378 12.67 61.55 15.99
CA LEU E 378 12.73 60.79 17.22
C LEU E 378 14.19 60.44 17.49
N THR E 379 14.51 60.21 18.76
CA THR E 379 15.90 59.94 19.10
C THR E 379 16.34 58.60 18.54
N GLU E 380 17.66 58.39 18.52
CA GLU E 380 18.22 57.13 18.04
C GLU E 380 17.61 55.97 18.82
N THR E 381 17.56 56.10 20.14
CA THR E 381 17.01 55.04 20.99
C THR E 381 15.54 54.80 20.69
N GLU E 382 14.76 55.87 20.55
CA GLU E 382 13.35 55.70 20.22
C GLU E 382 13.18 55.07 18.85
N LYS E 383 14.04 55.45 17.90
CA LYS E 383 13.98 54.85 16.57
C LYS E 383 14.26 53.36 16.63
N ASN E 384 15.24 52.96 17.44
CA ASN E 384 15.55 51.53 17.58
C ASN E 384 14.40 50.78 18.25
N GLN E 385 13.79 51.37 19.28
CA GLN E 385 12.65 50.74 19.92
C GLN E 385 11.50 50.57 18.95
N LEU E 386 11.23 51.60 18.15
CA LEU E 386 10.17 51.54 17.14
C LEU E 386 10.45 50.49 16.09
N HIS E 387 11.69 50.44 15.58
CA HIS E 387 12.05 49.46 14.56
C HIS E 387 11.87 48.04 15.09
N ARG E 388 12.40 47.78 16.28
CA ARG E 388 12.28 46.45 16.87
C ARG E 388 10.81 46.08 17.09
N ALA E 389 10.01 47.02 17.62
CA ALA E 389 8.60 46.75 17.85
C ALA E 389 7.88 46.44 16.55
N ALA E 390 8.04 47.29 15.54
CA ALA E 390 7.40 47.07 14.25
C ALA E 390 7.80 45.74 13.64
N GLN E 391 8.98 45.24 13.99
CA GLN E 391 9.38 43.92 13.49
C GLN E 391 8.37 42.84 13.90
N ILE E 392 7.90 42.86 15.14
CA ILE E 392 7.22 41.73 15.74
C ILE E 392 5.83 42.07 16.28
N TYR E 393 5.34 43.30 16.03
CA TYR E 393 4.22 43.82 16.80
C TYR E 393 2.93 43.01 16.62
N LYS E 394 2.75 42.29 15.50
CA LYS E 394 1.50 41.59 15.24
C LYS E 394 1.56 40.09 15.53
N PHE E 395 2.60 39.61 16.21
CA PHE E 395 2.76 38.16 16.40
C PHE E 395 1.62 37.56 17.23
N ASP E 396 1.21 38.25 18.31
CA ASP E 396 0.27 37.64 19.24
C ASP E 396 -1.07 37.28 18.59
N LEU E 397 -1.30 37.71 17.34
CA LEU E 397 -2.53 37.33 16.66
C LEU E 397 -2.62 35.82 16.44
N VAL E 398 -1.51 35.10 16.47
CA VAL E 398 -1.59 33.65 16.28
C VAL E 398 -1.39 32.95 17.62
N THR E 399 -1.88 33.55 18.70
CA THR E 399 -1.87 32.92 20.00
C THR E 399 -3.28 32.43 20.33
N GLY E 400 -3.35 31.36 21.12
CA GLY E 400 -4.64 30.85 21.53
C GLY E 400 -5.34 31.76 22.51
N MET E 401 -4.57 32.54 23.26
CA MET E 401 -5.16 33.53 24.16
C MET E 401 -6.00 34.52 23.37
N VAL E 402 -5.48 34.98 22.23
CA VAL E 402 -6.25 35.83 21.34
C VAL E 402 -7.21 35.01 20.48
N GLY E 403 -6.94 33.72 20.27
CA GLY E 403 -7.89 32.88 19.56
C GLY E 403 -9.22 32.75 20.29
N GLU E 404 -9.17 32.71 21.62
CA GLU E 404 -10.40 32.70 22.41
C GLU E 404 -10.87 34.12 22.73
N PHE E 405 -9.93 35.03 23.00
CA PHE E 405 -10.26 36.44 23.22
C PHE E 405 -9.56 37.27 22.15
N PRO E 406 -10.17 37.40 20.96
CA PRO E 406 -9.62 38.32 19.96
C PRO E 406 -9.67 39.75 20.41
N GLU E 407 -10.54 40.07 21.38
CA GLU E 407 -10.62 41.42 21.91
C GLU E 407 -9.29 41.82 22.54
N LEU E 408 -8.56 40.84 23.09
CA LEU E 408 -7.33 41.06 23.84
C LEU E 408 -6.09 41.12 22.95
N GLN E 409 -6.24 41.45 21.67
CA GLN E 409 -5.08 41.55 20.78
C GLN E 409 -4.22 42.74 21.15
N GLY E 410 -2.91 42.58 20.99
CA GLY E 410 -1.97 43.63 21.33
C GLY E 410 -1.58 43.62 22.80
N VAL E 411 -2.59 43.68 23.67
CA VAL E 411 -2.34 43.63 25.11
C VAL E 411 -1.61 42.34 25.48
N MET E 412 -2.07 41.21 24.94
CA MET E 412 -1.37 39.96 25.18
C MET E 412 0.02 39.99 24.56
N GLY E 413 0.16 40.61 23.39
CA GLY E 413 1.48 40.76 22.79
C GLY E 413 2.40 41.56 23.68
N ASP E 414 1.91 42.66 24.24
CA ASP E 414 2.68 43.44 25.20
C ASP E 414 3.12 42.57 26.37
N LYS E 415 2.17 41.85 26.97
CA LYS E 415 2.49 41.05 28.15
C LYS E 415 3.52 39.97 27.83
N TYR E 416 3.38 39.29 26.70
CA TYR E 416 4.28 38.19 26.38
C TYR E 416 5.67 38.68 26.00
N ALA E 417 5.74 39.72 25.16
CA ALA E 417 7.05 40.26 24.78
C ALA E 417 7.80 40.83 25.98
N VAL E 418 7.09 41.53 26.87
CA VAL E 418 7.71 41.96 28.12
C VAL E 418 8.12 40.75 28.96
N LEU E 419 7.31 39.70 28.91
CA LEU E 419 7.63 38.48 29.64
C LEU E 419 8.90 37.83 29.09
N LYS E 420 9.14 37.95 27.78
CA LYS E 420 10.28 37.34 27.13
C LYS E 420 11.57 38.14 27.33
N GLY E 421 11.61 39.04 28.31
CA GLY E 421 12.78 39.85 28.57
C GLY E 421 13.12 40.84 27.47
N GLU E 422 12.11 41.42 26.82
CA GLU E 422 12.32 42.43 25.81
C GLU E 422 12.10 43.83 26.37
N ASP E 423 12.19 44.82 25.49
CA ASP E 423 12.15 46.21 25.90
C ASP E 423 10.73 46.63 26.28
N PRO E 424 10.53 47.20 27.48
CA PRO E 424 9.18 47.63 27.88
C PRO E 424 8.57 48.63 26.93
N ALA E 425 9.37 49.51 26.32
CA ALA E 425 8.83 50.43 25.32
C ALA E 425 8.27 49.66 24.13
N VAL E 426 8.91 48.55 23.77
CA VAL E 426 8.39 47.71 22.69
C VAL E 426 7.02 47.16 23.05
N GLY E 427 6.87 46.66 24.28
CA GLY E 427 5.58 46.12 24.68
C GLY E 427 4.50 47.17 24.74
N GLN E 428 4.84 48.36 25.25
CA GLN E 428 3.86 49.45 25.30
C GLN E 428 3.47 49.90 23.88
N ALA E 429 4.43 50.00 22.97
CA ALA E 429 4.13 50.39 21.60
C ALA E 429 3.27 49.37 20.90
N ILE E 430 3.54 48.07 21.12
CA ILE E 430 2.70 47.02 20.55
C ILE E 430 1.30 47.11 21.13
N ARG E 431 1.19 47.36 22.43
CA ARG E 431 -0.12 47.56 23.04
C ARG E 431 -0.84 48.75 22.41
N GLU E 432 -0.09 49.79 22.03
CA GLU E 432 -0.66 51.04 21.57
C GLU E 432 -0.92 51.12 20.08
N HIS E 433 -0.38 50.21 19.27
CA HIS E 433 -0.60 50.39 17.83
C HIS E 433 -2.05 50.11 17.43
N TYR E 434 -2.85 49.53 18.32
CA TYR E 434 -4.29 49.44 18.07
C TYR E 434 -5.03 50.72 18.43
N MET E 435 -4.49 51.53 19.33
CA MET E 435 -5.23 52.67 19.85
C MET E 435 -5.32 53.76 18.79
N PRO E 436 -6.46 54.48 18.71
CA PRO E 436 -7.66 54.26 19.53
C PRO E 436 -8.55 53.13 19.03
N ILE E 437 -9.28 52.51 19.96
CA ILE E 437 -10.21 51.44 19.60
C ILE E 437 -11.54 51.99 19.12
N SER E 438 -11.78 53.29 19.29
CA SER E 438 -13.05 53.89 18.90
C SER E 438 -12.80 55.33 18.47
N ALA E 439 -13.89 56.09 18.31
CA ALA E 439 -13.77 57.52 18.00
C ALA E 439 -13.44 58.34 19.23
N ASP E 440 -14.06 58.03 20.36
CA ASP E 440 -13.72 58.65 21.64
C ASP E 440 -12.91 57.67 22.50
N GLY E 441 -11.70 57.36 22.04
CA GLY E 441 -10.86 56.39 22.71
C GLY E 441 -9.47 56.97 22.98
N ASP E 442 -8.66 56.17 23.67
CA ASP E 442 -7.33 56.62 24.08
C ASP E 442 -6.31 56.42 22.96
N LEU E 443 -5.27 57.25 23.00
CA LEU E 443 -4.17 57.25 22.05
C LEU E 443 -2.86 56.84 22.72
N PRO E 444 -1.86 56.40 21.95
CA PRO E 444 -0.60 55.95 22.56
C PRO E 444 0.06 57.01 23.42
N LYS E 445 0.62 56.56 24.55
CA LYS E 445 1.31 57.44 25.48
C LYS E 445 2.78 57.68 25.13
N SER E 446 3.32 57.01 24.10
CA SER E 446 4.71 57.16 23.73
C SER E 446 4.79 57.49 22.24
N LYS E 447 5.88 58.15 21.85
CA LYS E 447 6.08 58.46 20.44
C LYS E 447 6.17 57.18 19.61
N VAL E 448 6.85 56.17 20.14
CA VAL E 448 7.04 54.92 19.41
C VAL E 448 5.70 54.26 19.12
N GLY E 449 4.84 54.17 20.14
CA GLY E 449 3.53 53.56 19.93
C GLY E 449 2.66 54.34 18.97
N ALA E 450 2.69 55.67 19.06
CA ALA E 450 1.91 56.50 18.14
C ALA E 450 2.36 56.30 16.71
N VAL E 451 3.68 56.35 16.47
CA VAL E 451 4.20 56.18 15.11
C VAL E 451 3.88 54.79 14.59
N LEU E 452 3.99 53.78 15.47
CA LEU E 452 3.66 52.41 15.05
C LEU E 452 2.21 52.29 14.63
N ALA E 453 1.30 52.86 15.43
CA ALA E 453 -0.13 52.80 15.10
C ALA E 453 -0.40 53.51 13.78
N ILE E 454 0.23 54.67 13.57
CA ILE E 454 0.03 55.40 12.33
C ILE E 454 0.48 54.55 11.15
N ALA E 455 1.66 53.93 11.26
CA ALA E 455 2.15 53.09 10.17
C ALA E 455 1.24 51.91 9.92
N ASP E 456 0.75 51.28 10.98
CA ASP E 456 -0.16 50.14 10.86
C ASP E 456 -1.41 50.51 10.09
N LYS E 457 -2.09 51.58 10.52
CA LYS E 457 -3.34 51.96 9.87
C LYS E 457 -3.10 52.53 8.47
N VAL E 458 -1.96 53.19 8.25
CA VAL E 458 -1.59 53.64 6.90
C VAL E 458 -1.46 52.45 5.97
N ASP E 459 -0.74 51.41 6.41
CA ASP E 459 -0.62 50.22 5.58
C ASP E 459 -2.00 49.63 5.30
N SER E 460 -2.84 49.54 6.32
CA SER E 460 -4.17 48.96 6.13
C SER E 460 -4.97 49.72 5.07
N ILE E 461 -5.05 51.05 5.21
CA ILE E 461 -5.89 51.83 4.31
C ILE E 461 -5.28 51.87 2.90
N THR E 462 -3.95 52.06 2.80
CA THR E 462 -3.30 52.08 1.50
C THR E 462 -3.54 50.77 0.76
N SER E 463 -3.41 49.63 1.46
CA SER E 463 -3.62 48.35 0.80
C SER E 463 -5.09 48.15 0.42
N PHE E 464 -6.02 48.50 1.31
CA PHE E 464 -7.43 48.30 1.00
C PHE E 464 -7.94 49.22 -0.09
N PHE E 465 -7.27 50.35 -0.32
CA PHE E 465 -7.56 51.17 -1.49
C PHE E 465 -6.76 50.76 -2.72
N ALA E 466 -5.67 50.03 -2.54
CA ALA E 466 -5.01 49.41 -3.67
C ALA E 466 -5.83 48.27 -4.24
N VAL E 467 -6.74 47.71 -3.46
CA VAL E 467 -7.64 46.64 -3.90
C VAL E 467 -9.07 47.13 -4.14
N GLY E 468 -9.34 48.42 -3.98
CA GLY E 468 -10.66 48.97 -4.27
C GLY E 468 -11.71 48.82 -3.19
N LEU E 469 -11.33 48.48 -1.96
CA LEU E 469 -12.30 48.27 -0.88
C LEU E 469 -12.57 49.58 -0.11
N THR E 470 -13.12 50.54 -0.85
CA THR E 470 -13.45 51.87 -0.34
C THR E 470 -14.71 51.83 0.52
N PRO E 471 -14.70 52.41 1.72
CA PRO E 471 -15.92 52.44 2.53
C PRO E 471 -17.02 53.26 1.87
N SER E 472 -18.26 52.89 2.17
CA SER E 472 -19.45 53.52 1.60
C SER E 472 -20.26 54.24 2.69
N GLY E 473 -21.43 54.74 2.32
CA GLY E 473 -22.19 55.62 3.20
C GLY E 473 -22.57 54.96 4.52
N SER E 474 -23.13 53.76 4.46
CA SER E 474 -23.50 53.01 5.66
C SER E 474 -22.60 51.81 5.90
N ASN E 475 -21.83 51.39 4.88
CA ASN E 475 -20.97 50.22 4.95
C ASN E 475 -19.53 50.69 5.05
N ASP E 476 -18.85 50.24 6.10
CA ASP E 476 -17.41 50.45 6.30
C ASP E 476 -16.82 49.08 6.54
N PRO E 477 -16.31 48.41 5.49
CA PRO E 477 -16.02 46.97 5.63
C PRO E 477 -14.92 46.63 6.63
N PHE E 478 -13.92 47.49 6.80
CA PHE E 478 -12.79 47.16 7.67
C PHE E 478 -12.53 48.25 8.70
N ALA E 479 -13.52 49.09 8.99
CA ALA E 479 -13.39 50.18 9.96
C ALA E 479 -12.25 51.13 9.59
N LEU E 480 -11.96 51.24 8.30
CA LEU E 480 -10.88 52.09 7.84
C LEU E 480 -11.17 53.56 8.12
N ARG E 481 -12.45 53.96 8.12
CA ARG E 481 -12.79 55.31 8.53
C ARG E 481 -12.36 55.56 9.97
N ARG E 482 -12.58 54.59 10.85
CA ARG E 482 -12.16 54.73 12.24
C ARG E 482 -10.65 54.75 12.39
N GLN E 483 -9.94 53.93 11.63
CA GLN E 483 -8.47 53.94 11.70
C GLN E 483 -7.92 55.28 11.22
N ALA E 484 -8.45 55.82 10.12
CA ALA E 484 -8.00 57.11 9.65
C ALA E 484 -8.32 58.21 10.67
N PHE E 485 -9.50 58.13 11.29
CA PHE E 485 -9.86 59.07 12.34
C PHE E 485 -8.87 58.99 13.49
N GLY E 486 -8.47 57.78 13.88
CA GLY E 486 -7.46 57.62 14.90
C GLY E 486 -6.12 58.18 14.48
N ILE E 487 -5.77 58.03 13.21
CA ILE E 487 -4.54 58.62 12.69
C ILE E 487 -4.57 60.14 12.89
N VAL E 488 -5.69 60.75 12.51
CA VAL E 488 -5.83 62.20 12.65
C VAL E 488 -5.70 62.61 14.12
N ARG E 489 -6.41 61.90 15.01
CA ARG E 489 -6.35 62.23 16.43
C ARG E 489 -4.93 62.09 16.97
N ILE E 490 -4.23 61.02 16.57
CA ILE E 490 -2.87 60.79 17.05
C ILE E 490 -1.95 61.91 16.57
N VAL E 491 -2.06 62.29 15.29
CA VAL E 491 -1.23 63.36 14.76
C VAL E 491 -1.51 64.67 15.51
N ARG E 492 -2.78 64.93 15.80
CA ARG E 492 -3.12 66.14 16.56
C ARG E 492 -2.50 66.08 17.95
N GLU E 493 -2.57 64.92 18.61
CA GLU E 493 -2.02 64.78 19.95
C GLU E 493 -0.51 64.95 19.94
N GLN E 494 0.15 64.59 18.85
CA GLN E 494 1.59 64.72 18.73
C GLN E 494 2.02 66.00 18.02
N GLY E 495 1.22 66.50 17.09
CA GLY E 495 1.54 67.74 16.42
C GLY E 495 2.72 67.57 15.48
N TRP E 496 2.51 66.86 14.38
CA TRP E 496 3.57 66.59 13.41
C TRP E 496 3.17 67.11 12.04
N ASP E 497 4.17 67.54 11.27
CA ASP E 497 3.94 67.95 9.89
C ASP E 497 3.63 66.71 9.07
N PHE E 498 2.41 66.61 8.58
CA PHE E 498 1.90 65.39 7.96
C PHE E 498 1.29 65.80 6.63
N PRO E 499 2.12 65.94 5.60
CA PRO E 499 1.63 66.33 4.27
C PRO E 499 1.06 65.16 3.51
N ILE E 500 -0.25 65.21 3.25
CA ILE E 500 -0.86 64.29 2.29
C ILE E 500 -0.39 64.75 0.91
N ARG E 501 0.46 65.78 0.89
CA ARG E 501 1.04 66.24 -0.36
C ARG E 501 2.15 65.30 -0.84
N GLN E 502 3.17 65.08 0.00
CA GLN E 502 4.31 64.28 -0.41
C GLN E 502 4.55 63.01 0.39
N LEU E 503 3.71 62.66 1.36
CA LEU E 503 3.94 61.40 2.04
C LEU E 503 3.77 60.24 1.07
N GLU E 504 2.91 60.42 0.07
CA GLU E 504 2.79 59.47 -1.02
C GLU E 504 4.14 59.20 -1.66
N ALA E 505 4.80 60.25 -2.15
CA ALA E 505 6.06 60.09 -2.86
C ALA E 505 7.13 59.48 -1.98
N ASP E 506 7.22 59.91 -0.72
CA ASP E 506 8.23 59.38 0.19
C ASP E 506 8.01 57.90 0.49
N ILE E 507 6.78 57.54 0.87
CA ILE E 507 6.48 56.14 1.18
C ILE E 507 6.72 55.28 -0.05
N GLN E 508 6.26 55.74 -1.21
CA GLN E 508 6.50 55.01 -2.45
C GLN E 508 7.99 54.84 -2.67
N LYS E 509 8.73 55.96 -2.71
CA LYS E 509 10.19 55.98 -2.77
C LYS E 509 10.80 54.85 -1.95
N GLU E 510 10.42 54.73 -0.68
CA GLU E 510 11.08 53.76 0.18
C GLU E 510 10.65 52.33 -0.16
N LEU E 511 9.37 52.13 -0.54
CA LEU E 511 8.93 50.79 -0.94
C LEU E 511 9.54 50.37 -2.28
N VAL E 512 9.60 51.30 -3.24
CA VAL E 512 10.32 51.05 -4.49
C VAL E 512 11.76 50.69 -4.22
N ALA E 513 12.38 51.40 -3.27
CA ALA E 513 13.77 51.12 -2.93
C ALA E 513 13.92 49.70 -2.38
N HIS E 514 13.02 49.29 -1.49
CA HIS E 514 13.21 48.04 -0.76
C HIS E 514 12.49 46.84 -1.37
N ASP E 515 11.16 46.87 -1.43
CA ASP E 515 10.38 45.68 -1.81
C ASP E 515 9.38 46.04 -2.89
N ALA E 516 9.69 45.63 -4.12
CA ALA E 516 8.94 46.00 -5.31
C ALA E 516 7.80 45.03 -5.64
N THR E 517 7.54 44.04 -4.78
CA THR E 517 6.36 43.22 -4.97
C THR E 517 5.08 43.98 -4.68
N TYR E 518 5.19 45.16 -4.07
CA TYR E 518 4.07 46.00 -3.68
C TYR E 518 4.02 47.28 -4.52
N ASN E 519 4.54 47.22 -5.76
CA ASN E 519 4.90 48.43 -6.50
C ASN E 519 4.43 48.39 -7.98
N LEU E 520 3.17 48.70 -8.23
CA LEU E 520 2.79 49.11 -9.58
C LEU E 520 1.91 50.36 -9.70
N ASP E 521 0.65 50.29 -9.26
CA ASP E 521 -0.28 51.42 -9.27
C ASP E 521 -0.58 51.86 -7.84
N PHE E 522 0.39 51.70 -6.96
CA PHE E 522 0.19 51.87 -5.54
C PHE E 522 0.41 53.31 -5.09
N GLU E 523 0.85 54.19 -5.99
CA GLU E 523 0.75 55.63 -5.77
C GLU E 523 -0.37 56.28 -6.57
N LYS E 524 -0.85 55.62 -7.63
CA LYS E 524 -2.07 56.06 -8.29
C LYS E 524 -3.26 56.02 -7.33
N GLN E 525 -3.24 55.12 -6.36
CA GLN E 525 -4.28 55.00 -5.36
C GLN E 525 -4.00 55.82 -4.12
N THR E 526 -2.86 56.52 -4.05
CA THR E 526 -2.59 57.36 -2.89
C THR E 526 -3.10 58.78 -3.02
N ALA E 527 -3.35 59.27 -4.23
CA ALA E 527 -4.05 60.53 -4.36
C ALA E 527 -5.48 60.48 -3.84
N PRO E 528 -6.32 59.49 -4.22
CA PRO E 528 -7.69 59.45 -3.67
C PRO E 528 -7.76 59.15 -2.17
N VAL E 529 -6.76 58.48 -1.60
CA VAL E 529 -6.75 58.29 -0.15
C VAL E 529 -6.50 59.60 0.57
N ALA E 530 -5.70 60.48 -0.04
CA ALA E 530 -5.38 61.75 0.59
C ALA E 530 -6.61 62.60 0.87
N ASP E 531 -7.67 62.43 0.08
CA ASP E 531 -8.92 63.16 0.29
C ASP E 531 -9.82 62.51 1.34
N PHE E 532 -9.56 61.25 1.70
CA PHE E 532 -10.40 60.57 2.68
C PHE E 532 -10.12 61.05 4.10
N LEU E 533 -8.85 61.06 4.50
CA LEU E 533 -8.43 61.66 5.75
C LEU E 533 -9.04 63.05 5.89
N THR E 534 -9.10 63.76 4.78
CA THR E 534 -9.67 65.10 4.77
C THR E 534 -11.17 65.08 5.05
N ASP E 535 -11.90 64.15 4.43
CA ASP E 535 -13.33 64.06 4.74
C ASP E 535 -13.56 63.72 6.21
N ARG E 536 -12.69 62.89 6.79
CA ARG E 536 -12.86 62.53 8.19
C ARG E 536 -12.53 63.70 9.11
N VAL E 537 -11.49 64.47 8.79
CA VAL E 537 -11.21 65.70 9.53
C VAL E 537 -12.37 66.66 9.42
N LYS E 538 -12.97 66.76 8.23
CA LYS E 538 -14.12 67.65 8.06
C LYS E 538 -15.29 67.21 8.93
N GLN E 539 -15.52 65.90 9.02
CA GLN E 539 -16.58 65.40 9.89
C GLN E 539 -16.25 65.71 11.35
N TRP E 540 -14.98 65.60 11.73
CA TRP E 540 -14.55 65.98 13.06
C TRP E 540 -14.84 67.45 13.33
N PHE E 541 -14.55 68.31 12.36
CA PHE E 541 -14.79 69.75 12.49
C PHE E 541 -16.28 70.06 12.65
N ASN E 542 -17.12 69.46 11.80
CA ASN E 542 -18.55 69.74 11.88
C ASN E 542 -19.20 69.10 13.11
N ASN E 543 -18.63 68.02 13.64
CA ASN E 543 -19.08 67.53 14.93
C ASN E 543 -18.65 68.48 16.05
N ARG E 544 -17.57 69.22 15.83
CA ARG E 544 -17.11 70.22 16.78
C ARG E 544 -17.61 71.61 16.41
N LYS E 545 -18.74 71.65 15.70
CA LYS E 545 -19.56 72.83 15.47
C LYS E 545 -18.90 73.90 14.63
N ILE E 546 -17.67 73.69 14.14
CA ILE E 546 -16.98 74.74 13.42
C ILE E 546 -17.72 75.01 12.13
N ARG E 547 -17.84 76.28 11.76
CA ARG E 547 -18.57 76.67 10.56
C ARG E 547 -18.11 75.87 9.36
N TYR E 548 -19.09 75.44 8.56
CA TYR E 548 -18.80 74.63 7.37
C TYR E 548 -17.78 75.31 6.48
N ASP E 549 -17.82 76.64 6.42
CA ASP E 549 -16.93 77.38 5.53
C ASP E 549 -15.51 77.39 6.05
N ILE E 550 -15.32 77.45 7.36
CA ILE E 550 -13.98 77.32 7.94
C ILE E 550 -13.39 75.97 7.55
N VAL E 551 -14.18 74.91 7.63
CA VAL E 551 -13.75 73.59 7.21
C VAL E 551 -13.34 73.63 5.74
N ASP E 552 -14.29 74.01 4.87
CA ASP E 552 -14.06 73.98 3.43
C ASP E 552 -12.99 74.97 2.98
N THR E 553 -12.59 75.90 3.85
CA THR E 553 -11.46 76.77 3.57
C THR E 553 -10.15 76.09 3.92
N VAL E 554 -10.04 75.56 5.15
CA VAL E 554 -8.79 74.90 5.55
C VAL E 554 -8.52 73.65 4.74
N ILE E 555 -9.56 73.02 4.18
CA ILE E 555 -9.36 71.79 3.40
C ILE E 555 -8.60 72.08 2.10
N LYS E 556 -9.07 73.07 1.34
CA LYS E 556 -8.50 73.27 0.02
C LYS E 556 -7.20 74.07 0.12
N GLY E 557 -6.30 73.62 0.99
CA GLY E 557 -5.02 74.25 1.15
C GLY E 557 -3.98 73.74 0.17
N SER E 558 -2.99 74.58 -0.13
CA SER E 558 -1.94 74.14 -1.03
C SER E 558 -1.04 73.09 -0.38
N ARG E 559 -0.72 73.29 0.90
CA ARG E 559 0.09 72.29 1.59
C ARG E 559 -0.70 71.00 1.79
N GLN E 560 -1.99 71.14 2.10
CA GLN E 560 -2.86 69.99 2.39
C GLN E 560 -2.32 69.18 3.55
N ASP E 561 -1.69 69.85 4.50
CA ASP E 561 -1.16 69.21 5.68
C ASP E 561 -2.20 69.23 6.78
N ILE E 562 -2.32 68.11 7.50
CA ILE E 562 -3.30 68.01 8.57
C ILE E 562 -3.01 69.03 9.66
N ARG E 563 -1.73 69.16 10.02
CA ARG E 563 -1.33 70.09 11.06
C ARG E 563 -1.67 71.52 10.69
N GLU E 564 -1.42 71.90 9.43
CA GLU E 564 -1.78 73.24 8.97
C GLU E 564 -3.29 73.44 9.01
N MET E 565 -4.07 72.41 8.65
CA MET E 565 -5.53 72.54 8.69
C MET E 565 -6.01 72.77 10.12
N PHE E 566 -5.51 71.96 11.06
CA PHE E 566 -5.92 72.08 12.46
C PHE E 566 -5.59 73.45 13.00
N LYS E 567 -4.34 73.89 12.80
CA LYS E 567 -3.90 75.17 13.34
C LYS E 567 -4.62 76.33 12.67
N ALA E 568 -4.84 76.23 11.36
CA ALA E 568 -5.57 77.28 10.65
C ALA E 568 -6.99 77.40 11.17
N ALA E 569 -7.67 76.28 11.40
CA ALA E 569 -9.03 76.36 11.92
C ALA E 569 -9.06 76.99 13.31
N ASP E 570 -8.12 76.59 14.18
CA ASP E 570 -8.06 77.17 15.51
C ASP E 570 -7.79 78.67 15.46
N VAL E 571 -6.80 79.08 14.66
CA VAL E 571 -6.44 80.50 14.55
C VAL E 571 -7.61 81.30 14.01
N LEU E 572 -8.29 80.78 12.98
CA LEU E 572 -9.34 81.55 12.33
C LEU E 572 -10.59 81.62 13.20
N ASN E 573 -10.85 80.59 14.00
CA ASN E 573 -11.91 80.70 14.98
C ASN E 573 -11.52 81.58 16.15
N ALA E 574 -10.23 81.83 16.35
CA ALA E 574 -9.82 82.80 17.37
C ALA E 574 -10.03 84.24 16.89
N HIS E 575 -9.80 84.50 15.60
CA HIS E 575 -9.87 85.85 15.04
C HIS E 575 -11.16 86.16 14.31
N GLN E 576 -12.21 85.35 14.45
CA GLN E 576 -13.34 85.56 13.55
C GLN E 576 -14.32 86.60 14.03
N ASP E 577 -14.12 87.18 15.21
CA ASP E 577 -15.09 88.10 15.79
C ASP E 577 -14.52 89.52 15.85
N ASP E 578 -13.51 89.77 15.10
CA ASP E 578 -12.91 91.09 14.99
C ASP E 578 -13.59 91.91 13.90
N PRO E 579 -13.63 93.24 14.10
CA PRO E 579 -14.20 94.12 13.06
C PRO E 579 -13.44 94.06 11.75
N GLN E 580 -12.12 93.85 11.79
CA GLN E 580 -11.27 93.81 10.61
C GLN E 580 -11.38 92.50 9.82
N PHE E 581 -12.35 91.63 10.16
CA PHE E 581 -12.47 90.30 9.56
C PHE E 581 -13.33 90.26 8.29
N LYS E 582 -14.49 90.92 8.29
CA LYS E 582 -15.35 90.86 7.11
C LYS E 582 -14.67 91.45 5.89
N ASP E 583 -14.05 92.62 6.07
CA ASP E 583 -13.34 93.26 4.96
C ASP E 583 -12.15 92.43 4.50
N THR E 584 -11.38 91.84 5.44
CA THR E 584 -10.26 91.01 5.03
C THR E 584 -10.72 89.82 4.21
N ILE E 585 -11.81 89.14 4.61
CA ILE E 585 -12.28 88.00 3.85
C ILE E 585 -12.78 88.43 2.47
N GLU E 586 -13.48 89.57 2.40
CA GLU E 586 -13.94 90.06 1.11
C GLU E 586 -12.75 90.33 0.19
N ALA E 587 -11.70 90.93 0.74
CA ALA E 587 -10.47 91.16 0.00
C ALA E 587 -9.88 89.84 -0.49
N PHE E 588 -9.85 88.84 0.38
CA PHE E 588 -9.27 87.54 0.02
C PHE E 588 -10.05 86.90 -1.13
N THR E 589 -11.38 86.96 -1.05
CA THR E 589 -12.20 86.41 -2.11
C THR E 589 -11.94 87.14 -3.43
N ARG E 590 -11.86 88.47 -3.38
CA ARG E 590 -11.59 89.21 -4.62
C ARG E 590 -10.25 88.79 -5.23
N LEU E 591 -9.21 88.72 -4.39
CA LEU E 591 -7.89 88.37 -4.93
C LEU E 591 -7.90 86.98 -5.55
N LEU E 592 -8.43 85.99 -4.83
CA LEU E 592 -8.40 84.63 -5.36
C LEU E 592 -9.32 84.47 -6.57
N ARG E 593 -10.47 85.15 -6.57
CA ARG E 593 -11.36 85.09 -7.73
C ARG E 593 -10.70 85.65 -8.98
N ILE E 594 -9.99 86.77 -8.84
CA ILE E 594 -9.33 87.35 -10.00
C ILE E 594 -8.12 86.51 -10.41
N THR E 595 -7.41 85.92 -9.44
CA THR E 595 -6.21 85.13 -9.76
C THR E 595 -6.54 83.75 -10.29
N ALA E 596 -7.77 83.27 -10.10
CA ALA E 596 -8.14 81.92 -10.51
C ALA E 596 -7.98 81.69 -12.01
N LYS E 597 -8.03 82.74 -12.83
CA LYS E 597 -8.00 82.61 -14.28
C LYS E 597 -6.64 82.94 -14.87
N ALA E 598 -5.55 82.74 -14.12
CA ALA E 598 -4.20 82.93 -14.63
C ALA E 598 -3.61 81.61 -15.11
N LYS E 599 -3.04 81.63 -16.31
CA LYS E 599 -2.51 80.45 -16.98
C LYS E 599 -0.98 80.45 -17.00
N LEU E 600 -0.36 80.85 -15.91
CA LEU E 600 1.08 80.96 -15.85
C LEU E 600 1.70 79.70 -15.27
N ALA E 601 2.98 79.50 -15.60
CA ALA E 601 3.75 78.43 -14.98
C ALA E 601 4.08 78.82 -13.55
N ALA E 602 3.67 78.01 -12.59
CA ALA E 602 3.76 78.36 -11.17
C ALA E 602 5.16 78.15 -10.60
N ASP E 603 6.18 78.07 -11.45
CA ASP E 603 7.57 78.05 -10.99
C ASP E 603 8.37 79.29 -11.37
N ASP E 604 7.88 80.09 -12.33
CA ASP E 604 8.54 81.34 -12.71
C ASP E 604 7.54 82.47 -12.52
N LEU E 605 7.39 82.91 -11.27
CA LEU E 605 6.50 84.00 -10.92
C LEU E 605 7.27 85.22 -10.41
N THR E 606 8.55 85.32 -10.77
CA THR E 606 9.35 86.47 -10.39
C THR E 606 8.80 87.73 -11.05
N VAL E 607 8.74 88.82 -10.28
CA VAL E 607 8.07 90.05 -10.68
C VAL E 607 9.12 91.01 -11.23
N ASP E 608 8.86 91.53 -12.42
CA ASP E 608 9.81 92.39 -13.12
C ASP E 608 9.56 93.84 -12.72
N PRO E 609 10.52 94.51 -12.07
CA PRO E 609 10.29 95.90 -11.64
C PRO E 609 10.25 96.90 -12.78
N SER E 610 10.77 96.55 -13.96
CA SER E 610 10.76 97.49 -15.07
C SER E 610 9.40 97.59 -15.75
N LEU E 611 8.52 96.60 -15.56
CA LEU E 611 7.18 96.59 -16.11
C LEU E 611 6.16 97.28 -15.22
N PHE E 612 6.59 98.14 -14.31
CA PHE E 612 5.68 98.83 -13.40
C PHE E 612 5.23 100.15 -14.00
N GLU E 613 3.92 100.40 -13.94
CA GLU E 613 3.31 101.63 -14.44
C GLU E 613 3.07 102.64 -13.33
N ASN E 614 2.70 102.17 -12.15
CA ASN E 614 2.66 102.99 -10.94
C ASN E 614 3.66 102.40 -9.95
N GLU E 615 3.76 102.99 -8.76
CA GLU E 615 4.81 102.59 -7.83
C GLU E 615 4.37 101.64 -6.72
N ALA E 616 3.11 101.65 -6.32
CA ALA E 616 2.67 100.71 -5.30
C ALA E 616 2.77 99.26 -5.76
N GLU E 617 2.84 99.01 -7.07
CA GLU E 617 3.22 97.68 -7.53
C GLU E 617 4.61 97.32 -7.01
N GLN E 618 5.55 98.27 -7.08
CA GLN E 618 6.87 98.05 -6.51
C GLN E 618 6.79 97.79 -5.01
N HIS E 619 5.91 98.54 -4.33
CA HIS E 619 5.79 98.38 -2.88
C HIS E 619 5.16 97.04 -2.52
N LEU E 620 4.20 96.56 -3.32
CA LEU E 620 3.67 95.22 -3.10
C LEU E 620 4.73 94.16 -3.36
N TYR E 621 5.58 94.40 -4.35
CA TYR E 621 6.67 93.46 -4.63
C TYR E 621 7.62 93.37 -3.43
N ASP E 622 7.96 94.53 -2.85
CA ASP E 622 8.76 94.56 -1.63
C ASP E 622 8.04 93.92 -0.44
N ALA E 623 6.74 94.20 -0.29
CA ALA E 623 5.98 93.61 0.81
C ALA E 623 5.94 92.10 0.72
N VAL E 624 5.73 91.58 -0.49
CA VAL E 624 5.75 90.14 -0.71
C VAL E 624 7.13 89.57 -0.41
N LEU E 625 8.19 90.27 -0.84
CA LEU E 625 9.54 89.79 -0.59
C LEU E 625 9.82 89.67 0.90
N GLU E 626 9.58 90.76 1.65
CA GLU E 626 9.87 90.74 3.08
C GLU E 626 8.87 89.89 3.86
N LEU E 627 7.70 89.61 3.30
CA LEU E 627 6.79 88.66 3.93
C LEU E 627 7.29 87.23 3.75
N GLN E 628 7.79 86.91 2.55
CA GLN E 628 8.39 85.61 2.31
C GLN E 628 9.67 85.40 3.12
N LYS E 629 10.38 86.50 3.43
CA LYS E 629 11.54 86.38 4.30
C LYS E 629 11.15 85.95 5.71
N GLN E 630 9.89 86.13 6.10
CA GLN E 630 9.36 85.54 7.33
C GLN E 630 8.48 84.35 7.07
N PHE E 631 7.62 84.41 6.04
CA PHE E 631 6.73 83.31 5.70
C PHE E 631 7.61 82.15 5.23
N THR E 632 7.77 81.15 6.08
CA THR E 632 8.75 80.10 5.86
C THR E 632 8.20 78.81 6.43
N PRO E 633 8.82 77.67 6.11
CA PRO E 633 8.31 76.40 6.64
C PRO E 633 8.32 76.30 8.15
N ALA E 634 8.94 77.25 8.85
CA ALA E 634 8.99 77.26 10.32
C ALA E 634 8.22 78.47 10.82
N MET E 635 6.89 78.33 10.89
CA MET E 635 6.07 79.44 11.38
C MET E 635 4.73 78.91 11.86
N SER E 636 4.31 79.38 13.03
CA SER E 636 2.99 79.09 13.56
C SER E 636 1.90 79.80 12.76
N MET E 637 0.68 79.28 12.87
CA MET E 637 -0.43 79.80 12.08
C MET E 637 -0.78 81.22 12.47
N GLU E 638 -0.72 81.54 13.77
CA GLU E 638 -1.08 82.87 14.24
C GLU E 638 -0.11 83.92 13.71
N ASP E 639 1.19 83.60 13.70
CA ASP E 639 2.19 84.51 13.15
C ASP E 639 1.95 84.81 11.68
N ARG E 640 1.72 83.75 10.89
CA ARG E 640 1.41 83.94 9.47
C ARG E 640 0.15 84.77 9.31
N PHE E 641 -0.88 84.44 10.08
CA PHE E 641 -2.19 85.05 9.91
C PHE E 641 -2.17 86.54 10.21
N LYS E 642 -1.49 86.97 11.28
CA LYS E 642 -1.49 88.40 11.59
C LYS E 642 -0.98 89.22 10.41
N ALA E 643 0.19 88.86 9.88
CA ALA E 643 0.77 89.59 8.78
C ALA E 643 -0.08 89.49 7.52
N LEU E 644 -0.57 88.28 7.21
CA LEU E 644 -1.35 88.09 6.00
C LEU E 644 -2.63 88.90 6.04
N ALA E 645 -3.37 88.80 7.14
CA ALA E 645 -4.66 89.47 7.22
C ALA E 645 -4.48 90.98 7.26
N ALA E 646 -3.46 91.46 7.98
CA ALA E 646 -3.27 92.90 8.05
C ALA E 646 -2.81 93.47 6.72
N LEU E 647 -2.09 92.69 5.91
CA LEU E 647 -1.49 93.24 4.70
C LEU E 647 -2.35 93.10 3.44
N ARG E 648 -2.88 91.92 3.15
CA ARG E 648 -3.54 91.75 1.86
C ARG E 648 -4.75 92.67 1.61
N PRO E 649 -5.67 92.90 2.56
CA PRO E 649 -6.76 93.86 2.30
C PRO E 649 -6.32 95.26 1.92
N LEU E 650 -5.29 95.82 2.55
CA LEU E 650 -4.85 97.16 2.17
C LEU E 650 -4.29 97.16 0.74
N ILE E 651 -3.49 96.16 0.39
CA ILE E 651 -2.93 96.16 -0.95
C ILE E 651 -4.03 96.00 -1.99
N VAL E 652 -5.05 95.20 -1.69
CA VAL E 652 -6.14 95.04 -2.66
C VAL E 652 -7.01 96.29 -2.73
N ASP E 653 -7.23 96.98 -1.60
CA ASP E 653 -8.02 98.22 -1.68
C ASP E 653 -7.23 99.28 -2.43
N TYR E 654 -5.90 99.21 -2.36
CA TYR E 654 -5.07 99.94 -3.32
C TYR E 654 -5.33 99.45 -4.73
N PHE E 655 -5.39 98.13 -4.91
CA PHE E 655 -5.54 97.47 -6.20
C PHE E 655 -6.83 97.86 -6.92
N GLU E 656 -7.81 98.39 -6.18
CA GLU E 656 -9.07 98.83 -6.76
C GLU E 656 -8.91 99.46 -8.14
N GLN E 657 -7.96 100.39 -8.27
CA GLN E 657 -7.77 101.10 -9.53
C GLN E 657 -6.94 100.31 -10.54
N THR E 658 -5.72 99.92 -10.14
CA THR E 658 -4.75 99.26 -11.02
C THR E 658 -5.42 98.22 -11.90
N MET E 659 -5.36 98.45 -13.21
CA MET E 659 -5.89 97.52 -14.19
C MET E 659 -4.90 96.37 -14.35
N VAL E 660 -5.29 95.17 -13.92
CA VAL E 660 -4.40 94.03 -14.03
C VAL E 660 -4.48 93.42 -15.43
N MET E 661 -5.70 93.28 -15.95
CA MET E 661 -5.88 92.78 -17.31
C MET E 661 -5.49 93.88 -18.27
N SER E 662 -4.21 93.93 -18.61
CA SER E 662 -3.64 95.03 -19.37
C SER E 662 -3.55 94.65 -20.84
N LYS E 663 -3.93 95.58 -21.71
CA LYS E 663 -3.78 95.44 -23.16
C LYS E 663 -2.35 95.46 -23.59
N ASP E 664 -1.44 95.42 -22.62
CA ASP E 664 -0.03 95.14 -22.83
C ASP E 664 0.26 93.82 -22.13
N GLU E 665 0.78 92.84 -22.90
CA GLU E 665 0.85 91.48 -22.40
C GLU E 665 1.80 91.36 -21.22
N LYS E 666 3.01 91.90 -21.34
CA LYS E 666 4.02 91.70 -20.29
C LYS E 666 3.61 92.36 -18.98
N VAL E 667 2.93 93.50 -19.05
CA VAL E 667 2.47 94.17 -17.83
C VAL E 667 1.45 93.31 -17.10
N ARG E 668 0.49 92.74 -17.83
CA ARG E 668 -0.48 91.84 -17.23
C ARG E 668 0.17 90.58 -16.69
N ASP E 669 1.19 90.08 -17.38
CA ASP E 669 1.92 88.92 -16.91
C ASP E 669 2.63 89.22 -15.59
N ASN E 670 3.25 90.39 -15.50
CA ASN E 670 3.91 90.82 -14.27
C ASN E 670 2.89 90.96 -13.13
N HIS E 671 1.73 91.56 -13.43
CA HIS E 671 0.70 91.70 -12.42
C HIS E 671 0.23 90.34 -11.93
N LEU E 672 0.04 89.39 -12.84
CA LEU E 672 -0.42 88.07 -12.43
C LEU E 672 0.63 87.30 -11.65
N LYS E 673 1.91 87.47 -11.97
CA LYS E 673 2.95 86.87 -11.15
C LYS E 673 2.95 87.45 -9.74
N GLN E 674 2.91 88.79 -9.65
CA GLN E 674 2.90 89.47 -8.37
C GLN E 674 1.67 89.08 -7.54
N LEU E 675 0.56 88.74 -8.19
CA LEU E 675 -0.63 88.32 -7.47
C LEU E 675 -0.62 86.83 -7.12
N LEU E 676 -0.07 85.99 -8.00
CA LEU E 676 -0.07 84.56 -7.73
C LEU E 676 0.95 84.19 -6.66
N THR E 677 2.00 84.99 -6.50
CA THR E 677 2.86 84.78 -5.32
C THR E 677 2.05 84.98 -4.04
N ILE E 678 1.21 86.01 -4.00
CA ILE E 678 0.32 86.22 -2.86
C ILE E 678 -0.65 85.06 -2.71
N ALA E 679 -1.15 84.55 -3.83
CA ALA E 679 -2.05 83.40 -3.80
C ALA E 679 -1.36 82.17 -3.23
N GLN E 680 -0.10 81.95 -3.60
CA GLN E 680 0.67 80.83 -3.06
C GLN E 680 0.87 80.96 -1.56
N MET E 681 1.19 82.17 -1.09
CA MET E 681 1.32 82.37 0.36
C MET E 681 0.00 82.14 1.07
N ILE E 682 -1.11 82.59 0.48
CA ILE E 682 -2.42 82.46 1.11
C ILE E 682 -2.88 81.02 1.17
N ASN E 683 -2.71 80.28 0.06
CA ASN E 683 -3.29 78.95 -0.08
C ASN E 683 -2.79 77.94 0.94
N VAL E 684 -1.81 78.30 1.77
CA VAL E 684 -1.48 77.45 2.92
C VAL E 684 -2.72 77.25 3.78
N MET E 685 -3.42 78.35 4.09
CA MET E 685 -4.68 78.25 4.80
C MET E 685 -5.81 77.70 3.93
N GLY E 686 -5.72 77.84 2.61
CA GLY E 686 -6.68 77.17 1.74
C GLY E 686 -7.42 78.02 0.74
N ASP E 687 -8.67 77.63 0.46
CA ASP E 687 -9.53 78.30 -0.52
C ASP E 687 -10.53 79.13 0.28
N LEU E 688 -10.19 80.39 0.52
CA LEU E 688 -11.02 81.29 1.31
C LEU E 688 -12.33 81.66 0.62
N ASN E 689 -12.47 81.33 -0.67
CA ASN E 689 -13.73 81.54 -1.39
C ASN E 689 -14.89 80.71 -0.85
N GLN E 690 -14.63 79.71 0.00
CA GLN E 690 -15.72 78.99 0.64
C GLN E 690 -16.25 79.68 1.89
N LEU E 691 -15.51 80.65 2.44
CA LEU E 691 -16.04 81.45 3.53
C LEU E 691 -17.09 82.42 2.99
N ILE E 692 -18.29 82.38 3.58
CA ILE E 692 -19.36 83.31 3.24
C ILE E 692 -19.50 84.34 4.35
N VAL E 693 -19.40 85.61 3.98
CA VAL E 693 -19.41 86.72 4.92
C VAL E 693 -20.76 87.40 4.88
N LYS E 694 -21.39 87.53 6.05
CA LYS E 694 -22.70 88.14 6.17
C LYS E 694 -22.76 88.92 7.47
N MET F 1 64.48 -65.54 24.98
CA MET F 1 64.10 -64.83 26.20
C MET F 1 62.67 -64.32 26.07
N ALA F 2 61.96 -64.24 27.20
CA ALA F 2 60.57 -63.78 27.23
C ALA F 2 60.44 -62.25 27.26
N LYS F 3 61.04 -61.60 26.27
CA LYS F 3 61.06 -60.14 26.24
C LYS F 3 59.68 -59.59 25.84
N THR F 4 59.55 -58.26 25.90
CA THR F 4 58.30 -57.59 25.58
C THR F 4 58.52 -56.59 24.45
N TYR F 5 57.75 -56.73 23.37
CA TYR F 5 57.85 -55.80 22.24
C TYR F 5 56.66 -54.84 22.27
N LEU F 6 56.85 -53.64 21.71
CA LEU F 6 55.83 -52.60 21.77
C LEU F 6 55.67 -51.94 20.40
N LEU F 7 54.45 -51.96 19.86
CA LEU F 7 54.12 -51.39 18.56
C LEU F 7 52.91 -50.48 18.64
N GLU F 8 53.13 -49.17 18.51
CA GLU F 8 52.04 -48.18 18.49
C GLU F 8 52.03 -47.41 17.17
N ILE F 9 50.87 -47.40 16.52
CA ILE F 9 50.61 -46.56 15.35
C ILE F 9 49.84 -45.33 15.82
N GLY F 10 50.41 -44.15 15.62
CA GLY F 10 49.73 -42.90 15.93
C GLY F 10 49.23 -42.22 14.67
N LEU F 11 47.94 -41.92 14.67
CA LEU F 11 47.19 -41.47 13.50
C LEU F 11 46.51 -40.14 13.79
N GLU F 12 45.71 -39.69 12.82
CA GLU F 12 44.71 -38.65 13.00
C GLU F 12 43.47 -39.25 13.67
N GLU F 13 42.56 -38.37 14.09
CA GLU F 13 41.43 -38.82 14.88
C GLU F 13 40.44 -39.59 14.02
N MET F 14 40.06 -40.83 14.51
CA MET F 14 39.28 -41.87 13.87
C MET F 14 37.85 -41.92 14.41
N PRO F 15 36.91 -42.42 13.61
CA PRO F 15 35.53 -42.56 14.11
C PRO F 15 35.47 -43.52 15.30
N ALA F 16 34.70 -43.12 16.30
CA ALA F 16 34.70 -43.83 17.58
C ALA F 16 34.14 -45.25 17.45
N HIS F 17 32.99 -45.40 16.79
CA HIS F 17 32.31 -46.69 16.82
C HIS F 17 33.09 -47.80 16.12
N VAL F 18 34.26 -47.50 15.56
CA VAL F 18 35.09 -48.49 14.89
C VAL F 18 36.51 -48.53 15.44
N VAL F 19 36.85 -47.67 16.41
CA VAL F 19 38.22 -47.65 16.92
C VAL F 19 38.55 -48.99 17.59
N THR F 20 37.62 -49.50 18.42
CA THR F 20 37.92 -50.71 19.17
C THR F 20 38.11 -51.95 18.30
N PRO F 21 37.20 -52.28 17.36
CA PRO F 21 37.47 -53.47 16.53
C PRO F 21 38.77 -53.39 15.75
N SER F 22 39.16 -52.19 15.31
CA SER F 22 40.40 -52.06 14.55
C SER F 22 41.59 -52.52 15.39
N VAL F 23 41.68 -52.04 16.64
CA VAL F 23 42.80 -52.49 17.46
C VAL F 23 42.65 -53.98 17.74
N LEU F 24 41.41 -54.46 17.85
CA LEU F 24 41.21 -55.90 18.01
C LEU F 24 41.73 -56.63 16.79
N GLN F 25 41.47 -56.10 15.58
CA GLN F 25 42.04 -56.73 14.40
C GLN F 25 43.55 -56.77 14.50
N LEU F 26 44.12 -55.68 14.98
CA LEU F 26 45.58 -55.62 15.08
C LEU F 26 46.08 -56.69 16.04
N LYS F 27 45.39 -56.86 17.17
CA LYS F 27 45.74 -57.96 18.06
C LYS F 27 45.73 -59.26 17.27
N GLU F 28 44.65 -59.48 16.52
CA GLU F 28 44.52 -60.72 15.78
C GLU F 28 45.69 -60.87 14.82
N ARG F 29 46.00 -59.79 14.09
CA ARG F 29 47.07 -59.91 13.12
C ARG F 29 48.39 -60.17 13.82
N MET F 30 48.65 -59.46 14.92
CA MET F 30 49.91 -59.69 15.60
C MET F 30 50.01 -61.14 16.04
N ILE F 31 48.94 -61.66 16.63
CA ILE F 31 48.99 -63.04 17.09
C ILE F 31 49.17 -63.98 15.91
N LYS F 32 48.40 -63.75 14.83
CA LYS F 32 48.53 -64.63 13.68
C LYS F 32 49.94 -64.55 13.13
N PHE F 33 50.50 -63.33 13.11
CA PHE F 33 51.86 -63.17 12.64
C PHE F 33 52.81 -64.03 13.46
N LEU F 34 52.67 -63.94 14.79
CA LEU F 34 53.58 -64.67 15.66
C LEU F 34 53.44 -66.16 15.46
N LYS F 35 52.20 -66.64 15.23
CA LYS F 35 52.04 -68.05 14.91
C LYS F 35 52.66 -68.36 13.56
N ASP F 36 52.37 -67.52 12.56
CA ASP F 36 52.88 -67.76 11.21
C ASP F 36 54.39 -67.55 11.15
N ALA F 37 54.90 -66.57 11.90
CA ALA F 37 56.33 -66.40 12.10
C ALA F 37 56.84 -67.20 13.29
N ARG F 38 56.07 -68.20 13.73
CA ARG F 38 56.51 -69.25 14.66
C ARG F 38 57.22 -68.68 15.88
N LEU F 39 56.63 -67.66 16.49
CA LEU F 39 57.10 -67.03 17.71
C LEU F 39 56.26 -67.43 18.91
N ASP F 40 56.87 -67.36 20.09
CA ASP F 40 56.18 -67.60 21.35
C ASP F 40 56.06 -66.32 22.15
N PHE F 41 54.95 -66.20 22.87
CA PHE F 41 54.69 -65.04 23.71
C PHE F 41 53.70 -65.44 24.79
N GLU F 42 53.59 -64.57 25.79
CA GLU F 42 52.66 -64.78 26.89
C GLU F 42 51.32 -64.11 26.62
N ASP F 43 51.35 -62.82 26.30
CA ASP F 43 50.13 -62.04 26.16
C ASP F 43 50.30 -61.02 25.04
N VAL F 44 49.16 -60.48 24.60
CA VAL F 44 49.12 -59.35 23.70
C VAL F 44 48.09 -58.40 24.26
N LYS F 45 48.55 -57.29 24.83
CA LYS F 45 47.67 -56.25 25.32
C LYS F 45 47.48 -55.21 24.24
N THR F 46 46.30 -54.62 24.22
CA THR F 46 45.97 -53.61 23.23
C THR F 46 45.67 -52.30 23.93
N PHE F 47 45.99 -51.20 23.24
CA PHE F 47 45.69 -49.86 23.70
C PHE F 47 45.06 -49.10 22.55
N SER F 48 43.98 -48.39 22.84
CA SER F 48 43.29 -47.65 21.80
C SER F 48 42.94 -46.27 22.32
N THR F 49 43.33 -45.25 21.57
CA THR F 49 42.85 -43.90 21.75
C THR F 49 42.46 -43.40 20.36
N PRO F 50 41.59 -42.38 20.27
CA PRO F 50 41.15 -41.91 18.95
C PRO F 50 42.27 -41.55 17.99
N ARG F 51 43.52 -41.52 18.48
CA ARG F 51 44.66 -41.19 17.64
C ARG F 51 45.69 -42.30 17.54
N ARG F 52 45.51 -43.43 18.22
CA ARG F 52 46.55 -44.46 18.16
C ARG F 52 45.97 -45.84 18.47
N LEU F 53 46.60 -46.83 17.83
CA LEU F 53 46.36 -48.25 18.08
C LEU F 53 47.69 -48.88 18.48
N THR F 54 47.71 -49.62 19.59
CA THR F 54 48.94 -50.12 20.16
C THR F 54 48.79 -51.58 20.55
N VAL F 55 49.81 -52.37 20.28
CA VAL F 55 49.93 -53.73 20.78
C VAL F 55 51.20 -53.83 21.62
N GLN F 56 51.12 -54.64 22.66
CA GLN F 56 52.23 -54.90 23.57
C GLN F 56 52.32 -56.40 23.75
N VAL F 57 53.41 -56.99 23.27
CA VAL F 57 53.60 -58.43 23.26
C VAL F 57 54.46 -58.79 24.47
N LEU F 58 53.82 -59.39 25.47
CA LEU F 58 54.44 -59.75 26.73
C LEU F 58 54.94 -61.18 26.66
N GLY F 59 56.18 -61.39 27.10
CA GLY F 59 56.75 -62.72 27.12
C GLY F 59 57.16 -63.21 25.75
N LEU F 60 57.47 -62.29 24.84
CA LEU F 60 57.85 -62.64 23.48
C LEU F 60 59.18 -63.38 23.48
N ALA F 61 59.19 -64.61 22.98
CA ALA F 61 60.45 -65.33 22.84
C ALA F 61 61.33 -64.62 21.81
N ASP F 62 62.64 -64.84 21.91
CA ASP F 62 63.60 -64.00 21.20
C ASP F 62 64.09 -64.57 19.88
N LYS F 63 63.63 -65.76 19.49
CA LYS F 63 64.03 -66.34 18.22
C LYS F 63 62.87 -67.13 17.66
N GLN F 64 62.80 -67.20 16.33
CA GLN F 64 61.86 -68.11 15.67
C GLN F 64 62.25 -69.57 15.91
N LYS F 124 66.51 -67.25 13.08
CA LYS F 124 66.32 -65.82 12.88
C LYS F 124 65.99 -65.13 14.21
N THR F 125 66.39 -63.88 14.34
CA THR F 125 66.19 -63.14 15.58
C THR F 125 64.95 -62.25 15.48
N ALA F 126 64.52 -61.75 16.64
CA ALA F 126 63.24 -61.05 16.72
C ALA F 126 63.24 -59.77 15.87
N ALA F 127 64.33 -59.01 15.92
CA ALA F 127 64.35 -57.68 15.32
C ALA F 127 64.04 -57.75 13.82
N GLU F 128 64.70 -58.65 13.10
CA GLU F 128 64.53 -58.69 11.64
C GLU F 128 63.15 -59.24 11.26
N VAL F 129 62.65 -60.22 12.01
CA VAL F 129 61.31 -60.74 11.75
C VAL F 129 60.28 -59.65 11.93
N LEU F 130 60.42 -58.86 13.00
CA LEU F 130 59.54 -57.71 13.20
C LEU F 130 59.69 -56.69 12.09
N THR F 131 60.93 -56.39 11.70
CA THR F 131 61.16 -55.44 10.61
C THR F 131 60.40 -55.85 9.36
N GLY F 132 60.53 -57.11 8.95
CA GLY F 132 59.85 -57.57 7.76
C GLY F 132 58.35 -57.58 7.91
N GLY F 133 57.85 -58.09 9.04
CA GLY F 133 56.42 -58.28 9.19
C GLY F 133 55.56 -57.09 9.60
N ILE F 134 56.10 -56.20 10.42
CA ILE F 134 55.32 -55.11 11.02
C ILE F 134 54.77 -54.17 9.96
N LYS F 135 55.58 -53.85 8.94
CA LYS F 135 55.10 -52.97 7.88
C LYS F 135 53.80 -53.52 7.29
N ASP F 136 53.83 -54.79 6.89
CA ASP F 136 52.66 -55.41 6.29
C ASP F 136 51.53 -55.56 7.31
N VAL F 137 51.87 -55.83 8.57
CA VAL F 137 50.87 -55.91 9.62
C VAL F 137 50.07 -54.61 9.66
N ILE F 138 50.77 -53.48 9.62
CA ILE F 138 50.09 -52.19 9.66
C ILE F 138 49.30 -51.98 8.37
N THR F 139 49.93 -52.23 7.23
CA THR F 139 49.31 -51.94 5.94
C THR F 139 48.09 -52.80 5.69
N LYS F 140 48.17 -54.10 6.00
CA LYS F 140 47.17 -55.05 5.54
C LYS F 140 45.96 -55.10 6.44
N MET F 141 45.77 -54.09 7.27
CA MET F 141 44.62 -54.02 8.15
C MET F 141 43.46 -53.38 7.41
N ASN F 142 42.25 -53.74 7.84
CA ASN F 142 41.07 -53.54 7.02
C ASN F 142 40.06 -52.67 7.74
N PHE F 143 39.31 -51.88 6.98
CA PHE F 143 38.48 -50.83 7.55
C PHE F 143 37.22 -50.71 6.70
N PRO F 144 36.14 -50.14 7.25
CA PRO F 144 34.97 -49.82 6.40
C PRO F 144 35.31 -48.80 5.33
N THR F 145 36.11 -47.79 5.67
CA THR F 145 36.55 -46.78 4.73
C THR F 145 38.07 -46.69 4.78
N MET F 146 38.67 -46.30 3.66
CA MET F 146 40.12 -46.12 3.56
C MET F 146 40.33 -44.88 2.73
N MET F 147 41.45 -44.20 2.94
CA MET F 147 41.59 -42.85 2.41
C MET F 147 42.90 -42.63 1.65
N LYS F 148 42.81 -41.85 0.58
CA LYS F 148 43.96 -41.43 -0.20
C LYS F 148 44.63 -40.26 0.51
N TRP F 149 45.88 -40.45 0.89
CA TRP F 149 46.69 -39.44 1.55
C TRP F 149 47.50 -38.67 0.48
N SER F 150 48.33 -37.73 0.93
CA SER F 150 48.76 -36.53 0.19
C SER F 150 49.03 -36.73 -1.30
N THR F 151 50.06 -37.47 -1.68
CA THR F 151 50.29 -37.72 -3.09
C THR F 151 50.09 -39.18 -3.43
N TYR F 152 49.67 -39.98 -2.45
CA TYR F 152 49.79 -41.42 -2.54
C TYR F 152 48.40 -42.03 -2.65
N SER F 153 48.30 -43.08 -3.43
CA SER F 153 47.05 -43.82 -3.47
C SER F 153 46.92 -44.75 -2.29
N PHE F 154 47.94 -44.75 -1.40
CA PHE F 154 47.85 -45.55 -0.20
C PHE F 154 46.61 -45.17 0.57
N LYS F 155 45.76 -46.15 0.80
CA LYS F 155 44.48 -45.94 1.45
C LYS F 155 44.57 -46.43 2.89
N TYR F 156 44.04 -45.63 3.81
CA TYR F 156 44.07 -45.98 5.22
C TYR F 156 42.85 -45.37 5.89
N ILE F 157 42.58 -45.78 7.12
CA ILE F 157 41.44 -45.21 7.83
C ILE F 157 41.69 -43.74 8.12
N ARG F 158 42.92 -43.41 8.53
CA ARG F 158 43.37 -42.05 8.77
C ARG F 158 44.85 -42.01 8.45
N PRO F 159 45.35 -40.89 7.91
CA PRO F 159 46.77 -40.81 7.53
C PRO F 159 47.70 -41.04 8.72
N ILE F 160 48.84 -41.68 8.45
CA ILE F 160 49.76 -42.14 9.48
C ILE F 160 50.72 -41.03 9.85
N ARG F 161 50.76 -40.71 11.14
CA ARG F 161 51.57 -39.59 11.63
C ARG F 161 52.84 -40.01 12.35
N TRP F 162 52.79 -41.04 13.19
CA TRP F 162 54.00 -41.46 13.88
C TRP F 162 53.94 -42.95 14.16
N ILE F 163 55.12 -43.56 14.31
CA ILE F 163 55.24 -44.99 14.53
C ILE F 163 56.22 -45.23 15.66
N VAL F 164 55.80 -46.00 16.66
CA VAL F 164 56.65 -46.40 17.77
C VAL F 164 56.84 -47.91 17.70
N SER F 165 58.09 -48.34 17.54
CA SER F 165 58.43 -49.76 17.42
C SER F 165 59.65 -50.00 18.30
N LEU F 166 59.41 -50.48 19.52
CA LEU F 166 60.47 -50.57 20.52
C LEU F 166 60.59 -52.00 21.02
N LEU F 167 61.81 -52.53 21.02
CA LEU F 167 62.10 -53.84 21.61
C LEU F 167 62.84 -53.62 22.93
N ASP F 168 62.06 -53.38 23.99
CA ASP F 168 62.48 -53.20 25.37
C ASP F 168 63.33 -51.97 25.64
N ASP F 169 64.24 -51.67 24.71
CA ASP F 169 65.00 -50.44 24.68
C ASP F 169 65.49 -50.20 23.26
N GLU F 170 65.41 -51.25 22.45
CA GLU F 170 65.89 -51.23 21.08
C GLU F 170 64.87 -50.60 20.15
N VAL F 171 65.37 -49.80 19.21
CA VAL F 171 64.50 -49.23 18.19
C VAL F 171 64.52 -50.25 17.07
N VAL F 172 63.35 -50.82 16.76
CA VAL F 172 63.21 -51.68 15.60
C VAL F 172 62.74 -50.79 14.46
N PRO F 173 63.61 -50.45 13.52
CA PRO F 173 63.16 -49.58 12.43
C PRO F 173 62.32 -50.40 11.46
N VAL F 174 61.13 -49.89 11.20
CA VAL F 174 60.25 -50.43 10.18
C VAL F 174 59.56 -49.19 9.64
N GLN F 175 59.86 -48.86 8.41
CA GLN F 175 59.51 -47.57 7.85
C GLN F 175 58.37 -47.72 6.86
N ILE F 176 57.42 -46.81 6.99
CA ILE F 176 56.26 -46.67 6.13
C ILE F 176 56.53 -45.31 5.49
N LEU F 177 55.50 -44.60 5.02
CA LEU F 177 55.62 -43.37 4.25
C LEU F 177 56.42 -42.28 4.96
N ASP F 178 56.22 -41.02 4.58
CA ASP F 178 57.02 -39.89 5.09
C ASP F 178 57.50 -40.06 6.54
N VAL F 179 56.81 -40.88 7.33
CA VAL F 179 57.13 -41.08 8.74
C VAL F 179 57.86 -42.42 8.89
N ALA F 180 59.11 -42.35 9.37
CA ALA F 180 59.88 -43.53 9.76
C ALA F 180 59.40 -43.99 11.13
N ALA F 181 60.02 -45.05 11.66
CA ALA F 181 59.66 -45.57 12.97
C ALA F 181 60.69 -45.14 14.01
N GLY F 182 60.21 -44.54 15.10
CA GLY F 182 61.07 -44.09 16.17
C GLY F 182 60.46 -44.40 17.53
N ARG F 183 61.15 -43.96 18.57
CA ARG F 183 60.73 -44.24 19.94
C ARG F 183 59.99 -43.09 20.59
N VAL F 184 59.53 -42.13 19.79
CA VAL F 184 58.91 -40.91 20.28
C VAL F 184 57.41 -40.98 20.01
N SER F 185 56.61 -40.82 21.06
CA SER F 185 55.16 -40.78 20.98
C SER F 185 54.64 -39.38 21.25
N ARG F 186 53.38 -39.16 20.88
CA ARG F 186 52.71 -37.87 21.05
C ARG F 186 51.71 -37.98 22.19
N GLY F 187 51.74 -37.02 23.09
CA GLY F 187 50.82 -36.99 24.21
C GLY F 187 49.47 -36.41 23.83
N HIS F 188 48.75 -35.94 24.87
CA HIS F 188 47.41 -35.44 24.63
C HIS F 188 47.43 -34.21 23.73
N ARG F 189 46.46 -34.15 22.83
CA ARG F 189 46.41 -33.14 21.80
C ARG F 189 46.22 -31.72 22.34
N PHE F 190 45.68 -31.56 23.55
CA PHE F 190 45.46 -30.23 24.12
C PHE F 190 46.32 -29.98 25.35
N LEU F 191 46.24 -30.87 26.34
CA LEU F 191 46.91 -30.71 27.61
C LEU F 191 48.32 -31.28 27.59
N GLY F 192 48.61 -32.15 26.62
CA GLY F 192 49.81 -32.95 26.62
C GLY F 192 50.76 -32.60 25.48
N HIS F 193 51.96 -33.15 25.59
CA HIS F 193 53.06 -32.91 24.69
C HIS F 193 53.65 -34.24 24.23
N ASP F 194 54.58 -34.17 23.27
CA ASP F 194 55.27 -35.38 22.84
C ASP F 194 56.20 -35.86 23.96
N VAL F 195 56.61 -37.12 23.87
CA VAL F 195 57.40 -37.73 24.93
C VAL F 195 58.19 -38.89 24.36
N GLU F 196 59.38 -39.11 24.91
CA GLU F 196 60.17 -40.28 24.58
C GLU F 196 59.60 -41.49 25.29
N ILE F 197 59.83 -42.67 24.72
CA ILE F 197 59.42 -43.91 25.33
C ILE F 197 60.69 -44.66 25.72
N ALA F 198 60.80 -45.04 26.99
CA ALA F 198 61.99 -45.70 27.48
C ALA F 198 61.98 -47.22 27.29
N THR F 199 61.00 -47.89 27.89
CA THR F 199 60.94 -49.35 27.86
C THR F 199 59.55 -49.79 27.45
N ALA F 200 59.48 -50.99 26.87
CA ALA F 200 58.21 -51.50 26.37
C ALA F 200 57.19 -51.65 27.49
N ALA F 201 57.65 -51.95 28.72
CA ALA F 201 56.73 -52.06 29.85
C ALA F 201 56.19 -50.70 30.28
N ASP F 202 57.03 -49.66 30.21
CA ASP F 202 56.67 -48.33 30.71
C ASP F 202 55.60 -47.63 29.87
N TYR F 203 55.29 -48.12 28.67
CA TYR F 203 54.48 -47.39 27.70
C TYR F 203 53.28 -46.69 28.31
N GLU F 204 52.35 -47.46 28.89
CA GLU F 204 51.14 -46.86 29.47
C GLU F 204 51.50 -45.79 30.51
N ALA F 205 52.41 -46.13 31.44
CA ALA F 205 52.83 -45.17 32.46
C ALA F 205 53.34 -43.89 31.81
N ASP F 206 54.24 -44.04 30.83
CA ASP F 206 54.82 -42.88 30.17
C ASP F 206 53.75 -42.01 29.55
N LEU F 207 52.75 -42.66 28.93
CA LEU F 207 51.62 -41.91 28.38
C LEU F 207 50.81 -41.24 29.47
N ALA F 208 50.68 -41.89 30.63
CA ALA F 208 49.99 -41.26 31.75
C ALA F 208 50.63 -39.93 32.08
N SER F 209 51.94 -39.80 31.86
CA SER F 209 52.59 -38.52 32.08
C SER F 209 52.03 -37.44 31.14
N VAL F 210 51.88 -37.77 29.86
CA VAL F 210 51.45 -36.80 28.87
C VAL F 210 49.91 -36.72 28.85
N GLN F 211 49.29 -37.26 29.89
CA GLN F 211 47.86 -37.11 30.15
C GLN F 211 47.03 -37.78 29.04
N VAL F 212 47.31 -39.07 28.84
CA VAL F 212 46.53 -39.93 27.96
C VAL F 212 46.28 -41.25 28.66
N VAL F 213 45.05 -41.74 28.62
CA VAL F 213 44.71 -43.05 29.16
C VAL F 213 44.67 -44.01 27.98
N ALA F 214 45.78 -44.73 27.76
CA ALA F 214 45.88 -45.60 26.59
C ALA F 214 45.00 -46.83 26.70
N ASP F 215 44.85 -47.38 27.90
CA ASP F 215 44.04 -48.58 28.10
C ASP F 215 42.57 -48.20 27.90
N ALA F 216 41.96 -48.76 26.84
CA ALA F 216 40.57 -48.46 26.57
C ALA F 216 39.67 -48.95 27.69
N ALA F 217 39.96 -50.14 28.24
CA ALA F 217 39.17 -50.66 29.34
C ALA F 217 39.27 -49.76 30.57
N LYS F 218 40.49 -49.35 30.92
CA LYS F 218 40.66 -48.46 32.06
C LYS F 218 40.03 -47.10 31.82
N ARG F 219 40.15 -46.57 30.59
CA ARG F 219 39.54 -45.28 30.27
C ARG F 219 38.03 -45.34 30.40
N LYS F 220 37.42 -46.39 29.85
CA LYS F 220 35.97 -46.55 29.93
C LYS F 220 35.53 -46.69 31.38
N ALA F 221 36.32 -47.43 32.16
CA ALA F 221 36.05 -47.54 33.59
C ALA F 221 36.13 -46.18 34.28
N THR F 222 37.10 -45.35 33.87
CA THR F 222 37.27 -44.03 34.47
C THR F 222 36.05 -43.15 34.19
N ILE F 223 35.57 -43.18 32.94
CA ILE F 223 34.36 -42.45 32.61
C ILE F 223 33.19 -42.97 33.44
N ARG F 224 33.09 -44.29 33.56
CA ARG F 224 31.99 -44.91 34.31
C ARG F 224 32.02 -44.51 35.78
N GLU F 225 33.22 -44.47 36.37
CA GLU F 225 33.35 -44.04 37.77
C GLU F 225 32.93 -42.59 37.94
N GLN F 226 33.33 -41.73 37.00
CA GLN F 226 32.89 -40.33 37.08
C GLN F 226 31.39 -40.22 36.90
N ILE F 227 30.81 -41.09 36.07
CA ILE F 227 29.36 -41.14 35.89
C ILE F 227 28.68 -41.47 37.20
N ALA F 228 29.20 -42.47 37.91
CA ALA F 228 28.63 -42.84 39.21
C ALA F 228 28.81 -41.71 40.22
N ALA F 229 29.94 -41.02 40.18
CA ALA F 229 30.16 -39.91 41.09
C ALA F 229 29.11 -38.83 40.88
N LEU F 230 28.85 -38.47 39.63
CA LEU F 230 27.86 -37.42 39.35
C LEU F 230 26.44 -37.90 39.66
N ALA F 231 26.13 -39.16 39.36
CA ALA F 231 24.80 -39.68 39.68
C ALA F 231 24.55 -39.66 41.18
N ASN F 232 25.58 -39.96 41.99
CA ASN F 232 25.41 -39.96 43.43
C ASN F 232 25.54 -38.57 44.06
N GLU F 233 26.10 -37.58 43.36
CA GLU F 233 26.24 -36.26 44.00
C GLU F 233 25.00 -35.39 43.90
N ARG F 234 24.26 -35.44 42.80
CA ARG F 234 23.07 -34.61 42.67
C ARG F 234 21.77 -35.41 42.78
N ASP F 235 21.85 -36.65 43.25
CA ASP F 235 20.69 -37.52 43.44
C ASP F 235 19.95 -37.76 42.12
N TRP F 236 20.70 -37.80 41.03
CA TRP F 236 20.14 -38.06 39.72
C TRP F 236 20.23 -39.55 39.39
N GLN F 237 19.42 -39.96 38.43
CA GLN F 237 19.46 -41.30 37.88
C GLN F 237 19.94 -41.15 36.44
N ILE F 238 21.26 -41.13 36.25
CA ILE F 238 21.82 -41.10 34.91
C ILE F 238 21.70 -42.49 34.33
N LYS F 239 21.13 -42.60 33.14
CA LYS F 239 21.04 -43.88 32.45
C LYS F 239 21.94 -43.82 31.22
N VAL F 240 23.00 -44.63 31.24
CA VAL F 240 24.04 -44.63 30.22
C VAL F 240 23.72 -45.72 29.19
N ASN F 241 23.84 -45.37 27.90
CA ASN F 241 23.76 -46.31 26.79
C ASN F 241 25.16 -46.85 26.46
N GLU F 242 25.22 -48.11 25.97
CA GLU F 242 26.51 -48.79 25.83
C GLU F 242 27.21 -48.46 24.51
N ASP F 243 26.50 -48.37 23.38
CA ASP F 243 27.13 -47.81 22.19
C ASP F 243 27.44 -46.33 22.41
N LEU F 244 26.58 -45.63 23.14
CA LEU F 244 26.91 -44.26 23.45
C LEU F 244 28.20 -44.17 24.27
N LEU F 245 28.34 -45.00 25.30
CA LEU F 245 29.57 -45.01 26.11
C LEU F 245 30.77 -45.48 25.28
N GLU F 246 30.56 -46.43 24.38
CA GLU F 246 31.61 -46.91 23.49
C GLU F 246 32.14 -45.77 22.62
N GLU F 247 31.22 -45.03 21.99
CA GLU F 247 31.59 -43.84 21.22
C GLU F 247 32.39 -42.88 22.09
N VAL F 248 31.87 -42.56 23.27
CA VAL F 248 32.50 -41.56 24.14
C VAL F 248 33.90 -42.00 24.55
N ASN F 249 34.03 -43.27 24.96
CA ASN F 249 35.32 -43.81 25.35
C ASN F 249 36.33 -43.70 24.22
N ASN F 250 35.91 -43.99 22.99
CA ASN F 250 36.79 -43.89 21.85
C ASN F 250 36.77 -42.51 21.19
N LEU F 251 36.29 -41.48 21.90
CA LEU F 251 36.35 -40.11 21.40
C LEU F 251 37.32 -39.22 22.17
N VAL F 252 37.80 -39.65 23.34
CA VAL F 252 38.64 -38.82 24.19
C VAL F 252 39.91 -39.61 24.53
N GLU F 253 40.90 -38.90 25.06
CA GLU F 253 42.11 -39.55 25.55
C GLU F 253 42.39 -39.25 27.02
N TYR F 254 41.71 -38.26 27.59
CA TYR F 254 41.85 -37.93 29.01
C TYR F 254 40.50 -37.35 29.39
N PRO F 255 39.63 -38.15 30.02
CA PRO F 255 38.24 -37.76 30.17
C PRO F 255 37.98 -36.94 31.43
N THR F 256 36.94 -36.10 31.34
CA THR F 256 36.42 -35.43 32.54
C THR F 256 34.93 -35.24 32.35
N ALA F 257 34.12 -36.01 33.07
CA ALA F 257 32.68 -35.91 32.93
C ALA F 257 32.16 -34.58 33.47
N PHE F 258 31.07 -34.11 32.88
CA PHE F 258 30.47 -32.84 33.26
C PHE F 258 28.97 -32.91 33.03
N ALA F 259 28.26 -32.01 33.70
CA ALA F 259 26.81 -31.92 33.62
C ALA F 259 26.39 -30.49 33.32
N GLY F 260 25.34 -30.35 32.51
CA GLY F 260 24.72 -29.06 32.30
C GLY F 260 23.23 -29.15 32.58
N ASP F 261 22.62 -27.98 32.71
CA ASP F 261 21.20 -27.85 32.97
C ASP F 261 20.51 -27.25 31.75
N PHE F 262 19.19 -27.36 31.72
CA PHE F 262 18.40 -26.65 30.74
C PHE F 262 17.09 -26.19 31.38
N ASP F 263 16.35 -25.38 30.64
CA ASP F 263 15.23 -24.65 31.21
C ASP F 263 14.04 -25.58 31.41
N THR F 264 13.38 -25.41 32.57
CA THR F 264 12.27 -26.28 32.96
C THR F 264 11.06 -26.14 32.06
N LYS F 265 10.90 -25.02 31.35
CA LYS F 265 9.75 -24.88 30.47
C LYS F 265 9.75 -25.98 29.40
N TYR F 266 10.92 -26.39 28.94
CA TYR F 266 11.00 -27.45 27.95
C TYR F 266 10.56 -28.80 28.50
N LEU F 267 10.49 -28.95 29.83
CA LEU F 267 9.94 -30.17 30.41
C LEU F 267 8.47 -30.36 30.08
N THR F 268 7.81 -29.35 29.50
CA THR F 268 6.46 -29.55 29.02
C THR F 268 6.35 -30.62 27.94
N ILE F 269 7.46 -30.95 27.26
CA ILE F 269 7.40 -31.81 26.08
C ILE F 269 7.69 -33.27 26.40
N PRO F 270 7.31 -34.20 25.53
CA PRO F 270 7.58 -35.63 25.78
C PRO F 270 9.06 -35.93 25.89
N ASP F 271 9.38 -36.94 26.69
CA ASP F 271 10.77 -37.32 26.93
C ASP F 271 11.46 -37.83 25.66
N GLU F 272 10.70 -38.39 24.72
CA GLU F 272 11.32 -38.96 23.53
C GLU F 272 12.13 -37.93 22.75
N VAL F 273 11.58 -36.73 22.56
CA VAL F 273 12.30 -35.68 21.83
C VAL F 273 13.57 -35.30 22.57
N LEU F 274 13.48 -35.11 23.89
CA LEU F 274 14.63 -34.70 24.69
C LEU F 274 15.74 -35.75 24.66
N ILE F 275 15.38 -37.02 24.86
CA ILE F 275 16.38 -38.08 24.85
C ILE F 275 16.98 -38.22 23.46
N THR F 276 16.15 -38.11 22.42
CA THR F 276 16.67 -38.15 21.05
C THR F 276 17.71 -37.07 20.85
N SER F 277 17.37 -35.83 21.21
CA SER F 277 18.31 -34.71 21.09
C SER F 277 19.61 -35.02 21.82
N MET F 278 19.53 -35.21 23.14
CA MET F 278 20.71 -35.43 23.96
C MET F 278 21.51 -36.63 23.48
N ARG F 279 20.94 -37.82 23.60
CA ARG F 279 21.63 -39.07 23.28
C ARG F 279 22.09 -39.12 21.82
N ASP F 280 21.16 -38.96 20.89
CA ASP F 280 21.45 -39.25 19.49
C ASP F 280 22.33 -38.19 18.83
N HIS F 281 22.16 -36.92 19.20
CA HIS F 281 22.81 -35.83 18.50
C HIS F 281 23.92 -35.17 19.30
N GLN F 282 23.64 -34.79 20.54
CA GLN F 282 24.66 -34.23 21.40
C GLN F 282 25.34 -35.30 22.23
N ARG F 283 24.87 -36.54 22.15
CA ARG F 283 25.44 -37.66 22.89
C ARG F 283 25.51 -37.34 24.38
N PHE F 284 24.40 -36.82 24.89
CA PHE F 284 24.26 -36.55 26.31
C PHE F 284 23.39 -37.62 26.94
N PHE F 285 23.59 -37.84 28.23
CA PHE F 285 22.84 -38.82 29.00
C PHE F 285 21.72 -38.08 29.73
N TYR F 286 20.48 -38.35 29.34
CA TYR F 286 19.36 -37.70 29.99
C TYR F 286 19.35 -38.06 31.47
N VAL F 287 18.81 -37.16 32.27
CA VAL F 287 18.80 -37.29 33.72
C VAL F 287 17.37 -37.57 34.12
N THR F 288 17.14 -38.67 34.81
CA THR F 288 15.84 -38.96 35.41
C THR F 288 15.97 -39.03 36.92
N ASP F 289 14.81 -39.13 37.58
CA ASP F 289 14.77 -39.33 39.01
C ASP F 289 14.48 -40.80 39.29
N ALA F 290 14.26 -41.13 40.56
CA ALA F 290 13.91 -42.51 40.92
C ALA F 290 12.59 -42.91 40.29
N GLU F 291 11.59 -42.02 40.35
CA GLU F 291 10.28 -42.25 39.76
C GLU F 291 10.28 -42.23 38.24
N ASP F 292 11.46 -42.10 37.60
CA ASP F 292 11.67 -42.10 36.16
C ASP F 292 11.21 -40.81 35.48
N ASN F 293 10.85 -39.79 36.24
CA ASN F 293 10.54 -38.50 35.64
C ASN F 293 11.81 -37.86 35.09
N LEU F 294 11.69 -37.24 33.93
CA LEU F 294 12.85 -36.64 33.29
C LEU F 294 13.15 -35.30 33.94
N LEU F 295 14.34 -35.12 34.41
CA LEU F 295 14.91 -33.93 35.03
C LEU F 295 15.61 -33.07 33.99
N PRO F 296 15.56 -31.76 34.17
CA PRO F 296 16.18 -30.86 33.19
C PRO F 296 17.70 -30.81 33.27
N HIS F 297 18.37 -31.94 33.07
CA HIS F 297 19.82 -31.97 33.11
C HIS F 297 20.36 -32.97 32.09
N PHE F 298 21.61 -32.75 31.70
CA PHE F 298 22.30 -33.60 30.75
C PHE F 298 23.75 -33.77 31.18
N VAL F 299 24.39 -34.83 30.70
CA VAL F 299 25.76 -35.15 31.06
C VAL F 299 26.54 -35.55 29.82
N SER F 300 27.79 -35.11 29.75
CA SER F 300 28.71 -35.55 28.71
C SER F 300 30.09 -35.66 29.33
N VAL F 301 31.11 -35.91 28.51
CA VAL F 301 32.49 -35.96 28.97
C VAL F 301 33.31 -35.02 28.09
N ARG F 302 34.14 -34.20 28.72
CA ARG F 302 35.07 -33.33 28.02
C ARG F 302 36.40 -34.02 27.84
N ASN F 303 37.03 -33.75 26.69
CA ASN F 303 38.38 -34.23 26.40
C ASN F 303 39.41 -33.33 27.05
N GLY F 304 39.25 -33.07 28.35
CA GLY F 304 40.16 -32.19 29.05
C GLY F 304 40.15 -32.49 30.53
N ASN F 305 40.85 -31.64 31.28
CA ASN F 305 40.87 -31.69 32.73
C ASN F 305 39.79 -30.78 33.29
N THR F 306 39.83 -30.49 34.58
CA THR F 306 38.84 -29.59 35.18
C THR F 306 39.34 -28.14 35.13
N ASP F 307 39.71 -27.70 33.94
CA ASP F 307 40.11 -26.32 33.68
C ASP F 307 39.03 -25.67 32.84
N HIS F 308 38.43 -24.61 33.36
CA HIS F 308 37.34 -23.90 32.69
C HIS F 308 36.18 -24.83 32.35
N LEU F 309 35.93 -25.81 33.22
CA LEU F 309 34.85 -26.76 32.96
C LEU F 309 33.51 -26.04 32.91
N GLU F 310 33.34 -25.01 33.75
CA GLU F 310 32.10 -24.26 33.79
C GLU F 310 31.78 -23.62 32.44
N ASN F 311 32.80 -23.07 31.76
CA ASN F 311 32.57 -22.40 30.49
C ASN F 311 32.23 -23.37 29.37
N VAL F 312 32.92 -24.51 29.32
CA VAL F 312 32.56 -25.54 28.33
C VAL F 312 31.15 -26.05 28.59
N ALA F 313 30.81 -26.27 29.86
CA ALA F 313 29.46 -26.70 30.22
C ALA F 313 28.44 -25.66 29.77
N LEU F 314 28.75 -24.37 29.93
CA LEU F 314 27.83 -23.32 29.53
C LEU F 314 27.67 -23.29 28.01
N GLY F 315 28.76 -23.49 27.27
CA GLY F 315 28.64 -23.55 25.82
C GLY F 315 27.80 -24.72 25.36
N ASN F 316 28.01 -25.90 25.94
CA ASN F 316 27.20 -27.06 25.60
C ASN F 316 25.74 -26.85 25.98
N GLN F 317 25.48 -26.18 27.11
CA GLN F 317 24.11 -25.82 27.46
C GLN F 317 23.49 -24.95 26.39
N LYS F 318 24.27 -23.98 25.90
CA LYS F 318 23.79 -23.08 24.84
C LYS F 318 23.42 -23.86 23.59
N VAL F 319 24.29 -24.79 23.17
CA VAL F 319 24.03 -25.57 21.96
C VAL F 319 22.78 -26.42 22.13
N LEU F 320 22.69 -27.15 23.26
CA LEU F 320 21.55 -28.02 23.47
C LEU F 320 20.27 -27.19 23.53
N THR F 321 20.32 -26.03 24.18
CA THR F 321 19.14 -25.17 24.27
C THR F 321 18.72 -24.68 22.89
N ALA F 322 19.68 -24.47 21.98
CA ALA F 322 19.31 -24.16 20.60
C ALA F 322 18.50 -25.29 19.98
N ARG F 323 19.03 -26.52 20.09
CA ARG F 323 18.28 -27.67 19.56
C ARG F 323 16.90 -27.80 20.22
N LEU F 324 16.84 -27.56 21.53
CA LEU F 324 15.58 -27.73 22.26
C LEU F 324 14.55 -26.68 21.88
N GLU F 325 14.99 -25.44 21.63
CA GLU F 325 14.07 -24.43 21.14
C GLU F 325 13.55 -24.80 19.75
N ASP F 326 14.41 -25.32 18.87
CA ASP F 326 13.91 -25.81 17.59
C ASP F 326 12.85 -26.88 17.80
N ALA F 327 13.09 -27.82 18.71
CA ALA F 327 12.13 -28.89 18.96
C ALA F 327 10.82 -28.35 19.51
N ALA F 328 10.87 -27.39 20.43
CA ALA F 328 9.65 -26.82 20.98
C ALA F 328 8.85 -26.11 19.91
N PHE F 329 9.53 -25.36 19.03
CA PHE F 329 8.85 -24.72 17.91
C PHE F 329 8.17 -25.75 17.04
N PHE F 330 8.87 -26.83 16.70
CA PHE F 330 8.29 -27.86 15.85
C PHE F 330 7.07 -28.48 16.51
N TYR F 331 7.15 -28.74 17.81
CA TYR F 331 6.03 -29.33 18.55
C TYR F 331 4.79 -28.43 18.48
N HIS F 332 4.95 -27.17 18.86
CA HIS F 332 3.82 -26.26 18.91
C HIS F 332 3.36 -25.79 17.53
N GLU F 333 4.14 -26.05 16.49
CA GLU F 333 3.70 -25.81 15.13
C GLU F 333 2.97 -27.00 14.54
N ASP F 334 3.41 -28.22 14.85
CA ASP F 334 2.70 -29.42 14.41
C ASP F 334 1.35 -29.56 15.11
N GLN F 335 1.21 -28.98 16.30
CA GLN F 335 -0.08 -29.02 16.99
C GLN F 335 -1.19 -28.28 16.24
N GLN F 336 -0.85 -27.44 15.25
CA GLN F 336 -1.82 -26.51 14.70
C GLN F 336 -2.94 -27.20 13.92
N HIS F 337 -2.59 -28.15 13.07
CA HIS F 337 -3.55 -28.73 12.13
C HIS F 337 -4.33 -29.91 12.71
N SER F 338 -5.55 -30.10 12.19
CA SER F 338 -6.36 -31.25 12.52
C SER F 338 -5.97 -32.45 11.66
N ILE F 339 -6.46 -33.63 12.06
CA ILE F 339 -6.00 -34.88 11.45
C ILE F 339 -6.43 -34.99 9.99
N GLN F 340 -7.66 -34.57 9.68
CA GLN F 340 -8.15 -34.68 8.31
C GLN F 340 -7.28 -33.89 7.35
N GLU F 341 -6.76 -32.75 7.81
CA GLU F 341 -5.88 -31.93 6.98
C GLU F 341 -4.62 -32.70 6.59
N TYR F 342 -3.99 -33.36 7.56
CA TYR F 342 -2.82 -34.18 7.24
C TYR F 342 -3.17 -35.32 6.31
N VAL F 343 -4.33 -35.96 6.54
CA VAL F 343 -4.74 -37.08 5.71
C VAL F 343 -4.91 -36.64 4.25
N GLU F 344 -5.59 -35.50 4.03
CA GLU F 344 -5.76 -35.01 2.68
C GLU F 344 -4.43 -34.60 2.06
N ARG F 345 -3.58 -33.90 2.81
CA ARG F 345 -2.27 -33.52 2.29
C ARG F 345 -1.41 -34.73 1.95
N LEU F 346 -1.69 -35.89 2.56
CA LEU F 346 -0.95 -37.11 2.25
C LEU F 346 -1.12 -37.55 0.80
N LYS F 347 -2.14 -37.04 0.09
CA LYS F 347 -2.34 -37.42 -1.30
C LYS F 347 -1.15 -37.01 -2.17
N LYS F 348 -0.47 -35.92 -1.84
CA LYS F 348 0.68 -35.51 -2.63
C LYS F 348 1.90 -36.40 -2.37
N VAL F 349 2.03 -36.93 -1.16
CA VAL F 349 3.23 -37.67 -0.77
C VAL F 349 3.28 -39.02 -1.48
N SER F 350 4.13 -39.13 -2.49
CA SER F 350 4.30 -40.39 -3.20
C SER F 350 5.02 -41.39 -2.31
N PHE F 351 4.46 -42.59 -2.21
CA PHE F 351 5.14 -43.66 -1.47
C PHE F 351 6.38 -44.12 -2.22
N HIS F 352 6.34 -44.12 -3.55
CA HIS F 352 7.50 -44.37 -4.38
C HIS F 352 7.14 -43.89 -5.79
N ASP F 353 8.16 -43.81 -6.64
CA ASP F 353 7.98 -43.34 -8.00
C ASP F 353 6.91 -44.15 -8.72
N LYS F 354 7.18 -45.43 -8.92
CA LYS F 354 6.35 -46.31 -9.73
C LYS F 354 5.13 -46.85 -8.99
N ILE F 355 5.02 -46.63 -7.67
CA ILE F 355 3.88 -47.13 -6.91
C ILE F 355 2.75 -46.10 -6.88
N GLY F 356 3.04 -44.93 -6.35
CA GLY F 356 2.03 -43.90 -6.19
C GLY F 356 2.16 -43.24 -4.84
N THR F 357 1.03 -42.82 -4.27
CA THR F 357 1.09 -42.00 -3.07
C THR F 357 0.97 -42.84 -1.80
N MET F 358 1.24 -42.19 -0.67
CA MET F 358 1.17 -42.84 0.63
C MET F 358 -0.27 -42.99 1.12
N TYR F 359 -1.16 -42.09 0.70
CA TYR F 359 -2.55 -42.14 1.14
C TYR F 359 -3.27 -43.37 0.61
N GLU F 360 -3.16 -43.63 -0.69
CA GLU F 360 -3.74 -44.86 -1.25
C GLU F 360 -3.07 -46.10 -0.67
N LYS F 361 -1.78 -46.02 -0.38
CA LYS F 361 -1.13 -47.12 0.32
C LYS F 361 -1.78 -47.36 1.68
N MET F 362 -2.14 -46.29 2.38
CA MET F 362 -2.83 -46.43 3.66
C MET F 362 -4.19 -47.08 3.47
N GLN F 363 -4.88 -46.74 2.38
CA GLN F 363 -6.16 -47.40 2.09
C GLN F 363 -5.97 -48.90 1.88
N ARG F 364 -4.95 -49.27 1.11
CA ARG F 364 -4.68 -50.70 0.87
C ARG F 364 -4.39 -51.41 2.18
N VAL F 365 -3.56 -50.80 3.03
CA VAL F 365 -3.24 -51.38 4.33
C VAL F 365 -4.48 -51.44 5.22
N MET F 366 -5.37 -50.47 5.09
CA MET F 366 -6.63 -50.50 5.84
C MET F 366 -7.45 -51.73 5.49
N ILE F 367 -7.59 -51.99 4.19
CA ILE F 367 -8.32 -53.19 3.76
C ILE F 367 -7.61 -54.44 4.26
N ILE F 368 -6.27 -54.46 4.16
CA ILE F 368 -5.51 -55.62 4.61
C ILE F 368 -5.73 -55.85 6.10
N SER F 369 -5.72 -54.78 6.89
CA SER F 369 -5.90 -54.88 8.33
C SER F 369 -7.29 -55.39 8.67
N ASP F 370 -8.32 -54.92 7.95
CA ASP F 370 -9.66 -55.43 8.19
C ASP F 370 -9.71 -56.94 7.93
N PHE F 371 -9.11 -57.38 6.81
CA PHE F 371 -9.09 -58.81 6.53
C PHE F 371 -8.31 -59.60 7.58
N LEU F 372 -7.20 -59.03 8.07
CA LEU F 372 -6.40 -59.73 9.06
C LEU F 372 -7.13 -59.83 10.39
N ALA F 373 -7.86 -58.78 10.77
CA ALA F 373 -8.70 -58.88 11.96
C ALA F 373 -9.77 -59.94 11.80
N ASP F 374 -10.39 -60.01 10.60
CA ASP F 374 -11.36 -61.06 10.33
C ASP F 374 -10.75 -62.44 10.49
N ARG F 375 -9.66 -62.70 9.76
CA ARG F 375 -9.05 -64.03 9.72
C ARG F 375 -8.48 -64.42 11.07
N PHE F 376 -7.87 -63.46 11.77
CA PHE F 376 -7.16 -63.71 13.01
C PHE F 376 -8.07 -63.80 14.23
N GLY F 377 -9.31 -63.35 14.11
CA GLY F 377 -10.20 -63.43 15.26
C GLY F 377 -10.00 -62.42 16.37
N LEU F 378 -10.33 -61.17 16.12
CA LEU F 378 -10.26 -60.12 17.12
C LEU F 378 -11.65 -59.67 17.52
N THR F 379 -11.75 -59.12 18.73
CA THR F 379 -13.04 -58.65 19.20
C THR F 379 -13.45 -57.40 18.42
N GLU F 380 -14.73 -57.05 18.53
CA GLU F 380 -15.25 -55.87 17.83
C GLU F 380 -14.45 -54.62 18.15
N THR F 381 -14.13 -54.42 19.44
CA THR F 381 -13.35 -53.26 19.82
C THR F 381 -11.99 -53.25 19.15
N GLU F 382 -11.32 -54.41 19.14
CA GLU F 382 -10.00 -54.51 18.52
C GLU F 382 -10.08 -54.27 17.02
N LYS F 383 -11.12 -54.81 16.36
CA LYS F 383 -11.28 -54.60 14.93
C LYS F 383 -11.53 -53.14 14.60
N ASN F 384 -12.38 -52.46 15.39
CA ASN F 384 -12.65 -51.06 15.12
C ASN F 384 -11.42 -50.20 15.34
N GLN F 385 -10.68 -50.46 16.42
CA GLN F 385 -9.45 -49.71 16.67
C GLN F 385 -8.42 -49.96 15.57
N LEU F 386 -8.31 -51.21 15.11
CA LEU F 386 -7.40 -51.51 14.01
C LEU F 386 -7.80 -50.78 12.75
N HIS F 387 -9.09 -50.74 12.43
CA HIS F 387 -9.55 -50.03 11.25
C HIS F 387 -9.20 -48.54 11.35
N ARG F 388 -9.45 -47.95 12.52
CA ARG F 388 -9.13 -46.53 12.74
C ARG F 388 -7.64 -46.27 12.58
N ALA F 389 -6.81 -47.13 13.19
CA ALA F 389 -5.37 -46.97 13.10
C ALA F 389 -4.91 -47.05 11.65
N ALA F 390 -5.34 -48.09 10.94
CA ALA F 390 -5.00 -48.21 9.52
C ALA F 390 -5.49 -47.00 8.74
N GLN F 391 -6.58 -46.37 9.20
CA GLN F 391 -7.03 -45.13 8.59
C GLN F 391 -5.99 -44.03 8.72
N ILE F 392 -5.39 -43.87 9.90
CA ILE F 392 -4.65 -42.64 10.18
C ILE F 392 -3.20 -42.87 10.58
N TYR F 393 -2.70 -44.11 10.59
CA TYR F 393 -1.44 -44.39 11.26
C TYR F 393 -0.22 -43.69 10.65
N LYS F 394 -0.26 -43.33 9.37
CA LYS F 394 0.91 -42.75 8.71
C LYS F 394 0.84 -41.23 8.54
N PHE F 395 -0.13 -40.56 9.16
CA PHE F 395 -0.27 -39.12 8.91
C PHE F 395 0.95 -38.34 9.38
N ASP F 396 1.52 -38.70 10.54
CA ASP F 396 2.63 -37.95 11.11
C ASP F 396 3.84 -37.90 10.21
N LEU F 397 3.86 -38.67 9.12
CA LEU F 397 5.01 -38.65 8.23
C LEU F 397 5.23 -37.27 7.61
N VAL F 398 4.18 -36.45 7.54
CA VAL F 398 4.35 -35.09 7.02
C VAL F 398 4.41 -34.12 8.19
N THR F 399 5.59 -34.00 8.81
CA THR F 399 5.80 -33.03 9.87
C THR F 399 7.25 -32.57 9.87
N GLY F 400 7.46 -31.34 10.34
CA GLY F 400 8.80 -30.83 10.55
C GLY F 400 9.49 -31.43 11.75
N MET F 401 8.70 -31.92 12.71
CA MET F 401 9.27 -32.62 13.87
C MET F 401 10.08 -33.82 13.43
N VAL F 402 9.57 -34.58 12.47
CA VAL F 402 10.34 -35.68 11.90
C VAL F 402 11.38 -35.16 10.91
N GLY F 403 11.12 -34.01 10.28
CA GLY F 403 12.11 -33.42 9.40
C GLY F 403 13.41 -33.08 10.10
N GLU F 404 13.34 -32.67 11.36
CA GLU F 404 14.55 -32.44 12.16
C GLU F 404 15.00 -33.70 12.89
N PHE F 405 14.05 -34.53 13.34
CA PHE F 405 14.37 -35.79 14.01
C PHE F 405 13.89 -36.93 13.13
N PRO F 406 14.71 -37.41 12.19
CA PRO F 406 14.30 -38.56 11.39
C PRO F 406 14.09 -39.82 12.21
N GLU F 407 14.79 -39.94 13.35
CA GLU F 407 14.62 -41.12 14.19
C GLU F 407 13.24 -41.18 14.82
N LEU F 408 12.65 -40.04 15.15
CA LEU F 408 11.43 -39.98 15.94
C LEU F 408 10.16 -40.10 15.09
N GLN F 409 10.26 -40.64 13.89
CA GLN F 409 9.08 -40.82 13.07
C GLN F 409 8.18 -41.93 13.62
N GLY F 410 6.88 -41.75 13.47
CA GLY F 410 5.90 -42.69 13.98
C GLY F 410 5.48 -42.47 15.42
N VAL F 411 6.45 -42.45 16.33
CA VAL F 411 6.13 -42.23 17.74
C VAL F 411 5.46 -40.86 17.93
N MET F 412 5.92 -39.85 17.20
CA MET F 412 5.29 -38.54 17.28
C MET F 412 3.83 -38.61 16.82
N GLY F 413 3.53 -39.46 15.84
CA GLY F 413 2.13 -39.65 15.47
C GLY F 413 1.30 -40.15 16.62
N ASP F 414 1.82 -41.13 17.37
CA ASP F 414 1.16 -41.61 18.57
C ASP F 414 0.91 -40.46 19.53
N LYS F 415 1.94 -39.67 19.83
CA LYS F 415 1.77 -38.57 20.79
C LYS F 415 0.75 -37.55 20.31
N TYR F 416 0.79 -37.19 19.03
CA TYR F 416 -0.08 -36.14 18.51
C TYR F 416 -1.53 -36.60 18.46
N ALA F 417 -1.76 -37.81 17.93
CA ALA F 417 -3.12 -38.34 17.86
C ALA F 417 -3.72 -38.59 19.24
N VAL F 418 -2.93 -39.14 20.16
CA VAL F 418 -3.41 -39.29 21.54
C VAL F 418 -3.69 -37.94 22.16
N LEU F 419 -2.88 -36.94 21.82
CA LEU F 419 -3.09 -35.58 22.32
C LEU F 419 -4.42 -35.02 21.86
N LYS F 420 -4.87 -35.38 20.65
CA LYS F 420 -6.10 -34.87 20.08
C LYS F 420 -7.34 -35.58 20.63
N GLY F 421 -7.20 -36.24 21.79
CA GLY F 421 -8.27 -36.97 22.43
C GLY F 421 -8.76 -38.22 21.72
N GLU F 422 -7.85 -38.97 21.10
CA GLU F 422 -8.17 -40.23 20.45
C GLU F 422 -7.83 -41.41 21.36
N ASP F 423 -8.06 -42.61 20.84
CA ASP F 423 -7.86 -43.83 21.64
C ASP F 423 -6.38 -44.20 21.70
N PRO F 424 -5.80 -44.33 22.89
CA PRO F 424 -4.36 -44.64 22.99
C PRO F 424 -3.90 -45.94 22.34
N ALA F 425 -4.75 -46.98 22.26
CA ALA F 425 -4.33 -48.21 21.60
C ALA F 425 -3.96 -47.95 20.14
N VAL F 426 -4.68 -47.04 19.50
CA VAL F 426 -4.32 -46.64 18.13
C VAL F 426 -2.92 -46.05 18.13
N GLY F 427 -2.61 -45.22 19.12
CA GLY F 427 -1.27 -44.66 19.23
C GLY F 427 -0.21 -45.73 19.46
N GLN F 428 -0.54 -46.77 20.23
CA GLN F 428 0.40 -47.86 20.43
C GLN F 428 0.70 -48.55 19.11
N ALA F 429 -0.35 -48.80 18.31
CA ALA F 429 -0.15 -49.41 17.01
C ALA F 429 0.67 -48.50 16.09
N ILE F 430 0.42 -47.19 16.17
CA ILE F 430 1.17 -46.22 15.38
C ILE F 430 2.64 -46.24 15.77
N ARG F 431 2.94 -46.28 17.07
CA ARG F 431 4.32 -46.38 17.51
C ARG F 431 4.96 -47.68 17.04
N GLU F 432 4.19 -48.77 17.03
CA GLU F 432 4.77 -50.08 16.80
C GLU F 432 4.83 -50.49 15.32
N HIS F 433 4.16 -49.78 14.42
CA HIS F 433 4.23 -50.22 13.03
C HIS F 433 5.61 -50.00 12.40
N TYR F 434 6.49 -49.24 13.06
CA TYR F 434 7.90 -49.20 12.69
C TYR F 434 8.67 -50.36 13.29
N MET F 435 8.16 -50.97 14.35
CA MET F 435 8.89 -52.04 15.03
C MET F 435 8.90 -53.29 14.15
N PRO F 436 10.00 -54.04 14.11
CA PRO F 436 11.23 -53.77 14.87
C PRO F 436 12.09 -52.66 14.27
N ILE F 437 12.84 -52.00 15.15
CA ILE F 437 13.69 -50.89 14.77
C ILE F 437 15.03 -51.33 14.18
N SER F 438 15.42 -52.58 14.35
CA SER F 438 16.69 -53.07 13.82
C SER F 438 16.59 -54.58 13.61
N ALA F 439 17.75 -55.22 13.41
CA ALA F 439 17.81 -56.67 13.28
C ALA F 439 17.64 -57.37 14.63
N ASP F 440 18.12 -56.77 15.71
CA ASP F 440 17.89 -57.28 17.05
C ASP F 440 16.88 -56.42 17.82
N GLY F 441 16.05 -55.65 17.11
CA GLY F 441 15.15 -54.71 17.74
C GLY F 441 13.93 -55.36 18.37
N ASP F 442 13.12 -54.51 19.00
CA ASP F 442 11.96 -54.91 19.78
C ASP F 442 10.75 -55.14 18.88
N LEU F 443 9.81 -55.94 19.38
CA LEU F 443 8.59 -56.26 18.63
C LEU F 443 7.37 -55.62 19.29
N PRO F 444 6.30 -55.39 18.51
CA PRO F 444 5.09 -54.77 19.08
C PRO F 444 4.49 -55.57 20.22
N LYS F 445 4.06 -54.85 21.26
CA LYS F 445 3.39 -55.45 22.40
C LYS F 445 1.89 -55.59 22.22
N SER F 446 1.34 -55.11 21.10
CA SER F 446 -0.10 -55.15 20.84
C SER F 446 -0.36 -55.83 19.51
N LYS F 447 -1.54 -56.43 19.41
CA LYS F 447 -1.93 -57.11 18.17
C LYS F 447 -2.05 -56.13 17.01
N VAL F 448 -2.65 -54.97 17.26
CA VAL F 448 -2.92 -54.01 16.20
C VAL F 448 -1.62 -53.52 15.58
N GLY F 449 -0.62 -53.18 16.40
CA GLY F 449 0.66 -52.73 15.87
C GLY F 449 1.38 -53.79 15.06
N ALA F 450 1.35 -55.05 15.53
CA ALA F 450 1.97 -56.13 14.77
C ALA F 450 1.31 -56.28 13.42
N VAL F 451 -0.02 -56.30 13.39
CA VAL F 451 -0.76 -56.45 12.14
C VAL F 451 -0.46 -55.28 11.21
N LEU F 452 -0.41 -54.08 11.78
CA LEU F 452 -0.14 -52.87 11.00
C LEU F 452 1.24 -52.93 10.33
N ALA F 453 2.27 -53.28 11.11
CA ALA F 453 3.62 -53.37 10.56
C ALA F 453 3.70 -54.45 9.49
N ILE F 454 3.07 -55.61 9.74
CA ILE F 454 3.11 -56.69 8.76
C ILE F 454 2.45 -56.24 7.45
N ALA F 455 1.29 -55.59 7.54
CA ALA F 455 0.60 -55.13 6.34
C ALA F 455 1.44 -54.09 5.59
N ASP F 456 2.04 -53.16 6.33
CA ASP F 456 2.90 -52.14 5.74
C ASP F 456 4.04 -52.79 4.94
N LYS F 457 4.75 -53.73 5.57
CA LYS F 457 5.89 -54.36 4.91
C LYS F 457 5.44 -55.28 3.78
N VAL F 458 4.26 -55.89 3.89
CA VAL F 458 3.73 -56.69 2.78
C VAL F 458 3.52 -55.82 1.55
N ASP F 459 2.84 -54.69 1.73
CA ASP F 459 2.63 -53.79 0.59
C ASP F 459 3.96 -53.32 0.02
N SER F 460 4.89 -52.94 0.90
CA SER F 460 6.18 -52.44 0.45
C SER F 460 6.90 -53.49 -0.39
N ILE F 461 6.97 -54.73 0.09
CA ILE F 461 7.73 -55.76 -0.62
C ILE F 461 7.04 -56.13 -1.93
N THR F 462 5.72 -56.26 -1.92
CA THR F 462 5.02 -56.58 -3.16
C THR F 462 5.24 -55.52 -4.22
N SER F 463 5.11 -54.25 -3.85
CA SER F 463 5.27 -53.18 -4.83
C SER F 463 6.73 -53.03 -5.27
N PHE F 464 7.67 -53.09 -4.33
CA PHE F 464 9.08 -52.93 -4.67
C PHE F 464 9.63 -54.12 -5.44
N PHE F 465 8.96 -55.27 -5.40
CA PHE F 465 9.27 -56.33 -6.34
C PHE F 465 8.49 -56.17 -7.64
N ALA F 466 7.38 -55.45 -7.62
CA ALA F 466 6.70 -55.07 -8.85
C ALA F 466 7.48 -54.05 -9.63
N VAL F 467 8.44 -53.36 -9.00
CA VAL F 467 9.30 -52.41 -9.67
C VAL F 467 10.67 -53.00 -9.98
N GLY F 468 10.88 -54.26 -9.64
CA GLY F 468 12.11 -54.97 -9.96
C GLY F 468 13.28 -54.65 -9.06
N LEU F 469 13.05 -53.95 -7.95
CA LEU F 469 14.13 -53.56 -7.04
C LEU F 469 14.34 -54.61 -5.95
N THR F 470 14.69 -55.81 -6.38
CA THR F 470 15.00 -56.86 -5.42
C THR F 470 16.37 -56.56 -4.82
N PRO F 471 16.50 -56.51 -3.50
CA PRO F 471 17.80 -56.19 -2.91
C PRO F 471 18.85 -57.24 -3.27
N SER F 472 20.10 -56.79 -3.30
CA SER F 472 21.23 -57.60 -3.70
C SER F 472 22.12 -57.91 -2.50
N GLY F 473 23.26 -58.54 -2.78
CA GLY F 473 24.09 -59.07 -1.70
C GLY F 473 24.59 -58.00 -0.74
N SER F 474 25.10 -56.89 -1.28
CA SER F 474 25.58 -55.80 -0.45
C SER F 474 24.68 -54.58 -0.46
N ASN F 475 23.79 -54.47 -1.45
CA ASN F 475 22.91 -53.32 -1.58
C ASN F 475 21.50 -53.74 -1.21
N ASP F 476 20.97 -53.13 -0.14
CA ASP F 476 19.56 -53.25 0.22
C ASP F 476 19.08 -51.82 0.43
N PRO F 477 18.62 -51.16 -0.64
CA PRO F 477 18.34 -49.72 -0.53
C PRO F 477 17.16 -49.39 0.36
N PHE F 478 16.19 -50.30 0.52
CA PHE F 478 14.95 -50.00 1.23
C PHE F 478 14.74 -50.88 2.44
N ALA F 479 15.80 -51.56 2.90
CA ALA F 479 15.75 -52.42 4.07
C ALA F 479 14.66 -53.48 3.96
N LEU F 480 14.32 -53.87 2.72
CA LEU F 480 13.28 -54.86 2.52
C LEU F 480 13.67 -56.20 3.12
N ARG F 481 14.97 -56.52 3.11
CA ARG F 481 15.44 -57.70 3.80
C ARG F 481 15.15 -57.60 5.30
N ARG F 482 15.40 -56.42 5.88
CA ARG F 482 15.09 -56.21 7.29
C ARG F 482 13.58 -56.22 7.53
N GLN F 483 12.80 -55.68 6.60
CA GLN F 483 11.35 -55.71 6.76
C GLN F 483 10.83 -57.15 6.79
N ALA F 484 11.31 -57.99 5.86
CA ALA F 484 10.91 -59.38 5.84
C ALA F 484 11.38 -60.11 7.10
N PHE F 485 12.59 -59.82 7.54
CA PHE F 485 13.12 -60.40 8.76
C PHE F 485 12.24 -60.04 9.96
N GLY F 486 11.81 -58.78 10.03
CA GLY F 486 10.90 -58.38 11.09
C GLY F 486 9.55 -59.05 11.02
N ILE F 487 9.02 -59.23 9.80
CA ILE F 487 7.77 -59.96 9.64
C ILE F 487 7.90 -61.38 10.19
N VAL F 488 8.98 -62.07 9.81
CA VAL F 488 9.21 -63.43 10.27
C VAL F 488 9.30 -63.48 11.79
N ARG F 489 10.07 -62.55 12.37
CA ARG F 489 10.26 -62.54 13.82
C ARG F 489 8.92 -62.33 14.53
N ILE F 490 8.11 -61.39 14.03
CA ILE F 490 6.80 -61.15 14.64
C ILE F 490 5.92 -62.37 14.53
N VAL F 491 5.93 -63.02 13.36
CA VAL F 491 5.10 -64.22 13.18
C VAL F 491 5.51 -65.30 14.16
N ARG F 492 6.82 -65.47 14.38
CA ARG F 492 7.26 -66.46 15.36
C ARG F 492 6.76 -66.09 16.75
N GLU F 493 6.87 -64.81 17.12
CA GLU F 493 6.44 -64.39 18.45
C GLU F 493 4.93 -64.59 18.63
N GLN F 494 4.14 -64.43 17.56
CA GLN F 494 2.69 -64.54 17.63
C GLN F 494 2.12 -65.87 17.13
N GLY F 495 2.73 -66.52 16.14
CA GLY F 495 2.23 -67.81 15.70
C GLY F 495 0.93 -67.85 14.89
N TRP F 496 0.96 -67.42 13.63
CA TRP F 496 -0.22 -67.44 12.77
C TRP F 496 -0.01 -68.28 11.53
N ASP F 497 -1.11 -68.86 11.03
CA ASP F 497 -1.12 -69.57 9.75
C ASP F 497 -1.01 -68.58 8.61
N PHE F 498 0.08 -68.67 7.85
CA PHE F 498 0.48 -67.63 6.91
C PHE F 498 0.84 -68.20 5.54
N PRO F 499 -0.11 -68.30 4.62
CA PRO F 499 0.28 -68.79 3.29
C PRO F 499 0.99 -67.72 2.50
N ILE F 500 2.33 -67.85 2.44
CA ILE F 500 3.12 -67.08 1.49
C ILE F 500 3.04 -67.68 0.10
N ARG F 501 2.33 -68.80 -0.04
CA ARG F 501 2.12 -69.48 -1.30
C ARG F 501 1.05 -68.80 -2.15
N GLN F 502 -0.05 -68.37 -1.54
CA GLN F 502 -1.19 -67.82 -2.26
C GLN F 502 -1.40 -66.34 -2.03
N LEU F 503 -0.49 -65.65 -1.35
CA LEU F 503 -0.65 -64.22 -1.13
C LEU F 503 -0.66 -63.44 -2.43
N GLU F 504 0.02 -63.95 -3.47
CA GLU F 504 -0.05 -63.35 -4.80
C GLU F 504 -1.50 -63.12 -5.20
N ALA F 505 -2.28 -64.22 -5.22
CA ALA F 505 -3.67 -64.15 -5.63
C ALA F 505 -4.48 -63.27 -4.68
N ASP F 506 -4.19 -63.32 -3.38
CA ASP F 506 -4.95 -62.51 -2.44
C ASP F 506 -4.80 -61.03 -2.74
N ILE F 507 -3.54 -60.57 -2.88
CA ILE F 507 -3.30 -59.14 -3.12
C ILE F 507 -3.89 -58.71 -4.46
N GLN F 508 -3.60 -59.46 -5.52
CA GLN F 508 -4.11 -59.08 -6.84
C GLN F 508 -5.63 -59.11 -6.88
N LYS F 509 -6.21 -60.26 -6.55
CA LYS F 509 -7.65 -60.44 -6.36
C LYS F 509 -8.30 -59.25 -5.66
N GLU F 510 -7.78 -58.84 -4.51
CA GLU F 510 -8.47 -57.82 -3.75
C GLU F 510 -8.30 -56.43 -4.36
N LEU F 511 -7.13 -56.16 -4.97
CA LEU F 511 -6.99 -54.88 -5.67
C LEU F 511 -7.93 -54.81 -6.87
N VAL F 512 -8.09 -55.91 -7.61
CA VAL F 512 -9.11 -55.95 -8.65
C VAL F 512 -10.48 -55.67 -8.05
N ALA F 513 -10.75 -56.24 -6.87
CA ALA F 513 -12.06 -56.03 -6.25
C ALA F 513 -12.30 -54.55 -5.97
N HIS F 514 -11.34 -53.87 -5.38
CA HIS F 514 -11.56 -52.47 -4.97
C HIS F 514 -10.94 -51.46 -5.92
N ASP F 515 -9.61 -51.47 -6.09
CA ASP F 515 -8.91 -50.43 -6.85
C ASP F 515 -7.92 -51.10 -7.81
N ALA F 516 -8.30 -51.13 -9.10
CA ALA F 516 -7.60 -51.88 -10.13
C ALA F 516 -6.52 -51.07 -10.83
N THR F 517 -6.20 -49.88 -10.35
CA THR F 517 -5.09 -49.15 -10.92
C THR F 517 -3.77 -49.82 -10.61
N TYR F 518 -3.73 -50.68 -9.59
CA TYR F 518 -2.43 -51.30 -9.22
C TYR F 518 -2.54 -52.75 -9.65
N ASN F 519 -2.78 -52.96 -10.95
CA ASN F 519 -3.07 -54.34 -11.39
C ASN F 519 -2.62 -54.61 -12.82
N LEU F 520 -1.32 -54.89 -13.02
CA LEU F 520 -0.92 -55.59 -14.23
C LEU F 520 0.01 -56.80 -14.01
N ASP F 521 1.25 -56.56 -13.59
CA ASP F 521 2.24 -57.61 -13.36
C ASP F 521 2.61 -57.74 -11.88
N PHE F 522 1.65 -57.52 -10.98
CA PHE F 522 1.96 -57.36 -9.57
C PHE F 522 1.92 -58.66 -8.76
N GLU F 523 1.38 -59.75 -9.31
CA GLU F 523 1.60 -61.06 -8.71
C GLU F 523 2.59 -61.91 -9.50
N LYS F 524 2.85 -61.57 -10.76
CA LYS F 524 3.95 -62.18 -11.48
C LYS F 524 5.26 -61.89 -10.75
N GLN F 525 5.36 -60.75 -10.08
CA GLN F 525 6.51 -60.37 -9.27
C GLN F 525 6.34 -60.72 -7.79
N THR F 526 5.18 -61.27 -7.39
CA THR F 526 4.96 -61.65 -6.01
C THR F 526 5.32 -63.11 -5.72
N ALA F 527 5.41 -63.95 -6.76
CA ALA F 527 5.95 -65.30 -6.56
C ALA F 527 7.40 -65.30 -6.07
N PRO F 528 8.33 -64.50 -6.62
CA PRO F 528 9.69 -64.49 -6.07
C PRO F 528 9.78 -63.96 -4.63
N VAL F 529 8.77 -63.19 -4.19
CA VAL F 529 8.76 -62.69 -2.82
C VAL F 529 8.62 -63.83 -1.82
N ALA F 530 7.85 -64.88 -2.17
CA ALA F 530 7.69 -65.99 -1.26
C ALA F 530 9.02 -66.68 -0.97
N ASP F 531 9.89 -66.75 -1.99
CA ASP F 531 11.20 -67.34 -1.76
C ASP F 531 12.15 -66.36 -1.11
N PHE F 532 11.84 -65.07 -1.17
CA PHE F 532 12.68 -64.11 -0.47
C PHE F 532 12.42 -64.19 1.04
N LEU F 533 11.14 -64.26 1.42
CA LEU F 533 10.78 -64.55 2.81
C LEU F 533 11.36 -65.88 3.26
N THR F 534 11.38 -66.86 2.36
CA THR F 534 11.96 -68.16 2.69
C THR F 534 13.46 -68.04 2.96
N ASP F 535 14.17 -67.27 2.14
CA ASP F 535 15.60 -67.06 2.37
C ASP F 535 15.84 -66.39 3.71
N ARG F 536 14.95 -65.49 4.10
CA ARG F 536 15.13 -64.83 5.40
C ARG F 536 14.91 -65.81 6.55
N VAL F 537 13.92 -66.71 6.42
CA VAL F 537 13.73 -67.74 7.43
C VAL F 537 14.94 -68.67 7.49
N LYS F 538 15.50 -69.05 6.34
CA LYS F 538 16.67 -69.92 6.33
C LYS F 538 17.86 -69.26 7.00
N GLN F 539 18.07 -67.98 6.74
CA GLN F 539 19.15 -67.27 7.42
C GLN F 539 18.89 -67.17 8.92
N TRP F 540 17.63 -67.03 9.33
CA TRP F 540 17.30 -67.07 10.75
C TRP F 540 17.70 -68.41 11.37
N PHE F 541 17.40 -69.51 10.68
CA PHE F 541 17.78 -70.83 11.19
C PHE F 541 19.30 -70.97 11.27
N ASN F 542 20.01 -70.51 10.24
CA ASN F 542 21.46 -70.56 10.27
C ASN F 542 22.04 -69.62 11.32
N ASN F 543 21.28 -68.59 11.73
CA ASN F 543 21.66 -67.83 12.91
C ASN F 543 21.49 -68.66 14.17
N ARG F 544 20.57 -69.63 14.15
CA ARG F 544 20.41 -70.55 15.26
C ARG F 544 21.03 -71.92 14.96
N LYS F 545 21.99 -71.97 14.03
CA LYS F 545 22.92 -73.08 13.84
C LYS F 545 22.27 -74.38 13.37
N ILE F 546 21.00 -74.35 12.97
CA ILE F 546 20.27 -75.58 12.66
C ILE F 546 20.88 -76.30 11.46
N ARG F 547 20.91 -77.63 11.54
CA ARG F 547 21.47 -78.48 10.49
C ARG F 547 20.89 -78.14 9.13
N TYR F 548 21.77 -78.08 8.13
CA TYR F 548 21.37 -77.70 6.77
C TYR F 548 20.27 -78.59 6.21
N ASP F 549 20.25 -79.89 6.55
CA ASP F 549 19.26 -80.77 5.96
C ASP F 549 17.87 -80.51 6.54
N ILE F 550 17.79 -80.20 7.84
CA ILE F 550 16.53 -79.75 8.42
C ILE F 550 16.06 -78.49 7.72
N VAL F 551 17.00 -77.59 7.42
CA VAL F 551 16.69 -76.38 6.66
C VAL F 551 16.07 -76.73 5.32
N ASP F 552 16.78 -77.51 4.51
CA ASP F 552 16.29 -77.82 3.17
C ASP F 552 15.02 -78.67 3.18
N THR F 553 14.69 -79.27 4.33
CA THR F 553 13.42 -79.98 4.45
C THR F 553 12.26 -79.04 4.79
N VAL F 554 12.39 -78.26 5.86
CA VAL F 554 11.29 -77.37 6.23
C VAL F 554 11.10 -76.29 5.18
N ILE F 555 12.17 -75.93 4.46
CA ILE F 555 12.07 -74.91 3.43
C ILE F 555 11.32 -75.45 2.22
N LYS F 556 11.69 -76.65 1.75
CA LYS F 556 11.09 -77.19 0.54
C LYS F 556 9.75 -77.83 0.87
N GLY F 557 8.92 -77.12 1.63
CA GLY F 557 7.58 -77.59 1.94
C GLY F 557 6.56 -77.10 0.92
N SER F 558 5.50 -77.88 0.76
CA SER F 558 4.41 -77.47 -0.12
C SER F 558 3.56 -76.38 0.54
N ARG F 559 3.36 -76.46 1.85
CA ARG F 559 2.49 -75.51 2.53
C ARG F 559 3.06 -74.09 2.51
N GLN F 560 4.38 -73.95 2.70
CA GLN F 560 5.04 -72.65 2.77
C GLN F 560 4.45 -71.76 3.88
N ASP F 561 4.01 -72.37 4.98
CA ASP F 561 3.47 -71.63 6.11
C ASP F 561 4.58 -71.39 7.14
N ILE F 562 4.61 -70.15 7.67
CA ILE F 562 5.68 -69.77 8.59
C ILE F 562 5.62 -70.58 9.88
N ARG F 563 4.44 -70.65 10.49
CA ARG F 563 4.31 -71.36 11.76
C ARG F 563 4.61 -72.84 11.59
N GLU F 564 4.17 -73.42 10.48
CA GLU F 564 4.50 -74.82 10.21
C GLU F 564 6.01 -75.02 10.09
N MET F 565 6.71 -74.09 9.43
CA MET F 565 8.16 -74.21 9.31
C MET F 565 8.82 -74.15 10.68
N PHE F 566 8.44 -73.16 11.49
CA PHE F 566 9.04 -73.01 12.81
C PHE F 566 8.76 -74.23 13.69
N LYS F 567 7.52 -74.69 13.71
CA LYS F 567 7.15 -75.80 14.59
C LYS F 567 7.82 -77.10 14.15
N ALA F 568 7.85 -77.36 12.84
CA ALA F 568 8.52 -78.56 12.36
C ALA F 568 10.01 -78.51 12.67
N ALA F 569 10.64 -77.36 12.48
CA ALA F 569 12.06 -77.25 12.78
C ALA F 569 12.35 -77.46 14.27
N ASP F 570 11.51 -76.89 15.15
CA ASP F 570 11.70 -77.10 16.58
C ASP F 570 11.54 -78.57 16.95
N VAL F 571 10.49 -79.22 16.44
CA VAL F 571 10.26 -80.63 16.75
C VAL F 571 11.42 -81.48 16.28
N LEU F 572 11.92 -81.20 15.07
CA LEU F 572 12.98 -82.02 14.49
C LEU F 572 14.34 -81.73 15.12
N ASN F 573 14.55 -80.51 15.63
CA ASN F 573 15.74 -80.27 16.43
C ASN F 573 15.65 -80.92 17.80
N ALA F 574 14.43 -81.20 18.28
CA ALA F 574 14.31 -81.92 19.54
C ALA F 574 14.52 -83.42 19.36
N HIS F 575 13.71 -84.07 18.52
CA HIS F 575 13.76 -85.53 18.44
C HIS F 575 14.93 -86.06 17.68
N GLN F 576 15.99 -85.30 17.41
CA GLN F 576 17.01 -85.85 16.52
C GLN F 576 18.02 -86.70 17.28
N ASP F 577 17.92 -86.76 18.61
CA ASP F 577 18.85 -87.50 19.43
C ASP F 577 18.22 -88.78 19.96
N ASP F 578 17.08 -89.14 19.43
CA ASP F 578 16.53 -90.41 19.87
C ASP F 578 17.02 -91.54 18.97
N PRO F 579 17.25 -92.73 19.53
CA PRO F 579 17.73 -93.86 18.71
C PRO F 579 16.73 -94.28 17.66
N GLN F 580 15.45 -94.20 17.97
CA GLN F 580 14.35 -94.62 17.11
C GLN F 580 14.03 -93.61 16.00
N PHE F 581 14.89 -92.62 15.79
CA PHE F 581 14.67 -91.56 14.82
C PHE F 581 15.11 -91.95 13.42
N LYS F 582 16.31 -92.53 13.29
CA LYS F 582 16.86 -92.83 11.98
C LYS F 582 15.96 -93.77 11.20
N ASP F 583 15.49 -94.84 11.84
CA ASP F 583 14.62 -95.78 11.14
C ASP F 583 13.39 -95.07 10.62
N THR F 584 12.79 -94.22 11.45
CA THR F 584 11.62 -93.48 11.01
C THR F 584 11.94 -92.68 9.76
N ILE F 585 13.07 -91.97 9.79
CA ILE F 585 13.41 -91.12 8.66
C ILE F 585 13.57 -91.96 7.41
N GLU F 586 14.24 -93.10 7.56
CA GLU F 586 14.45 -93.94 6.39
C GLU F 586 13.12 -94.37 5.80
N ALA F 587 12.19 -94.81 6.65
CA ALA F 587 10.90 -95.23 6.14
C ALA F 587 10.23 -94.09 5.40
N PHE F 588 10.21 -92.90 6.01
CA PHE F 588 9.52 -91.79 5.35
C PHE F 588 10.18 -91.47 4.03
N THR F 589 11.52 -91.45 4.00
CA THR F 589 12.20 -91.14 2.76
C THR F 589 11.83 -92.17 1.70
N ARG F 590 11.85 -93.45 2.07
CA ARG F 590 11.53 -94.48 1.11
C ARG F 590 10.13 -94.27 0.57
N LEU F 591 9.18 -93.97 1.45
CA LEU F 591 7.80 -93.79 1.02
C LEU F 591 7.72 -92.67 0.00
N LEU F 592 8.37 -91.53 0.29
CA LEU F 592 8.24 -90.41 -0.63
C LEU F 592 8.87 -90.75 -1.96
N ARG F 593 9.99 -91.48 -1.94
CA ARG F 593 10.65 -91.86 -3.17
C ARG F 593 9.73 -92.68 -4.04
N ILE F 594 8.97 -93.59 -3.44
CA ILE F 594 8.08 -94.44 -4.22
C ILE F 594 6.86 -93.66 -4.69
N THR F 595 6.38 -92.69 -3.90
CA THR F 595 5.13 -92.01 -4.23
C THR F 595 5.26 -90.91 -5.29
N ALA F 596 6.47 -90.39 -5.52
CA ALA F 596 6.62 -89.19 -6.36
C ALA F 596 6.17 -89.40 -7.81
N LYS F 597 6.28 -90.60 -8.35
CA LYS F 597 6.00 -90.85 -9.77
C LYS F 597 4.67 -91.56 -10.02
N ALA F 598 3.67 -91.29 -9.20
CA ALA F 598 2.34 -91.89 -9.39
C ALA F 598 1.52 -91.07 -10.36
N LYS F 599 0.80 -91.78 -11.25
CA LYS F 599 0.06 -91.16 -12.35
C LYS F 599 -1.41 -91.03 -12.02
N LEU F 600 -1.74 -90.74 -10.76
CA LEU F 600 -3.11 -90.59 -10.34
C LEU F 600 -3.47 -89.12 -10.18
N ALA F 601 -4.77 -88.84 -10.31
CA ALA F 601 -5.32 -87.56 -9.92
C ALA F 601 -5.39 -87.55 -8.39
N ALA F 602 -4.76 -86.55 -7.77
CA ALA F 602 -4.63 -86.55 -6.32
C ALA F 602 -5.91 -86.12 -5.63
N ASP F 603 -7.04 -86.25 -6.33
CA ASP F 603 -8.36 -86.00 -5.76
C ASP F 603 -9.17 -87.28 -5.53
N ASP F 604 -8.79 -88.40 -6.13
CA ASP F 604 -9.43 -89.68 -5.88
C ASP F 604 -8.35 -90.66 -5.46
N LEU F 605 -7.99 -90.62 -4.18
CA LEU F 605 -6.98 -91.48 -3.59
C LEU F 605 -7.61 -92.47 -2.61
N THR F 606 -8.89 -92.76 -2.81
CA THR F 606 -9.58 -93.71 -1.96
C THR F 606 -8.95 -95.08 -2.06
N VAL F 607 -8.68 -95.69 -0.92
CA VAL F 607 -7.95 -96.96 -0.86
C VAL F 607 -8.97 -98.07 -0.64
N ASP F 608 -8.96 -99.06 -1.53
CA ASP F 608 -9.93 -100.14 -1.48
C ASP F 608 -9.36 -101.31 -0.69
N PRO F 609 -9.98 -101.70 0.43
CA PRO F 609 -9.45 -102.84 1.20
C PRO F 609 -9.61 -104.18 0.50
N SER F 610 -10.46 -104.26 -0.52
CA SER F 610 -10.68 -105.52 -1.23
C SER F 610 -9.57 -105.87 -2.20
N LEU F 611 -8.77 -104.89 -2.62
CA LEU F 611 -7.61 -105.14 -3.46
C LEU F 611 -6.35 -105.40 -2.63
N PHE F 612 -6.51 -105.76 -1.36
CA PHE F 612 -5.41 -106.02 -0.46
C PHE F 612 -5.02 -107.49 -0.47
N GLU F 613 -3.72 -107.76 -0.45
CA GLU F 613 -3.20 -109.11 -0.51
C GLU F 613 -2.90 -109.71 0.85
N ASN F 614 -2.31 -108.94 1.75
CA ASN F 614 -2.03 -109.35 3.13
C ASN F 614 -2.77 -108.42 4.10
N GLU F 615 -2.48 -108.56 5.38
CA GLU F 615 -3.17 -107.79 6.41
C GLU F 615 -2.43 -106.53 6.80
N ALA F 616 -1.11 -106.45 6.60
CA ALA F 616 -0.44 -105.20 6.89
C ALA F 616 -0.92 -104.07 5.99
N GLU F 617 -1.34 -104.40 4.76
CA GLU F 617 -1.99 -103.40 3.91
C GLU F 617 -3.32 -102.95 4.51
N GLN F 618 -4.14 -103.90 4.94
CA GLN F 618 -5.47 -103.59 5.47
C GLN F 618 -5.38 -102.74 6.72
N HIS F 619 -4.55 -103.15 7.65
CA HIS F 619 -4.44 -102.42 8.90
C HIS F 619 -3.64 -101.13 8.77
N LEU F 620 -2.66 -101.07 7.87
CA LEU F 620 -2.02 -99.78 7.62
C LEU F 620 -3.04 -98.81 7.02
N TYR F 621 -3.94 -99.31 6.17
CA TYR F 621 -5.02 -98.48 5.66
C TYR F 621 -5.94 -98.00 6.78
N ASP F 622 -6.28 -98.89 7.70
CA ASP F 622 -7.09 -98.49 8.86
C ASP F 622 -6.37 -97.47 9.71
N ALA F 623 -5.06 -97.66 9.93
CA ALA F 623 -4.27 -96.72 10.70
C ALA F 623 -4.23 -95.36 10.00
N VAL F 624 -4.09 -95.36 8.68
CA VAL F 624 -4.09 -94.11 7.91
C VAL F 624 -5.42 -93.41 8.06
N LEU F 625 -6.53 -94.17 7.98
CA LEU F 625 -7.85 -93.58 8.12
C LEU F 625 -8.03 -92.95 9.50
N GLU F 626 -7.66 -93.69 10.56
CA GLU F 626 -7.84 -93.15 11.89
C GLU F 626 -6.86 -92.01 12.18
N LEU F 627 -5.74 -91.96 11.47
CA LEU F 627 -4.85 -90.81 11.61
C LEU F 627 -5.46 -89.60 10.93
N GLN F 628 -6.05 -89.77 9.75
CA GLN F 628 -6.72 -88.64 9.11
C GLN F 628 -7.93 -88.19 9.92
N LYS F 629 -8.60 -89.12 10.60
CA LYS F 629 -9.68 -88.75 11.52
C LYS F 629 -9.16 -88.05 12.76
N GLN F 630 -7.88 -88.22 13.10
CA GLN F 630 -7.29 -87.43 14.19
C GLN F 630 -6.36 -86.32 13.69
N PHE F 631 -5.54 -86.59 12.67
CA PHE F 631 -4.63 -85.58 12.12
C PHE F 631 -5.44 -84.45 11.54
N THR F 632 -5.38 -83.27 12.15
CA THR F 632 -6.25 -82.17 11.79
C THR F 632 -5.45 -80.87 11.81
N PRO F 633 -5.96 -79.81 11.17
CA PRO F 633 -5.24 -78.53 11.15
C PRO F 633 -5.09 -77.86 12.51
N ALA F 634 -5.72 -78.39 13.56
CA ALA F 634 -5.67 -77.76 14.87
C ALA F 634 -4.88 -78.67 15.80
N MET F 635 -3.70 -79.08 15.34
CA MET F 635 -2.85 -80.03 16.05
C MET F 635 -1.47 -79.43 16.21
N SER F 636 -0.89 -79.61 17.40
CA SER F 636 0.48 -79.20 17.62
C SER F 636 1.42 -80.09 16.81
N MET F 637 2.59 -79.54 16.48
CA MET F 637 3.53 -80.22 15.60
C MET F 637 4.08 -81.48 16.25
N GLU F 638 4.32 -81.42 17.56
CA GLU F 638 4.89 -82.58 18.25
C GLU F 638 3.96 -83.79 18.19
N ASP F 639 2.66 -83.57 18.39
CA ASP F 639 1.69 -84.65 18.24
C ASP F 639 1.67 -85.18 16.82
N ARG F 640 1.66 -84.29 15.83
CA ARG F 640 1.66 -84.71 14.43
C ARG F 640 2.85 -85.61 14.13
N PHE F 641 4.05 -85.18 14.53
CA PHE F 641 5.24 -85.97 14.24
C PHE F 641 5.20 -87.30 14.97
N LYS F 642 4.82 -87.29 16.26
CA LYS F 642 4.77 -88.53 17.01
C LYS F 642 3.83 -89.53 16.34
N ALA F 643 2.64 -89.06 15.96
CA ALA F 643 1.65 -89.95 15.34
C ALA F 643 2.15 -90.48 14.00
N LEU F 644 2.75 -89.62 13.17
CA LEU F 644 3.27 -90.09 11.89
C LEU F 644 4.41 -91.08 12.08
N ALA F 645 5.32 -90.78 13.00
CA ALA F 645 6.49 -91.62 13.22
C ALA F 645 6.09 -92.97 13.79
N ALA F 646 5.02 -93.02 14.58
CA ALA F 646 4.60 -94.23 15.27
C ALA F 646 4.31 -95.36 14.28
N LEU F 647 4.03 -95.02 13.03
CA LEU F 647 3.66 -95.99 12.01
C LEU F 647 4.86 -96.58 11.28
N ARG F 648 6.08 -96.18 11.64
CA ARG F 648 7.24 -96.70 10.92
C ARG F 648 7.36 -98.23 10.93
N PRO F 649 7.09 -98.96 12.02
CA PRO F 649 7.07 -100.43 11.88
C PRO F 649 6.06 -100.88 10.85
N LEU F 650 4.92 -100.20 10.80
CA LEU F 650 3.88 -100.53 9.83
C LEU F 650 4.39 -100.34 8.41
N ILE F 651 5.08 -99.23 8.14
CA ILE F 651 5.59 -98.96 6.80
C ILE F 651 6.70 -99.94 6.44
N VAL F 652 7.59 -100.24 7.38
CA VAL F 652 8.72 -101.11 7.06
C VAL F 652 8.24 -102.53 6.81
N ASP F 653 7.31 -103.04 7.62
CA ASP F 653 6.78 -104.36 7.35
C ASP F 653 5.88 -104.36 6.13
N TYR F 654 5.26 -103.23 5.82
CA TYR F 654 4.52 -103.09 4.58
C TYR F 654 5.43 -103.30 3.38
N PHE F 655 6.57 -102.61 3.34
CA PHE F 655 7.47 -102.75 2.21
C PHE F 655 8.15 -104.11 2.20
N GLU F 656 8.48 -104.65 3.37
CA GLU F 656 8.99 -106.03 3.43
C GLU F 656 8.00 -107.00 2.82
N GLN F 657 6.73 -106.92 3.23
CA GLN F 657 5.71 -107.86 2.77
C GLN F 657 5.14 -107.46 1.41
N THR F 658 4.47 -106.31 1.36
CA THR F 658 3.87 -105.81 0.12
C THR F 658 4.92 -105.20 -0.80
N MET F 659 5.15 -105.84 -1.94
CA MET F 659 5.94 -105.22 -3.00
C MET F 659 5.02 -104.32 -3.81
N VAL F 660 5.33 -103.03 -3.87
CA VAL F 660 4.48 -102.10 -4.59
C VAL F 660 4.68 -102.25 -6.09
N MET F 661 5.88 -102.62 -6.53
CA MET F 661 6.16 -102.83 -7.95
C MET F 661 5.39 -104.09 -8.34
N SER F 662 4.11 -103.87 -8.65
CA SER F 662 3.14 -104.94 -8.88
C SER F 662 2.91 -105.19 -10.36
N LYS F 663 2.88 -106.46 -10.73
CA LYS F 663 2.52 -106.88 -12.08
C LYS F 663 1.03 -106.74 -12.37
N ASP F 664 0.24 -106.19 -11.44
CA ASP F 664 -1.16 -105.82 -11.70
C ASP F 664 -1.36 -104.32 -11.47
N GLU F 665 -1.88 -103.63 -12.49
CA GLU F 665 -1.92 -102.17 -12.45
C GLU F 665 -2.87 -101.63 -11.39
N LYS F 666 -4.10 -102.15 -11.33
CA LYS F 666 -5.10 -101.55 -10.44
C LYS F 666 -4.70 -101.68 -8.98
N VAL F 667 -4.16 -102.83 -8.58
CA VAL F 667 -3.69 -103.02 -7.22
C VAL F 667 -2.51 -102.11 -6.92
N ARG F 668 -1.60 -101.97 -7.89
CA ARG F 668 -0.46 -101.06 -7.71
C ARG F 668 -0.93 -99.62 -7.54
N ASP F 669 -1.98 -99.23 -8.28
CA ASP F 669 -2.56 -97.90 -8.12
C ASP F 669 -3.17 -97.72 -6.74
N ASN F 670 -3.87 -98.75 -6.26
CA ASN F 670 -4.46 -98.69 -4.92
C ASN F 670 -3.39 -98.54 -3.84
N HIS F 671 -2.33 -99.34 -3.95
CA HIS F 671 -1.22 -99.25 -3.00
C HIS F 671 -0.57 -97.87 -3.06
N LEU F 672 -0.41 -97.33 -4.27
CA LEU F 672 0.17 -95.99 -4.40
C LEU F 672 -0.75 -94.94 -3.78
N LYS F 673 -2.07 -95.14 -3.83
CA LYS F 673 -2.98 -94.24 -3.11
C LYS F 673 -2.71 -94.33 -1.61
N GLN F 674 -2.62 -95.55 -1.09
CA GLN F 674 -2.39 -95.76 0.34
C GLN F 674 -1.07 -95.15 0.78
N LEU F 675 -0.10 -95.07 -0.13
CA LEU F 675 1.19 -94.46 0.19
C LEU F 675 1.16 -92.95 0.00
N LEU F 676 0.43 -92.46 -0.99
CA LEU F 676 0.41 -91.03 -1.31
C LEU F 676 -0.39 -90.25 -0.28
N THR F 677 -1.36 -90.88 0.38
CA THR F 677 -2.02 -90.20 1.49
C THR F 677 -1.01 -89.83 2.58
N ILE F 678 -0.18 -90.80 2.97
CA ILE F 678 0.86 -90.54 3.96
C ILE F 678 1.88 -89.54 3.40
N ALA F 679 2.19 -89.62 2.10
CA ALA F 679 3.12 -88.66 1.52
C ALA F 679 2.60 -87.23 1.62
N GLN F 680 1.31 -87.03 1.36
CA GLN F 680 0.70 -85.72 1.50
C GLN F 680 0.74 -85.26 2.96
N MET F 681 0.47 -86.18 3.89
CA MET F 681 0.57 -85.83 5.32
C MET F 681 1.99 -85.42 5.68
N ILE F 682 2.98 -86.09 5.09
CA ILE F 682 4.38 -85.80 5.36
C ILE F 682 4.75 -84.41 4.85
N ASN F 683 4.29 -84.07 3.64
CA ASN F 683 4.72 -82.82 3.03
C ASN F 683 4.32 -81.59 3.84
N VAL F 684 3.49 -81.75 4.88
CA VAL F 684 3.29 -80.68 5.85
C VAL F 684 4.62 -80.32 6.50
N MET F 685 5.35 -81.34 6.95
CA MET F 685 6.68 -81.15 7.53
C MET F 685 7.70 -80.72 6.47
N GLY F 686 7.44 -81.00 5.20
CA GLY F 686 8.27 -80.53 4.11
C GLY F 686 8.73 -81.67 3.25
N ASP F 687 9.95 -81.53 2.73
CA ASP F 687 10.56 -82.54 1.88
C ASP F 687 11.55 -83.27 2.80
N LEU F 688 11.06 -84.31 3.48
CA LEU F 688 11.94 -85.02 4.40
C LEU F 688 13.02 -85.81 3.69
N ASN F 689 12.91 -85.97 2.36
CA ASN F 689 14.01 -86.57 1.61
C ASN F 689 15.25 -85.72 1.71
N GLN F 690 15.11 -84.46 2.12
CA GLN F 690 16.23 -83.56 2.36
C GLN F 690 16.75 -83.61 3.79
N LEU F 691 16.60 -84.73 4.50
CA LEU F 691 17.32 -84.95 5.74
C LEU F 691 18.30 -86.09 5.50
N ILE F 692 19.57 -85.85 5.79
CA ILE F 692 20.58 -86.89 5.68
C ILE F 692 20.89 -87.40 7.08
N VAL F 693 20.61 -88.69 7.31
CA VAL F 693 20.81 -89.33 8.60
C VAL F 693 21.96 -90.31 8.45
N LYS F 694 22.98 -90.16 9.30
CA LYS F 694 24.15 -91.02 9.23
C LYS F 694 24.72 -91.33 10.60
N MET G 1 41.44 54.21 5.30
CA MET G 1 42.60 53.83 4.51
C MET G 1 42.27 52.84 3.41
N ALA G 2 43.09 52.86 2.37
CA ALA G 2 42.96 51.92 1.26
C ALA G 2 43.51 50.58 1.72
N LYS G 3 42.66 49.56 1.76
CA LYS G 3 42.99 48.28 2.37
C LYS G 3 43.30 47.25 1.31
N THR G 4 43.81 46.10 1.77
CA THR G 4 44.10 44.98 0.90
C THR G 4 43.36 43.76 1.43
N TYR G 5 42.50 43.19 0.58
CA TYR G 5 41.73 42.01 0.90
C TYR G 5 42.32 40.80 0.18
N LEU G 6 42.20 39.64 0.80
CA LEU G 6 42.71 38.40 0.22
C LEU G 6 41.64 37.35 0.37
N LEU G 7 41.17 36.81 -0.76
CA LEU G 7 40.14 35.77 -0.72
C LEU G 7 40.58 34.63 -1.61
N GLU G 8 40.97 33.52 -1.00
CA GLU G 8 41.25 32.31 -1.74
C GLU G 8 40.31 31.21 -1.26
N ILE G 9 39.60 30.60 -2.18
CA ILE G 9 38.88 29.37 -1.90
C ILE G 9 39.76 28.25 -2.41
N GLY G 10 40.21 27.41 -1.49
CA GLY G 10 41.04 26.27 -1.83
C GLY G 10 40.15 25.05 -1.92
N LEU G 11 40.28 24.34 -3.03
CA LEU G 11 39.32 23.34 -3.44
C LEU G 11 40.01 21.99 -3.57
N GLU G 12 39.24 21.02 -4.04
CA GLU G 12 39.84 19.83 -4.60
C GLU G 12 40.31 20.16 -6.02
N GLU G 13 41.09 19.26 -6.60
CA GLU G 13 41.84 19.62 -7.80
C GLU G 13 40.92 19.82 -9.00
N MET G 14 41.15 20.96 -9.75
CA MET G 14 40.23 21.37 -10.79
C MET G 14 40.75 21.02 -12.18
N PRO G 15 39.84 20.76 -13.10
CA PRO G 15 40.24 20.60 -14.51
C PRO G 15 40.79 21.91 -15.06
N ALA G 16 41.81 21.78 -15.90
CA ALA G 16 42.52 22.95 -16.40
C ALA G 16 41.59 23.85 -17.22
N HIS G 17 40.75 23.24 -18.05
CA HIS G 17 39.93 23.97 -19.01
C HIS G 17 38.92 24.89 -18.36
N VAL G 18 38.86 24.93 -17.03
CA VAL G 18 37.96 25.82 -16.33
C VAL G 18 38.68 26.63 -15.25
N VAL G 19 39.95 26.35 -14.99
CA VAL G 19 40.64 27.04 -13.90
C VAL G 19 40.76 28.53 -14.20
N THR G 20 41.21 28.88 -15.41
CA THR G 20 41.35 30.29 -15.75
C THR G 20 40.01 31.00 -15.87
N PRO G 21 39.02 30.47 -16.63
CA PRO G 21 37.72 31.16 -16.66
C PRO G 21 37.06 31.26 -15.30
N SER G 22 37.28 30.30 -14.40
CA SER G 22 36.71 30.38 -13.07
C SER G 22 37.27 31.58 -12.30
N VAL G 23 38.59 31.76 -12.34
CA VAL G 23 39.18 32.90 -11.62
C VAL G 23 38.78 34.21 -12.30
N LEU G 24 38.64 34.21 -13.63
CA LEU G 24 38.17 35.41 -14.30
C LEU G 24 36.74 35.74 -13.90
N GLN G 25 35.87 34.74 -13.80
CA GLN G 25 34.51 34.97 -13.30
C GLN G 25 34.55 35.46 -11.87
N LEU G 26 35.47 34.94 -11.06
CA LEU G 26 35.57 35.42 -9.69
C LEU G 26 35.92 36.91 -9.67
N LYS G 27 36.84 37.31 -10.55
CA LYS G 27 37.12 38.74 -10.74
C LYS G 27 35.85 39.51 -11.12
N GLU G 28 35.10 39.00 -12.10
CA GLU G 28 33.90 39.71 -12.56
C GLU G 28 32.86 39.82 -11.45
N ARG G 29 32.65 38.75 -10.67
CA ARG G 29 31.70 38.80 -9.58
C ARG G 29 32.15 39.76 -8.50
N MET G 30 33.45 39.76 -8.19
CA MET G 30 33.97 40.71 -7.21
C MET G 30 33.79 42.14 -7.69
N ILE G 31 34.04 42.39 -8.98
CA ILE G 31 33.89 43.72 -9.55
C ILE G 31 32.43 44.16 -9.52
N LYS G 32 31.52 43.26 -9.88
CA LYS G 32 30.09 43.56 -9.83
C LYS G 32 29.67 43.90 -8.41
N PHE G 33 30.20 43.16 -7.44
CA PHE G 33 29.95 43.48 -6.04
C PHE G 33 30.50 44.86 -5.68
N LEU G 34 31.75 45.13 -6.07
CA LEU G 34 32.42 46.36 -5.66
C LEU G 34 31.71 47.59 -6.23
N LYS G 35 31.30 47.52 -7.50
CA LYS G 35 30.56 48.63 -8.09
C LYS G 35 29.18 48.76 -7.46
N ASP G 36 28.44 47.65 -7.35
CA ASP G 36 27.11 47.75 -6.76
C ASP G 36 27.19 48.09 -5.28
N ALA G 37 28.21 47.57 -4.59
CA ALA G 37 28.54 48.02 -3.25
C ALA G 37 29.46 49.23 -3.29
N ARG G 38 29.48 49.95 -4.42
CA ARG G 38 30.06 51.28 -4.54
C ARG G 38 31.46 51.36 -3.92
N LEU G 39 32.28 50.37 -4.21
CA LEU G 39 33.63 50.35 -3.68
C LEU G 39 34.65 50.76 -4.73
N ASP G 40 35.70 51.43 -4.27
CA ASP G 40 36.85 51.79 -5.07
C ASP G 40 38.08 51.13 -4.47
N PHE G 41 39.03 50.80 -5.33
CA PHE G 41 40.25 50.13 -4.91
C PHE G 41 41.31 50.44 -5.95
N GLU G 42 42.53 49.99 -5.71
CA GLU G 42 43.58 50.24 -6.69
C GLU G 42 43.67 49.12 -7.72
N ASP G 43 43.85 47.88 -7.28
CA ASP G 43 44.07 46.81 -8.24
C ASP G 43 43.50 45.51 -7.68
N VAL G 44 43.37 44.52 -8.57
CA VAL G 44 43.03 43.16 -8.19
C VAL G 44 43.95 42.23 -8.96
N LYS G 45 44.90 41.61 -8.26
CA LYS G 45 45.72 40.60 -8.88
C LYS G 45 45.08 39.24 -8.66
N THR G 46 45.30 38.34 -9.61
CA THR G 46 44.65 37.05 -9.59
C THR G 46 45.68 35.95 -9.40
N PHE G 47 45.29 34.91 -8.69
CA PHE G 47 46.14 33.75 -8.51
C PHE G 47 45.29 32.50 -8.63
N SER G 48 45.82 31.52 -9.37
CA SER G 48 45.08 30.29 -9.61
C SER G 48 46.05 29.13 -9.45
N THR G 49 45.66 28.13 -8.68
CA THR G 49 46.34 26.85 -8.62
C THR G 49 45.29 25.77 -8.83
N PRO G 50 45.71 24.58 -9.26
CA PRO G 50 44.72 23.50 -9.50
C PRO G 50 43.86 23.20 -8.28
N ARG G 51 44.22 23.76 -7.13
CA ARG G 51 43.48 23.52 -5.90
C ARG G 51 42.88 24.78 -5.28
N ARG G 52 43.10 25.97 -5.86
CA ARG G 52 42.57 27.16 -5.22
C ARG G 52 42.39 28.28 -6.24
N LEU G 53 41.41 29.12 -5.96
CA LEU G 53 41.11 30.33 -6.73
C LEU G 53 41.27 31.51 -5.78
N THR G 54 42.06 32.50 -6.18
CA THR G 54 42.43 33.57 -5.28
C THR G 54 42.34 34.92 -5.98
N VAL G 55 41.77 35.90 -5.28
CA VAL G 55 41.86 37.29 -5.68
C VAL G 55 42.52 38.07 -4.54
N GLN G 56 43.29 39.08 -4.94
CA GLN G 56 44.02 39.94 -4.01
C GLN G 56 43.69 41.37 -4.39
N VAL G 57 42.97 42.07 -3.51
CA VAL G 57 42.47 43.40 -3.76
C VAL G 57 43.38 44.40 -3.06
N LEU G 58 44.19 45.11 -3.83
CA LEU G 58 45.13 46.09 -3.31
C LEU G 58 44.50 47.48 -3.32
N GLY G 59 44.63 48.21 -2.23
CA GLY G 59 44.16 49.58 -2.19
C GLY G 59 42.67 49.75 -2.04
N LEU G 60 41.98 48.81 -1.40
CA LEU G 60 40.53 48.88 -1.23
C LEU G 60 40.14 50.09 -0.39
N ALA G 61 39.36 51.00 -0.98
CA ALA G 61 38.84 52.13 -0.23
C ALA G 61 37.91 51.62 0.86
N ASP G 62 38.14 52.08 2.09
CA ASP G 62 37.55 51.48 3.29
C ASP G 62 36.07 51.68 3.39
N LYS G 63 35.39 52.27 2.41
CA LYS G 63 33.96 52.47 2.52
C LYS G 63 33.25 52.29 1.18
N GLN G 64 32.00 51.86 1.28
CA GLN G 64 31.07 51.99 0.17
C GLN G 64 30.79 53.48 -0.05
N ALA G 65 30.61 53.87 -1.31
CA ALA G 65 30.51 55.29 -1.63
C ALA G 65 29.39 55.96 -0.84
N ASP G 66 29.78 56.84 0.09
CA ASP G 66 28.81 57.54 0.91
C ASP G 66 27.97 58.48 0.05
N VAL G 67 26.68 58.58 0.36
CA VAL G 67 25.77 59.39 -0.42
C VAL G 67 25.96 60.84 -0.03
N LYS G 68 26.85 61.54 -0.74
CA LYS G 68 27.03 62.97 -0.56
C LYS G 68 26.00 63.64 -1.45
N LYS G 69 24.79 63.85 -0.92
CA LYS G 69 23.71 64.39 -1.73
C LYS G 69 23.75 65.90 -1.73
N GLU G 70 23.59 66.49 -2.90
CA GLU G 70 23.56 67.94 -3.04
C GLU G 70 22.15 68.36 -3.46
N VAL G 71 21.43 68.97 -2.54
CA VAL G 71 20.05 69.39 -2.76
C VAL G 71 20.01 70.91 -2.82
N ARG G 72 19.33 71.42 -3.85
CA ARG G 72 19.18 72.84 -4.11
C ARG G 72 17.96 73.38 -3.38
N GLY G 73 18.05 74.65 -2.96
CA GLY G 73 16.97 75.31 -2.29
C GLY G 73 16.65 76.66 -2.92
N PRO G 74 16.19 77.61 -2.11
CA PRO G 74 15.82 78.92 -2.64
C PRO G 74 17.02 79.72 -3.09
N ALA G 75 16.75 80.73 -3.91
CA ALA G 75 17.79 81.59 -4.46
C ALA G 75 18.39 82.46 -3.36
N LYS G 76 19.52 83.11 -3.69
CA LYS G 76 20.21 83.93 -2.70
C LYS G 76 19.42 85.17 -2.33
N LYS G 77 18.69 85.76 -3.27
CA LYS G 77 17.86 86.91 -2.93
C LYS G 77 16.73 86.52 -1.99
N ILE G 78 16.24 85.29 -2.09
CA ILE G 78 15.14 84.84 -1.24
C ILE G 78 15.65 84.18 0.04
N ALA G 79 16.82 83.55 0.00
CA ALA G 79 17.39 82.95 1.20
C ALA G 79 18.01 83.99 2.12
N GLN G 80 18.46 85.12 1.57
CA GLN G 80 19.11 86.17 2.36
C GLN G 80 18.46 87.52 2.08
N ASP G 81 18.24 88.29 3.14
CA ASP G 81 17.66 89.62 3.01
C ASP G 81 18.74 90.63 2.63
N ALA G 82 18.38 91.92 2.65
CA ALA G 82 19.34 92.97 2.32
C ALA G 82 20.48 93.00 3.32
N ASP G 83 20.16 92.81 4.62
CA ASP G 83 21.14 92.79 5.69
C ASP G 83 22.07 91.58 5.63
N GLY G 84 21.98 90.74 4.59
CA GLY G 84 22.83 89.58 4.47
C GLY G 84 22.47 88.42 5.37
N ASN G 85 21.60 88.62 6.36
CA ASN G 85 21.20 87.54 7.25
C ASN G 85 20.51 86.43 6.47
N TRP G 86 20.37 85.28 7.12
CA TRP G 86 19.58 84.19 6.57
C TRP G 86 18.10 84.49 6.78
N THR G 87 17.33 84.50 5.71
CA THR G 87 15.89 84.48 5.88
C THR G 87 15.49 83.16 6.52
N LYS G 88 14.31 83.15 7.15
CA LYS G 88 13.85 81.93 7.80
C LYS G 88 13.68 80.79 6.82
N ALA G 89 13.56 81.08 5.52
CA ALA G 89 13.44 80.01 4.53
C ALA G 89 14.78 79.32 4.31
N ALA G 90 15.86 80.10 4.35
CA ALA G 90 17.21 79.54 4.37
C ALA G 90 17.46 78.75 5.65
N ILE G 91 16.65 78.96 6.68
CA ILE G 91 16.73 78.15 7.88
C ILE G 91 15.89 76.89 7.76
N GLY G 92 14.71 77.01 7.13
CA GLY G 92 13.83 75.86 6.99
C GLY G 92 14.34 74.82 6.02
N PHE G 93 14.85 75.25 4.86
CA PHE G 93 15.38 74.29 3.90
C PHE G 93 16.58 73.54 4.48
N SER G 94 17.40 74.24 5.28
CA SER G 94 18.53 73.58 5.93
C SER G 94 18.07 72.68 7.07
N LYS G 95 17.03 73.09 7.79
CA LYS G 95 16.52 72.30 8.91
C LYS G 95 15.86 71.02 8.42
N GLY G 96 15.17 71.08 7.28
CA GLY G 96 14.56 69.88 6.73
C GLY G 96 15.59 68.87 6.26
N GLN G 97 16.65 69.33 5.59
CA GLN G 97 17.73 68.45 5.17
C GLN G 97 18.56 67.92 6.34
N GLY G 98 18.21 68.29 7.57
CA GLY G 98 18.96 67.83 8.74
C GLY G 98 20.22 68.60 9.02
N ALA G 99 20.38 69.79 8.45
CA ALA G 99 21.58 70.59 8.61
C ALA G 99 21.21 71.96 9.19
N SER G 100 22.19 72.85 9.25
CA SER G 100 22.01 74.21 9.68
C SER G 100 22.33 75.16 8.52
N THR G 101 22.26 76.46 8.79
CA THR G 101 22.58 77.44 7.77
C THR G 101 24.07 77.48 7.44
N ASP G 102 24.92 76.96 8.33
CA ASP G 102 26.35 76.97 8.08
C ASP G 102 26.70 76.14 6.85
N ASP G 103 26.04 75.01 6.67
CA ASP G 103 26.32 74.07 5.58
C ASP G 103 25.79 74.54 4.23
N ILE G 104 25.35 75.78 4.12
CA ILE G 104 24.82 76.32 2.87
C ILE G 104 25.97 76.83 2.02
N VAL G 105 26.00 76.43 0.75
CA VAL G 105 26.95 76.96 -0.22
C VAL G 105 26.18 77.52 -1.40
N PHE G 106 26.59 78.70 -1.87
CA PHE G 106 25.91 79.35 -2.98
C PHE G 106 26.58 78.97 -4.28
N LYS G 107 25.83 78.33 -5.18
CA LYS G 107 26.40 77.87 -6.43
C LYS G 107 25.53 78.31 -7.60
N ASP G 108 26.17 78.93 -8.59
CA ASP G 108 25.44 79.64 -9.65
C ASP G 108 24.73 78.67 -10.58
N VAL G 109 23.48 79.00 -10.90
CA VAL G 109 22.66 78.23 -11.85
C VAL G 109 22.01 79.20 -12.82
N LYS G 110 22.50 79.21 -14.06
CA LYS G 110 21.96 80.05 -15.14
C LYS G 110 21.76 81.49 -14.68
N GLY G 111 22.79 82.06 -14.07
CA GLY G 111 22.75 83.43 -13.62
C GLY G 111 21.79 83.68 -12.47
N THR G 112 21.71 82.76 -11.52
CA THR G 112 20.92 82.95 -10.31
C THR G 112 21.56 82.14 -9.19
N PRO G 113 21.90 82.77 -8.06
CA PRO G 113 22.62 82.08 -6.99
C PRO G 113 21.67 81.32 -6.07
N TYR G 114 21.77 79.99 -6.11
CA TYR G 114 20.93 79.13 -5.28
C TYR G 114 21.75 78.54 -4.16
N VAL G 115 21.08 78.33 -3.02
CA VAL G 115 21.69 77.63 -1.89
C VAL G 115 21.79 76.14 -2.23
N PHE G 116 22.77 75.49 -1.64
CA PHE G 116 22.96 74.05 -1.80
C PHE G 116 23.40 73.51 -0.46
N VAL G 117 22.72 72.47 0.01
CA VAL G 117 23.04 71.88 1.31
C VAL G 117 23.52 70.46 1.05
N GLN G 118 24.84 70.29 1.00
CA GLN G 118 25.45 68.97 0.82
C GLN G 118 25.21 68.17 2.10
N THR G 119 24.22 67.28 2.06
CA THR G 119 23.95 66.37 3.16
C THR G 119 24.80 65.13 2.95
N PHE G 120 25.81 64.97 3.80
CA PHE G 120 26.68 63.78 3.78
C PHE G 120 25.93 62.66 4.49
N THR G 121 25.14 61.92 3.73
CA THR G 121 24.48 60.72 4.24
C THR G 121 25.46 59.57 4.04
N ALA G 122 26.19 59.24 5.11
CA ALA G 122 27.29 58.28 4.99
C ALA G 122 26.79 56.92 4.54
N GLY G 123 27.70 56.17 3.91
CA GLY G 123 27.35 54.87 3.35
C GLY G 123 27.65 53.69 4.25
N LYS G 124 28.64 52.89 3.85
CA LYS G 124 28.92 51.61 4.51
C LYS G 124 30.42 51.36 4.55
N THR G 125 30.84 50.59 5.56
CA THR G 125 32.22 50.22 5.76
C THR G 125 32.47 48.82 5.20
N ALA G 126 33.75 48.44 5.13
CA ALA G 126 34.15 47.28 4.35
C ALA G 126 33.58 45.95 4.87
N ALA G 127 33.60 45.72 6.19
CA ALA G 127 33.35 44.38 6.71
C ALA G 127 31.98 43.83 6.31
N GLU G 128 30.93 44.62 6.50
CA GLU G 128 29.57 44.10 6.30
C GLU G 128 29.26 43.89 4.82
N VAL G 129 29.68 44.84 3.98
CA VAL G 129 29.51 44.68 2.55
C VAL G 129 30.30 43.48 2.05
N LEU G 130 31.49 43.26 2.61
CA LEU G 130 32.24 42.06 2.26
C LEU G 130 31.45 40.81 2.57
N THR G 131 30.84 40.74 3.76
CA THR G 131 30.04 39.57 4.10
C THR G 131 28.96 39.31 3.06
N GLY G 132 28.18 40.36 2.74
CA GLY G 132 27.10 40.19 1.79
C GLY G 132 27.59 39.80 0.40
N GLY G 133 28.68 40.41 -0.04
CA GLY G 133 29.14 40.18 -1.39
C GLY G 133 29.77 38.82 -1.51
N ILE G 134 30.44 38.35 -0.46
CA ILE G 134 31.01 37.01 -0.51
C ILE G 134 29.90 35.99 -0.69
N LYS G 135 28.82 36.14 0.07
CA LYS G 135 27.68 35.21 -0.08
C LYS G 135 27.16 35.21 -1.52
N ASP G 136 26.79 36.40 -2.01
CA ASP G 136 26.15 36.46 -3.33
C ASP G 136 27.11 36.05 -4.45
N VAL G 137 28.38 36.42 -4.35
CA VAL G 137 29.37 35.99 -5.33
C VAL G 137 29.42 34.47 -5.39
N ILE G 138 29.46 33.82 -4.23
CA ILE G 138 29.59 32.36 -4.20
C ILE G 138 28.38 31.70 -4.86
N THR G 139 27.18 32.23 -4.61
CA THR G 139 25.97 31.52 -5.05
C THR G 139 25.89 31.29 -6.57
N LYS G 140 26.32 32.27 -7.38
CA LYS G 140 25.88 32.33 -8.77
C LYS G 140 26.67 31.49 -9.78
N MET G 141 27.98 31.28 -9.58
CA MET G 141 28.84 30.66 -10.60
C MET G 141 28.28 29.47 -11.37
N ASN G 142 28.67 29.37 -12.64
CA ASN G 142 28.18 28.37 -13.59
C ASN G 142 29.39 27.65 -14.18
N PHE G 143 29.24 26.37 -14.46
CA PHE G 143 30.38 25.57 -14.89
C PHE G 143 29.90 24.49 -15.86
N PRO G 144 30.80 23.96 -16.69
CA PRO G 144 30.45 22.78 -17.49
C PRO G 144 30.06 21.57 -16.66
N THR G 145 30.60 21.44 -15.45
CA THR G 145 30.36 20.27 -14.60
C THR G 145 29.57 20.67 -13.35
N MET G 146 29.23 19.67 -12.54
CA MET G 146 28.30 19.82 -11.44
C MET G 146 28.84 19.13 -10.18
N MET G 147 28.36 19.57 -9.02
CA MET G 147 28.86 19.13 -7.72
C MET G 147 27.72 18.74 -6.79
N LYS G 148 28.06 17.96 -5.76
CA LYS G 148 27.11 17.58 -4.72
C LYS G 148 27.83 17.10 -3.47
N TRP G 149 27.62 17.79 -2.35
CA TRP G 149 28.03 17.30 -1.04
C TRP G 149 26.87 16.69 -0.26
N SER G 150 27.20 16.26 0.97
CA SER G 150 26.38 15.34 1.76
C SER G 150 24.91 15.72 1.83
N THR G 151 24.57 16.80 2.51
CA THR G 151 23.18 17.22 2.63
C THR G 151 22.95 18.57 1.97
N TYR G 152 23.87 18.99 1.11
CA TYR G 152 23.97 20.35 0.59
C TYR G 152 24.05 20.35 -0.93
N SER G 153 23.12 19.64 -1.59
CA SER G 153 23.10 19.58 -3.05
C SER G 153 23.27 20.98 -3.63
N PHE G 154 24.33 21.15 -4.42
CA PHE G 154 24.66 22.42 -5.05
C PHE G 154 25.68 22.17 -6.16
N LYS G 155 25.45 22.71 -7.36
CA LYS G 155 26.29 22.38 -8.50
C LYS G 155 27.46 23.35 -8.57
N TYR G 156 28.66 22.79 -8.70
CA TYR G 156 29.89 23.55 -8.62
C TYR G 156 30.95 22.86 -9.45
N ILE G 157 32.10 23.52 -9.62
CA ILE G 157 33.19 22.88 -10.35
C ILE G 157 33.87 21.81 -9.49
N ARG G 158 34.21 22.13 -8.24
CA ARG G 158 34.92 21.22 -7.34
C ARG G 158 34.57 21.47 -5.89
N PRO G 159 34.65 20.44 -5.05
CA PRO G 159 34.34 20.60 -3.62
C PRO G 159 35.26 21.58 -2.91
N ILE G 160 34.69 22.36 -1.98
CA ILE G 160 35.41 23.45 -1.32
C ILE G 160 36.05 22.94 -0.04
N ARG G 161 37.37 23.08 0.07
CA ARG G 161 38.06 22.49 1.22
C ARG G 161 38.43 23.51 2.29
N TRP G 162 38.93 24.68 1.90
CA TRP G 162 39.30 25.69 2.89
C TRP G 162 39.09 27.07 2.30
N ILE G 163 38.93 28.07 3.17
CA ILE G 163 38.64 29.44 2.76
C ILE G 163 39.54 30.39 3.53
N VAL G 164 40.24 31.27 2.82
CA VAL G 164 41.05 32.32 3.43
C VAL G 164 40.48 33.67 3.04
N SER G 165 40.11 34.46 4.05
CA SER G 165 39.49 35.77 3.91
C SER G 165 40.17 36.73 4.88
N LEU G 166 41.14 37.50 4.40
CA LEU G 166 41.99 38.33 5.25
C LEU G 166 41.95 39.79 4.82
N LEU G 167 41.72 40.69 5.79
CA LEU G 167 41.73 42.14 5.56
C LEU G 167 42.98 42.78 6.19
N ASP G 168 44.08 42.74 5.44
CA ASP G 168 45.43 43.24 5.71
C ASP G 168 46.16 42.50 6.82
N ASP G 169 45.47 42.17 7.90
CA ASP G 169 45.88 41.17 8.88
C ASP G 169 44.63 40.77 9.66
N GLU G 170 43.56 41.53 9.45
CA GLU G 170 42.30 41.34 10.16
C GLU G 170 41.52 40.22 9.51
N VAL G 171 40.86 39.42 10.33
CA VAL G 171 40.12 38.26 9.86
C VAL G 171 38.68 38.66 9.56
N VAL G 172 38.23 38.34 8.34
CA VAL G 172 36.81 38.43 8.02
C VAL G 172 36.22 37.06 8.30
N PRO G 173 35.52 36.87 9.43
CA PRO G 173 34.98 35.55 9.74
C PRO G 173 33.67 35.30 9.00
N VAL G 174 33.61 34.25 8.21
CA VAL G 174 32.38 33.83 7.55
C VAL G 174 32.45 32.33 7.26
N GLN G 175 31.44 31.60 7.68
CA GLN G 175 31.39 30.14 7.61
C GLN G 175 30.44 29.71 6.50
N ILE G 176 30.85 28.73 5.70
CA ILE G 176 30.02 28.23 4.61
C ILE G 176 29.59 26.80 4.92
N LEU G 177 28.36 26.69 5.42
CA LEU G 177 27.55 25.51 5.72
C LEU G 177 28.10 24.61 6.82
N ASP G 178 29.42 24.43 6.83
CA ASP G 178 30.12 23.73 7.90
C ASP G 178 31.58 24.16 7.86
N VAL G 179 31.99 24.72 6.72
CA VAL G 179 33.39 25.06 6.46
C VAL G 179 33.56 26.53 6.78
N ALA G 180 34.36 26.82 7.80
CA ALA G 180 34.66 28.20 8.13
C ALA G 180 35.75 28.76 7.22
N ALA G 181 35.95 30.08 7.32
CA ALA G 181 36.99 30.79 6.61
C ALA G 181 38.04 31.25 7.62
N GLY G 182 39.29 30.92 7.37
CA GLY G 182 40.36 31.27 8.29
C GLY G 182 41.60 31.74 7.56
N ARG G 183 42.71 31.94 8.28
CA ARG G 183 43.93 32.46 7.70
C ARG G 183 44.90 31.36 7.30
N VAL G 184 44.40 30.13 7.16
CA VAL G 184 45.25 28.97 6.93
C VAL G 184 45.13 28.57 5.46
N SER G 185 46.26 28.52 4.76
CA SER G 185 46.33 28.04 3.39
C SER G 185 47.08 26.71 3.39
N ARG G 186 46.88 25.93 2.34
CA ARG G 186 47.51 24.63 2.22
C ARG G 186 48.54 24.65 1.10
N GLY G 187 49.74 24.14 1.39
CA GLY G 187 50.82 24.08 0.42
C GLY G 187 50.63 22.90 -0.54
N HIS G 188 51.75 22.42 -1.13
CA HIS G 188 51.75 21.34 -2.10
C HIS G 188 51.31 20.03 -1.44
N ARG G 189 50.48 19.27 -2.15
CA ARG G 189 49.93 18.04 -1.56
C ARG G 189 51.07 17.10 -1.23
N PHE G 190 52.26 17.34 -1.83
CA PHE G 190 53.31 16.38 -1.65
C PHE G 190 54.46 17.02 -0.93
N LEU G 191 55.03 18.13 -1.41
CA LEU G 191 56.21 18.74 -0.78
C LEU G 191 55.89 19.68 0.38
N GLY G 192 54.65 20.18 0.48
CA GLY G 192 54.40 21.28 1.38
C GLY G 192 53.52 20.96 2.58
N HIS G 193 52.84 21.96 3.10
CA HIS G 193 52.04 21.83 4.31
C HIS G 193 51.16 23.07 4.42
N ASP G 194 50.28 23.08 5.42
CA ASP G 194 49.52 24.28 5.69
C ASP G 194 50.45 25.36 6.25
N VAL G 195 49.98 26.60 6.16
CA VAL G 195 50.75 27.77 6.58
C VAL G 195 49.77 28.91 6.83
N GLU G 196 50.06 29.71 7.86
CA GLU G 196 49.27 30.91 8.10
C GLU G 196 49.80 32.10 7.31
N ILE G 197 48.90 33.03 7.03
CA ILE G 197 49.19 34.25 6.29
C ILE G 197 49.05 35.43 7.23
N ALA G 198 50.07 36.31 7.25
CA ALA G 198 50.01 37.50 8.09
C ALA G 198 49.23 38.62 7.40
N THR G 199 49.63 38.97 6.17
CA THR G 199 49.02 40.07 5.45
C THR G 199 48.59 39.62 4.06
N ALA G 200 47.57 40.32 3.53
CA ALA G 200 46.97 39.93 2.25
C ALA G 200 47.99 40.00 1.12
N ALA G 201 48.98 40.89 1.22
CA ALA G 201 50.03 40.95 0.20
C ALA G 201 50.95 39.74 0.26
N ASP G 202 51.19 39.20 1.46
CA ASP G 202 52.17 38.12 1.64
C ASP G 202 51.77 36.83 0.94
N TYR G 203 50.51 36.70 0.53
CA TYR G 203 49.97 35.43 0.05
C TYR G 203 50.93 34.70 -0.87
N GLU G 204 51.24 35.32 -2.02
CA GLU G 204 52.11 34.70 -3.00
C GLU G 204 53.41 34.23 -2.35
N ALA G 205 54.06 35.12 -1.60
CA ALA G 205 55.32 34.79 -0.95
C ALA G 205 55.22 33.51 -0.14
N ASP G 206 54.17 33.41 0.69
CA ASP G 206 54.07 32.25 1.57
C ASP G 206 53.92 30.96 0.77
N LEU G 207 53.17 31.00 -0.34
CA LEU G 207 53.05 29.80 -1.16
C LEU G 207 54.42 29.39 -1.70
N ALA G 208 55.26 30.36 -2.03
CA ALA G 208 56.61 30.06 -2.47
C ALA G 208 57.38 29.25 -1.42
N SER G 209 57.10 29.46 -0.13
CA SER G 209 57.77 28.67 0.91
C SER G 209 57.33 27.21 0.84
N VAL G 210 56.02 26.97 0.73
CA VAL G 210 55.48 25.62 0.69
C VAL G 210 55.54 25.13 -0.75
N GLN G 211 56.23 25.90 -1.60
CA GLN G 211 56.56 25.50 -2.97
C GLN G 211 55.30 25.27 -3.81
N VAL G 212 54.50 26.33 -3.89
CA VAL G 212 53.37 26.44 -4.80
C VAL G 212 53.48 27.80 -5.47
N VAL G 213 53.41 27.84 -6.79
CA VAL G 213 53.48 29.08 -7.55
C VAL G 213 52.08 29.50 -7.95
N ALA G 214 51.49 30.43 -7.19
CA ALA G 214 50.13 30.87 -7.46
C ALA G 214 50.06 31.70 -8.73
N ASP G 215 51.10 32.46 -9.05
CA ASP G 215 51.12 33.31 -10.23
C ASP G 215 51.16 32.46 -11.49
N ALA G 216 50.07 32.49 -12.26
CA ALA G 216 50.01 31.71 -13.48
C ALA G 216 51.04 32.20 -14.51
N ALA G 217 51.21 33.52 -14.61
CA ALA G 217 52.19 34.06 -15.54
C ALA G 217 53.60 33.59 -15.19
N LYS G 218 53.95 33.61 -13.90
CA LYS G 218 55.27 33.15 -13.50
C LYS G 218 55.44 31.66 -13.77
N ARG G 219 54.39 30.87 -13.55
CA ARG G 219 54.48 29.45 -13.84
C ARG G 219 54.76 29.21 -15.31
N LYS G 220 53.99 29.85 -16.20
CA LYS G 220 54.24 29.63 -17.62
C LYS G 220 55.62 30.14 -18.04
N ALA G 221 56.05 31.28 -17.50
CA ALA G 221 57.36 31.80 -17.84
C ALA G 221 58.46 30.81 -17.46
N THR G 222 58.38 30.27 -16.24
CA THR G 222 59.39 29.30 -15.79
C THR G 222 59.32 28.02 -16.61
N ILE G 223 58.12 27.53 -16.92
CA ILE G 223 57.96 26.31 -17.71
C ILE G 223 58.59 26.48 -19.08
N ARG G 224 58.25 27.56 -19.78
CA ARG G 224 58.81 27.78 -21.10
C ARG G 224 60.31 28.00 -21.03
N GLU G 225 60.79 28.66 -19.98
CA GLU G 225 62.22 28.87 -19.81
C GLU G 225 62.97 27.55 -19.67
N GLN G 226 62.44 26.64 -18.85
CA GLN G 226 63.10 25.33 -18.72
C GLN G 226 62.99 24.52 -20.00
N ILE G 227 61.88 24.65 -20.74
CA ILE G 227 61.75 23.97 -22.03
C ILE G 227 62.82 24.46 -23.00
N ALA G 228 63.01 25.78 -23.06
CA ALA G 228 64.04 26.35 -23.93
C ALA G 228 65.43 25.93 -23.47
N ALA G 229 65.64 25.85 -22.15
CA ALA G 229 66.93 25.39 -21.63
C ALA G 229 67.23 23.97 -22.11
N LEU G 230 66.24 23.09 -22.06
CA LEU G 230 66.46 21.73 -22.56
C LEU G 230 66.63 21.71 -24.07
N ALA G 231 65.90 22.57 -24.78
CA ALA G 231 66.06 22.65 -26.24
C ALA G 231 67.46 23.06 -26.63
N ASN G 232 68.05 24.01 -25.91
CA ASN G 232 69.41 24.45 -26.20
C ASN G 232 70.47 23.54 -25.59
N GLU G 233 70.12 22.70 -24.62
CA GLU G 233 71.09 21.83 -23.99
C GLU G 233 71.30 20.52 -24.76
N ARG G 234 70.24 19.95 -25.31
CA ARG G 234 70.32 18.69 -26.04
C ARG G 234 70.19 18.88 -27.55
N ASP G 235 70.33 20.12 -28.03
CA ASP G 235 70.24 20.44 -29.45
C ASP G 235 68.89 20.03 -30.03
N TRP G 236 67.85 20.06 -29.22
CA TRP G 236 66.53 19.72 -29.70
C TRP G 236 65.79 20.96 -30.15
N GLN G 237 64.83 20.74 -31.05
CA GLN G 237 63.90 21.79 -31.49
C GLN G 237 62.51 21.33 -31.08
N ILE G 238 62.12 21.64 -29.85
CA ILE G 238 60.80 21.27 -29.37
C ILE G 238 59.76 22.19 -30.01
N LYS G 239 58.70 21.61 -30.55
CA LYS G 239 57.58 22.39 -31.06
C LYS G 239 56.43 22.19 -30.08
N VAL G 240 56.14 23.24 -29.32
CA VAL G 240 55.15 23.22 -28.25
C VAL G 240 53.84 23.79 -28.77
N ASN G 241 52.74 23.13 -28.44
CA ASN G 241 51.43 23.71 -28.69
C ASN G 241 51.01 24.54 -27.49
N GLU G 242 50.20 25.58 -27.74
CA GLU G 242 49.86 26.53 -26.70
C GLU G 242 48.71 26.05 -25.83
N ASP G 243 47.73 25.36 -26.43
CA ASP G 243 46.63 24.80 -25.64
C ASP G 243 47.13 23.72 -24.68
N LEU G 244 48.09 22.92 -25.12
CA LEU G 244 48.73 21.98 -24.21
C LEU G 244 49.39 22.72 -23.05
N LEU G 245 50.03 23.85 -23.34
CA LEU G 245 50.61 24.65 -22.27
C LEU G 245 49.52 25.17 -21.34
N GLU G 246 48.35 25.50 -21.88
CA GLU G 246 47.24 25.91 -21.03
C GLU G 246 46.85 24.81 -20.05
N GLU G 247 46.67 23.59 -20.57
CA GLU G 247 46.36 22.46 -19.70
C GLU G 247 47.43 22.27 -18.63
N VAL G 248 48.70 22.20 -19.05
CA VAL G 248 49.78 21.92 -18.12
C VAL G 248 49.90 23.03 -17.07
N ASN G 249 49.84 24.28 -17.51
CA ASN G 249 49.90 25.41 -16.58
C ASN G 249 48.78 25.34 -15.54
N ASN G 250 47.57 25.00 -15.96
CA ASN G 250 46.47 24.90 -15.01
C ASN G 250 46.33 23.50 -14.39
N LEU G 251 47.36 22.66 -14.53
CA LEU G 251 47.36 21.36 -13.86
C LEU G 251 48.42 21.20 -12.78
N VAL G 252 49.38 22.13 -12.66
CA VAL G 252 50.51 21.96 -11.75
C VAL G 252 50.60 23.17 -10.83
N GLU G 253 51.39 23.02 -9.76
CA GLU G 253 51.67 24.12 -8.84
C GLU G 253 53.15 24.40 -8.65
N TYR G 254 54.05 23.49 -9.01
CA TYR G 254 55.49 23.69 -8.85
C TYR G 254 56.20 22.82 -9.88
N PRO G 255 56.66 23.41 -10.99
CA PRO G 255 57.06 22.61 -12.15
C PRO G 255 58.49 22.11 -12.13
N THR G 256 58.68 20.99 -12.83
CA THR G 256 60.02 20.50 -13.17
C THR G 256 59.89 19.82 -14.54
N ALA G 257 60.39 20.49 -15.57
CA ALA G 257 60.33 19.92 -16.91
C ALA G 257 61.32 18.76 -17.02
N PHE G 258 60.95 17.78 -17.83
CA PHE G 258 61.81 16.62 -18.01
C PHE G 258 61.59 16.03 -19.39
N ALA G 259 62.55 15.22 -19.81
CA ALA G 259 62.53 14.57 -21.11
C ALA G 259 62.78 13.08 -20.93
N GLY G 260 62.10 12.28 -21.75
CA GLY G 260 62.39 10.87 -21.84
C GLY G 260 62.62 10.48 -23.29
N ASP G 261 63.19 9.30 -23.48
CA ASP G 261 63.43 8.77 -24.81
C ASP G 261 62.54 7.55 -25.03
N PHE G 262 62.42 7.16 -26.29
CA PHE G 262 61.76 5.91 -26.62
C PHE G 262 62.44 5.30 -27.84
N ASP G 263 62.02 4.08 -28.16
CA ASP G 263 62.75 3.25 -29.11
C ASP G 263 62.59 3.76 -30.53
N THR G 264 63.69 3.69 -31.29
CA THR G 264 63.71 4.18 -32.66
C THR G 264 62.77 3.41 -33.58
N LYS G 265 62.41 2.17 -33.21
CA LYS G 265 61.51 1.38 -34.04
C LYS G 265 60.18 2.08 -34.23
N TYR G 266 59.74 2.87 -33.25
CA TYR G 266 58.47 3.58 -33.37
C TYR G 266 58.51 4.66 -34.44
N LEU G 267 59.70 5.06 -34.90
CA LEU G 267 59.75 5.95 -36.06
C LEU G 267 59.26 5.27 -37.34
N THR G 268 59.09 3.94 -37.34
CA THR G 268 58.45 3.27 -38.47
C THR G 268 57.00 3.69 -38.68
N ILE G 269 56.34 4.24 -37.66
CA ILE G 269 54.91 4.53 -37.76
C ILE G 269 54.78 6.00 -38.15
N PRO G 270 53.64 6.45 -38.69
CA PRO G 270 53.53 7.82 -39.17
C PRO G 270 53.76 8.85 -38.08
N ASP G 271 54.37 9.98 -38.47
CA ASP G 271 54.63 11.04 -37.50
C ASP G 271 53.33 11.63 -36.98
N GLU G 272 52.29 11.63 -37.81
CA GLU G 272 50.98 12.13 -37.38
C GLU G 272 50.45 11.31 -36.22
N VAL G 273 50.59 9.99 -36.29
CA VAL G 273 50.15 9.11 -35.20
C VAL G 273 50.95 9.38 -33.93
N LEU G 274 52.27 9.53 -34.08
CA LEU G 274 53.12 9.77 -32.91
C LEU G 274 52.74 11.07 -32.22
N ILE G 275 52.57 12.13 -33.03
CA ILE G 275 52.21 13.44 -32.49
C ILE G 275 50.83 13.39 -31.85
N THR G 276 49.87 12.73 -32.50
CA THR G 276 48.54 12.59 -31.92
C THR G 276 48.60 11.90 -30.57
N SER G 277 49.20 10.71 -30.52
CA SER G 277 49.30 9.97 -29.25
C SER G 277 49.88 10.86 -28.16
N MET G 278 51.14 11.28 -28.34
CA MET G 278 51.81 12.08 -27.31
C MET G 278 51.00 13.33 -26.96
N ARG G 279 50.84 14.23 -27.93
CA ARG G 279 50.22 15.53 -27.68
C ARG G 279 48.82 15.39 -27.09
N ASP G 280 47.91 14.71 -27.81
CA ASP G 280 46.51 14.73 -27.42
C ASP G 280 46.21 13.83 -26.22
N HIS G 281 46.94 12.72 -26.05
CA HIS G 281 46.56 11.74 -25.04
C HIS G 281 47.49 11.71 -23.84
N GLN G 282 48.81 11.66 -24.06
CA GLN G 282 49.77 11.72 -22.96
C GLN G 282 50.23 13.15 -22.69
N ARG G 283 49.80 14.12 -23.50
CA ARG G 283 50.16 15.52 -23.30
C ARG G 283 51.67 15.73 -23.26
N PHE G 284 52.36 15.17 -24.25
CA PHE G 284 53.79 15.34 -24.40
C PHE G 284 54.10 16.33 -25.51
N PHE G 285 55.27 16.96 -25.42
CA PHE G 285 55.77 17.87 -26.44
C PHE G 285 56.76 17.08 -27.30
N TYR G 286 56.38 16.79 -28.53
CA TYR G 286 57.27 16.07 -29.43
C TYR G 286 58.49 16.93 -29.72
N VAL G 287 59.59 16.27 -30.04
CA VAL G 287 60.87 16.91 -30.30
C VAL G 287 61.17 16.77 -31.78
N THR G 288 61.48 17.88 -32.42
CA THR G 288 61.94 17.85 -33.80
C THR G 288 63.43 18.20 -33.82
N ASP G 289 64.06 18.05 -34.97
CA ASP G 289 65.46 18.39 -35.07
C ASP G 289 65.60 19.75 -35.77
N ALA G 290 66.84 20.13 -36.07
CA ALA G 290 67.07 21.40 -36.76
C ALA G 290 66.39 21.40 -38.13
N GLU G 291 66.53 20.31 -38.87
CA GLU G 291 65.84 20.15 -40.14
C GLU G 291 64.33 19.86 -39.96
N ASP G 292 63.86 19.91 -38.71
CA ASP G 292 62.47 19.73 -38.27
C ASP G 292 62.05 18.26 -38.31
N ASN G 293 62.97 17.33 -38.54
CA ASN G 293 62.65 15.92 -38.47
C ASN G 293 62.38 15.50 -37.03
N LEU G 294 61.38 14.63 -36.87
CA LEU G 294 60.92 14.22 -35.55
C LEU G 294 61.88 13.23 -34.91
N LEU G 295 62.33 13.53 -33.69
CA LEU G 295 63.21 12.71 -32.88
C LEU G 295 62.41 11.82 -31.93
N PRO G 296 62.92 10.61 -31.68
CA PRO G 296 62.26 9.70 -30.73
C PRO G 296 62.51 10.09 -29.27
N HIS G 297 62.07 11.29 -28.91
CA HIS G 297 62.17 11.80 -27.56
C HIS G 297 60.90 12.58 -27.26
N PHE G 298 60.59 12.73 -25.98
CA PHE G 298 59.42 13.47 -25.55
C PHE G 298 59.76 14.28 -24.32
N VAL G 299 58.95 15.31 -24.07
CA VAL G 299 59.14 16.20 -22.93
C VAL G 299 57.78 16.40 -22.26
N SER G 300 57.78 16.39 -20.93
CA SER G 300 56.61 16.73 -20.15
C SER G 300 57.09 17.51 -18.94
N VAL G 301 56.19 17.83 -18.03
CA VAL G 301 56.52 18.53 -16.79
C VAL G 301 55.90 17.77 -15.63
N ARG G 302 56.67 17.56 -14.57
CA ARG G 302 56.14 17.03 -13.33
C ARG G 302 55.78 18.18 -12.41
N ASN G 303 54.73 17.98 -11.62
CA ASN G 303 54.38 18.94 -10.57
C ASN G 303 55.26 18.68 -9.36
N GLY G 304 56.58 18.70 -9.56
CA GLY G 304 57.51 18.37 -8.51
C GLY G 304 58.86 19.03 -8.63
N ASN G 305 59.81 18.58 -7.80
CA ASN G 305 61.19 19.06 -7.83
C ASN G 305 62.06 18.19 -8.72
N THR G 306 63.37 18.41 -8.67
CA THR G 306 64.33 17.57 -9.38
C THR G 306 64.89 16.45 -8.50
N ASP G 307 64.00 15.70 -7.87
CA ASP G 307 64.37 14.52 -7.07
C ASP G 307 63.80 13.26 -7.69
N HIS G 308 64.67 12.29 -7.97
CA HIS G 308 64.28 11.01 -8.57
C HIS G 308 63.59 11.23 -9.92
N LEU G 309 64.12 12.18 -10.69
CA LEU G 309 63.50 12.55 -11.96
C LEU G 309 63.44 11.37 -12.91
N GLU G 310 64.51 10.58 -13.00
CA GLU G 310 64.52 9.45 -13.93
C GLU G 310 63.42 8.44 -13.61
N ASN G 311 63.01 8.28 -12.35
CA ASN G 311 61.95 7.32 -12.04
C ASN G 311 60.62 7.76 -12.64
N VAL G 312 60.28 9.04 -12.51
CA VAL G 312 59.09 9.58 -13.17
C VAL G 312 59.22 9.46 -14.67
N ALA G 313 60.41 9.76 -15.19
CA ALA G 313 60.65 9.63 -16.63
C ALA G 313 60.41 8.20 -17.08
N LEU G 314 60.84 7.21 -16.29
CA LEU G 314 60.64 5.81 -16.65
C LEU G 314 59.16 5.44 -16.60
N GLY G 315 58.42 5.97 -15.64
CA GLY G 315 56.98 5.71 -15.62
C GLY G 315 56.30 6.25 -16.87
N ASN G 316 56.63 7.49 -17.24
CA ASN G 316 56.07 8.07 -18.45
C ASN G 316 56.53 7.29 -19.69
N GLN G 317 57.78 6.85 -19.70
CA GLN G 317 58.28 6.02 -20.78
C GLN G 317 57.51 4.71 -20.88
N LYS G 318 57.20 4.08 -19.75
CA LYS G 318 56.40 2.87 -19.76
C LYS G 318 55.04 3.12 -20.39
N VAL G 319 54.36 4.19 -19.97
CA VAL G 319 53.03 4.47 -20.51
C VAL G 319 53.11 4.74 -22.01
N LEU G 320 54.04 5.61 -22.41
CA LEU G 320 54.18 5.99 -23.81
C LEU G 320 54.56 4.80 -24.68
N THR G 321 55.49 3.96 -24.21
CA THR G 321 55.90 2.79 -24.97
C THR G 321 54.77 1.77 -25.07
N ALA G 322 53.93 1.67 -24.04
CA ALA G 322 52.75 0.82 -24.14
C ALA G 322 51.81 1.31 -25.24
N ARG G 323 51.47 2.61 -25.21
CA ARG G 323 50.62 3.17 -26.26
C ARG G 323 51.25 3.00 -27.63
N LEU G 324 52.58 3.16 -27.71
CA LEU G 324 53.28 3.07 -28.99
C LEU G 324 53.30 1.64 -29.53
N GLU G 325 53.45 0.65 -28.66
CA GLU G 325 53.35 -0.73 -29.10
C GLU G 325 51.95 -1.04 -29.59
N ASP G 326 50.93 -0.53 -28.89
CA ASP G 326 49.56 -0.66 -29.38
C ASP G 326 49.41 -0.04 -30.75
N ALA G 327 49.98 1.15 -30.94
CA ALA G 327 49.89 1.84 -32.23
C ALA G 327 50.60 1.06 -33.32
N ALA G 328 51.77 0.50 -33.01
CA ALA G 328 52.51 -0.27 -34.00
C ALA G 328 51.71 -1.51 -34.44
N PHE G 329 51.10 -2.20 -33.48
CA PHE G 329 50.26 -3.34 -33.86
C PHE G 329 49.08 -2.90 -34.73
N PHE G 330 48.40 -1.82 -34.34
CA PHE G 330 47.26 -1.36 -35.13
C PHE G 330 47.69 -1.01 -36.55
N TYR G 331 48.84 -0.34 -36.66
CA TYR G 331 49.39 0.05 -37.94
C TYR G 331 49.68 -1.17 -38.80
N HIS G 332 50.46 -2.12 -38.27
CA HIS G 332 50.90 -3.25 -39.07
C HIS G 332 49.83 -4.32 -39.26
N GLU G 333 48.72 -4.27 -38.52
CA GLU G 333 47.59 -5.11 -38.84
C GLU G 333 46.64 -4.46 -39.82
N ASP G 334 46.49 -3.13 -39.76
CA ASP G 334 45.67 -2.45 -40.75
C ASP G 334 46.26 -2.60 -42.15
N GLN G 335 47.59 -2.70 -42.23
CA GLN G 335 48.24 -2.91 -43.53
C GLN G 335 47.95 -4.28 -44.12
N GLN G 336 47.59 -5.25 -43.29
CA GLN G 336 47.47 -6.63 -43.80
C GLN G 336 46.24 -6.79 -44.69
N HIS G 337 45.13 -6.19 -44.32
CA HIS G 337 43.88 -6.41 -45.03
C HIS G 337 43.82 -5.53 -46.28
N SER G 338 43.11 -6.03 -47.29
CA SER G 338 42.93 -5.24 -48.51
C SER G 338 41.78 -4.26 -48.34
N ILE G 339 41.71 -3.29 -49.25
CA ILE G 339 40.75 -2.20 -49.14
C ILE G 339 39.33 -2.71 -49.29
N GLN G 340 39.12 -3.71 -50.15
CA GLN G 340 37.78 -4.24 -50.39
C GLN G 340 37.15 -4.75 -49.09
N GLU G 341 37.96 -5.31 -48.19
CA GLU G 341 37.44 -5.78 -46.92
C GLU G 341 36.79 -4.63 -46.15
N TYR G 342 37.52 -3.50 -46.03
CA TYR G 342 36.97 -2.34 -45.34
C TYR G 342 35.75 -1.79 -46.06
N VAL G 343 35.80 -1.78 -47.40
CA VAL G 343 34.69 -1.25 -48.18
C VAL G 343 33.42 -2.06 -47.92
N GLU G 344 33.54 -3.38 -47.96
CA GLU G 344 32.38 -4.24 -47.71
C GLU G 344 31.89 -4.13 -46.27
N ARG G 345 32.83 -4.10 -45.31
CA ARG G 345 32.44 -3.95 -43.91
C ARG G 345 31.71 -2.63 -43.66
N LEU G 346 31.98 -1.62 -44.50
CA LEU G 346 31.29 -0.34 -44.35
C LEU G 346 29.78 -0.46 -44.57
N LYS G 347 29.32 -1.53 -45.22
CA LYS G 347 27.88 -1.73 -45.40
C LYS G 347 27.17 -1.94 -44.07
N LYS G 348 27.85 -2.54 -43.09
CA LYS G 348 27.21 -2.81 -41.81
C LYS G 348 27.04 -1.54 -40.98
N VAL G 349 27.96 -0.59 -41.10
CA VAL G 349 27.89 0.60 -40.27
C VAL G 349 26.74 1.46 -40.77
N SER G 350 25.63 1.45 -40.03
CA SER G 350 24.50 2.28 -40.41
C SER G 350 24.83 3.74 -40.13
N PHE G 351 24.64 4.60 -41.13
CA PHE G 351 24.86 6.03 -40.90
C PHE G 351 23.72 6.60 -40.06
N HIS G 352 22.50 6.12 -40.27
CA HIS G 352 21.40 6.30 -39.34
C HIS G 352 20.25 5.38 -39.75
N ASP G 353 19.29 5.21 -38.84
CA ASP G 353 18.13 4.35 -39.05
C ASP G 353 17.34 4.75 -40.29
N LYS G 354 16.75 5.95 -40.27
CA LYS G 354 15.86 6.35 -41.34
C LYS G 354 16.60 6.78 -42.60
N ILE G 355 17.92 6.95 -42.51
CA ILE G 355 18.74 7.30 -43.67
C ILE G 355 19.27 6.01 -44.28
N GLY G 356 20.02 5.25 -43.49
CA GLY G 356 20.59 3.99 -43.94
C GLY G 356 22.02 3.84 -43.51
N THR G 357 22.81 3.11 -44.29
CA THR G 357 24.17 2.81 -43.89
C THR G 357 25.14 3.82 -44.50
N MET G 358 26.39 3.75 -44.05
CA MET G 358 27.40 4.66 -44.57
C MET G 358 27.82 4.27 -45.98
N TYR G 359 27.66 3.00 -46.34
CA TYR G 359 27.97 2.54 -47.69
C TYR G 359 27.03 3.21 -48.70
N GLU G 360 25.73 3.23 -48.38
CA GLU G 360 24.77 3.95 -49.22
C GLU G 360 25.10 5.43 -49.27
N LYS G 361 25.56 5.98 -48.15
CA LYS G 361 26.03 7.37 -48.15
C LYS G 361 27.17 7.56 -49.13
N MET G 362 28.09 6.60 -49.19
CA MET G 362 29.19 6.68 -50.14
C MET G 362 28.67 6.62 -51.57
N GLN G 363 27.64 5.80 -51.83
CA GLN G 363 27.05 5.74 -53.16
C GLN G 363 26.45 7.10 -53.56
N ARG G 364 25.65 7.67 -52.66
CA ARG G 364 25.02 8.96 -52.94
C ARG G 364 26.06 10.06 -53.13
N VAL G 365 27.05 10.11 -52.25
CA VAL G 365 28.12 11.10 -52.36
C VAL G 365 28.92 10.88 -53.63
N MET G 366 29.07 9.62 -54.06
CA MET G 366 29.74 9.33 -55.32
C MET G 366 29.02 9.99 -56.48
N ILE G 367 27.70 9.81 -56.54
CA ILE G 367 26.92 10.43 -57.61
C ILE G 367 27.00 11.96 -57.51
N ILE G 368 26.86 12.49 -56.29
CA ILE G 368 26.89 13.94 -56.08
C ILE G 368 28.23 14.52 -56.50
N SER G 369 29.33 13.85 -56.13
CA SER G 369 30.66 14.34 -56.48
C SER G 369 30.88 14.33 -57.98
N ASP G 370 30.45 13.27 -58.66
CA ASP G 370 30.57 13.24 -60.11
C ASP G 370 29.79 14.39 -60.74
N PHE G 371 28.56 14.62 -60.27
CA PHE G 371 27.76 15.72 -60.80
C PHE G 371 28.40 17.07 -60.50
N LEU G 372 29.03 17.22 -59.33
CA LEU G 372 29.68 18.48 -58.99
C LEU G 372 30.89 18.73 -59.88
N ALA G 373 31.66 17.68 -60.16
CA ALA G 373 32.76 17.83 -61.11
C ALA G 373 32.23 18.22 -62.48
N ASP G 374 31.09 17.65 -62.88
CA ASP G 374 30.45 18.03 -64.14
C ASP G 374 30.12 19.52 -64.16
N ARG G 375 29.33 19.98 -63.18
CA ARG G 375 28.87 21.36 -63.19
C ARG G 375 30.01 22.35 -63.00
N PHE G 376 31.00 21.99 -62.18
CA PHE G 376 32.11 22.85 -61.83
C PHE G 376 33.17 22.94 -62.93
N GLY G 377 33.14 22.04 -63.91
CA GLY G 377 34.15 22.04 -64.94
C GLY G 377 35.47 21.45 -64.50
N LEU G 378 35.51 20.14 -64.30
CA LEU G 378 36.75 19.46 -63.94
C LEU G 378 37.20 18.52 -65.06
N THR G 379 38.50 18.26 -65.07
CA THR G 379 39.13 17.48 -66.12
C THR G 379 38.73 16.00 -66.04
N GLU G 380 39.00 15.28 -67.14
CA GLU G 380 38.72 13.85 -67.22
C GLU G 380 39.42 13.10 -66.09
N THR G 381 40.72 13.36 -65.92
CA THR G 381 41.47 12.72 -64.85
C THR G 381 40.95 13.12 -63.48
N GLU G 382 40.61 14.40 -63.31
CA GLU G 382 40.08 14.86 -62.03
C GLU G 382 38.77 14.17 -61.70
N LYS G 383 37.89 14.02 -62.70
CA LYS G 383 36.63 13.33 -62.49
C LYS G 383 36.84 11.86 -62.16
N ASN G 384 37.75 11.19 -62.86
CA ASN G 384 37.96 9.76 -62.60
C ASN G 384 38.55 9.54 -61.20
N GLN G 385 39.54 10.35 -60.82
CA GLN G 385 40.10 10.25 -59.47
C GLN G 385 39.06 10.55 -58.41
N LEU G 386 38.24 11.58 -58.65
CA LEU G 386 37.17 11.93 -57.72
C LEU G 386 36.19 10.77 -57.57
N HIS G 387 35.84 10.13 -58.68
CA HIS G 387 34.93 8.99 -58.64
C HIS G 387 35.52 7.87 -57.79
N ARG G 388 36.80 7.56 -58.01
CA ARG G 388 37.46 6.52 -57.21
C ARG G 388 37.45 6.87 -55.72
N ALA G 389 37.79 8.12 -55.41
CA ALA G 389 37.82 8.54 -54.00
C ALA G 389 36.44 8.40 -53.38
N ALA G 390 35.41 8.95 -54.04
CA ALA G 390 34.05 8.79 -53.53
C ALA G 390 33.66 7.33 -53.43
N GLN G 391 34.24 6.47 -54.26
CA GLN G 391 34.06 5.03 -54.10
C GLN G 391 34.60 4.56 -52.75
N ILE G 392 35.74 5.09 -52.33
CA ILE G 392 36.49 4.48 -51.23
C ILE G 392 36.75 5.42 -50.07
N TYR G 393 36.23 6.65 -50.09
CA TYR G 393 36.72 7.68 -49.17
C TYR G 393 36.46 7.39 -47.70
N LYS G 394 35.46 6.59 -47.36
CA LYS G 394 35.11 6.36 -45.96
C LYS G 394 35.65 5.03 -45.42
N PHE G 395 36.55 4.37 -46.14
CA PHE G 395 37.03 3.06 -45.72
C PHE G 395 37.81 3.14 -44.41
N ASP G 396 38.62 4.18 -44.24
CA ASP G 396 39.52 4.28 -43.09
C ASP G 396 38.79 4.24 -41.76
N LEU G 397 37.47 4.42 -41.75
CA LEU G 397 36.71 4.35 -40.51
C LEU G 397 36.73 2.97 -39.87
N VAL G 398 36.98 1.92 -40.65
CA VAL G 398 36.99 0.56 -40.09
C VAL G 398 38.42 0.04 -40.00
N THR G 399 39.34 0.94 -39.67
CA THR G 399 40.74 0.61 -39.41
C THR G 399 41.00 0.69 -37.91
N GLY G 400 42.02 -0.05 -37.45
CA GLY G 400 42.33 -0.04 -36.03
C GLY G 400 42.91 1.28 -35.55
N MET G 401 43.56 2.02 -36.44
CA MET G 401 44.04 3.36 -36.07
C MET G 401 42.89 4.28 -35.73
N VAL G 402 41.78 4.18 -36.46
CA VAL G 402 40.61 4.99 -36.14
C VAL G 402 39.89 4.45 -34.92
N GLY G 403 39.96 3.14 -34.68
CA GLY G 403 39.44 2.60 -33.45
C GLY G 403 40.17 3.09 -32.22
N GLU G 404 41.48 3.30 -32.33
CA GLU G 404 42.26 3.83 -31.22
C GLU G 404 42.33 5.34 -31.21
N PHE G 405 42.53 5.97 -32.37
CA PHE G 405 42.59 7.43 -32.52
C PHE G 405 41.50 7.90 -33.47
N PRO G 406 40.32 8.28 -32.97
CA PRO G 406 39.28 8.82 -33.86
C PRO G 406 39.68 10.08 -34.61
N GLU G 407 40.65 10.85 -34.08
CA GLU G 407 41.06 12.09 -34.74
C GLU G 407 41.69 11.82 -36.10
N LEU G 408 42.42 10.70 -36.22
CA LEU G 408 43.28 10.48 -37.37
C LEU G 408 42.53 9.93 -38.56
N GLN G 409 41.22 10.16 -38.61
CA GLN G 409 40.41 9.75 -39.75
C GLN G 409 40.78 10.59 -40.97
N GLY G 410 40.74 9.97 -42.14
CA GLY G 410 41.14 10.66 -43.34
C GLY G 410 42.63 10.58 -43.55
N VAL G 411 43.39 11.01 -42.54
CA VAL G 411 44.84 10.97 -42.62
C VAL G 411 45.32 9.53 -42.83
N MET G 412 44.79 8.60 -42.02
CA MET G 412 45.15 7.20 -42.18
C MET G 412 44.65 6.63 -43.51
N GLY G 413 43.49 7.10 -43.98
CA GLY G 413 43.03 6.66 -45.29
C GLY G 413 44.02 7.01 -46.38
N ASP G 414 44.51 8.26 -46.36
CA ASP G 414 45.57 8.66 -47.27
C ASP G 414 46.79 7.77 -47.11
N LYS G 415 47.22 7.54 -45.86
CA LYS G 415 48.44 6.77 -45.62
C LYS G 415 48.34 5.38 -46.22
N TYR G 416 47.21 4.71 -45.98
CA TYR G 416 47.06 3.33 -46.42
C TYR G 416 46.82 3.24 -47.92
N ALA G 417 46.00 4.14 -48.47
CA ALA G 417 45.79 4.12 -49.92
C ALA G 417 47.09 4.37 -50.66
N VAL G 418 47.90 5.31 -50.18
CA VAL G 418 49.22 5.50 -50.77
C VAL G 418 50.06 4.24 -50.59
N LEU G 419 49.94 3.59 -49.43
CA LEU G 419 50.65 2.33 -49.21
C LEU G 419 50.11 1.22 -50.09
N LYS G 420 48.80 1.18 -50.31
CA LYS G 420 48.14 0.11 -51.05
C LYS G 420 48.24 0.25 -52.55
N GLY G 421 49.21 1.04 -53.03
CA GLY G 421 49.38 1.23 -54.46
C GLY G 421 48.22 1.94 -55.11
N GLU G 422 47.60 2.89 -54.39
CA GLU G 422 46.55 3.71 -54.94
C GLU G 422 47.13 5.08 -55.30
N ASP G 423 46.28 5.95 -55.82
CA ASP G 423 46.70 7.27 -56.26
C ASP G 423 46.87 8.17 -55.06
N PRO G 424 48.05 8.76 -54.83
CA PRO G 424 48.22 9.65 -53.68
C PRO G 424 47.27 10.83 -53.68
N ALA G 425 46.90 11.34 -54.86
CA ALA G 425 45.92 12.42 -54.91
C ALA G 425 44.56 11.95 -54.40
N VAL G 426 44.18 10.71 -54.70
CA VAL G 426 42.93 10.18 -54.17
C VAL G 426 42.97 10.12 -52.65
N GLY G 427 44.08 9.63 -52.08
CA GLY G 427 44.20 9.59 -50.63
C GLY G 427 44.18 10.97 -50.02
N GLN G 428 44.83 11.94 -50.67
CA GLN G 428 44.76 13.31 -50.19
C GLN G 428 43.35 13.85 -50.23
N ALA G 429 42.59 13.50 -51.28
CA ALA G 429 41.20 13.91 -51.37
C ALA G 429 40.39 13.30 -50.23
N ILE G 430 40.70 12.05 -49.88
CA ILE G 430 40.07 11.42 -48.72
C ILE G 430 40.40 12.21 -47.45
N ARG G 431 41.66 12.61 -47.34
CA ARG G 431 42.12 13.44 -46.23
C ARG G 431 41.41 14.79 -46.20
N GLU G 432 41.09 15.34 -47.37
CA GLU G 432 40.59 16.70 -47.50
C GLU G 432 39.07 16.78 -47.45
N HIS G 433 38.35 15.67 -47.65
CA HIS G 433 36.90 15.75 -47.58
C HIS G 433 36.40 15.93 -46.15
N TYR G 434 37.29 15.79 -45.16
CA TYR G 434 36.97 16.12 -43.78
C TYR G 434 37.08 17.62 -43.49
N MET G 435 37.86 18.35 -44.27
CA MET G 435 38.11 19.76 -44.00
C MET G 435 36.86 20.58 -44.29
N PRO G 436 36.64 21.69 -43.55
CA PRO G 436 37.43 22.29 -42.48
C PRO G 436 37.28 21.63 -41.11
N ILE G 437 38.29 21.81 -40.26
CA ILE G 437 38.29 21.21 -38.93
C ILE G 437 37.46 21.98 -37.92
N SER G 438 37.17 23.25 -38.18
CA SER G 438 36.38 24.09 -37.29
C SER G 438 35.82 25.24 -38.10
N ALA G 439 35.33 26.28 -37.42
CA ALA G 439 34.96 27.50 -38.14
C ALA G 439 36.21 28.29 -38.53
N ASP G 440 37.22 28.29 -37.67
CA ASP G 440 38.55 28.82 -37.97
C ASP G 440 39.47 27.61 -38.13
N GLY G 441 39.87 27.32 -39.36
CA GLY G 441 40.64 26.12 -39.61
C GLY G 441 41.01 26.04 -41.08
N ASP G 442 41.73 24.97 -41.42
CA ASP G 442 42.24 24.82 -42.77
C ASP G 442 41.18 24.29 -43.72
N LEU G 443 41.36 24.62 -44.99
CA LEU G 443 40.51 24.20 -46.09
C LEU G 443 41.31 23.31 -47.03
N PRO G 444 40.64 22.47 -47.82
CA PRO G 444 41.37 21.59 -48.74
C PRO G 444 42.22 22.39 -49.71
N LYS G 445 43.44 21.93 -49.93
CA LYS G 445 44.36 22.55 -50.88
C LYS G 445 44.16 22.04 -52.31
N SER G 446 43.28 21.07 -52.50
CA SER G 446 43.09 20.45 -53.81
C SER G 446 41.64 20.53 -54.23
N LYS G 447 41.45 20.57 -55.55
CA LYS G 447 40.11 20.61 -56.13
C LYS G 447 39.33 19.32 -55.85
N VAL G 448 40.01 18.17 -55.95
CA VAL G 448 39.34 16.90 -55.71
C VAL G 448 38.83 16.80 -54.28
N GLY G 449 39.68 17.16 -53.32
CA GLY G 449 39.27 17.14 -51.92
C GLY G 449 38.15 18.13 -51.62
N ALA G 450 38.22 19.31 -52.24
CA ALA G 450 37.16 20.30 -52.05
C ALA G 450 35.83 19.78 -52.54
N VAL G 451 35.80 19.22 -53.76
CA VAL G 451 34.54 18.70 -54.30
C VAL G 451 34.03 17.54 -53.47
N LEU G 452 34.94 16.66 -53.01
CA LEU G 452 34.52 15.54 -52.16
C LEU G 452 33.88 16.03 -50.86
N ALA G 453 34.53 16.98 -50.19
CA ALA G 453 33.98 17.50 -48.94
C ALA G 453 32.61 18.14 -49.17
N ILE G 454 32.48 18.93 -50.23
CA ILE G 454 31.21 19.58 -50.51
C ILE G 454 30.11 18.54 -50.74
N ALA G 455 30.39 17.53 -51.57
CA ALA G 455 29.37 16.53 -51.85
C ALA G 455 28.99 15.73 -50.61
N ASP G 456 29.98 15.33 -49.82
CA ASP G 456 29.71 14.59 -48.59
C ASP G 456 28.82 15.38 -47.64
N LYS G 457 29.19 16.63 -47.37
CA LYS G 457 28.42 17.43 -46.42
C LYS G 457 27.05 17.79 -46.97
N VAL G 458 26.94 17.97 -48.30
CA VAL G 458 25.64 18.19 -48.92
C VAL G 458 24.73 16.99 -48.68
N ASP G 459 25.24 15.78 -48.94
CA ASP G 459 24.44 14.59 -48.69
C ASP G 459 24.04 14.52 -47.22
N SER G 460 24.97 14.81 -46.32
CA SER G 460 24.67 14.75 -44.89
C SER G 460 23.52 15.66 -44.53
N ILE G 461 23.58 16.93 -44.95
CA ILE G 461 22.54 17.88 -44.55
C ILE G 461 21.21 17.56 -45.23
N THR G 462 21.24 17.20 -46.51
CA THR G 462 20.02 16.85 -47.21
C THR G 462 19.32 15.68 -46.54
N SER G 463 20.08 14.64 -46.20
CA SER G 463 19.47 13.47 -45.58
C SER G 463 18.96 13.80 -44.18
N PHE G 464 19.73 14.57 -43.41
CA PHE G 464 19.31 14.87 -42.04
C PHE G 464 18.10 15.79 -41.98
N PHE G 465 17.83 16.56 -43.03
CA PHE G 465 16.54 17.23 -43.08
C PHE G 465 15.46 16.37 -43.75
N ALA G 466 15.85 15.38 -44.54
CA ALA G 466 14.90 14.42 -45.07
C ALA G 466 14.34 13.50 -44.01
N VAL G 467 15.02 13.35 -42.88
CA VAL G 467 14.52 12.53 -41.77
C VAL G 467 13.94 13.36 -40.65
N GLY G 468 13.90 14.69 -40.81
CA GLY G 468 13.29 15.54 -39.80
C GLY G 468 14.17 15.83 -38.61
N LEU G 469 15.48 15.56 -38.71
CA LEU G 469 16.40 15.79 -37.59
C LEU G 469 16.93 17.21 -37.63
N THR G 470 16.02 18.17 -37.56
CA THR G 470 16.38 19.57 -37.61
C THR G 470 16.90 20.03 -36.24
N PRO G 471 18.12 20.57 -36.18
CA PRO G 471 18.63 21.12 -34.92
C PRO G 471 17.83 22.33 -34.47
N SER G 472 17.94 22.65 -33.19
CA SER G 472 17.22 23.77 -32.60
C SER G 472 18.20 24.92 -32.38
N GLY G 473 17.71 25.99 -31.75
CA GLY G 473 18.47 27.22 -31.68
C GLY G 473 19.83 27.04 -31.01
N SER G 474 19.86 26.33 -29.89
CA SER G 474 21.10 26.10 -29.16
C SER G 474 21.61 24.66 -29.30
N ASN G 475 20.80 23.73 -29.77
CA ASN G 475 21.17 22.32 -29.88
C ASN G 475 21.40 21.96 -31.33
N ASP G 476 22.62 21.52 -31.66
CA ASP G 476 22.92 20.92 -32.95
C ASP G 476 23.67 19.61 -32.71
N PRO G 477 22.96 18.49 -32.65
CA PRO G 477 23.62 17.22 -32.27
C PRO G 477 24.64 16.73 -33.28
N PHE G 478 24.58 17.18 -34.55
CA PHE G 478 25.43 16.60 -35.59
C PHE G 478 26.42 17.61 -36.16
N ALA G 479 26.58 18.78 -35.53
CA ALA G 479 27.51 19.81 -36.00
C ALA G 479 27.28 20.14 -37.48
N LEU G 480 26.04 19.95 -37.94
CA LEU G 480 25.72 20.20 -39.35
C LEU G 480 25.90 21.65 -39.71
N ARG G 481 25.73 22.55 -38.74
CA ARG G 481 26.01 23.96 -38.98
C ARG G 481 27.47 24.15 -39.38
N ARG G 482 28.38 23.40 -38.76
CA ARG G 482 29.78 23.48 -39.15
C ARG G 482 30.00 22.94 -40.57
N GLN G 483 29.26 21.89 -40.94
CA GLN G 483 29.39 21.37 -42.30
C GLN G 483 28.92 22.39 -43.33
N ALA G 484 27.80 23.06 -43.07
CA ALA G 484 27.33 24.12 -43.98
C ALA G 484 28.31 25.29 -44.01
N PHE G 485 28.85 25.65 -42.84
CA PHE G 485 29.87 26.70 -42.78
C PHE G 485 31.06 26.34 -43.63
N GLY G 486 31.50 25.09 -43.56
CA GLY G 486 32.58 24.62 -44.41
C GLY G 486 32.21 24.64 -45.89
N ILE G 487 30.95 24.32 -46.19
CA ILE G 487 30.47 24.39 -47.57
C ILE G 487 30.68 25.81 -48.10
N VAL G 488 30.23 26.80 -47.32
CA VAL G 488 30.38 28.19 -47.72
C VAL G 488 31.86 28.54 -47.88
N ARG G 489 32.68 28.13 -46.90
CA ARG G 489 34.09 28.47 -46.93
C ARG G 489 34.79 27.89 -48.15
N ILE G 490 34.53 26.62 -48.46
CA ILE G 490 35.16 25.97 -49.60
C ILE G 490 34.70 26.62 -50.90
N VAL G 491 33.40 26.87 -51.03
CA VAL G 491 32.89 27.48 -52.25
C VAL G 491 33.51 28.86 -52.45
N ARG G 492 33.62 29.65 -51.39
CA ARG G 492 34.26 30.97 -51.51
C ARG G 492 35.72 30.84 -51.88
N GLU G 493 36.45 29.94 -51.22
CA GLU G 493 37.87 29.79 -51.47
C GLU G 493 38.12 29.32 -52.91
N GLN G 494 37.18 28.57 -53.48
CA GLN G 494 37.30 28.10 -54.85
C GLN G 494 36.57 28.97 -55.86
N GLY G 495 35.46 29.61 -55.47
CA GLY G 495 34.76 30.50 -56.35
C GLY G 495 34.06 29.81 -57.49
N TRP G 496 33.00 29.06 -57.18
CA TRP G 496 32.25 28.29 -58.17
C TRP G 496 30.78 28.70 -58.15
N ASP G 497 30.13 28.60 -59.32
CA ASP G 497 28.71 28.90 -59.43
C ASP G 497 27.90 27.83 -58.73
N PHE G 498 27.27 28.19 -57.61
CA PHE G 498 26.63 27.21 -56.73
C PHE G 498 25.27 27.75 -56.26
N PRO G 499 24.25 27.63 -57.10
CA PRO G 499 22.88 28.03 -56.72
C PRO G 499 22.16 26.93 -55.94
N ILE G 500 21.84 27.22 -54.68
CA ILE G 500 21.03 26.33 -53.86
C ILE G 500 19.57 26.33 -54.31
N ARG G 501 19.26 27.07 -55.37
CA ARG G 501 17.89 27.12 -55.86
C ARG G 501 17.49 25.84 -56.59
N GLN G 502 18.37 25.28 -57.42
CA GLN G 502 18.01 24.12 -58.23
C GLN G 502 18.74 22.84 -57.83
N LEU G 503 19.51 22.86 -56.74
CA LEU G 503 20.21 21.64 -56.33
C LEU G 503 19.24 20.53 -55.94
N GLU G 504 18.07 20.88 -55.41
CA GLU G 504 17.04 19.90 -55.12
C GLU G 504 16.75 19.03 -56.34
N ALA G 505 16.38 19.69 -57.45
CA ALA G 505 16.04 18.97 -58.66
C ALA G 505 17.23 18.17 -59.17
N ASP G 506 18.44 18.72 -59.06
CA ASP G 506 19.63 18.03 -59.53
C ASP G 506 19.84 16.71 -58.77
N ILE G 507 19.84 16.78 -57.44
CA ILE G 507 20.08 15.59 -56.63
C ILE G 507 18.98 14.55 -56.86
N GLN G 508 17.71 14.97 -56.80
CA GLN G 508 16.63 14.02 -57.03
C GLN G 508 16.74 13.42 -58.43
N LYS G 509 16.73 14.27 -59.46
CA LYS G 509 16.96 13.92 -60.85
C LYS G 509 17.98 12.82 -61.04
N GLU G 510 19.18 13.02 -60.50
CA GLU G 510 20.23 12.04 -60.75
C GLU G 510 20.02 10.78 -59.92
N LEU G 511 19.42 10.89 -58.72
CA LEU G 511 19.09 9.68 -57.98
C LEU G 511 18.02 8.86 -58.70
N VAL G 512 17.04 9.53 -59.31
CA VAL G 512 16.09 8.85 -60.18
C VAL G 512 16.83 8.12 -61.29
N ALA G 513 17.83 8.78 -61.87
CA ALA G 513 18.57 8.16 -62.96
C ALA G 513 19.30 6.90 -62.52
N HIS G 514 20.03 6.97 -61.39
CA HIS G 514 20.92 5.87 -60.99
C HIS G 514 20.31 4.92 -59.96
N ASP G 515 20.03 5.41 -58.76
CA ASP G 515 19.62 4.57 -57.65
C ASP G 515 18.42 5.21 -56.95
N ALA G 516 17.23 4.66 -57.18
CA ALA G 516 16.00 5.27 -56.72
C ALA G 516 15.62 4.81 -55.31
N THR G 517 16.49 4.09 -54.61
CA THR G 517 16.24 3.75 -53.22
C THR G 517 16.31 4.96 -52.30
N TYR G 518 16.84 6.09 -52.79
CA TYR G 518 16.94 7.33 -52.03
C TYR G 518 16.04 8.40 -52.64
N ASN G 519 14.93 7.98 -53.25
CA ASN G 519 14.14 8.82 -54.16
C ASN G 519 12.67 8.72 -53.81
N LEU G 520 12.22 9.41 -52.76
CA LEU G 520 10.80 9.70 -52.63
C LEU G 520 10.43 11.15 -52.25
N ASP G 521 10.72 11.57 -51.03
CA ASP G 521 10.44 12.92 -50.53
C ASP G 521 11.72 13.70 -50.29
N PHE G 522 12.74 13.42 -51.09
CA PHE G 522 14.06 13.95 -50.83
C PHE G 522 14.31 15.27 -51.55
N GLU G 523 13.40 15.74 -52.41
CA GLU G 523 13.43 17.12 -52.84
C GLU G 523 12.38 17.98 -52.17
N LYS G 524 11.30 17.38 -51.67
CA LYS G 524 10.41 18.09 -50.77
C LYS G 524 11.14 18.43 -49.47
N GLN G 525 12.10 17.61 -49.08
CA GLN G 525 12.90 17.84 -47.89
C GLN G 525 14.19 18.61 -48.18
N THR G 526 14.50 18.89 -49.43
CA THR G 526 15.57 19.83 -49.76
C THR G 526 15.03 21.23 -50.01
N ALA G 527 13.72 21.38 -50.18
CA ALA G 527 13.12 22.72 -50.16
C ALA G 527 13.38 23.44 -48.83
N PRO G 528 13.20 22.83 -47.66
CA PRO G 528 13.63 23.53 -46.44
C PRO G 528 15.12 23.75 -46.39
N VAL G 529 15.91 22.98 -47.15
CA VAL G 529 17.33 23.30 -47.30
C VAL G 529 17.47 24.60 -48.08
N ALA G 530 16.59 24.82 -49.07
CA ALA G 530 16.56 26.12 -49.74
C ALA G 530 16.18 27.20 -48.73
N ASP G 531 15.44 26.81 -47.69
CA ASP G 531 15.16 27.74 -46.61
C ASP G 531 16.32 27.79 -45.61
N PHE G 532 17.18 26.76 -45.61
CA PHE G 532 18.40 26.73 -44.81
C PHE G 532 19.53 27.45 -45.56
N LEU G 533 20.74 27.33 -45.03
CA LEU G 533 22.01 27.73 -45.66
C LEU G 533 22.12 29.25 -45.72
N THR G 534 20.97 29.91 -45.76
CA THR G 534 20.92 31.36 -45.80
C THR G 534 21.38 31.95 -44.48
N ASP G 535 20.93 31.37 -43.37
CA ASP G 535 21.34 31.83 -42.05
C ASP G 535 22.82 31.64 -41.82
N ARG G 536 23.42 30.57 -42.35
CA ARG G 536 24.85 30.36 -42.17
C ARG G 536 25.68 31.36 -42.97
N VAL G 537 25.26 31.65 -44.20
CA VAL G 537 25.91 32.70 -44.99
C VAL G 537 25.76 34.05 -44.30
N LYS G 538 24.57 34.31 -43.75
CA LYS G 538 24.35 35.56 -43.02
C LYS G 538 25.23 35.65 -41.78
N GLN G 539 25.42 34.53 -41.08
CA GLN G 539 26.28 34.52 -39.90
C GLN G 539 27.72 34.81 -40.26
N TRP G 540 28.21 34.23 -41.36
CA TRP G 540 29.56 34.58 -41.81
C TRP G 540 29.65 36.04 -42.24
N PHE G 541 28.64 36.55 -42.94
CA PHE G 541 28.67 37.96 -43.35
C PHE G 541 28.74 38.87 -42.14
N ASN G 542 27.95 38.59 -41.10
CA ASN G 542 28.03 39.38 -39.88
C ASN G 542 29.37 39.17 -39.17
N ASN G 543 30.04 38.05 -39.42
CA ASN G 543 31.42 37.90 -38.98
C ASN G 543 32.37 38.82 -39.77
N ARG G 544 32.00 39.15 -41.01
CA ARG G 544 32.82 40.00 -41.87
C ARG G 544 32.39 41.47 -41.89
N LYS G 545 31.82 41.98 -40.80
CA LYS G 545 31.55 43.40 -40.57
C LYS G 545 30.48 43.98 -41.48
N ILE G 546 29.90 43.18 -42.37
CA ILE G 546 29.02 43.73 -43.40
C ILE G 546 27.72 44.25 -42.78
N ARG G 547 27.28 45.41 -43.25
CA ARG G 547 26.04 46.02 -42.78
C ARG G 547 24.89 45.02 -42.89
N TYR G 548 24.06 44.95 -41.85
CA TYR G 548 22.95 44.00 -41.85
C TYR G 548 22.05 44.23 -43.06
N ASP G 549 21.92 45.49 -43.48
CA ASP G 549 21.02 45.82 -44.59
C ASP G 549 21.61 45.35 -45.92
N ILE G 550 22.93 45.48 -46.09
CA ILE G 550 23.60 44.93 -47.27
C ILE G 550 23.40 43.43 -47.34
N VAL G 551 23.53 42.75 -46.19
CA VAL G 551 23.26 41.32 -46.12
C VAL G 551 21.84 41.03 -46.59
N ASP G 552 20.85 41.67 -45.96
CA ASP G 552 19.45 41.38 -46.29
C ASP G 552 19.08 41.81 -47.71
N THR G 553 19.91 42.62 -48.37
CA THR G 553 19.68 42.92 -49.78
C THR G 553 20.24 41.83 -50.68
N VAL G 554 21.52 41.49 -50.51
CA VAL G 554 22.11 40.47 -51.39
C VAL G 554 21.50 39.09 -51.13
N ILE G 555 20.98 38.86 -49.93
CA ILE G 555 20.43 37.55 -49.58
C ILE G 555 19.12 37.30 -50.32
N LYS G 556 18.22 38.28 -50.34
CA LYS G 556 16.89 38.01 -50.87
C LYS G 556 16.88 38.01 -52.38
N GLY G 557 17.84 37.31 -52.98
CA GLY G 557 17.88 37.16 -54.42
C GLY G 557 17.06 35.96 -54.88
N SER G 558 16.55 36.06 -56.10
CA SER G 558 15.79 34.94 -56.66
C SER G 558 16.70 33.78 -57.03
N ARG G 559 17.92 34.09 -57.51
CA ARG G 559 18.85 33.05 -57.93
C ARG G 559 19.29 32.19 -56.75
N GLN G 560 19.50 32.79 -55.58
CA GLN G 560 19.99 32.08 -54.40
C GLN G 560 21.32 31.39 -54.66
N ASP G 561 22.17 32.01 -55.46
CA ASP G 561 23.50 31.47 -55.76
C ASP G 561 24.49 32.04 -54.76
N ILE G 562 25.33 31.17 -54.22
CA ILE G 562 26.26 31.60 -53.17
C ILE G 562 27.32 32.55 -53.72
N ARG G 563 27.97 32.17 -54.82
CA ARG G 563 29.01 33.02 -55.39
C ARG G 563 28.43 34.31 -55.95
N GLU G 564 27.23 34.24 -56.53
CA GLU G 564 26.58 35.45 -57.04
C GLU G 564 26.40 36.45 -55.91
N MET G 565 25.97 35.95 -54.74
CA MET G 565 25.85 36.82 -53.57
C MET G 565 27.21 37.32 -53.11
N PHE G 566 28.23 36.46 -53.16
CA PHE G 566 29.57 36.89 -52.75
C PHE G 566 30.02 38.10 -53.56
N LYS G 567 29.90 38.00 -54.89
CA LYS G 567 30.39 39.08 -55.74
C LYS G 567 29.48 40.32 -55.66
N ALA G 568 28.17 40.12 -55.61
CA ALA G 568 27.28 41.28 -55.46
C ALA G 568 27.53 42.00 -54.15
N ALA G 569 27.73 41.24 -53.06
CA ALA G 569 28.03 41.83 -51.77
C ALA G 569 29.37 42.56 -51.81
N ASP G 570 30.36 42.00 -52.50
CA ASP G 570 31.64 42.69 -52.65
C ASP G 570 31.43 44.03 -53.36
N VAL G 571 30.61 44.03 -54.41
CA VAL G 571 30.35 45.27 -55.15
C VAL G 571 29.66 46.31 -54.25
N LEU G 572 28.62 45.89 -53.54
CA LEU G 572 27.81 46.85 -52.80
C LEU G 572 28.44 47.30 -51.48
N ASN G 573 29.24 46.45 -50.84
CA ASN G 573 30.03 46.93 -49.71
C ASN G 573 31.18 47.83 -50.17
N ALA G 574 31.51 47.76 -51.47
CA ALA G 574 32.48 48.64 -52.10
C ALA G 574 31.94 50.02 -52.48
N HIS G 575 30.63 50.19 -52.70
CA HIS G 575 30.07 51.50 -53.06
C HIS G 575 29.34 52.11 -51.89
N GLN G 576 29.97 53.05 -51.25
CA GLN G 576 29.43 53.66 -50.06
C GLN G 576 29.38 55.16 -50.32
N ASP G 577 29.69 55.51 -51.58
CA ASP G 577 30.00 56.85 -52.02
C ASP G 577 29.57 57.31 -53.42
N ASP G 578 29.25 56.41 -54.35
CA ASP G 578 28.98 56.89 -55.71
C ASP G 578 27.80 57.85 -55.70
N PRO G 579 27.90 58.99 -56.40
CA PRO G 579 26.83 60.00 -56.30
C PRO G 579 25.50 59.59 -56.92
N GLN G 580 25.53 59.04 -58.12
CA GLN G 580 24.30 58.63 -58.81
C GLN G 580 23.81 57.27 -58.34
N PHE G 581 24.45 56.75 -57.29
CA PHE G 581 24.18 55.46 -56.68
C PHE G 581 23.09 55.58 -55.63
N LYS G 582 23.17 56.63 -54.80
CA LYS G 582 22.16 56.87 -53.78
C LYS G 582 20.79 57.11 -54.40
N ASP G 583 20.74 57.90 -55.47
CA ASP G 583 19.48 58.14 -56.17
C ASP G 583 18.93 56.85 -56.73
N THR G 584 19.80 56.01 -57.30
CA THR G 584 19.37 54.70 -57.79
C THR G 584 18.76 53.88 -56.66
N ILE G 585 19.41 53.87 -55.50
CA ILE G 585 18.92 53.09 -54.38
C ILE G 585 17.55 53.59 -53.92
N GLU G 586 17.39 54.91 -53.83
CA GLU G 586 16.10 55.48 -53.41
C GLU G 586 14.99 55.13 -54.40
N ALA G 587 15.26 55.31 -55.70
CA ALA G 587 14.27 54.97 -56.72
C ALA G 587 13.90 53.51 -56.66
N PHE G 588 14.91 52.64 -56.54
CA PHE G 588 14.65 51.20 -56.50
C PHE G 588 13.85 50.81 -55.26
N THR G 589 14.16 51.41 -54.11
CA THR G 589 13.37 51.11 -52.92
C THR G 589 11.91 51.47 -53.14
N ARG G 590 11.65 52.66 -53.71
CA ARG G 590 10.27 53.04 -53.98
C ARG G 590 9.60 52.07 -54.95
N LEU G 591 10.31 51.70 -56.03
CA LEU G 591 9.75 50.80 -57.02
C LEU G 591 9.41 49.45 -56.41
N LEU G 592 10.33 48.87 -55.63
CA LEU G 592 10.10 47.55 -55.07
C LEU G 592 8.99 47.59 -54.03
N ARG G 593 8.91 48.65 -53.22
CA ARG G 593 7.82 48.76 -52.27
C ARG G 593 6.48 48.84 -53.01
N ILE G 594 6.44 49.56 -54.12
CA ILE G 594 5.19 49.67 -54.89
C ILE G 594 4.85 48.34 -55.55
N THR G 595 5.86 47.60 -56.00
CA THR G 595 5.60 46.33 -56.69
C THR G 595 5.26 45.21 -55.72
N ALA G 596 5.61 45.36 -54.44
CA ALA G 596 5.32 44.31 -53.47
C ALA G 596 3.83 44.08 -53.33
N LYS G 597 3.02 45.10 -53.61
CA LYS G 597 1.57 45.04 -53.45
C LYS G 597 0.86 44.85 -54.78
N ALA G 598 1.52 44.25 -55.75
CA ALA G 598 0.89 43.91 -57.02
C ALA G 598 0.39 42.47 -56.93
N LYS G 599 -0.87 42.26 -57.28
CA LYS G 599 -1.55 40.98 -57.13
C LYS G 599 -1.83 40.31 -58.47
N LEU G 600 -0.89 40.40 -59.40
CA LEU G 600 -1.03 39.81 -60.73
C LEU G 600 -0.32 38.46 -60.79
N ALA G 601 -0.67 37.69 -61.81
CA ALA G 601 0.03 36.43 -62.08
C ALA G 601 1.42 36.71 -62.62
N ALA G 602 2.45 36.26 -61.89
CA ALA G 602 3.84 36.54 -62.22
C ALA G 602 4.40 35.60 -63.29
N ASP G 603 3.52 34.94 -64.05
CA ASP G 603 3.90 34.17 -65.22
C ASP G 603 3.40 34.81 -66.51
N ASP G 604 2.51 35.78 -66.42
CA ASP G 604 1.91 36.47 -67.56
C ASP G 604 2.25 37.95 -67.46
N LEU G 605 3.46 38.31 -67.90
CA LEU G 605 3.92 39.69 -67.88
C LEU G 605 4.09 40.28 -69.27
N THR G 606 3.41 39.74 -70.27
CA THR G 606 3.46 40.33 -71.60
C THR G 606 2.84 41.72 -71.55
N VAL G 607 3.53 42.70 -72.11
CA VAL G 607 3.14 44.11 -71.97
C VAL G 607 2.46 44.57 -73.26
N ASP G 608 1.24 45.09 -73.12
CA ASP G 608 0.47 45.55 -74.27
C ASP G 608 0.71 47.04 -74.47
N PRO G 609 1.29 47.46 -75.61
CA PRO G 609 1.54 48.90 -75.82
C PRO G 609 0.27 49.72 -76.07
N SER G 610 -0.86 49.09 -76.37
CA SER G 610 -2.08 49.83 -76.64
C SER G 610 -2.72 50.38 -75.38
N LEU G 611 -2.34 49.85 -74.21
CA LEU G 611 -2.81 50.36 -72.93
C LEU G 611 -1.93 51.49 -72.39
N PHE G 612 -1.15 52.13 -73.27
CA PHE G 612 -0.27 53.22 -72.87
C PHE G 612 -0.99 54.55 -73.00
N GLU G 613 -0.84 55.39 -71.98
CA GLU G 613 -1.46 56.71 -71.97
C GLU G 613 -0.51 57.83 -72.37
N ASN G 614 0.75 57.77 -71.99
CA ASN G 614 1.75 58.77 -72.40
C ASN G 614 2.85 58.11 -73.22
N GLU G 615 3.90 58.90 -73.50
CA GLU G 615 5.02 58.45 -74.33
C GLU G 615 6.18 57.93 -73.52
N ALA G 616 6.34 58.38 -72.27
CA ALA G 616 7.39 57.83 -71.43
C ALA G 616 7.14 56.36 -71.14
N GLU G 617 5.88 55.92 -71.19
CA GLU G 617 5.58 54.49 -71.15
C GLU G 617 6.22 53.77 -72.33
N GLN G 618 6.07 54.34 -73.53
CA GLN G 618 6.67 53.74 -74.72
C GLN G 618 8.19 53.72 -74.64
N HIS G 619 8.79 54.80 -74.15
CA HIS G 619 10.26 54.84 -74.09
C HIS G 619 10.78 53.86 -73.04
N LEU G 620 10.09 53.75 -71.92
CA LEU G 620 10.46 52.74 -70.92
C LEU G 620 10.26 51.34 -71.45
N TYR G 621 9.17 51.11 -72.21
CA TYR G 621 8.94 49.80 -72.80
C TYR G 621 10.03 49.43 -73.80
N ASP G 622 10.44 50.39 -74.63
CA ASP G 622 11.54 50.14 -75.57
C ASP G 622 12.84 49.84 -74.84
N ALA G 623 13.13 50.61 -73.77
CA ALA G 623 14.33 50.35 -72.99
C ALA G 623 14.27 48.96 -72.36
N VAL G 624 13.10 48.58 -71.84
CA VAL G 624 12.92 47.27 -71.24
C VAL G 624 13.14 46.17 -72.28
N LEU G 625 12.58 46.34 -73.48
CA LEU G 625 12.75 45.34 -74.52
C LEU G 625 14.22 45.17 -74.91
N GLU G 626 14.91 46.28 -75.17
CA GLU G 626 16.31 46.15 -75.58
C GLU G 626 17.22 45.71 -74.44
N LEU G 627 16.81 45.93 -73.19
CA LEU G 627 17.57 45.39 -72.06
C LEU G 627 17.33 43.88 -71.90
N GLN G 628 16.08 43.44 -72.09
CA GLN G 628 15.78 42.01 -72.05
C GLN G 628 16.47 41.26 -73.18
N LYS G 629 16.73 41.93 -74.30
CA LYS G 629 17.47 41.30 -75.39
C LYS G 629 18.88 40.95 -74.99
N GLN G 630 19.41 41.58 -73.93
CA GLN G 630 20.68 41.19 -73.33
C GLN G 630 20.52 40.48 -71.99
N PHE G 631 19.57 40.91 -71.17
CA PHE G 631 19.44 40.40 -69.80
C PHE G 631 19.18 38.91 -69.69
N THR G 632 20.20 38.19 -69.23
CA THR G 632 20.19 36.73 -69.11
C THR G 632 21.04 36.38 -67.90
N PRO G 633 20.94 35.13 -67.42
CA PRO G 633 21.84 34.67 -66.35
C PRO G 633 23.30 34.67 -66.78
N ALA G 634 23.57 35.20 -67.98
CA ALA G 634 24.86 35.14 -68.62
C ALA G 634 25.62 36.45 -68.59
N MET G 635 25.42 37.28 -67.57
CA MET G 635 26.13 38.54 -67.45
C MET G 635 26.63 38.70 -66.01
N SER G 636 27.81 39.30 -65.88
CA SER G 636 28.33 39.60 -64.56
C SER G 636 27.40 40.56 -63.83
N MET G 637 27.47 40.53 -62.50
CA MET G 637 26.46 41.19 -61.68
C MET G 637 26.44 42.70 -61.90
N GLU G 638 27.62 43.32 -61.98
CA GLU G 638 27.67 44.75 -62.19
C GLU G 638 27.07 45.15 -63.53
N ASP G 639 27.21 44.30 -64.54
CA ASP G 639 26.58 44.59 -65.82
C ASP G 639 25.06 44.71 -65.67
N ARG G 640 24.44 43.73 -65.00
CA ARG G 640 23.02 43.79 -64.74
C ARG G 640 22.66 45.03 -63.94
N PHE G 641 23.43 45.30 -62.88
CA PHE G 641 23.14 46.42 -61.99
C PHE G 641 23.21 47.74 -62.73
N LYS G 642 24.29 47.96 -63.46
CA LYS G 642 24.49 49.19 -64.21
C LYS G 642 23.43 49.35 -65.29
N ALA G 643 23.13 48.26 -66.03
CA ALA G 643 22.14 48.35 -67.09
C ALA G 643 20.76 48.69 -66.55
N LEU G 644 20.38 48.08 -65.43
CA LEU G 644 19.09 48.41 -64.82
C LEU G 644 19.06 49.82 -64.26
N ALA G 645 20.11 50.19 -63.52
CA ALA G 645 20.13 51.45 -62.78
C ALA G 645 20.27 52.66 -63.68
N ALA G 646 21.00 52.55 -64.79
CA ALA G 646 21.36 53.73 -65.57
C ALA G 646 20.13 54.47 -66.11
N LEU G 647 19.01 53.78 -66.28
CA LEU G 647 17.82 54.39 -66.85
C LEU G 647 16.94 55.03 -65.77
N ARG G 648 17.51 55.35 -64.61
CA ARG G 648 16.70 55.97 -63.56
C ARG G 648 16.04 57.27 -64.01
N PRO G 649 16.65 58.13 -64.85
CA PRO G 649 15.86 59.26 -65.38
C PRO G 649 14.58 58.81 -66.06
N LEU G 650 14.62 57.69 -66.80
CA LEU G 650 13.40 57.17 -67.41
C LEU G 650 12.41 56.74 -66.35
N ILE G 651 12.88 56.09 -65.28
CA ILE G 651 12.00 55.63 -64.21
C ILE G 651 11.36 56.82 -63.50
N VAL G 652 12.14 57.86 -63.24
CA VAL G 652 11.63 59.03 -62.54
C VAL G 652 10.65 59.79 -63.43
N ASP G 653 10.93 59.86 -64.73
CA ASP G 653 10.00 60.51 -65.64
C ASP G 653 8.71 59.70 -65.80
N TYR G 654 8.80 58.37 -65.73
CA TYR G 654 7.61 57.55 -65.71
C TYR G 654 6.77 57.84 -64.47
N PHE G 655 7.38 57.80 -63.28
CA PHE G 655 6.59 57.99 -62.07
C PHE G 655 6.07 59.42 -61.96
N GLU G 656 6.89 60.40 -62.36
CA GLU G 656 6.45 61.79 -62.40
C GLU G 656 5.26 61.96 -63.33
N GLN G 657 5.37 61.46 -64.57
CA GLN G 657 4.30 61.67 -65.53
C GLN G 657 3.19 60.63 -65.36
N THR G 658 3.51 59.35 -65.58
CA THR G 658 2.53 58.28 -65.46
C THR G 658 2.27 57.99 -63.99
N MET G 659 1.04 58.22 -63.53
CA MET G 659 0.63 57.77 -62.21
C MET G 659 0.26 56.29 -62.28
N VAL G 660 0.94 55.47 -61.47
CA VAL G 660 0.77 54.03 -61.58
C VAL G 660 -0.52 53.53 -60.95
N MET G 661 -0.90 54.07 -59.77
CA MET G 661 -2.13 53.60 -59.13
C MET G 661 -3.36 54.10 -59.88
N SER G 662 -3.79 53.33 -60.87
CA SER G 662 -4.84 53.73 -61.79
C SER G 662 -6.17 53.12 -61.38
N LYS G 663 -7.23 53.94 -61.34
CA LYS G 663 -8.61 53.53 -61.09
C LYS G 663 -9.24 52.77 -62.24
N ASP G 664 -8.45 52.45 -63.26
CA ASP G 664 -8.86 51.55 -64.33
C ASP G 664 -8.03 50.29 -64.18
N GLU G 665 -8.71 49.15 -64.05
CA GLU G 665 -8.02 47.93 -63.64
C GLU G 665 -6.97 47.51 -64.65
N LYS G 666 -7.36 47.46 -65.93
CA LYS G 666 -6.43 46.98 -66.95
C LYS G 666 -5.23 47.93 -67.11
N VAL G 667 -5.46 49.24 -66.98
CA VAL G 667 -4.36 50.19 -67.05
C VAL G 667 -3.38 49.97 -65.90
N ARG G 668 -3.91 49.80 -64.69
CA ARG G 668 -3.05 49.53 -63.55
C ARG G 668 -2.33 48.19 -63.71
N ASP G 669 -3.02 47.19 -64.28
CA ASP G 669 -2.38 45.90 -64.53
C ASP G 669 -1.24 46.02 -65.53
N ASN G 670 -1.44 46.83 -66.58
CA ASN G 670 -0.36 47.06 -67.55
C ASN G 670 0.82 47.74 -66.87
N HIS G 671 0.55 48.74 -66.04
CA HIS G 671 1.63 49.40 -65.30
C HIS G 671 2.35 48.41 -64.39
N LEU G 672 1.58 47.54 -63.72
CA LEU G 672 2.17 46.55 -62.83
C LEU G 672 2.97 45.50 -63.59
N LYS G 673 2.56 45.14 -64.80
CA LYS G 673 3.38 44.24 -65.61
C LYS G 673 4.71 44.90 -65.96
N GLN G 674 4.65 46.13 -66.49
CA GLN G 674 5.87 46.82 -66.88
C GLN G 674 6.80 47.06 -65.68
N LEU G 675 6.23 47.20 -64.48
CA LEU G 675 7.06 47.39 -63.29
C LEU G 675 7.52 46.08 -62.66
N LEU G 676 6.68 45.03 -62.70
CA LEU G 676 7.03 43.77 -62.06
C LEU G 676 8.05 43.02 -62.88
N THR G 677 8.12 43.25 -64.20
CA THR G 677 9.23 42.70 -64.96
C THR G 677 10.55 43.25 -64.44
N ILE G 678 10.61 44.57 -64.21
CA ILE G 678 11.80 45.20 -63.65
C ILE G 678 12.05 44.70 -62.23
N ALA G 679 10.99 44.50 -61.46
CA ALA G 679 11.14 43.98 -60.10
C ALA G 679 11.76 42.58 -60.11
N GLN G 680 11.31 41.74 -61.04
CA GLN G 680 11.88 40.39 -61.18
C GLN G 680 13.35 40.47 -61.59
N MET G 681 13.67 41.36 -62.53
CA MET G 681 15.06 41.53 -62.95
C MET G 681 15.93 42.02 -61.79
N ILE G 682 15.41 42.93 -60.97
CA ILE G 682 16.16 43.47 -59.85
C ILE G 682 16.37 42.40 -58.78
N ASN G 683 15.32 41.62 -58.49
CA ASN G 683 15.39 40.64 -57.42
C ASN G 683 16.45 39.58 -57.65
N VAL G 684 17.11 39.57 -58.81
CA VAL G 684 18.30 38.76 -58.98
C VAL G 684 19.35 39.14 -57.95
N MET G 685 19.62 40.44 -57.81
CA MET G 685 20.49 40.90 -56.74
C MET G 685 19.78 40.83 -55.38
N GLY G 686 18.46 40.93 -55.39
CA GLY G 686 17.69 40.79 -54.17
C GLY G 686 16.73 41.92 -53.87
N ASP G 687 16.53 42.17 -52.58
CA ASP G 687 15.58 43.17 -52.10
C ASP G 687 16.32 44.41 -51.64
N LEU G 688 16.43 45.41 -52.53
CA LEU G 688 17.09 46.65 -52.18
C LEU G 688 16.32 47.47 -51.15
N ASN G 689 15.07 47.09 -50.84
CA ASN G 689 14.32 47.77 -49.78
C ASN G 689 15.02 47.63 -48.43
N GLN G 690 15.96 46.70 -48.32
CA GLN G 690 16.84 46.55 -47.16
C GLN G 690 18.06 47.43 -47.27
N LEU G 691 17.94 48.59 -47.90
CA LEU G 691 19.01 49.58 -47.90
C LEU G 691 18.54 50.83 -47.17
N ILE G 692 19.37 51.31 -46.24
CA ILE G 692 19.14 52.55 -45.52
C ILE G 692 19.97 53.62 -46.21
N VAL G 693 19.32 54.71 -46.63
CA VAL G 693 19.97 55.74 -47.41
C VAL G 693 20.33 56.90 -46.48
N LYS G 694 21.61 57.24 -46.45
CA LYS G 694 22.13 58.26 -45.55
C LYS G 694 23.26 59.03 -46.22
N MET H 1 -38.51 -52.05 45.40
CA MET H 1 -39.65 -51.62 44.62
C MET H 1 -39.24 -50.87 43.35
N ALA H 2 -40.09 -50.95 42.33
CA ALA H 2 -39.85 -50.28 41.06
C ALA H 2 -40.21 -48.80 41.15
N LYS H 3 -39.88 -48.06 40.08
CA LYS H 3 -40.07 -46.63 40.04
C LYS H 3 -40.42 -46.19 38.62
N THR H 4 -40.84 -44.94 38.51
CA THR H 4 -41.11 -44.28 37.24
C THR H 4 -40.32 -42.99 37.21
N TYR H 5 -39.53 -42.78 36.18
CA TYR H 5 -38.68 -41.60 36.07
C TYR H 5 -39.33 -40.55 35.17
N LEU H 6 -39.04 -39.28 35.45
CA LEU H 6 -39.60 -38.18 34.69
C LEU H 6 -38.50 -37.19 34.37
N LEU H 7 -38.26 -36.96 33.08
CA LEU H 7 -37.24 -36.01 32.66
C LEU H 7 -37.85 -35.09 31.62
N GLU H 8 -38.10 -33.84 32.00
CA GLU H 8 -38.56 -32.83 31.06
C GLU H 8 -37.55 -31.69 31.04
N ILE H 9 -36.98 -31.44 29.87
CA ILE H 9 -36.13 -30.29 29.63
C ILE H 9 -36.96 -29.26 28.90
N GLY H 10 -37.14 -28.08 29.52
CA GLY H 10 -37.87 -26.99 28.93
C GLY H 10 -36.90 -25.97 28.35
N LEU H 11 -37.12 -25.62 27.09
CA LEU H 11 -36.17 -24.89 26.29
C LEU H 11 -36.78 -23.61 25.74
N GLU H 12 -36.01 -22.93 24.90
CA GLU H 12 -36.55 -21.96 23.97
C GLU H 12 -37.16 -22.69 22.78
N GLU H 13 -37.92 -21.96 21.99
CA GLU H 13 -38.68 -22.60 20.92
C GLU H 13 -37.75 -23.02 19.77
N MET H 14 -37.89 -24.25 19.34
CA MET H 14 -37.05 -24.88 18.34
C MET H 14 -37.82 -25.01 17.03
N PRO H 15 -37.13 -25.08 15.89
CA PRO H 15 -37.84 -25.38 14.65
C PRO H 15 -38.51 -26.74 14.77
N ALA H 16 -39.72 -26.84 14.23
CA ALA H 16 -40.56 -28.01 14.47
C ALA H 16 -39.88 -29.28 13.94
N HIS H 17 -39.31 -29.21 12.74
CA HIS H 17 -38.79 -30.37 12.03
C HIS H 17 -37.60 -31.03 12.72
N VAL H 18 -37.21 -30.55 13.90
CA VAL H 18 -36.13 -31.18 14.67
C VAL H 18 -36.57 -31.61 16.05
N VAL H 19 -37.80 -31.31 16.47
CA VAL H 19 -38.23 -31.68 17.82
C VAL H 19 -38.34 -33.20 17.94
N THR H 20 -38.94 -33.85 16.93
CA THR H 20 -39.17 -35.29 17.02
C THR H 20 -37.88 -36.09 17.06
N PRO H 21 -36.90 -35.89 16.16
CA PRO H 21 -35.66 -36.68 16.30
C PRO H 21 -35.00 -36.46 17.65
N SER H 22 -35.06 -35.24 18.18
CA SER H 22 -34.42 -34.96 19.46
C SER H 22 -35.02 -35.82 20.55
N VAL H 23 -36.36 -35.87 20.63
CA VAL H 23 -36.97 -36.68 21.68
C VAL H 23 -36.67 -38.14 21.44
N LEU H 24 -36.60 -38.58 20.18
CA LEU H 24 -36.23 -39.97 19.95
C LEU H 24 -34.80 -40.21 20.40
N GLN H 25 -33.92 -39.25 20.13
CA GLN H 25 -32.56 -39.37 20.62
C GLN H 25 -32.56 -39.46 22.14
N LEU H 26 -33.44 -38.67 22.78
CA LEU H 26 -33.49 -38.73 24.23
C LEU H 26 -33.84 -40.13 24.71
N LYS H 27 -34.83 -40.76 24.05
CA LYS H 27 -35.17 -42.13 24.40
C LYS H 27 -33.93 -43.00 24.35
N GLU H 28 -33.25 -43.00 23.20
CA GLU H 28 -32.13 -43.90 23.04
C GLU H 28 -31.02 -43.54 24.02
N ARG H 29 -30.81 -42.24 24.27
CA ARG H 29 -29.75 -41.89 25.19
C ARG H 29 -30.05 -42.46 26.57
N MET H 30 -31.30 -42.32 27.02
CA MET H 30 -31.67 -42.87 28.31
C MET H 30 -31.49 -44.38 28.31
N ILE H 31 -31.89 -45.02 27.21
CA ILE H 31 -31.74 -46.47 27.14
C ILE H 31 -30.27 -46.84 27.23
N LYS H 32 -29.40 -46.12 26.50
CA LYS H 32 -27.98 -46.41 26.58
C LYS H 32 -27.50 -46.27 28.00
N PHE H 33 -28.02 -45.26 28.69
CA PHE H 33 -27.68 -45.04 30.08
C PHE H 33 -28.14 -46.21 30.94
N LEU H 34 -29.41 -46.60 30.81
CA LEU H 34 -29.96 -47.62 31.71
C LEU H 34 -29.32 -48.98 31.47
N LYS H 35 -29.07 -49.33 30.21
CA LYS H 35 -28.35 -50.57 29.93
C LYS H 35 -26.94 -50.48 30.48
N ASP H 36 -26.29 -49.33 30.34
CA ASP H 36 -24.92 -49.20 30.80
C ASP H 36 -24.84 -49.36 32.31
N ALA H 37 -25.85 -48.87 33.03
CA ALA H 37 -26.02 -49.15 34.45
C ALA H 37 -26.91 -50.35 34.71
N ARG H 38 -27.09 -51.24 33.73
CA ARG H 38 -27.72 -52.57 33.91
C ARG H 38 -29.00 -52.47 34.76
N LEU H 39 -29.84 -51.50 34.44
CA LEU H 39 -31.06 -51.27 35.18
C LEU H 39 -32.27 -51.88 34.49
N ASP H 40 -33.29 -52.17 35.29
CA ASP H 40 -34.54 -52.73 34.79
C ASP H 40 -35.65 -51.70 34.89
N PHE H 41 -36.53 -51.73 33.89
CA PHE H 41 -37.67 -50.83 33.79
C PHE H 41 -38.65 -51.47 32.83
N GLU H 42 -39.87 -50.93 32.77
CA GLU H 42 -40.81 -51.49 31.82
C GLU H 42 -40.82 -50.74 30.50
N ASP H 43 -41.03 -49.41 30.53
CA ASP H 43 -41.26 -48.68 29.31
C ASP H 43 -40.66 -47.29 29.40
N VAL H 44 -40.60 -46.60 28.25
CA VAL H 44 -40.25 -45.18 28.19
C VAL H 44 -41.22 -44.49 27.24
N LYS H 45 -42.15 -43.72 27.78
CA LYS H 45 -43.06 -42.90 26.99
C LYS H 45 -42.51 -41.48 26.85
N THR H 46 -42.83 -40.84 25.73
CA THR H 46 -42.30 -39.52 25.45
C THR H 46 -43.39 -38.47 25.32
N PHE H 47 -43.01 -37.23 25.67
CA PHE H 47 -43.87 -36.08 25.49
C PHE H 47 -43.02 -34.96 24.90
N SER H 48 -43.52 -34.32 23.85
CA SER H 48 -42.74 -33.29 23.19
C SER H 48 -43.63 -32.11 22.86
N THR H 49 -43.17 -30.92 23.22
CA THR H 49 -43.75 -29.67 22.79
C THR H 49 -42.60 -28.82 22.27
N PRO H 50 -42.88 -27.81 21.42
CA PRO H 50 -41.78 -27.00 20.86
C PRO H 50 -40.88 -26.38 21.92
N ARG H 51 -41.30 -26.48 23.19
CA ARG H 51 -40.57 -25.90 24.29
C ARG H 51 -40.08 -26.91 25.32
N ARG H 52 -40.36 -28.19 25.15
CA ARG H 52 -39.93 -29.17 26.15
C ARG H 52 -39.83 -30.56 25.53
N LEU H 53 -38.87 -31.33 26.04
CA LEU H 53 -38.68 -32.74 25.71
C LEU H 53 -38.74 -33.56 26.98
N THR H 54 -39.57 -34.61 26.99
CA THR H 54 -39.83 -35.36 28.21
C THR H 54 -39.84 -36.87 27.95
N VAL H 55 -39.21 -37.60 28.86
CA VAL H 55 -39.32 -39.06 28.93
C VAL H 55 -39.89 -39.48 30.28
N GLN H 56 -40.63 -40.58 30.25
CA GLN H 56 -41.29 -41.19 31.40
C GLN H 56 -40.92 -42.67 31.43
N VAL H 57 -40.18 -43.07 32.46
CA VAL H 57 -39.65 -44.42 32.57
C VAL H 57 -40.57 -45.20 33.50
N LEU H 58 -41.36 -46.10 32.94
CA LEU H 58 -42.34 -46.85 33.70
C LEU H 58 -41.73 -48.15 34.20
N GLY H 59 -41.95 -48.46 35.47
CA GLY H 59 -41.51 -49.71 36.05
C GLY H 59 -40.01 -49.80 36.32
N LEU H 60 -39.35 -48.67 36.52
CA LEU H 60 -37.90 -48.65 36.72
C LEU H 60 -37.53 -49.32 38.04
N ALA H 61 -36.78 -50.41 37.96
CA ALA H 61 -36.20 -51.08 39.12
C ALA H 61 -35.07 -50.23 39.70
N ASP H 62 -34.32 -50.81 40.63
CA ASP H 62 -33.39 -50.04 41.47
C ASP H 62 -31.98 -50.63 41.56
N LYS H 63 -31.62 -51.59 40.71
CA LYS H 63 -30.27 -52.15 40.79
C LYS H 63 -29.66 -52.34 39.41
N GLN H 64 -28.35 -52.11 39.34
CA GLN H 64 -27.56 -52.45 38.17
C GLN H 64 -27.36 -53.96 38.04
N LYS H 124 -25.00 -51.40 41.07
CA LYS H 124 -25.20 -50.04 41.53
C LYS H 124 -26.66 -49.69 41.81
N THR H 125 -26.93 -48.39 41.78
CA THR H 125 -28.26 -47.84 41.99
C THR H 125 -28.51 -46.76 40.95
N ALA H 126 -29.78 -46.40 40.79
CA ALA H 126 -30.17 -45.48 39.72
C ALA H 126 -29.63 -44.07 39.95
N ALA H 127 -29.72 -43.57 41.19
CA ALA H 127 -29.44 -42.17 41.48
C ALA H 127 -28.02 -41.78 41.09
N GLU H 128 -27.03 -42.60 41.48
CA GLU H 128 -25.63 -42.21 41.29
C GLU H 128 -25.25 -42.17 39.82
N VAL H 129 -25.68 -43.18 39.07
CA VAL H 129 -25.40 -43.21 37.63
C VAL H 129 -26.11 -42.05 36.95
N LEU H 130 -27.35 -41.75 37.38
CA LEU H 130 -28.06 -40.60 36.80
C LEU H 130 -27.26 -39.32 37.01
N THR H 131 -26.80 -39.09 38.24
CA THR H 131 -26.00 -37.91 38.55
C THR H 131 -24.79 -37.82 37.65
N GLY H 132 -24.05 -38.92 37.51
CA GLY H 132 -22.86 -38.89 36.69
C GLY H 132 -23.14 -38.66 35.22
N GLY H 133 -24.15 -39.33 34.67
CA GLY H 133 -24.38 -39.35 33.24
C GLY H 133 -25.09 -38.16 32.63
N ILE H 134 -26.02 -37.53 33.35
CA ILE H 134 -26.95 -36.60 32.72
C ILE H 134 -26.23 -35.48 31.98
N LYS H 135 -25.18 -34.90 32.57
CA LYS H 135 -24.46 -33.82 31.91
C LYS H 135 -23.95 -34.22 30.53
N ASP H 136 -23.17 -35.30 30.46
CA ASP H 136 -22.57 -35.70 29.19
C ASP H 136 -23.65 -36.15 28.21
N VAL H 137 -24.71 -36.80 28.71
CA VAL H 137 -25.82 -37.18 27.85
C VAL H 137 -26.38 -35.96 27.14
N ILE H 138 -26.61 -34.87 27.90
CA ILE H 138 -27.19 -33.68 27.31
C ILE H 138 -26.21 -32.99 26.35
N THR H 139 -24.94 -32.87 26.75
CA THR H 139 -24.00 -32.02 26.01
C THR H 139 -23.79 -32.48 24.56
N LYS H 140 -23.63 -33.78 24.35
CA LYS H 140 -23.10 -34.30 23.09
C LYS H 140 -24.16 -34.55 22.02
N MET H 141 -25.29 -33.86 22.10
CA MET H 141 -26.37 -33.98 21.14
C MET H 141 -26.14 -33.04 19.95
N ASN H 142 -26.64 -33.44 18.78
CA ASN H 142 -26.29 -32.79 17.53
C ASN H 142 -27.54 -32.29 16.81
N PHE H 143 -27.40 -31.15 16.14
CA PHE H 143 -28.53 -30.46 15.52
C PHE H 143 -28.04 -29.77 14.25
N PRO H 144 -28.95 -29.43 13.34
CA PRO H 144 -28.55 -28.65 12.15
C PRO H 144 -27.93 -27.30 12.48
N THR H 145 -28.36 -26.63 13.55
CA THR H 145 -27.87 -25.30 13.87
C THR H 145 -27.16 -25.34 15.22
N MET H 146 -26.18 -24.44 15.39
CA MET H 146 -25.35 -24.41 16.58
C MET H 146 -25.15 -22.97 17.05
N MET H 147 -25.01 -22.80 18.37
CA MET H 147 -24.99 -21.47 18.98
C MET H 147 -23.91 -21.43 20.07
N LYS H 148 -23.99 -20.38 20.90
CA LYS H 148 -23.15 -20.21 22.09
C LYS H 148 -23.82 -19.22 23.04
N TRP H 149 -23.53 -19.37 24.33
CA TRP H 149 -23.98 -18.46 25.38
C TRP H 149 -22.91 -17.48 25.88
N SER H 150 -23.31 -16.71 26.90
CA SER H 150 -22.54 -15.59 27.44
C SER H 150 -21.15 -16.03 27.85
N THR H 151 -21.10 -16.79 28.95
CA THR H 151 -19.89 -17.41 29.49
C THR H 151 -20.06 -18.92 29.52
N TYR H 152 -21.08 -19.42 28.85
CA TYR H 152 -21.63 -20.76 29.03
C TYR H 152 -21.64 -21.44 27.67
N SER H 153 -20.50 -21.41 26.97
CA SER H 153 -20.47 -21.82 25.58
C SER H 153 -20.54 -23.33 25.41
N PHE H 154 -21.40 -23.75 24.48
CA PHE H 154 -21.63 -25.11 24.02
C PHE H 154 -22.60 -24.98 22.86
N LYS H 155 -22.39 -25.74 21.80
CA LYS H 155 -23.17 -25.56 20.59
C LYS H 155 -24.43 -26.42 20.67
N TYR H 156 -25.57 -25.79 20.42
CA TYR H 156 -26.87 -26.41 20.56
C TYR H 156 -27.85 -25.76 19.59
N ILE H 157 -29.02 -26.39 19.46
CA ILE H 157 -30.07 -25.81 18.64
C ILE H 157 -30.72 -24.60 19.34
N ARG H 158 -30.97 -24.69 20.65
CA ARG H 158 -31.66 -23.63 21.36
C ARG H 158 -31.21 -23.54 22.81
N PRO H 159 -31.23 -22.33 23.40
CA PRO H 159 -30.82 -22.18 24.80
C PRO H 159 -31.71 -22.98 25.75
N ILE H 160 -31.08 -23.57 26.76
CA ILE H 160 -31.76 -24.45 27.72
C ILE H 160 -32.21 -23.63 28.91
N ARG H 161 -33.50 -23.71 29.25
CA ARG H 161 -34.09 -22.85 30.26
C ARG H 161 -34.29 -23.54 31.61
N TRP H 162 -34.86 -24.75 31.63
CA TRP H 162 -35.10 -25.42 32.91
C TRP H 162 -35.06 -26.93 32.73
N ILE H 163 -34.78 -27.62 33.83
CA ILE H 163 -34.58 -29.07 33.85
C ILE H 163 -35.40 -29.68 34.98
N VAL H 164 -36.20 -30.70 34.65
CA VAL H 164 -36.92 -31.51 35.63
C VAL H 164 -36.41 -32.94 35.53
N SER H 165 -35.86 -33.46 36.62
CA SER H 165 -35.26 -34.79 36.69
C SER H 165 -35.72 -35.46 37.98
N LEU H 166 -36.75 -36.30 37.89
CA LEU H 166 -37.44 -36.83 39.07
C LEU H 166 -37.46 -38.36 39.07
N LEU H 167 -37.09 -38.96 40.21
CA LEU H 167 -37.20 -40.41 40.41
C LEU H 167 -38.44 -40.65 41.27
N ASP H 168 -39.59 -40.57 40.60
CA ASP H 168 -40.95 -40.67 41.12
C ASP H 168 -41.33 -39.56 42.08
N ASP H 169 -40.39 -39.19 42.94
CA ASP H 169 -40.51 -38.01 43.77
C ASP H 169 -39.10 -37.62 44.23
N GLU H 170 -38.14 -38.50 43.95
CA GLU H 170 -36.77 -38.27 44.34
C GLU H 170 -36.15 -37.32 43.33
N VAL H 171 -35.42 -36.34 43.82
CA VAL H 171 -34.80 -35.34 42.97
C VAL H 171 -33.38 -35.76 42.62
N VAL H 172 -33.08 -35.84 41.33
CA VAL H 172 -31.72 -36.02 40.87
C VAL H 172 -31.14 -34.64 40.59
N PRO H 173 -30.30 -34.09 41.47
CA PRO H 173 -29.74 -32.76 41.23
C PRO H 173 -28.58 -32.84 40.26
N VAL H 174 -28.63 -32.03 39.20
CA VAL H 174 -27.55 -31.96 38.23
C VAL H 174 -27.54 -30.58 37.59
N GLN H 175 -26.38 -29.91 37.64
CA GLN H 175 -26.23 -28.55 37.14
C GLN H 175 -25.38 -28.54 35.88
N ILE H 176 -25.88 -27.94 34.80
CA ILE H 176 -25.10 -27.72 33.59
C ILE H 176 -25.04 -26.23 33.27
N LEU H 177 -23.84 -25.67 33.39
CA LEU H 177 -23.42 -24.33 32.97
C LEU H 177 -24.05 -23.15 33.70
N ASP H 178 -25.33 -23.21 34.05
CA ASP H 178 -25.90 -22.09 34.80
C ASP H 178 -27.12 -22.42 35.63
N VAL H 179 -27.91 -23.38 35.18
CA VAL H 179 -29.21 -23.69 35.74
C VAL H 179 -29.14 -25.04 36.44
N ALA H 180 -29.43 -25.05 37.74
CA ALA H 180 -29.53 -26.33 38.43
C ALA H 180 -30.83 -27.03 38.04
N ALA H 181 -30.99 -28.26 38.50
CA ALA H 181 -32.14 -29.07 38.15
C ALA H 181 -33.11 -29.14 39.33
N GLY H 182 -34.38 -28.83 39.05
CA GLY H 182 -35.43 -28.85 40.05
C GLY H 182 -36.69 -29.47 39.50
N ARG H 183 -37.77 -29.44 40.27
CA ARG H 183 -39.02 -30.11 39.90
C ARG H 183 -40.05 -29.16 39.29
N VAL H 184 -39.62 -28.00 38.80
CA VAL H 184 -40.52 -26.95 38.34
C VAL H 184 -40.55 -26.98 36.82
N SER H 185 -41.75 -27.14 36.27
CA SER H 185 -42.01 -27.06 34.83
C SER H 185 -42.84 -25.81 34.53
N ARG H 186 -42.79 -25.37 33.28
CA ARG H 186 -43.53 -24.21 32.84
C ARG H 186 -44.65 -24.65 31.90
N GLY H 187 -45.85 -24.14 32.14
CA GLY H 187 -47.00 -24.48 31.34
C GLY H 187 -47.03 -23.70 30.04
N HIS H 188 -48.23 -23.52 29.51
CA HIS H 188 -48.38 -22.83 28.24
C HIS H 188 -47.90 -21.40 28.37
N ARG H 189 -47.19 -20.92 27.34
CA ARG H 189 -46.58 -19.58 27.43
C ARG H 189 -47.64 -18.50 27.56
N PHE H 190 -48.87 -18.79 27.17
CA PHE H 190 -50.00 -17.88 27.30
C PHE H 190 -51.03 -18.38 28.30
N LEU H 191 -51.43 -19.64 28.18
CA LEU H 191 -52.48 -20.23 29.01
C LEU H 191 -51.97 -20.78 30.33
N GLY H 192 -50.66 -21.09 30.43
CA GLY H 192 -50.13 -21.85 31.53
C GLY H 192 -49.14 -21.09 32.40
N HIS H 193 -48.86 -21.67 33.56
CA HIS H 193 -47.99 -21.12 34.59
C HIS H 193 -46.98 -22.20 35.01
N ASP H 194 -46.07 -21.82 35.90
CA ASP H 194 -45.16 -22.82 36.47
C ASP H 194 -45.92 -23.76 37.40
N VAL H 195 -45.35 -24.96 37.60
CA VAL H 195 -45.95 -25.97 38.46
C VAL H 195 -44.87 -26.98 38.84
N GLU H 196 -44.91 -27.43 40.09
CA GLU H 196 -44.08 -28.54 40.52
C GLU H 196 -44.84 -29.86 40.32
N ILE H 197 -44.08 -30.94 40.10
CA ILE H 197 -44.63 -32.26 39.85
C ILE H 197 -44.27 -33.20 40.99
N ALA H 198 -45.27 -33.92 41.49
CA ALA H 198 -45.04 -34.86 42.59
C ALA H 198 -44.48 -36.18 42.09
N THR H 199 -45.18 -36.84 41.14
CA THR H 199 -44.76 -38.14 40.65
C THR H 199 -44.69 -38.15 39.13
N ALA H 200 -43.82 -39.02 38.62
CA ALA H 200 -43.53 -39.07 37.19
C ALA H 200 -44.76 -39.41 36.36
N ALA H 201 -45.70 -40.16 36.92
CA ALA H 201 -46.92 -40.48 36.19
C ALA H 201 -47.82 -39.25 36.02
N ASP H 202 -47.85 -38.38 37.03
CA ASP H 202 -48.78 -37.25 37.03
C ASP H 202 -48.44 -36.19 35.98
N TYR H 203 -47.21 -36.19 35.48
CA TYR H 203 -46.69 -35.10 34.64
C TYR H 203 -47.67 -34.69 33.54
N GLU H 204 -48.00 -35.62 32.64
CA GLU H 204 -48.89 -35.33 31.52
C GLU H 204 -50.20 -34.72 31.99
N ALA H 205 -50.84 -35.36 32.98
CA ALA H 205 -52.10 -34.87 33.51
C ALA H 205 -51.97 -33.42 34.00
N ASP H 206 -50.92 -33.15 34.77
CA ASP H 206 -50.76 -31.81 35.33
C ASP H 206 -50.64 -30.78 34.21
N LEU H 207 -49.90 -31.12 33.15
CA LEU H 207 -49.83 -30.20 32.02
C LEU H 207 -51.19 -30.02 31.37
N ALA H 208 -51.97 -31.10 31.26
CA ALA H 208 -53.31 -30.99 30.71
C ALA H 208 -54.15 -29.97 31.48
N SER H 209 -53.90 -29.83 32.78
CA SER H 209 -54.64 -28.82 33.54
C SER H 209 -54.31 -27.40 33.09
N VAL H 210 -53.02 -27.09 32.90
CA VAL H 210 -52.60 -25.74 32.52
C VAL H 210 -52.71 -25.60 31.01
N GLN H 211 -53.42 -26.55 30.39
CA GLN H 211 -53.75 -26.51 28.98
C GLN H 211 -52.50 -26.61 28.12
N VAL H 212 -51.76 -27.69 28.36
CA VAL H 212 -50.65 -28.13 27.51
C VAL H 212 -50.87 -29.62 27.29
N VAL H 213 -50.89 -30.05 26.03
CA VAL H 213 -51.04 -31.45 25.68
C VAL H 213 -49.64 -31.97 25.35
N ALA H 214 -49.03 -32.66 26.29
CA ALA H 214 -47.65 -33.08 26.13
C ALA H 214 -47.49 -34.15 25.06
N ASP H 215 -48.47 -35.04 24.92
CA ASP H 215 -48.43 -36.10 23.92
C ASP H 215 -48.62 -35.53 22.52
N ALA H 216 -47.58 -35.64 21.68
CA ALA H 216 -47.67 -35.13 20.31
C ALA H 216 -48.73 -35.88 19.51
N ALA H 217 -48.79 -37.20 19.66
CA ALA H 217 -49.80 -37.98 18.95
C ALA H 217 -51.21 -37.56 19.37
N LYS H 218 -51.41 -37.34 20.68
CA LYS H 218 -52.71 -36.92 21.18
C LYS H 218 -53.09 -35.54 20.64
N ARG H 219 -52.11 -34.63 20.57
CA ARG H 219 -52.36 -33.31 20.00
C ARG H 219 -52.81 -33.42 18.54
N LYS H 220 -52.07 -34.20 17.76
CA LYS H 220 -52.38 -34.36 16.35
C LYS H 220 -53.75 -35.01 16.17
N ALA H 221 -54.08 -35.98 17.03
CA ALA H 221 -55.40 -36.60 16.97
C ALA H 221 -56.52 -35.59 17.21
N THR H 222 -56.38 -34.76 18.24
CA THR H 222 -57.41 -33.76 18.51
C THR H 222 -57.49 -32.74 17.37
N ILE H 223 -56.36 -32.35 16.82
CA ILE H 223 -56.34 -31.42 15.69
C ILE H 223 -57.12 -32.00 14.52
N ARG H 224 -56.86 -33.29 14.22
CA ARG H 224 -57.58 -33.95 13.13
C ARG H 224 -59.07 -34.02 13.44
N GLU H 225 -59.42 -34.25 14.70
CA GLU H 225 -60.82 -34.29 15.11
C GLU H 225 -61.51 -32.97 14.82
N GLN H 226 -60.86 -31.87 15.19
CA GLN H 226 -61.44 -30.55 14.94
C GLN H 226 -61.50 -30.24 13.45
N ILE H 227 -60.50 -30.71 12.68
CA ILE H 227 -60.53 -30.50 11.24
C ILE H 227 -61.73 -31.20 10.63
N ALA H 228 -61.98 -32.45 11.04
CA ALA H 228 -63.15 -33.18 10.52
C ALA H 228 -64.46 -32.53 10.98
N ALA H 229 -64.51 -32.05 12.23
CA ALA H 229 -65.71 -31.38 12.71
C ALA H 229 -66.02 -30.14 11.89
N LEU H 230 -65.00 -29.33 11.59
CA LEU H 230 -65.22 -28.14 10.78
C LEU H 230 -65.55 -28.50 9.34
N ALA H 231 -64.95 -29.57 8.81
CA ALA H 231 -65.29 -30.03 7.47
C ALA H 231 -66.77 -30.41 7.38
N ASN H 232 -67.28 -31.05 8.44
CA ASN H 232 -68.69 -31.45 8.46
C ASN H 232 -69.63 -30.34 8.89
N GLU H 233 -69.14 -29.24 9.47
CA GLU H 233 -70.06 -28.17 9.87
C GLU H 233 -70.39 -27.25 8.70
N ARG H 234 -69.42 -26.98 7.84
CA ARG H 234 -69.62 -26.11 6.69
C ARG H 234 -69.66 -26.87 5.37
N ASP H 235 -69.76 -28.19 5.41
CA ASP H 235 -69.84 -29.03 4.20
C ASP H 235 -68.64 -28.83 3.28
N TRP H 236 -67.47 -28.57 3.86
CA TRP H 236 -66.26 -28.41 3.08
C TRP H 236 -65.52 -29.73 2.93
N GLN H 237 -64.65 -29.78 1.92
CA GLN H 237 -63.75 -30.89 1.70
C GLN H 237 -62.35 -30.32 1.92
N ILE H 238 -61.92 -30.29 3.18
CA ILE H 238 -60.59 -29.77 3.52
C ILE H 238 -59.54 -30.78 3.10
N LYS H 239 -58.50 -30.29 2.43
CA LYS H 239 -57.36 -31.12 2.04
C LYS H 239 -56.18 -30.74 2.92
N VAL H 240 -55.81 -31.64 3.83
CA VAL H 240 -54.76 -31.42 4.81
C VAL H 240 -53.47 -32.04 4.28
N ASN H 241 -52.38 -31.30 4.37
CA ASN H 241 -51.06 -31.86 4.09
C ASN H 241 -50.45 -32.41 5.37
N GLU H 242 -49.63 -33.45 5.21
CA GLU H 242 -49.04 -34.16 6.33
C GLU H 242 -47.77 -33.49 6.85
N ASP H 243 -46.95 -32.94 5.96
CA ASP H 243 -45.76 -32.21 6.39
C ASP H 243 -46.13 -30.92 7.12
N LEU H 244 -47.13 -30.20 6.61
CA LEU H 244 -47.63 -29.02 7.29
C LEU H 244 -48.21 -29.39 8.65
N LEU H 245 -48.96 -30.49 8.71
CA LEU H 245 -49.52 -30.94 9.98
C LEU H 245 -48.41 -31.31 10.97
N GLU H 246 -47.33 -31.90 10.47
CA GLU H 246 -46.18 -32.21 11.33
C GLU H 246 -45.59 -30.95 11.93
N GLU H 247 -45.33 -29.94 11.08
CA GLU H 247 -44.82 -28.67 11.59
C GLU H 247 -45.75 -28.07 12.63
N VAL H 248 -47.05 -27.98 12.32
CA VAL H 248 -47.99 -27.35 13.25
C VAL H 248 -48.02 -28.13 14.56
N ASN H 249 -48.02 -29.46 14.48
CA ASN H 249 -47.98 -30.29 15.67
C ASN H 249 -46.80 -29.93 16.55
N ASN H 250 -45.62 -29.74 15.96
CA ASN H 250 -44.46 -29.33 16.72
C ASN H 250 -44.29 -27.81 16.79
N LEU H 251 -45.35 -27.04 16.51
CA LEU H 251 -45.35 -25.60 16.69
C LEU H 251 -46.29 -25.09 17.79
N VAL H 252 -47.16 -25.93 18.32
CA VAL H 252 -48.18 -25.50 19.26
C VAL H 252 -48.10 -26.36 20.52
N GLU H 253 -48.75 -25.88 21.58
CA GLU H 253 -48.89 -26.64 22.81
C GLU H 253 -50.34 -26.81 23.25
N TYR H 254 -51.29 -26.07 22.67
CA TYR H 254 -52.71 -26.25 22.95
C TYR H 254 -53.46 -25.80 21.72
N PRO H 255 -53.88 -26.73 20.86
CA PRO H 255 -54.38 -26.34 19.54
C PRO H 255 -55.87 -26.04 19.52
N THR H 256 -56.23 -25.14 18.60
CA THR H 256 -57.63 -24.85 18.26
C THR H 256 -57.69 -24.46 16.79
N ALA H 257 -58.21 -25.35 15.96
CA ALA H 257 -58.34 -25.07 14.53
C ALA H 257 -59.43 -24.04 14.27
N PHE H 258 -59.24 -23.26 13.22
CA PHE H 258 -60.20 -22.24 12.81
C PHE H 258 -60.09 -22.05 11.30
N ALA H 259 -61.12 -21.43 10.73
CA ALA H 259 -61.17 -21.18 9.30
C ALA H 259 -61.40 -19.68 9.08
N GLY H 260 -60.75 -19.16 8.04
CA GLY H 260 -60.95 -17.79 7.61
C GLY H 260 -61.35 -17.74 6.15
N ASP H 261 -61.82 -16.56 5.74
CA ASP H 261 -62.27 -16.33 4.38
C ASP H 261 -61.31 -15.37 3.68
N PHE H 262 -61.37 -15.36 2.35
CA PHE H 262 -60.67 -14.35 1.57
C PHE H 262 -61.49 -14.05 0.32
N ASP H 263 -61.02 -13.07 -0.44
CA ASP H 263 -61.78 -12.50 -1.54
C ASP H 263 -61.82 -13.46 -2.73
N THR H 264 -63.02 -13.65 -3.30
CA THR H 264 -63.21 -14.59 -4.40
C THR H 264 -62.63 -14.09 -5.72
N LYS H 265 -62.40 -12.79 -5.88
CA LYS H 265 -61.80 -12.30 -7.13
C LYS H 265 -60.43 -12.94 -7.34
N TYR H 266 -59.76 -13.32 -6.25
CA TYR H 266 -58.46 -13.97 -6.37
C TYR H 266 -58.56 -15.33 -7.05
N LEU H 267 -59.77 -15.90 -7.14
CA LEU H 267 -59.93 -17.12 -7.93
C LEU H 267 -59.68 -16.89 -9.42
N THR H 268 -59.60 -15.63 -9.86
CA THR H 268 -59.17 -15.36 -11.23
C THR H 268 -57.76 -15.86 -11.51
N ILE H 269 -56.95 -16.07 -10.48
CA ILE H 269 -55.55 -16.44 -10.67
C ILE H 269 -55.51 -17.97 -10.58
N PRO H 270 -54.48 -18.63 -11.10
CA PRO H 270 -54.48 -20.10 -11.06
C PRO H 270 -54.52 -20.60 -9.62
N ASP H 271 -55.26 -21.69 -9.41
CA ASP H 271 -55.42 -22.24 -8.07
C ASP H 271 -54.11 -22.84 -7.56
N GLU H 272 -53.25 -23.29 -8.47
CA GLU H 272 -51.94 -23.81 -8.07
C GLU H 272 -51.16 -22.73 -7.33
N VAL H 273 -51.24 -21.49 -7.83
CA VAL H 273 -50.61 -20.35 -7.17
C VAL H 273 -51.20 -20.16 -5.77
N LEU H 274 -52.53 -20.30 -5.66
CA LEU H 274 -53.19 -20.14 -4.36
C LEU H 274 -52.69 -21.17 -3.36
N ILE H 275 -52.58 -22.43 -3.79
CA ILE H 275 -52.08 -23.47 -2.90
C ILE H 275 -50.64 -23.18 -2.51
N THR H 276 -49.84 -22.70 -3.47
CA THR H 276 -48.48 -22.30 -3.14
C THR H 276 -48.47 -21.25 -2.03
N SER H 277 -49.23 -20.18 -2.22
CA SER H 277 -49.29 -19.11 -1.23
C SER H 277 -49.66 -19.68 0.14
N MET H 278 -50.89 -20.19 0.25
CA MET H 278 -51.38 -20.64 1.55
C MET H 278 -50.45 -21.69 2.16
N ARG H 279 -50.40 -22.87 1.53
CA ARG H 279 -49.69 -24.00 2.09
C ARG H 279 -48.21 -23.68 2.32
N ASP H 280 -47.52 -23.27 1.26
CA ASP H 280 -46.06 -23.19 1.33
C ASP H 280 -45.59 -22.01 2.16
N HIS H 281 -46.33 -20.90 2.19
CA HIS H 281 -45.81 -19.66 2.78
C HIS H 281 -46.53 -19.26 4.06
N GLN H 282 -47.86 -19.28 4.09
CA GLN H 282 -48.58 -18.97 5.33
C GLN H 282 -48.87 -20.20 6.16
N ARG H 283 -48.51 -21.39 5.66
CA ARG H 283 -48.75 -22.64 6.37
C ARG H 283 -50.24 -22.79 6.73
N PHE H 284 -51.09 -22.56 5.73
CA PHE H 284 -52.53 -22.69 5.85
C PHE H 284 -53.02 -23.98 5.19
N PHE H 285 -54.18 -24.44 5.65
CA PHE H 285 -54.85 -25.59 5.06
C PHE H 285 -55.93 -25.04 4.13
N TYR H 286 -55.70 -25.15 2.83
CA TYR H 286 -56.69 -24.70 1.87
C TYR H 286 -57.92 -25.59 1.91
N VAL H 287 -59.06 -25.01 1.54
CA VAL H 287 -60.35 -25.68 1.58
C VAL H 287 -60.79 -25.88 0.13
N THR H 288 -61.11 -27.10 -0.25
CA THR H 288 -61.69 -27.43 -1.55
C THR H 288 -63.12 -27.95 -1.37
N ASP H 289 -63.80 -28.15 -2.49
CA ASP H 289 -65.11 -28.76 -2.46
C ASP H 289 -65.00 -30.23 -2.89
N ALA H 290 -66.13 -30.89 -3.06
CA ALA H 290 -66.13 -32.32 -3.42
C ALA H 290 -65.47 -32.56 -4.77
N GLU H 291 -65.80 -31.75 -5.77
CA GLU H 291 -65.23 -31.84 -7.11
C GLU H 291 -63.76 -31.38 -7.17
N ASP H 292 -63.16 -31.10 -6.02
CA ASP H 292 -61.76 -30.71 -5.81
C ASP H 292 -61.48 -29.29 -6.26
N ASN H 293 -62.50 -28.51 -6.63
CA ASN H 293 -62.26 -27.10 -6.91
C ASN H 293 -61.99 -26.38 -5.60
N LEU H 294 -61.05 -25.45 -5.63
CA LEU H 294 -60.64 -24.76 -4.42
C LEU H 294 -61.70 -23.72 -4.05
N LEU H 295 -62.16 -23.77 -2.81
CA LEU H 295 -63.12 -22.84 -2.25
C LEU H 295 -62.38 -21.67 -1.61
N PRO H 296 -62.96 -20.48 -1.67
CA PRO H 296 -62.29 -19.30 -1.11
C PRO H 296 -62.29 -19.28 0.41
N HIS H 297 -61.67 -20.31 1.00
CA HIS H 297 -61.57 -20.43 2.45
C HIS H 297 -60.22 -21.06 2.77
N PHE H 298 -59.77 -20.83 4.01
CA PHE H 298 -58.53 -21.43 4.47
C PHE H 298 -58.73 -21.84 5.93
N VAL H 299 -57.88 -22.77 6.38
CA VAL H 299 -57.94 -23.27 7.74
C VAL H 299 -56.54 -23.32 8.31
N SER H 300 -56.41 -22.94 9.58
CA SER H 300 -55.15 -23.11 10.31
C SER H 300 -55.50 -23.48 11.74
N VAL H 301 -54.47 -23.56 12.59
CA VAL H 301 -54.67 -23.85 14.01
C VAL H 301 -53.91 -22.81 14.82
N ARG H 302 -54.57 -22.25 15.83
CA ARG H 302 -53.92 -21.37 16.79
C ARG H 302 -53.49 -22.17 18.01
N ASN H 303 -52.39 -21.73 18.63
CA ASN H 303 -51.93 -22.32 19.88
C ASN H 303 -52.70 -21.75 21.07
N GLY H 304 -54.04 -21.78 21.01
CA GLY H 304 -54.81 -21.21 22.08
C GLY H 304 -56.21 -21.77 22.14
N ASN H 305 -57.04 -21.14 22.99
CA ASN H 305 -58.45 -21.44 23.07
C ASN H 305 -59.22 -20.47 22.16
N THR H 306 -60.54 -20.44 22.30
CA THR H 306 -61.40 -19.55 21.50
C THR H 306 -61.66 -18.23 22.24
N ASP H 307 -60.59 -17.46 22.44
CA ASP H 307 -60.71 -16.12 23.00
C ASP H 307 -60.51 -15.10 21.87
N HIS H 308 -61.57 -14.35 21.56
CA HIS H 308 -61.53 -13.35 20.49
C HIS H 308 -60.97 -13.97 19.22
N LEU H 309 -61.36 -15.23 18.95
CA LEU H 309 -60.83 -15.96 17.81
C LEU H 309 -61.05 -15.21 16.52
N GLU H 310 -62.18 -14.49 16.43
CA GLU H 310 -62.47 -13.72 15.23
C GLU H 310 -61.37 -12.73 14.92
N ASN H 311 -60.73 -12.17 15.94
CA ASN H 311 -59.63 -11.24 15.72
C ASN H 311 -58.42 -11.94 15.12
N VAL H 312 -58.13 -13.17 15.59
CA VAL H 312 -57.06 -13.97 14.99
C VAL H 312 -57.37 -14.26 13.53
N ALA H 313 -58.62 -14.61 13.25
CA ALA H 313 -59.03 -14.86 11.87
C ALA H 313 -58.85 -13.61 11.02
N LEU H 314 -59.21 -12.44 11.55
CA LEU H 314 -59.08 -11.21 10.78
C LEU H 314 -57.63 -10.85 10.51
N GLY H 315 -56.74 -11.09 11.48
CA GLY H 315 -55.33 -10.86 11.24
C GLY H 315 -54.78 -11.75 10.14
N ASN H 316 -55.11 -13.05 10.22
CA ASN H 316 -54.65 -13.97 9.18
C ASN H 316 -55.25 -13.61 7.81
N GLN H 317 -56.51 -13.18 7.79
CA GLN H 317 -57.14 -12.72 6.55
C GLN H 317 -56.40 -11.51 5.99
N LYS H 318 -56.03 -10.57 6.85
CA LYS H 318 -55.27 -9.40 6.41
C LYS H 318 -53.97 -9.83 5.73
N VAL H 319 -53.23 -10.73 6.37
CA VAL H 319 -51.95 -11.17 5.83
C VAL H 319 -52.15 -11.88 4.49
N LEU H 320 -53.09 -12.83 4.46
CA LEU H 320 -53.31 -13.62 3.25
C LEU H 320 -53.78 -12.75 2.10
N THR H 321 -54.71 -11.81 2.36
CA THR H 321 -55.19 -10.95 1.31
C THR H 321 -54.10 -10.01 0.78
N ALA H 322 -53.19 -9.57 1.66
CA ALA H 322 -52.06 -8.78 1.19
C ALA H 322 -51.17 -9.59 0.24
N ARG H 323 -50.78 -10.79 0.67
CA ARG H 323 -49.97 -11.64 -0.21
C ARG H 323 -50.71 -11.97 -1.51
N LEU H 324 -52.03 -12.13 -1.44
CA LEU H 324 -52.80 -12.45 -2.63
C LEU H 324 -52.83 -11.26 -3.59
N GLU H 325 -52.88 -10.04 -3.06
CA GLU H 325 -52.76 -8.86 -3.92
C GLU H 325 -51.38 -8.82 -4.57
N ASP H 326 -50.34 -9.20 -3.81
CA ASP H 326 -49.01 -9.31 -4.41
C ASP H 326 -49.04 -10.26 -5.61
N ALA H 327 -49.66 -11.43 -5.42
CA ALA H 327 -49.72 -12.43 -6.47
C ALA H 327 -50.49 -11.93 -7.69
N ALA H 328 -51.62 -11.26 -7.45
CA ALA H 328 -52.42 -10.74 -8.56
C ALA H 328 -51.65 -9.69 -9.35
N PHE H 329 -50.95 -8.80 -8.65
CA PHE H 329 -50.13 -7.81 -9.34
C PHE H 329 -49.06 -8.49 -10.19
N PHE H 330 -48.37 -9.47 -9.62
CA PHE H 330 -47.33 -10.16 -10.37
C PHE H 330 -47.91 -10.85 -11.61
N TYR H 331 -49.07 -11.48 -11.45
CA TYR H 331 -49.72 -12.17 -12.55
C TYR H 331 -50.03 -11.21 -13.70
N HIS H 332 -50.79 -10.15 -13.40
CA HIS H 332 -51.24 -9.23 -14.44
C HIS H 332 -50.13 -8.30 -14.93
N GLU H 333 -49.00 -8.25 -14.23
CA GLU H 333 -47.84 -7.50 -14.67
C GLU H 333 -46.92 -8.33 -15.57
N ASP H 334 -46.73 -9.61 -15.25
CA ASP H 334 -45.95 -10.49 -16.10
C ASP H 334 -46.67 -10.81 -17.41
N GLN H 335 -48.00 -10.85 -17.38
CA GLN H 335 -48.73 -11.16 -18.61
C GLN H 335 -48.60 -10.10 -19.69
N GLN H 336 -48.18 -8.88 -19.33
CA GLN H 336 -48.18 -7.80 -20.31
C GLN H 336 -47.11 -8.04 -21.38
N HIS H 337 -45.96 -8.57 -20.98
CA HIS H 337 -44.85 -8.72 -21.89
C HIS H 337 -45.02 -9.99 -22.73
N SER H 338 -44.50 -9.94 -23.95
CA SER H 338 -44.47 -11.11 -24.82
C SER H 338 -43.24 -11.97 -24.49
N ILE H 339 -43.20 -13.18 -25.06
CA ILE H 339 -42.14 -14.12 -24.72
C ILE H 339 -40.80 -13.57 -25.17
N GLN H 340 -40.77 -12.84 -26.28
CA GLN H 340 -39.52 -12.31 -26.81
C GLN H 340 -38.82 -11.43 -25.78
N GLU H 341 -39.57 -10.68 -24.99
CA GLU H 341 -38.97 -9.83 -23.97
C GLU H 341 -38.22 -10.66 -22.94
N TYR H 342 -38.86 -11.71 -22.43
CA TYR H 342 -38.22 -12.59 -21.46
C TYR H 342 -37.02 -13.31 -22.07
N VAL H 343 -37.15 -13.73 -23.34
CA VAL H 343 -36.03 -14.40 -24.01
C VAL H 343 -34.84 -13.47 -24.12
N GLU H 344 -35.06 -12.22 -24.49
CA GLU H 344 -33.96 -11.26 -24.57
C GLU H 344 -33.35 -11.01 -23.19
N ARG H 345 -34.19 -10.86 -22.16
CA ARG H 345 -33.68 -10.68 -20.81
C ARG H 345 -32.87 -11.89 -20.37
N LEU H 346 -33.21 -13.07 -20.89
CA LEU H 346 -32.50 -14.30 -20.55
C LEU H 346 -31.05 -14.27 -20.98
N LYS H 347 -30.69 -13.37 -21.90
CA LYS H 347 -29.28 -13.22 -22.25
C LYS H 347 -28.49 -12.73 -21.05
N LYS H 348 -29.14 -11.95 -20.17
CA LYS H 348 -28.46 -11.43 -18.99
C LYS H 348 -28.24 -12.49 -17.92
N VAL H 349 -29.16 -13.44 -17.77
CA VAL H 349 -29.14 -14.35 -16.64
C VAL H 349 -27.98 -15.33 -16.77
N SER H 350 -26.94 -15.09 -15.98
CA SER H 350 -25.79 -15.98 -15.99
C SER H 350 -26.15 -17.30 -15.33
N PHE H 351 -25.90 -18.39 -16.04
CA PHE H 351 -26.06 -19.71 -15.43
C PHE H 351 -24.91 -20.03 -14.50
N HIS H 352 -23.69 -19.58 -14.83
CA HIS H 352 -22.55 -19.63 -13.92
C HIS H 352 -21.45 -18.73 -14.47
N ASP H 353 -20.50 -18.39 -13.61
CA ASP H 353 -19.36 -17.53 -13.95
C ASP H 353 -18.58 -18.10 -15.13
N LYS H 354 -17.93 -19.25 -14.90
CA LYS H 354 -17.05 -19.85 -15.89
C LYS H 354 -17.82 -20.62 -16.96
N ILE H 355 -19.12 -20.84 -16.76
CA ILE H 355 -19.96 -21.50 -17.75
C ILE H 355 -20.63 -20.43 -18.61
N GLY H 356 -21.39 -19.52 -17.98
CA GLY H 356 -21.98 -18.44 -18.74
C GLY H 356 -23.44 -18.09 -18.45
N THR H 357 -24.13 -17.59 -19.46
CA THR H 357 -25.49 -17.09 -19.33
C THR H 357 -26.50 -18.16 -19.69
N MET H 358 -27.77 -17.86 -19.41
CA MET H 358 -28.85 -18.81 -19.68
C MET H 358 -29.20 -18.91 -21.15
N TYR H 359 -28.96 -17.86 -21.94
CA TYR H 359 -29.32 -17.91 -23.36
C TYR H 359 -28.51 -18.97 -24.11
N GLU H 360 -27.20 -18.99 -23.90
CA GLU H 360 -26.38 -20.03 -24.52
C GLU H 360 -26.77 -21.41 -24.02
N LYS H 361 -27.12 -21.52 -22.74
CA LYS H 361 -27.62 -22.81 -22.23
C LYS H 361 -28.87 -23.25 -22.97
N MET H 362 -29.78 -22.32 -23.24
CA MET H 362 -30.99 -22.66 -23.96
C MET H 362 -30.69 -23.05 -25.41
N GLN H 363 -29.76 -22.37 -26.05
CA GLN H 363 -29.38 -22.75 -27.42
C GLN H 363 -28.80 -24.16 -27.45
N ARG H 364 -27.86 -24.44 -26.56
CA ARG H 364 -27.25 -25.77 -26.50
C ARG H 364 -28.27 -26.84 -26.18
N VAL H 365 -29.14 -26.60 -25.20
CA VAL H 365 -30.17 -27.56 -24.84
C VAL H 365 -31.12 -27.77 -26.00
N MET H 366 -31.40 -26.73 -26.78
CA MET H 366 -32.23 -26.86 -27.96
C MET H 366 -31.60 -27.82 -28.97
N ILE H 367 -30.31 -27.63 -29.24
CA ILE H 367 -29.62 -28.51 -30.18
C ILE H 367 -29.62 -29.95 -29.64
N ILE H 368 -29.34 -30.09 -28.34
CA ILE H 368 -29.33 -31.40 -27.70
C ILE H 368 -30.70 -32.06 -27.81
N SER H 369 -31.76 -31.28 -27.59
CA SER H 369 -33.11 -31.81 -27.62
C SER H 369 -33.49 -32.30 -29.01
N ASP H 370 -33.13 -31.53 -30.05
CA ASP H 370 -33.39 -32.00 -31.41
C ASP H 370 -32.63 -33.29 -31.71
N PHE H 371 -31.35 -33.35 -31.33
CA PHE H 371 -30.58 -34.56 -31.57
C PHE H 371 -31.18 -35.75 -30.82
N LEU H 372 -31.67 -35.51 -29.61
CA LEU H 372 -32.28 -36.59 -28.83
C LEU H 372 -33.59 -37.02 -29.46
N ALA H 373 -34.34 -36.08 -30.03
CA ALA H 373 -35.53 -36.46 -30.79
C ALA H 373 -35.17 -37.38 -31.94
N ASP H 374 -34.05 -37.09 -32.61
CA ASP H 374 -33.54 -38.01 -33.62
C ASP H 374 -33.24 -39.38 -33.03
N ARG H 375 -32.45 -39.42 -31.95
CA ARG H 375 -31.99 -40.70 -31.40
C ARG H 375 -33.15 -41.54 -30.90
N PHE H 376 -34.11 -40.93 -30.22
CA PHE H 376 -35.22 -41.69 -29.65
C PHE H 376 -36.33 -41.98 -30.65
N GLY H 377 -36.37 -41.29 -31.78
CA GLY H 377 -37.45 -41.53 -32.72
C GLY H 377 -38.79 -40.93 -32.35
N LEU H 378 -38.92 -39.61 -32.43
CA LEU H 378 -40.18 -38.93 -32.17
C LEU H 378 -40.74 -38.37 -33.47
N THR H 379 -42.07 -38.21 -33.52
CA THR H 379 -42.75 -37.79 -34.75
C THR H 379 -42.46 -36.33 -35.07
N GLU H 380 -42.82 -35.97 -36.30
CA GLU H 380 -42.63 -34.60 -36.81
C GLU H 380 -43.24 -33.55 -35.89
N THR H 381 -44.49 -33.76 -35.48
CA THR H 381 -45.16 -32.78 -34.63
C THR H 381 -44.47 -32.63 -33.29
N GLU H 382 -44.15 -33.75 -32.64
CA GLU H 382 -43.50 -33.71 -31.34
C GLU H 382 -42.10 -33.12 -31.44
N LYS H 383 -41.37 -33.41 -32.52
CA LYS H 383 -40.07 -32.78 -32.71
C LYS H 383 -40.19 -31.27 -32.84
N ASN H 384 -41.22 -30.80 -33.58
CA ASN H 384 -41.41 -29.37 -33.75
C ASN H 384 -41.75 -28.70 -32.42
N GLN H 385 -42.64 -29.31 -31.65
CA GLN H 385 -43.00 -28.78 -30.33
C GLN H 385 -41.81 -28.77 -29.39
N LEU H 386 -40.99 -29.83 -29.44
CA LEU H 386 -39.79 -29.88 -28.62
C LEU H 386 -38.84 -28.73 -28.96
N HIS H 387 -38.63 -28.48 -30.25
CA HIS H 387 -37.75 -27.37 -30.64
C HIS H 387 -38.30 -26.04 -30.14
N ARG H 388 -39.60 -25.80 -30.33
CA ARG H 388 -40.20 -24.55 -29.88
C ARG H 388 -40.06 -24.38 -28.37
N ALA H 389 -40.33 -25.44 -27.61
CA ALA H 389 -40.21 -25.38 -26.16
C ALA H 389 -38.77 -25.09 -25.73
N ALA H 390 -37.82 -25.86 -26.27
CA ALA H 390 -36.41 -25.65 -25.94
C ALA H 390 -35.95 -24.24 -26.28
N GLN H 391 -36.61 -23.59 -27.24
CA GLN H 391 -36.30 -22.19 -27.49
C GLN H 391 -36.57 -21.33 -26.27
N ILE H 392 -37.68 -21.59 -25.56
CA ILE H 392 -38.23 -20.64 -24.60
C ILE H 392 -38.42 -21.23 -23.21
N TYR H 393 -38.00 -22.48 -22.96
CA TYR H 393 -38.42 -23.18 -21.76
C TYR H 393 -37.92 -22.54 -20.47
N LYS H 394 -36.84 -21.77 -20.51
CA LYS H 394 -36.28 -21.17 -19.31
C LYS H 394 -36.67 -19.70 -19.15
N PHE H 395 -37.60 -19.20 -19.95
CA PHE H 395 -37.99 -17.80 -19.85
C PHE H 395 -38.62 -17.52 -18.49
N ASP H 396 -39.37 -18.50 -17.96
CA ASP H 396 -40.09 -18.31 -16.71
C ASP H 396 -39.19 -17.90 -15.56
N LEU H 397 -37.87 -18.06 -15.68
CA LEU H 397 -36.98 -17.66 -14.61
C LEU H 397 -36.95 -16.15 -14.40
N VAL H 398 -37.27 -15.37 -15.44
CA VAL H 398 -37.19 -13.92 -15.34
C VAL H 398 -38.55 -13.27 -15.15
N THR H 399 -39.59 -14.06 -14.90
CA THR H 399 -40.89 -13.52 -14.57
C THR H 399 -40.90 -13.01 -13.13
N GLY H 400 -41.80 -12.05 -12.87
CA GLY H 400 -41.94 -11.54 -11.52
C GLY H 400 -42.59 -12.52 -10.56
N MET H 401 -43.43 -13.43 -11.08
CA MET H 401 -43.96 -14.49 -10.25
C MET H 401 -42.84 -15.37 -9.72
N VAL H 402 -41.85 -15.65 -10.57
CA VAL H 402 -40.68 -16.39 -10.14
C VAL H 402 -39.73 -15.50 -9.34
N GLY H 403 -39.76 -14.19 -9.59
CA GLY H 403 -39.02 -13.29 -8.74
C GLY H 403 -39.53 -13.31 -7.31
N GLU H 404 -40.83 -13.50 -7.12
CA GLU H 404 -41.44 -13.65 -5.81
C GLU H 404 -41.56 -15.10 -5.37
N PHE H 405 -41.91 -16.01 -6.28
CA PHE H 405 -42.07 -17.43 -5.98
C PHE H 405 -41.08 -18.26 -6.78
N PRO H 406 -39.90 -18.55 -6.22
CA PRO H 406 -38.96 -19.43 -6.92
C PRO H 406 -39.49 -20.83 -7.14
N GLU H 407 -40.45 -21.30 -6.33
CA GLU H 407 -40.99 -22.65 -6.48
C GLU H 407 -41.78 -22.81 -7.79
N LEU H 408 -42.47 -21.75 -8.22
CA LEU H 408 -43.45 -21.86 -9.28
C LEU H 408 -42.84 -21.78 -10.68
N GLN H 409 -41.56 -22.06 -10.79
CA GLN H 409 -40.91 -22.06 -12.10
C GLN H 409 -41.39 -23.24 -12.93
N GLY H 410 -41.53 -23.03 -14.24
CA GLY H 410 -42.07 -24.04 -15.13
C GLY H 410 -43.57 -23.97 -15.20
N VAL H 411 -44.23 -24.09 -14.05
CA VAL H 411 -45.68 -23.99 -14.01
C VAL H 411 -46.13 -22.64 -14.54
N MET H 412 -45.46 -21.57 -14.08
CA MET H 412 -45.74 -20.25 -14.63
C MET H 412 -45.35 -20.18 -16.09
N GLY H 413 -44.25 -20.84 -16.47
CA GLY H 413 -43.88 -20.87 -17.87
C GLY H 413 -44.94 -21.51 -18.73
N ASP H 414 -45.49 -22.64 -18.28
CA ASP H 414 -46.59 -23.28 -18.98
C ASP H 414 -47.79 -22.35 -19.12
N LYS H 415 -48.25 -21.77 -18.00
CA LYS H 415 -49.42 -20.91 -18.05
C LYS H 415 -49.18 -19.68 -18.94
N TYR H 416 -47.99 -19.10 -18.83
CA TYR H 416 -47.69 -17.87 -19.56
C TYR H 416 -47.54 -18.12 -21.05
N ALA H 417 -46.84 -19.19 -21.45
CA ALA H 417 -46.73 -19.51 -22.86
C ALA H 417 -48.09 -19.84 -23.45
N VAL H 418 -48.91 -20.60 -22.71
CA VAL H 418 -50.28 -20.87 -23.13
C VAL H 418 -51.08 -19.58 -23.25
N LEU H 419 -50.75 -18.57 -22.44
CA LEU H 419 -51.44 -17.29 -22.56
C LEU H 419 -51.24 -16.65 -23.93
N LYS H 420 -50.02 -16.73 -24.46
CA LYS H 420 -49.69 -16.11 -25.74
C LYS H 420 -50.06 -16.98 -26.94
N GLY H 421 -50.96 -17.95 -26.78
CA GLY H 421 -51.31 -18.79 -27.90
C GLY H 421 -50.15 -19.66 -28.35
N GLU H 422 -49.38 -20.18 -27.41
CA GLU H 422 -48.30 -21.08 -27.76
C GLU H 422 -48.82 -22.50 -27.66
N ASP H 423 -47.98 -23.47 -27.97
CA ASP H 423 -48.45 -24.84 -28.00
C ASP H 423 -48.58 -25.36 -26.58
N PRO H 424 -49.75 -25.86 -26.16
CA PRO H 424 -49.85 -26.42 -24.82
C PRO H 424 -48.88 -27.55 -24.59
N ALA H 425 -48.52 -28.28 -25.64
CA ALA H 425 -47.45 -29.25 -25.50
C ALA H 425 -46.13 -28.56 -25.19
N VAL H 426 -45.89 -27.40 -25.80
CA VAL H 426 -44.69 -26.62 -25.48
C VAL H 426 -44.69 -26.17 -24.03
N GLY H 427 -45.82 -25.63 -23.56
CA GLY H 427 -45.90 -25.22 -22.17
C GLY H 427 -45.81 -26.41 -21.23
N GLN H 428 -46.39 -27.53 -21.63
CA GLN H 428 -46.30 -28.76 -20.85
C GLN H 428 -44.86 -29.24 -20.75
N ALA H 429 -44.11 -29.15 -21.85
CA ALA H 429 -42.71 -29.51 -21.84
C ALA H 429 -41.91 -28.58 -20.94
N ILE H 430 -42.25 -27.28 -20.96
CA ILE H 430 -41.62 -26.32 -20.06
C ILE H 430 -41.88 -26.70 -18.61
N ARG H 431 -43.12 -27.05 -18.30
CA ARG H 431 -43.49 -27.47 -16.96
C ARG H 431 -42.81 -28.77 -16.56
N GLU H 432 -42.64 -29.69 -17.51
CA GLU H 432 -42.18 -31.04 -17.24
C GLU H 432 -40.66 -31.21 -17.29
N HIS H 433 -39.93 -30.25 -17.87
CA HIS H 433 -38.49 -30.39 -17.94
C HIS H 433 -37.80 -30.21 -16.59
N TYR H 434 -38.51 -29.74 -15.57
CA TYR H 434 -37.96 -29.76 -14.22
C TYR H 434 -38.04 -31.15 -13.60
N MET H 435 -38.95 -31.99 -14.08
CA MET H 435 -39.19 -33.28 -13.46
C MET H 435 -38.02 -34.24 -13.73
N PRO H 436 -37.67 -35.08 -12.75
CA PRO H 436 -38.36 -35.12 -11.47
C PRO H 436 -37.97 -33.97 -10.54
N ILE H 437 -38.90 -33.58 -9.67
CA ILE H 437 -38.67 -32.48 -8.76
C ILE H 437 -37.82 -32.89 -7.57
N SER H 438 -37.67 -34.19 -7.33
CA SER H 438 -36.91 -34.73 -6.24
C SER H 438 -36.47 -36.14 -6.65
N ALA H 439 -36.02 -36.94 -5.68
CA ALA H 439 -35.70 -38.33 -5.97
C ALA H 439 -36.95 -39.19 -6.06
N ASP H 440 -37.95 -38.91 -5.22
CA ASP H 440 -39.26 -39.56 -5.28
C ASP H 440 -40.29 -38.65 -5.93
N GLY H 441 -40.07 -38.34 -7.22
CA GLY H 441 -40.90 -37.38 -7.91
C GLY H 441 -41.49 -37.94 -9.19
N ASP H 442 -42.32 -37.10 -9.83
CA ASP H 442 -43.06 -37.48 -11.01
C ASP H 442 -42.20 -37.33 -12.26
N LEU H 443 -42.59 -38.06 -13.30
CA LEU H 443 -41.90 -38.10 -14.56
C LEU H 443 -42.73 -37.40 -15.63
N PRO H 444 -42.11 -36.93 -16.71
CA PRO H 444 -42.87 -36.22 -17.74
C PRO H 444 -43.98 -37.10 -18.31
N LYS H 445 -45.16 -36.49 -18.47
CA LYS H 445 -46.31 -37.21 -19.01
C LYS H 445 -46.35 -37.19 -20.53
N SER H 446 -45.46 -36.46 -21.18
CA SER H 446 -45.40 -36.36 -22.61
C SER H 446 -43.97 -36.66 -23.08
N LYS H 447 -43.84 -37.16 -24.30
CA LYS H 447 -42.52 -37.41 -24.85
C LYS H 447 -41.73 -36.11 -25.02
N VAL H 448 -42.43 -35.03 -25.38
CA VAL H 448 -41.79 -33.73 -25.52
C VAL H 448 -41.16 -33.31 -24.19
N GLY H 449 -41.93 -33.45 -23.11
CA GLY H 449 -41.39 -33.14 -21.79
C GLY H 449 -40.24 -34.04 -21.42
N ALA H 450 -40.31 -35.32 -21.79
CA ALA H 450 -39.24 -36.26 -21.50
C ALA H 450 -37.93 -35.81 -22.16
N VAL H 451 -37.98 -35.52 -23.46
CA VAL H 451 -36.75 -35.13 -24.16
C VAL H 451 -36.23 -33.80 -23.61
N LEU H 452 -37.12 -32.85 -23.33
CA LEU H 452 -36.65 -31.57 -22.79
C LEU H 452 -35.95 -31.75 -21.45
N ALA H 453 -36.56 -32.52 -20.54
CA ALA H 453 -35.95 -32.75 -19.24
C ALA H 453 -34.60 -33.46 -19.37
N ILE H 454 -34.54 -34.48 -20.23
CA ILE H 454 -33.28 -35.21 -20.41
C ILE H 454 -32.20 -34.28 -20.94
N ALA H 455 -32.55 -33.47 -21.96
CA ALA H 455 -31.56 -32.55 -22.54
C ALA H 455 -31.08 -31.53 -21.51
N ASP H 456 -32.01 -31.01 -20.70
CA ASP H 456 -31.65 -30.06 -19.65
C ASP H 456 -30.63 -30.65 -18.70
N LYS H 457 -30.92 -31.83 -18.14
CA LYS H 457 -30.00 -32.40 -17.17
C LYS H 457 -28.70 -32.85 -17.83
N VAL H 458 -28.77 -33.27 -19.10
CA VAL H 458 -27.56 -33.61 -19.85
C VAL H 458 -26.65 -32.40 -19.98
N ASP H 459 -27.21 -31.25 -20.39
CA ASP H 459 -26.38 -30.06 -20.52
C ASP H 459 -25.76 -29.69 -19.18
N SER H 460 -26.56 -29.72 -18.10
CA SER H 460 -26.01 -29.35 -16.81
C SER H 460 -24.83 -30.23 -16.43
N ILE H 461 -25.00 -31.56 -16.53
CA ILE H 461 -23.93 -32.45 -16.07
C ILE H 461 -22.72 -32.37 -16.99
N THR H 462 -22.94 -32.34 -18.31
CA THR H 462 -21.83 -32.24 -19.26
C THR H 462 -21.03 -30.96 -19.03
N SER H 463 -21.72 -29.83 -18.85
CA SER H 463 -21.01 -28.57 -18.64
C SER H 463 -20.27 -28.56 -17.31
N PHE H 464 -20.89 -29.07 -16.24
CA PHE H 464 -20.22 -29.06 -14.95
C PHE H 464 -19.05 -30.02 -14.91
N PHE H 465 -18.99 -31.00 -15.82
CA PHE H 465 -17.75 -31.75 -15.97
C PHE H 465 -16.79 -31.10 -16.96
N ALA H 466 -17.28 -30.25 -17.86
CA ALA H 466 -16.40 -29.48 -18.72
C ALA H 466 -15.65 -28.39 -17.97
N VAL H 467 -16.16 -27.95 -16.81
CA VAL H 467 -15.48 -26.97 -15.99
C VAL H 467 -14.81 -27.57 -14.77
N GLY H 468 -14.93 -28.89 -14.58
CA GLY H 468 -14.25 -29.55 -13.48
C GLY H 468 -14.89 -29.43 -12.12
N LEU H 469 -16.12 -28.95 -12.03
CA LEU H 469 -16.79 -28.78 -10.73
C LEU H 469 -17.56 -30.06 -10.38
N THR H 470 -16.81 -31.13 -10.26
CA THR H 470 -17.38 -32.44 -9.95
C THR H 470 -17.77 -32.51 -8.48
N PRO H 471 -18.97 -32.98 -8.16
CA PRO H 471 -19.38 -33.05 -6.74
C PRO H 471 -18.48 -33.98 -5.96
N SER H 472 -18.44 -33.75 -4.65
CA SER H 472 -17.56 -34.49 -3.75
C SER H 472 -18.38 -35.47 -2.92
N GLY H 473 -17.70 -36.14 -1.99
CA GLY H 473 -18.30 -37.28 -1.31
C GLY H 473 -19.57 -36.93 -0.56
N SER H 474 -19.54 -35.84 0.20
CA SER H 474 -20.71 -35.39 0.92
C SER H 474 -21.34 -34.13 0.34
N ASN H 475 -20.61 -33.39 -0.49
CA ASN H 475 -21.05 -32.12 -1.02
C ASN H 475 -21.47 -32.31 -2.48
N ASP H 476 -22.72 -31.98 -2.77
CA ASP H 476 -23.24 -31.92 -4.13
C ASP H 476 -23.86 -30.53 -4.26
N PRO H 477 -23.06 -29.55 -4.70
CA PRO H 477 -23.53 -28.16 -4.65
C PRO H 477 -24.70 -27.88 -5.57
N PHE H 478 -24.84 -28.63 -6.66
CA PHE H 478 -25.86 -28.33 -7.67
C PHE H 478 -26.83 -29.49 -7.88
N ALA H 479 -26.86 -30.45 -6.96
CA ALA H 479 -27.79 -31.59 -7.01
C ALA H 479 -27.63 -32.39 -8.31
N LEU H 480 -26.43 -32.42 -8.87
CA LEU H 480 -26.21 -33.10 -10.14
C LEU H 480 -26.50 -34.59 -10.05
N ARG H 481 -26.27 -35.19 -8.89
CA ARG H 481 -26.64 -36.59 -8.70
C ARG H 481 -28.14 -36.80 -8.85
N ARG H 482 -28.95 -35.87 -8.33
CA ARG H 482 -30.39 -35.99 -8.50
C ARG H 482 -30.78 -35.88 -9.98
N GLN H 483 -30.11 -35.00 -10.72
CA GLN H 483 -30.37 -34.88 -12.15
C GLN H 483 -30.03 -36.17 -12.88
N ALA H 484 -28.87 -36.77 -12.58
CA ALA H 484 -28.49 -38.02 -13.23
C ALA H 484 -29.45 -39.15 -12.88
N PHE H 485 -29.84 -39.25 -11.61
CA PHE H 485 -30.80 -40.26 -11.21
C PHE H 485 -32.13 -40.08 -11.94
N GLY H 486 -32.57 -38.82 -12.08
CA GLY H 486 -33.78 -38.56 -12.83
C GLY H 486 -33.64 -38.95 -14.29
N ILE H 487 -32.46 -38.74 -14.87
CA ILE H 487 -32.20 -39.20 -16.23
C ILE H 487 -32.41 -40.70 -16.31
N VAL H 488 -31.87 -41.44 -15.34
CA VAL H 488 -32.02 -42.90 -15.33
C VAL H 488 -33.49 -43.28 -15.27
N ARG H 489 -34.24 -42.65 -14.35
CA ARG H 489 -35.65 -42.99 -14.19
C ARG H 489 -36.45 -42.67 -15.45
N ILE H 490 -36.20 -41.52 -16.07
CA ILE H 490 -36.94 -41.14 -17.27
C ILE H 490 -36.65 -42.12 -18.40
N VAL H 491 -35.37 -42.47 -18.59
CA VAL H 491 -35.02 -43.40 -19.65
C VAL H 491 -35.69 -44.75 -19.40
N ARG H 492 -35.74 -45.19 -18.15
CA ARG H 492 -36.40 -46.44 -17.82
C ARG H 492 -37.89 -46.40 -18.12
N GLU H 493 -38.56 -45.34 -17.66
CA GLU H 493 -40.00 -45.25 -17.84
C GLU H 493 -40.36 -45.10 -19.32
N GLN H 494 -39.47 -44.49 -20.10
CA GLN H 494 -39.70 -44.26 -21.53
C GLN H 494 -39.10 -45.35 -22.39
N GLY H 495 -38.00 -45.98 -21.95
CA GLY H 495 -37.44 -47.09 -22.70
C GLY H 495 -36.74 -46.71 -23.98
N TRP H 496 -35.58 -46.07 -23.87
CA TRP H 496 -34.84 -45.63 -25.05
C TRP H 496 -33.44 -46.26 -25.08
N ASP H 497 -32.95 -46.53 -26.29
CA ASP H 497 -31.59 -47.02 -26.46
C ASP H 497 -30.64 -45.87 -26.16
N PHE H 498 -29.89 -45.95 -25.06
CA PHE H 498 -29.13 -44.81 -24.56
C PHE H 498 -27.70 -45.19 -24.24
N PRO H 499 -26.83 -45.21 -25.25
CA PRO H 499 -25.40 -45.43 -24.98
C PRO H 499 -24.76 -44.13 -24.53
N ILE H 500 -24.37 -44.07 -23.26
CA ILE H 500 -23.56 -42.97 -22.76
C ILE H 500 -22.14 -43.16 -23.27
N ARG H 501 -21.95 -44.23 -24.05
CA ARG H 501 -20.65 -44.51 -24.66
C ARG H 501 -20.36 -43.55 -25.80
N GLN H 502 -21.37 -43.25 -26.63
CA GLN H 502 -21.18 -42.41 -27.80
C GLN H 502 -21.84 -41.04 -27.68
N LEU H 503 -22.42 -40.72 -26.52
CA LEU H 503 -23.04 -39.41 -26.34
C LEU H 503 -22.02 -38.29 -26.43
N GLU H 504 -20.78 -38.55 -25.99
CA GLU H 504 -19.69 -37.60 -26.11
C GLU H 504 -19.54 -37.09 -27.55
N ALA H 505 -19.29 -38.02 -28.46
CA ALA H 505 -19.05 -37.67 -29.86
C ALA H 505 -20.28 -37.03 -30.48
N ASP H 506 -21.47 -37.51 -30.14
CA ASP H 506 -22.69 -36.95 -30.70
C ASP H 506 -22.84 -35.48 -30.32
N ILE H 507 -22.73 -35.18 -29.03
CA ILE H 507 -22.89 -33.81 -28.57
C ILE H 507 -21.84 -32.92 -29.21
N GLN H 508 -20.58 -33.37 -29.21
CA GLN H 508 -19.52 -32.57 -29.82
C GLN H 508 -19.79 -32.33 -31.29
N LYS H 509 -19.84 -33.42 -32.08
CA LYS H 509 -20.18 -33.39 -33.50
C LYS H 509 -21.25 -32.34 -33.81
N GLU H 510 -22.38 -32.38 -33.10
CA GLU H 510 -23.44 -31.44 -33.44
C GLU H 510 -23.13 -30.02 -32.98
N LEU H 511 -22.39 -29.84 -31.88
CA LEU H 511 -21.97 -28.49 -31.50
C LEU H 511 -21.01 -27.91 -32.53
N VAL H 512 -20.12 -28.74 -33.06
CA VAL H 512 -19.29 -28.35 -34.20
C VAL H 512 -20.18 -27.93 -35.36
N ALA H 513 -21.25 -28.68 -35.60
CA ALA H 513 -22.13 -28.37 -36.72
C ALA H 513 -22.78 -27.00 -36.57
N HIS H 514 -23.33 -26.69 -35.40
CA HIS H 514 -24.11 -25.46 -35.25
C HIS H 514 -23.33 -24.29 -34.66
N ASP H 515 -22.88 -24.41 -33.41
CA ASP H 515 -22.25 -23.31 -32.70
C ASP H 515 -20.99 -23.83 -32.01
N ALA H 516 -19.83 -23.49 -32.56
CA ALA H 516 -18.56 -24.06 -32.14
C ALA H 516 -17.93 -23.30 -30.98
N THR H 517 -18.65 -22.34 -30.39
CA THR H 517 -18.17 -21.70 -29.18
C THR H 517 -18.16 -22.63 -27.98
N TYR H 518 -18.80 -23.80 -28.08
CA TYR H 518 -18.88 -24.76 -26.99
C TYR H 518 -18.12 -26.05 -27.29
N ASN H 519 -17.07 -25.99 -28.15
CA ASN H 519 -16.46 -27.21 -28.70
C ASN H 519 -14.92 -27.18 -28.72
N LEU H 520 -14.28 -27.46 -27.59
CA LEU H 520 -12.91 -27.97 -27.66
C LEU H 520 -12.65 -29.19 -26.78
N ASP H 521 -12.71 -28.98 -25.46
CA ASP H 521 -12.45 -30.02 -24.47
C ASP H 521 -13.72 -30.51 -23.82
N PHE H 522 -14.83 -30.43 -24.54
CA PHE H 522 -16.12 -30.76 -23.98
C PHE H 522 -16.48 -32.22 -24.19
N GLU H 523 -15.68 -32.94 -24.99
CA GLU H 523 -15.71 -34.39 -25.02
C GLU H 523 -14.55 -35.03 -24.29
N LYS H 524 -13.45 -34.29 -24.10
CA LYS H 524 -12.43 -34.74 -23.16
C LYS H 524 -13.00 -34.84 -21.75
N GLN H 525 -13.96 -33.98 -21.43
CA GLN H 525 -14.60 -33.96 -20.12
C GLN H 525 -15.89 -34.76 -20.05
N THR H 526 -16.37 -35.31 -21.18
CA THR H 526 -17.51 -36.22 -21.13
C THR H 526 -17.10 -37.69 -21.06
N ALA H 527 -15.85 -38.00 -21.37
CA ALA H 527 -15.35 -39.35 -21.12
C ALA H 527 -15.41 -39.74 -19.65
N PRO H 528 -14.98 -38.92 -18.68
CA PRO H 528 -15.17 -39.29 -17.27
C PRO H 528 -16.63 -39.27 -16.82
N VAL H 529 -17.53 -38.62 -17.57
CA VAL H 529 -18.95 -38.64 -17.26
C VAL H 529 -19.53 -40.05 -17.37
N ALA H 530 -18.93 -40.90 -18.20
CA ALA H 530 -19.45 -42.25 -18.43
C ALA H 530 -19.57 -43.06 -17.15
N ASP H 531 -18.75 -42.79 -16.13
CA ASP H 531 -18.88 -43.49 -14.86
C ASP H 531 -19.89 -42.85 -13.90
N PHE H 532 -20.32 -41.61 -14.14
CA PHE H 532 -21.22 -40.94 -13.21
C PHE H 532 -22.62 -41.54 -13.29
N LEU H 533 -23.28 -41.37 -14.44
CA LEU H 533 -24.55 -42.04 -14.68
C LEU H 533 -24.51 -43.51 -14.30
N THR H 534 -23.37 -44.17 -14.53
CA THR H 534 -23.25 -45.59 -14.20
C THR H 534 -23.34 -45.82 -12.69
N ASP H 535 -22.62 -45.01 -11.91
CA ASP H 535 -22.67 -45.14 -10.46
C ASP H 535 -24.07 -44.84 -9.93
N ARG H 536 -24.76 -43.88 -10.54
CA ARG H 536 -26.11 -43.55 -10.07
C ARG H 536 -27.12 -44.65 -10.44
N VAL H 537 -26.96 -45.26 -11.61
CA VAL H 537 -27.76 -46.45 -11.93
C VAL H 537 -27.48 -47.55 -10.91
N LYS H 538 -26.20 -47.69 -10.53
CA LYS H 538 -25.84 -48.68 -9.52
C LYS H 538 -26.52 -48.39 -8.19
N GLN H 539 -26.61 -47.11 -7.81
CA GLN H 539 -27.32 -46.75 -6.59
C GLN H 539 -28.81 -47.08 -6.71
N TRP H 540 -29.38 -46.87 -7.90
CA TRP H 540 -30.77 -47.27 -8.15
C TRP H 540 -30.93 -48.78 -7.95
N PHE H 541 -29.96 -49.55 -8.45
CA PHE H 541 -29.98 -51.01 -8.27
C PHE H 541 -29.90 -51.39 -6.81
N ASN H 542 -29.02 -50.75 -6.05
CA ASN H 542 -28.86 -51.07 -4.63
C ASN H 542 -30.09 -50.65 -3.83
N ASN H 543 -30.83 -49.65 -4.31
CA ASN H 543 -32.11 -49.33 -3.68
C ASN H 543 -33.17 -50.39 -3.96
N ARG H 544 -33.06 -51.11 -5.08
CA ARG H 544 -34.02 -52.13 -5.48
C ARG H 544 -33.54 -53.55 -5.21
N LYS H 545 -32.72 -53.75 -4.17
CA LYS H 545 -32.37 -55.08 -3.64
C LYS H 545 -31.49 -55.97 -4.49
N ILE H 546 -31.16 -55.56 -5.71
CA ILE H 546 -30.53 -56.52 -6.61
C ILE H 546 -29.12 -56.85 -6.13
N ARG H 547 -28.76 -58.13 -6.23
CA ARG H 547 -27.47 -58.62 -5.77
C ARG H 547 -26.34 -57.77 -6.32
N TYR H 548 -25.40 -57.42 -5.44
CA TYR H 548 -24.30 -56.55 -5.83
C TYR H 548 -23.52 -57.11 -7.00
N ASP H 549 -23.39 -58.43 -7.08
CA ASP H 549 -22.58 -59.01 -8.15
C ASP H 549 -23.28 -58.90 -9.50
N ILE H 550 -24.60 -59.11 -9.52
CA ILE H 550 -25.37 -58.88 -10.73
C ILE H 550 -25.27 -57.42 -11.15
N VAL H 551 -25.37 -56.51 -10.17
CA VAL H 551 -25.23 -55.08 -10.44
C VAL H 551 -23.90 -54.80 -11.12
N ASP H 552 -22.80 -55.11 -10.44
CA ASP H 552 -21.48 -54.79 -10.98
C ASP H 552 -21.11 -55.62 -12.20
N THR H 553 -21.86 -56.67 -12.52
CA THR H 553 -21.64 -57.36 -13.78
C THR H 553 -22.28 -56.59 -14.92
N VAL H 554 -23.57 -56.24 -14.79
CA VAL H 554 -24.20 -55.46 -15.84
C VAL H 554 -23.59 -54.07 -15.94
N ILE H 555 -22.95 -53.59 -14.86
CA ILE H 555 -22.37 -52.26 -14.85
C ILE H 555 -21.18 -52.20 -15.80
N LYS H 556 -20.25 -53.14 -15.67
CA LYS H 556 -19.02 -53.09 -16.46
C LYS H 556 -19.24 -53.67 -17.85
N GLY H 557 -20.29 -53.23 -18.53
CA GLY H 557 -20.55 -53.66 -19.88
C GLY H 557 -19.87 -52.76 -20.89
N SER H 558 -19.56 -53.33 -22.06
CA SER H 558 -18.94 -52.54 -23.11
C SER H 558 -19.94 -51.56 -23.73
N ARG H 559 -21.20 -51.97 -23.84
CA ARG H 559 -22.21 -51.11 -24.45
C ARG H 559 -22.42 -49.84 -23.65
N GLN H 560 -22.47 -49.96 -22.32
CA GLN H 560 -22.71 -48.82 -21.43
C GLN H 560 -24.02 -48.11 -21.75
N ASP H 561 -25.02 -48.87 -22.20
CA ASP H 561 -26.35 -48.36 -22.47
C ASP H 561 -27.23 -48.60 -21.25
N ILE H 562 -28.02 -47.60 -20.88
CA ILE H 562 -28.87 -47.69 -19.70
C ILE H 562 -29.96 -48.74 -19.89
N ARG H 563 -30.65 -48.69 -21.03
CA ARG H 563 -31.74 -49.63 -21.29
C ARG H 563 -31.25 -51.05 -21.43
N GLU H 564 -30.08 -51.24 -22.06
CA GLU H 564 -29.52 -52.57 -22.12
C GLU H 564 -29.31 -53.11 -20.72
N MET H 565 -28.94 -52.22 -19.79
CA MET H 565 -28.81 -52.61 -18.40
C MET H 565 -30.16 -53.08 -17.85
N PHE H 566 -31.22 -52.33 -18.14
CA PHE H 566 -32.53 -52.71 -17.60
C PHE H 566 -32.97 -54.09 -18.08
N LYS H 567 -32.91 -54.32 -19.39
CA LYS H 567 -33.44 -55.58 -19.91
C LYS H 567 -32.53 -56.75 -19.56
N ALA H 568 -31.21 -56.56 -19.61
CA ALA H 568 -30.29 -57.61 -19.20
C ALA H 568 -30.47 -57.95 -17.73
N ALA H 569 -30.66 -56.94 -16.88
CA ALA H 569 -30.89 -57.17 -15.47
C ALA H 569 -32.18 -57.94 -15.24
N ASP H 570 -33.23 -57.61 -16.00
CA ASP H 570 -34.47 -58.37 -15.86
C ASP H 570 -34.22 -59.84 -16.20
N VAL H 571 -33.46 -60.09 -17.28
CA VAL H 571 -33.17 -61.46 -17.69
C VAL H 571 -32.41 -62.20 -16.60
N LEU H 572 -31.36 -61.58 -16.08
CA LEU H 572 -30.47 -62.29 -15.16
C LEU H 572 -31.01 -62.39 -13.74
N ASN H 573 -31.80 -61.41 -13.30
CA ASN H 573 -32.52 -61.54 -12.04
C ASN H 573 -33.69 -62.51 -12.15
N ALA H 574 -34.14 -62.79 -13.37
CA ALA H 574 -35.12 -63.84 -13.55
C ALA H 574 -34.50 -65.22 -13.42
N HIS H 575 -33.24 -65.36 -13.85
CA HIS H 575 -32.57 -66.67 -13.91
C HIS H 575 -31.69 -66.96 -12.70
N GLN H 576 -32.17 -66.80 -11.48
CA GLN H 576 -31.33 -67.06 -10.32
C GLN H 576 -31.24 -68.56 -10.06
N ASP H 577 -31.83 -69.30 -11.01
CA ASP H 577 -32.14 -70.71 -11.15
C ASP H 577 -31.70 -71.15 -12.56
N ASP H 578 -32.34 -72.20 -13.16
CA ASP H 578 -31.94 -72.74 -14.48
C ASP H 578 -30.68 -73.63 -14.44
N PRO H 579 -30.87 -74.95 -14.55
CA PRO H 579 -29.74 -75.88 -14.37
C PRO H 579 -28.54 -75.64 -15.28
N GLN H 580 -28.75 -75.35 -16.56
CA GLN H 580 -27.63 -75.14 -17.47
C GLN H 580 -27.07 -73.72 -17.39
N PHE H 581 -27.55 -72.94 -16.43
CA PHE H 581 -27.20 -71.55 -16.23
C PHE H 581 -25.96 -71.40 -15.35
N LYS H 582 -25.92 -72.15 -14.25
CA LYS H 582 -24.78 -72.11 -13.34
C LYS H 582 -23.52 -72.64 -14.01
N ASP H 583 -23.64 -73.74 -14.76
CA ASP H 583 -22.50 -74.29 -15.47
C ASP H 583 -21.96 -73.28 -16.49
N THR H 584 -22.87 -72.63 -17.21
CA THR H 584 -22.49 -71.58 -18.15
C THR H 584 -21.76 -70.45 -17.45
N ILE H 585 -22.27 -70.03 -16.28
CA ILE H 585 -21.66 -68.91 -15.56
C ILE H 585 -20.25 -69.27 -15.11
N GLU H 586 -20.05 -70.49 -14.58
CA GLU H 586 -18.71 -70.88 -14.18
C GLU H 586 -17.76 -70.97 -15.38
N ALA H 587 -18.23 -71.55 -16.49
CA ALA H 587 -17.40 -71.59 -17.69
C ALA H 587 -17.00 -70.18 -18.13
N PHE H 588 -17.97 -69.26 -18.11
CA PHE H 588 -17.70 -67.88 -18.48
C PHE H 588 -16.69 -67.24 -17.54
N THR H 589 -16.79 -67.55 -16.25
CA THR H 589 -15.81 -67.01 -15.31
C THR H 589 -14.41 -67.48 -15.67
N ARG H 590 -14.25 -68.77 -15.99
CA ARG H 590 -12.93 -69.24 -16.41
C ARG H 590 -12.47 -68.52 -17.67
N LEU H 591 -13.36 -68.36 -18.64
CA LEU H 591 -12.99 -67.70 -19.90
C LEU H 591 -12.51 -66.28 -19.64
N LEU H 592 -13.26 -65.52 -18.85
CA LEU H 592 -12.92 -64.13 -18.61
C LEU H 592 -11.64 -64.02 -17.79
N ARG H 593 -11.43 -64.93 -16.83
CA ARG H 593 -10.19 -64.91 -16.06
C ARG H 593 -8.99 -65.19 -16.94
N ILE H 594 -9.11 -66.14 -17.89
CA ILE H 594 -7.98 -66.43 -18.76
C ILE H 594 -7.74 -65.30 -19.75
N THR H 595 -8.81 -64.68 -20.27
CA THR H 595 -8.65 -63.65 -21.28
C THR H 595 -8.28 -62.28 -20.69
N ALA H 596 -8.57 -62.04 -19.41
CA ALA H 596 -8.25 -60.74 -18.82
C ALA H 596 -6.76 -60.49 -18.82
N LYS H 597 -5.96 -61.57 -18.81
CA LYS H 597 -4.51 -61.49 -18.72
C LYS H 597 -3.85 -61.75 -20.06
N ALA H 598 -4.55 -61.48 -21.15
CA ALA H 598 -3.98 -61.55 -22.49
C ALA H 598 -3.49 -60.16 -22.89
N LYS H 599 -2.25 -60.09 -23.35
CA LYS H 599 -1.60 -58.81 -23.63
C LYS H 599 -1.38 -58.57 -25.12
N LEU H 600 -2.36 -58.95 -25.94
CA LEU H 600 -2.30 -58.76 -27.39
C LEU H 600 -3.09 -57.51 -27.77
N ALA H 601 -2.83 -57.01 -28.96
CA ALA H 601 -3.64 -55.91 -29.48
C ALA H 601 -5.02 -56.44 -29.84
N ALA H 602 -6.05 -55.96 -29.13
CA ALA H 602 -7.41 -56.46 -29.27
C ALA H 602 -8.16 -55.86 -30.45
N ASP H 603 -7.44 -55.31 -31.43
CA ASP H 603 -8.05 -54.85 -32.66
C ASP H 603 -7.71 -55.73 -33.86
N ASP H 604 -6.74 -56.63 -33.71
CA ASP H 604 -6.35 -57.58 -34.76
C ASP H 604 -6.49 -58.97 -34.15
N LEU H 605 -7.71 -59.50 -34.19
CA LEU H 605 -8.04 -60.80 -33.63
C LEU H 605 -8.29 -61.84 -34.72
N THR H 606 -7.67 -61.68 -35.89
CA THR H 606 -7.83 -62.65 -36.96
C THR H 606 -7.32 -64.00 -36.50
N VAL H 607 -8.15 -65.04 -36.67
CA VAL H 607 -7.84 -66.37 -36.19
C VAL H 607 -7.43 -67.22 -37.39
N ASP H 608 -6.21 -67.75 -37.34
CA ASP H 608 -5.67 -68.53 -38.46
C ASP H 608 -5.88 -70.01 -38.19
N PRO H 609 -6.63 -70.72 -39.06
CA PRO H 609 -6.85 -72.15 -38.82
C PRO H 609 -5.63 -73.03 -39.05
N SER H 610 -4.60 -72.54 -39.73
CA SER H 610 -3.46 -73.40 -40.02
C SER H 610 -2.58 -73.65 -38.80
N LEU H 611 -2.68 -72.80 -37.77
CA LEU H 611 -2.00 -73.03 -36.51
C LEU H 611 -2.82 -73.86 -35.54
N PHE H 612 -3.79 -74.63 -36.05
CA PHE H 612 -4.63 -75.46 -35.21
C PHE H 612 -3.99 -76.82 -35.03
N GLU H 613 -3.95 -77.28 -33.79
CA GLU H 613 -3.35 -78.55 -33.42
C GLU H 613 -4.35 -79.68 -33.26
N ASN H 614 -5.53 -79.40 -32.72
CA ASN H 614 -6.59 -80.40 -32.60
C ASN H 614 -7.80 -79.97 -33.45
N GLU H 615 -8.89 -80.72 -33.31
CA GLU H 615 -10.09 -80.51 -34.12
C GLU H 615 -11.15 -79.68 -33.43
N ALA H 616 -11.18 -79.66 -32.09
CA ALA H 616 -12.14 -78.82 -31.38
C ALA H 616 -11.86 -77.34 -31.64
N GLU H 617 -10.62 -77.00 -31.97
CA GLU H 617 -10.32 -75.64 -32.42
C GLU H 617 -11.07 -75.31 -33.71
N GLN H 618 -11.07 -76.24 -34.67
CA GLN H 618 -11.79 -76.01 -35.92
C GLN H 618 -13.30 -75.92 -35.69
N HIS H 619 -13.86 -76.80 -34.84
CA HIS H 619 -15.30 -76.78 -34.62
C HIS H 619 -15.72 -75.52 -33.88
N LEU H 620 -14.91 -75.10 -32.90
CA LEU H 620 -15.17 -73.85 -32.21
C LEU H 620 -15.01 -72.66 -33.16
N TYR H 621 -14.04 -72.72 -34.08
CA TYR H 621 -13.86 -71.66 -35.05
C TYR H 621 -15.06 -71.54 -35.97
N ASP H 622 -15.60 -72.68 -36.42
CA ASP H 622 -16.80 -72.65 -37.25
C ASP H 622 -17.97 -72.07 -36.47
N ALA H 623 -18.12 -72.47 -35.20
CA ALA H 623 -19.20 -71.93 -34.38
C ALA H 623 -19.04 -70.43 -34.17
N VAL H 624 -17.82 -69.98 -33.88
CA VAL H 624 -17.56 -68.56 -33.65
C VAL H 624 -17.85 -67.74 -34.90
N LEU H 625 -17.38 -68.22 -36.06
CA LEU H 625 -17.61 -67.48 -37.30
C LEU H 625 -19.10 -67.40 -37.62
N GLU H 626 -19.80 -68.53 -37.54
CA GLU H 626 -21.22 -68.49 -37.86
C GLU H 626 -22.02 -67.73 -36.81
N LEU H 627 -21.48 -67.60 -35.59
CA LEU H 627 -22.10 -66.76 -34.58
C LEU H 627 -21.88 -65.27 -34.87
N GLN H 628 -20.68 -64.89 -35.32
CA GLN H 628 -20.43 -63.50 -35.69
C GLN H 628 -21.26 -63.06 -36.89
N LYS H 629 -21.59 -63.99 -37.79
CA LYS H 629 -22.42 -63.64 -38.93
C LYS H 629 -23.83 -63.26 -38.52
N GLN H 630 -24.28 -63.65 -37.34
CA GLN H 630 -25.55 -63.22 -36.77
C GLN H 630 -25.41 -62.20 -35.65
N PHE H 631 -24.36 -62.31 -34.84
CA PHE H 631 -24.14 -61.41 -33.70
C PHE H 631 -24.01 -59.97 -34.18
N THR H 632 -24.97 -59.12 -33.81
CA THR H 632 -25.06 -57.77 -34.33
C THR H 632 -25.45 -56.84 -33.19
N PRO H 633 -25.19 -55.52 -33.35
CA PRO H 633 -25.61 -54.57 -32.32
C PRO H 633 -27.11 -54.48 -32.14
N ALA H 634 -27.88 -55.18 -32.97
CA ALA H 634 -29.33 -55.13 -32.95
C ALA H 634 -29.89 -56.47 -32.49
N MET H 635 -29.39 -56.99 -31.38
CA MET H 635 -29.82 -58.27 -30.84
C MET H 635 -30.42 -58.03 -29.46
N SER H 636 -31.52 -58.72 -29.18
CA SER H 636 -32.05 -58.69 -27.83
C SER H 636 -31.06 -59.41 -26.91
N MET H 637 -31.14 -59.07 -25.61
CA MET H 637 -30.11 -59.54 -24.70
C MET H 637 -30.12 -61.06 -24.54
N GLU H 638 -31.31 -61.65 -24.41
CA GLU H 638 -31.40 -63.10 -24.27
C GLU H 638 -30.95 -63.81 -25.54
N ASP H 639 -31.20 -63.22 -26.70
CA ASP H 639 -30.69 -63.81 -27.93
C ASP H 639 -29.19 -63.95 -27.85
N ARG H 640 -28.51 -62.89 -27.39
CA ARG H 640 -27.07 -62.97 -27.14
C ARG H 640 -26.75 -64.06 -26.14
N PHE H 641 -27.53 -64.14 -25.05
CA PHE H 641 -27.23 -65.10 -23.99
C PHE H 641 -27.28 -66.54 -24.50
N LYS H 642 -28.38 -66.91 -25.16
CA LYS H 642 -28.47 -68.25 -25.75
C LYS H 642 -27.43 -68.50 -26.82
N ALA H 643 -27.22 -67.54 -27.72
CA ALA H 643 -26.28 -67.78 -28.81
C ALA H 643 -24.89 -68.05 -28.28
N LEU H 644 -24.46 -67.28 -27.28
CA LEU H 644 -23.15 -67.54 -26.68
C LEU H 644 -23.15 -68.83 -25.87
N ALA H 645 -24.17 -69.03 -25.03
CA ALA H 645 -24.17 -70.13 -24.06
C ALA H 645 -24.30 -71.50 -24.69
N ALA H 646 -25.06 -71.63 -25.79
CA ALA H 646 -25.40 -72.96 -26.29
C ALA H 646 -24.17 -73.79 -26.64
N LEU H 647 -23.05 -73.14 -26.96
CA LEU H 647 -21.84 -73.84 -27.36
C LEU H 647 -20.93 -74.17 -26.18
N ARG H 648 -21.45 -74.10 -24.94
CA ARG H 648 -20.60 -74.40 -23.79
C ARG H 648 -19.95 -75.79 -23.86
N PRO H 649 -20.60 -76.84 -24.39
CA PRO H 649 -19.83 -78.08 -24.61
C PRO H 649 -18.61 -77.86 -25.48
N LEU H 650 -18.73 -77.00 -26.49
CA LEU H 650 -17.58 -76.69 -27.34
C LEU H 650 -16.48 -76.00 -26.53
N ILE H 651 -16.86 -75.06 -25.66
CA ILE H 651 -15.87 -74.34 -24.86
C ILE H 651 -15.16 -75.30 -23.90
N VAL H 652 -15.92 -76.18 -23.26
CA VAL H 652 -15.32 -77.10 -22.29
C VAL H 652 -14.43 -78.12 -22.98
N ASP H 653 -14.85 -78.60 -24.15
CA ASP H 653 -14.02 -79.54 -24.91
C ASP H 653 -12.79 -78.86 -25.49
N TYR H 654 -12.90 -77.58 -25.84
CA TYR H 654 -11.72 -76.82 -26.26
C TYR H 654 -10.69 -76.75 -25.14
N PHE H 655 -11.11 -76.33 -23.95
CA PHE H 655 -10.13 -76.23 -22.86
C PHE H 655 -9.62 -77.60 -22.45
N GLU H 656 -10.48 -78.62 -22.47
CA GLU H 656 -10.06 -79.99 -22.21
C GLU H 656 -8.94 -80.43 -23.15
N GLN H 657 -9.15 -80.27 -24.46
CA GLN H 657 -8.17 -80.74 -25.42
C GLN H 657 -7.07 -79.70 -25.62
N THR H 658 -7.45 -78.53 -26.14
CA THR H 658 -6.51 -77.44 -26.40
C THR H 658 -6.10 -76.78 -25.08
N MET H 659 -4.81 -76.89 -24.73
CA MET H 659 -4.27 -76.14 -23.60
C MET H 659 -3.94 -74.72 -24.05
N VAL H 660 -4.54 -73.72 -23.39
CA VAL H 660 -4.35 -72.35 -23.82
C VAL H 660 -2.99 -71.81 -23.38
N MET H 661 -2.57 -72.10 -22.16
CA MET H 661 -1.27 -71.62 -21.71
C MET H 661 -0.18 -72.40 -22.43
N SER H 662 0.18 -71.94 -23.63
CA SER H 662 1.07 -72.68 -24.51
C SER H 662 2.49 -72.16 -24.36
N LYS H 663 3.43 -73.10 -24.19
CA LYS H 663 4.84 -72.71 -24.19
C LYS H 663 5.33 -72.39 -25.60
N ASP H 664 4.44 -72.38 -26.57
CA ASP H 664 4.69 -71.84 -27.91
C ASP H 664 3.82 -70.60 -28.01
N GLU H 665 4.45 -69.43 -28.16
CA GLU H 665 3.70 -68.19 -27.97
C GLU H 665 2.67 -67.99 -29.07
N LYS H 666 3.06 -68.17 -30.33
CA LYS H 666 2.13 -67.89 -31.42
C LYS H 666 0.91 -68.78 -31.34
N VAL H 667 1.07 -70.02 -30.86
CA VAL H 667 -0.07 -70.89 -30.63
C VAL H 667 -0.96 -70.30 -29.54
N ARG H 668 -0.36 -69.79 -28.46
CA ARG H 668 -1.15 -69.14 -27.41
C ARG H 668 -1.82 -67.88 -27.93
N ASP H 669 -1.16 -67.14 -28.82
CA ASP H 669 -1.75 -65.96 -29.42
C ASP H 669 -2.97 -66.31 -30.25
N ASN H 670 -2.88 -67.40 -31.03
CA ASN H 670 -4.03 -67.87 -31.78
C ASN H 670 -5.17 -68.26 -30.85
N HIS H 671 -4.84 -68.98 -29.77
CA HIS H 671 -5.85 -69.35 -28.78
C HIS H 671 -6.48 -68.11 -28.16
N LEU H 672 -5.66 -67.11 -27.85
CA LEU H 672 -6.15 -65.88 -27.23
C LEU H 672 -7.02 -65.08 -28.20
N LYS H 673 -6.71 -65.10 -29.48
CA LYS H 673 -7.60 -64.45 -30.45
C LYS H 673 -8.96 -65.16 -30.47
N GLN H 674 -8.94 -66.49 -30.60
CA GLN H 674 -10.18 -67.25 -30.67
C GLN H 674 -11.00 -67.12 -29.39
N LEU H 675 -10.36 -66.92 -28.24
CA LEU H 675 -11.08 -66.75 -26.99
C LEU H 675 -11.48 -65.31 -26.71
N LEU H 676 -10.64 -64.35 -27.09
CA LEU H 676 -10.90 -62.94 -26.80
C LEU H 676 -11.95 -62.35 -27.72
N THR H 677 -12.13 -62.88 -28.93
CA THR H 677 -13.29 -62.46 -29.71
C THR H 677 -14.57 -62.78 -28.97
N ILE H 678 -14.66 -64.00 -28.44
CA ILE H 678 -15.82 -64.41 -27.63
C ILE H 678 -15.91 -63.56 -26.37
N ALA H 679 -14.77 -63.24 -25.77
CA ALA H 679 -14.77 -62.38 -24.59
C ALA H 679 -15.35 -61.01 -24.91
N GLN H 680 -15.02 -60.45 -26.07
CA GLN H 680 -15.61 -59.20 -26.50
C GLN H 680 -17.11 -59.32 -26.69
N MET H 681 -17.55 -60.44 -27.29
CA MET H 681 -18.99 -60.64 -27.45
C MET H 681 -19.70 -60.73 -26.11
N ILE H 682 -19.10 -61.44 -25.15
CA ILE H 682 -19.73 -61.63 -23.85
C ILE H 682 -19.74 -60.34 -23.05
N ASN H 683 -18.62 -59.62 -23.02
CA ASN H 683 -18.48 -58.42 -22.19
C ASN H 683 -19.44 -57.32 -22.59
N VAL H 684 -20.20 -57.50 -23.67
CA VAL H 684 -21.31 -56.60 -23.96
C VAL H 684 -22.27 -56.56 -22.78
N MET H 685 -22.62 -57.72 -22.24
CA MET H 685 -23.40 -57.76 -21.02
C MET H 685 -22.56 -57.35 -19.82
N GLY H 686 -21.24 -57.51 -19.91
CA GLY H 686 -20.35 -57.03 -18.87
C GLY H 686 -19.34 -58.00 -18.29
N ASP H 687 -19.03 -57.80 -17.00
CA ASP H 687 -18.00 -58.56 -16.29
C ASP H 687 -18.69 -59.58 -15.40
N LEU H 688 -18.86 -60.79 -15.94
CA LEU H 688 -19.52 -61.87 -15.21
C LEU H 688 -18.69 -62.39 -14.04
N ASN H 689 -17.41 -62.01 -13.94
CA ASN H 689 -16.62 -62.41 -12.78
C ASN H 689 -17.22 -61.87 -11.49
N GLN H 690 -18.09 -60.86 -11.59
CA GLN H 690 -18.91 -60.42 -10.47
C GLN H 690 -20.16 -61.29 -10.43
N LEU H 691 -19.96 -62.56 -10.07
CA LEU H 691 -21.05 -63.51 -9.90
C LEU H 691 -20.68 -64.56 -8.88
N ILE H 692 -21.59 -64.82 -7.93
CA ILE H 692 -21.42 -65.86 -6.93
C ILE H 692 -22.21 -67.08 -7.40
N VAL H 693 -21.51 -68.20 -7.57
CA VAL H 693 -22.12 -69.43 -8.06
C VAL H 693 -22.23 -70.40 -6.88
N LYS H 694 -23.45 -70.78 -6.53
CA LYS H 694 -23.69 -71.68 -5.41
C LYS H 694 -24.93 -72.54 -5.66
#